data_7MJH
#
_entry.id   7MJH
#
_cell.length_a   1.00
_cell.length_b   1.00
_cell.length_c   1.00
_cell.angle_alpha   90.00
_cell.angle_beta   90.00
_cell.angle_gamma   90.00
#
_symmetry.space_group_name_H-M   'P 1'
#
loop_
_entity.id
_entity.type
_entity.pdbx_description
1 polymer 'Spike glycoprotein'
2 polymer 'VH ab8'
3 branched 2-acetamido-2-deoxy-beta-D-glucopyranose-(1-4)-2-acetamido-2-deoxy-beta-D-glucopyranose
4 non-polymer 2-acetamido-2-deoxy-beta-D-glucopyranose
#
loop_
_entity_poly.entity_id
_entity_poly.type
_entity_poly.pdbx_seq_one_letter_code
_entity_poly.pdbx_strand_id
1 'polypeptide(L)'
;MFVFLVLLPLVSSQCVNLTTRTQLPPAYTNSFTRGVYYPDKVFRSSVLHSTQDLFLPFFSNVTWFHAIHVSGTNGTKRFD
NPVLPFNDGVYFASTEKSNIIRGWIFGTTLDSKTQSLLIVNNATNVVIKVCEFQFCNDPFLGVYYHKNNKSWMESEFRVY
SSANNCTFEYVSQPFLMDLEGKQGNFKNLREFVFKNIDGYFKIYSKHTPINLVRDLPQGFSALEPLVDLPIGINITRFQT
LLALHRSYLTPGDSSSGWTAGAAAYYVGYLQPRTFLLKYNENGTITDAVDCALDPLSETKCTLKSFTVEKGIYQTSNFRV
QPTESIVRFPNITNLCPFGEVFNATRFASVYAWNRKRISNCVADYSVLYNSASFSTFKCYGVSPTKLNDLCFTNVYADSF
VIRGDEVRQIAPGQTGKIADYNYKLPDDFTGCVIAWNSNNLDSKVGGNYNYLYRLFRKSNLKPFERDISTEIYQAGSTPC
NGVEGFNCYFPLQSYGFQPTYGVGYQPYRVVVLSFELLHAPATVCGPKKSTNLVKNKCVNFNFNGLTGTGVLTESNKKFL
PFQQFGRDIADTTDAVRDPQTLEILDITPCSFGGVSVITPGTNTSNQVAVLYQDVNCTEVPVAIHADQLTPTWRVYSTGS
NVFQTRAGCLIGAEHVNNSYECDIPIGAGICASYQTQTNSPGSASSVASQSIIAYTMSLGAENSVAYSNNSIAIPTNFTI
SVTTEILPVSMTKTSVDCTMYICGDSTECSNLLLQYGSFCTQLNRALTGIAVEQDKNTQEVFAQVKQIYKTPPIKDFGGF
NFSQILPDPSKPSKRSPIEDLLFNKVTLADAGFIKQYGDCLGDIAARDLICAQKFNGLTVLPPLLTDEMIAQYTSALLAG
TITSGWTFGAGPALQIPFPMQMAYRFNGIGVTQNVLYENQKLIANQFNSAIGKIQDSLSSTPSALGKLQDVVNQNAQALN
TLVKQLSSNFGAISSVLNDILSRLDPPEAEVQIDRLITGRLQSLQTYVTQQLIRAAEIRASANLAATKMSECVLGQSKRV
DFCGKGYHLMSFPQSAPHGVVFLHVTYVPAQEKNFTTAPAICHDGKAHFPREGVFVSNGTHWFVTQRNFYEPQIITTDNT
FVSGNCDVVIGIVNNTVYDPLQPELDSFKEELDKYFKNHTSPDVDLGDISGINASVVNIQKEIDRLNEVAKNLNESLIDL
QELGKYEQGSGYIPEAPRDGQAYVRKDGEWVLLSTFLGRSLEVLFQGPGHHHHHHHHSAWSHPQFEKGGGSGGGGSGGSA
WSHPQFEK
;
A,B,C
2 'polypeptide(L)'
;EVQLVESGGGLVQPGGSLRLSCAASGFTFDDYAMSWVRQAPGKGLEWIGRMYNNGRTSYNPSLKSLVTISRDNSKNTLYL
QMNSLRAEDTATYYCARDNLGYRPSENLYGMDVWGQGTTVTVSSSGQAGHHHHHHGDYKDDDDKG
;
D,E,F
#
# COMPACT_ATOMS: atom_id res chain seq x y z
N GLN A 14 55.71 6.72 34.17
CA GLN A 14 56.35 5.54 34.72
C GLN A 14 55.63 4.27 34.28
N CYS A 15 56.39 3.30 33.79
CA CYS A 15 55.86 2.01 33.39
C CYS A 15 56.74 0.91 33.99
N VAL A 16 56.12 -0.22 34.31
CA VAL A 16 56.82 -1.36 34.89
C VAL A 16 56.37 -2.62 34.15
N ASN A 17 57.35 -3.36 33.61
CA ASN A 17 57.07 -4.69 33.08
C ASN A 17 56.87 -5.66 34.23
N LEU A 18 55.82 -6.47 34.15
CA LEU A 18 55.58 -7.56 35.09
C LEU A 18 56.11 -8.86 34.49
N THR A 19 57.19 -9.37 35.08
CA THR A 19 57.93 -10.48 34.48
C THR A 19 57.85 -11.76 35.31
N THR A 20 56.95 -11.82 36.29
CA THR A 20 56.79 -13.01 37.12
C THR A 20 55.46 -13.71 36.88
N ARG A 21 54.87 -13.53 35.70
CA ARG A 21 53.62 -14.18 35.36
C ARG A 21 53.85 -15.66 35.04
N THR A 22 52.79 -16.45 35.19
CA THR A 22 52.79 -17.85 34.82
C THR A 22 51.96 -18.01 33.55
N GLN A 23 52.54 -18.68 32.55
CA GLN A 23 51.86 -18.83 31.27
C GLN A 23 50.72 -19.84 31.38
N LEU A 24 49.53 -19.44 30.93
CA LEU A 24 48.34 -20.27 30.99
C LEU A 24 47.34 -19.73 30.00
N PRO A 25 46.66 -20.58 29.22
CA PRO A 25 45.65 -20.08 28.30
C PRO A 25 44.42 -19.60 29.06
N PRO A 26 43.71 -18.60 28.53
CA PRO A 26 42.48 -18.15 29.19
C PRO A 26 41.38 -19.19 29.07
N ALA A 27 40.46 -19.16 30.03
CA ALA A 27 39.45 -20.21 30.10
C ALA A 27 38.18 -19.77 29.38
N TYR A 28 37.22 -20.69 29.30
CA TYR A 28 35.91 -20.38 28.72
C TYR A 28 34.85 -21.03 29.59
N THR A 29 33.69 -20.39 29.67
CA THR A 29 32.57 -20.93 30.42
C THR A 29 31.27 -20.44 29.78
N ASN A 30 30.16 -20.73 30.45
CA ASN A 30 28.83 -20.51 29.91
C ASN A 30 28.26 -19.18 30.40
N SER A 31 27.60 -18.47 29.49
CA SER A 31 26.99 -17.19 29.84
C SER A 31 25.69 -17.37 30.62
N PHE A 32 25.03 -18.52 30.44
CA PHE A 32 23.71 -18.85 30.98
C PHE A 32 22.73 -17.80 30.46
N THR A 33 21.98 -17.10 31.31
CA THR A 33 21.03 -16.10 30.86
C THR A 33 21.39 -14.73 31.41
N ARG A 34 22.67 -14.39 31.34
CA ARG A 34 23.17 -13.11 31.82
C ARG A 34 23.40 -12.17 30.65
N GLY A 35 23.56 -10.89 30.97
CA GLY A 35 23.84 -9.87 29.98
C GLY A 35 22.64 -9.10 29.48
N VAL A 36 21.46 -9.33 30.05
CA VAL A 36 20.26 -8.63 29.63
C VAL A 36 20.21 -7.27 30.33
N TYR A 37 20.00 -6.22 29.56
CA TYR A 37 19.89 -4.86 30.08
C TYR A 37 18.57 -4.25 29.66
N TYR A 38 18.21 -3.16 30.33
CA TYR A 38 17.00 -2.43 29.98
C TYR A 38 17.22 -1.69 28.68
N PRO A 39 16.39 -1.91 27.65
CA PRO A 39 16.66 -1.28 26.35
C PRO A 39 16.35 0.19 26.30
N ASP A 40 15.55 0.71 27.23
CA ASP A 40 15.18 2.12 27.23
C ASP A 40 14.87 2.54 28.66
N LYS A 41 14.50 3.80 28.82
CA LYS A 41 14.24 4.39 30.13
C LYS A 41 12.75 4.44 30.45
N VAL A 42 11.94 3.62 29.80
CA VAL A 42 10.49 3.68 29.91
C VAL A 42 10.01 2.58 30.86
N PHE A 43 9.16 2.95 31.81
CA PHE A 43 8.55 1.98 32.70
C PHE A 43 7.50 1.16 31.96
N ARG A 44 7.55 -0.15 32.12
CA ARG A 44 6.58 -1.08 31.56
C ARG A 44 6.25 -2.13 32.61
N SER A 45 4.96 -2.46 32.73
CA SER A 45 4.51 -3.38 33.78
C SER A 45 3.59 -4.44 33.22
N SER A 46 3.86 -5.70 33.59
CA SER A 46 3.03 -6.87 33.25
C SER A 46 2.84 -7.04 31.74
N VAL A 47 3.94 -6.92 31.00
CA VAL A 47 3.88 -6.86 29.54
C VAL A 47 4.97 -7.77 28.99
N LEU A 48 4.81 -8.17 27.74
CA LEU A 48 5.84 -8.90 27.00
C LEU A 48 6.28 -8.02 25.85
N HIS A 49 7.52 -7.55 25.89
CA HIS A 49 8.02 -6.55 24.96
C HIS A 49 9.12 -7.16 24.12
N SER A 50 9.01 -7.04 22.81
CA SER A 50 10.00 -7.56 21.88
C SER A 50 10.91 -6.42 21.45
N THR A 51 12.21 -6.58 21.64
CA THR A 51 13.16 -5.53 21.29
C THR A 51 14.35 -6.12 20.52
N GLN A 52 14.84 -5.34 19.56
CA GLN A 52 15.96 -5.73 18.70
C GLN A 52 17.11 -4.78 19.01
N ASP A 53 18.17 -5.31 19.63
CA ASP A 53 19.27 -4.47 20.07
C ASP A 53 20.52 -5.34 20.17
N LEU A 54 21.63 -4.70 20.55
CA LEU A 54 22.90 -5.40 20.71
C LEU A 54 22.92 -6.06 22.07
N PHE A 55 22.65 -7.36 22.09
CA PHE A 55 22.47 -8.13 23.31
C PHE A 55 23.50 -9.24 23.40
N LEU A 56 23.70 -9.72 24.61
CA LEU A 56 24.56 -10.88 24.80
C LEU A 56 23.75 -12.15 24.63
N PRO A 57 24.17 -13.06 23.75
CA PRO A 57 23.39 -14.29 23.52
C PRO A 57 23.38 -15.22 24.73
N PHE A 58 22.26 -15.93 24.88
CA PHE A 58 22.10 -16.85 25.99
C PHE A 58 22.96 -18.09 25.78
N PHE A 59 23.54 -18.58 26.89
CA PHE A 59 24.38 -19.79 26.93
C PHE A 59 25.57 -19.69 25.98
N SER A 60 26.14 -18.49 25.85
CA SER A 60 27.23 -18.29 24.93
C SER A 60 28.57 -18.61 25.58
N ASN A 61 29.62 -18.60 24.77
CA ASN A 61 30.98 -18.92 25.22
C ASN A 61 31.62 -17.63 25.73
N VAL A 62 31.65 -17.47 27.04
CA VAL A 62 32.18 -16.25 27.66
C VAL A 62 33.59 -16.53 28.18
N THR A 63 34.52 -15.64 27.86
CA THR A 63 35.94 -15.88 28.14
C THR A 63 36.26 -15.50 29.59
N TRP A 64 37.04 -16.35 30.24
CA TRP A 64 37.29 -16.28 31.67
C TRP A 64 38.76 -15.96 31.91
N PHE A 65 39.00 -14.91 32.70
CA PHE A 65 40.33 -14.47 33.08
C PHE A 65 40.43 -14.41 34.60
N HIS A 66 41.61 -14.76 35.11
CA HIS A 66 41.85 -14.93 36.54
C HIS A 66 42.88 -13.93 37.05
N ALA A 67 42.83 -13.69 38.36
CA ALA A 67 43.88 -12.99 39.08
C ALA A 67 44.04 -13.76 40.39
N ILE A 68 45.10 -14.55 40.49
CA ILE A 68 45.29 -15.47 41.60
C ILE A 68 46.78 -15.73 41.76
N HIS A 69 47.20 -16.03 42.99
CA HIS A 69 48.58 -16.40 43.27
C HIS A 69 48.61 -17.65 44.14
N LYS A 77 50.53 -17.90 40.02
CA LYS A 77 50.66 -16.47 39.76
C LYS A 77 50.01 -16.07 38.45
N ARG A 78 48.74 -15.67 38.51
CA ARG A 78 47.99 -15.25 37.33
C ARG A 78 47.68 -13.77 37.42
N PHE A 79 47.92 -13.04 36.32
CA PHE A 79 47.62 -11.62 36.24
C PHE A 79 47.24 -11.34 34.79
N ASP A 80 45.94 -11.36 34.52
CA ASP A 80 45.42 -11.36 33.15
C ASP A 80 45.03 -9.95 32.73
N ASN A 81 45.93 -9.27 32.04
CA ASN A 81 45.65 -8.02 31.31
C ASN A 81 46.07 -8.24 29.86
N PRO A 82 45.26 -8.93 29.06
CA PRO A 82 45.61 -9.11 27.64
C PRO A 82 45.03 -8.00 26.78
N VAL A 83 45.26 -8.09 25.48
CA VAL A 83 44.68 -7.14 24.53
C VAL A 83 43.45 -7.80 23.91
N LEU A 84 42.27 -7.25 24.21
CA LEU A 84 41.07 -7.89 23.70
C LEU A 84 40.36 -6.99 22.69
N PRO A 85 39.69 -7.57 21.70
CA PRO A 85 38.86 -6.77 20.81
C PRO A 85 37.62 -6.24 21.51
N PHE A 86 37.09 -5.13 20.99
CA PHE A 86 35.85 -4.57 21.51
C PHE A 86 34.65 -5.08 20.72
N ASN A 87 34.77 -5.12 19.41
CA ASN A 87 33.75 -5.52 18.42
C ASN A 87 32.53 -4.60 18.59
N ASP A 88 31.31 -5.14 18.54
CA ASP A 88 30.12 -4.29 18.62
C ASP A 88 29.78 -3.86 20.04
N GLY A 89 30.30 -4.57 21.05
CA GLY A 89 30.01 -4.22 22.43
C GLY A 89 30.54 -5.27 23.36
N VAL A 90 30.72 -4.94 24.64
CA VAL A 90 31.39 -5.84 25.57
C VAL A 90 30.51 -6.00 26.82
N TYR A 91 30.19 -7.24 27.16
CA TYR A 91 29.66 -7.59 28.46
C TYR A 91 30.83 -7.95 29.37
N PHE A 92 30.91 -7.30 30.53
CA PHE A 92 32.01 -7.49 31.46
C PHE A 92 31.43 -7.93 32.80
N ALA A 93 31.73 -9.16 33.20
CA ALA A 93 31.28 -9.69 34.48
C ALA A 93 32.49 -9.80 35.41
N SER A 94 32.26 -9.61 36.70
CA SER A 94 33.35 -9.59 37.67
C SER A 94 32.91 -10.29 38.95
N THR A 95 33.53 -11.43 39.24
CA THR A 95 33.39 -12.09 40.54
C THR A 95 34.55 -11.58 41.39
N GLU A 96 34.23 -10.64 42.28
CA GLU A 96 35.19 -9.77 42.93
C GLU A 96 35.04 -9.84 44.45
N LYS A 97 36.17 -9.92 45.12
CA LYS A 97 36.30 -9.61 46.53
C LYS A 97 37.56 -8.78 46.70
N SER A 98 37.57 -7.92 47.72
CA SER A 98 38.71 -7.09 48.16
C SER A 98 39.23 -6.12 47.10
N ASN A 99 38.42 -5.82 46.07
CA ASN A 99 38.57 -4.64 45.19
C ASN A 99 39.89 -4.61 44.43
N ILE A 100 40.05 -5.57 43.51
CA ILE A 100 41.19 -5.54 42.60
C ILE A 100 40.86 -4.83 41.29
N ILE A 101 39.70 -5.11 40.69
CA ILE A 101 39.34 -4.50 39.42
C ILE A 101 38.97 -3.03 39.63
N ARG A 102 39.62 -2.14 38.89
CA ARG A 102 39.51 -0.71 39.13
C ARG A 102 39.02 0.11 37.95
N GLY A 103 39.14 -0.37 36.72
CA GLY A 103 38.68 0.41 35.60
C GLY A 103 39.01 -0.24 34.27
N TRP A 104 38.81 0.55 33.22
CA TRP A 104 38.97 0.08 31.85
C TRP A 104 39.64 1.13 30.98
N ILE A 105 40.25 0.62 29.90
CA ILE A 105 40.89 1.42 28.86
C ILE A 105 40.21 1.08 27.54
N PHE A 106 39.79 2.11 26.80
CA PHE A 106 39.22 1.89 25.48
C PHE A 106 39.98 2.70 24.44
N GLY A 107 40.08 2.15 23.23
CA GLY A 107 40.74 2.89 22.17
C GLY A 107 40.88 2.04 20.92
N THR A 108 41.77 2.49 20.04
CA THR A 108 42.12 1.75 18.83
C THR A 108 43.58 1.35 18.81
N THR A 109 44.50 2.30 19.01
CA THR A 109 45.92 2.01 19.05
C THR A 109 46.53 2.14 20.43
N LEU A 110 45.81 2.74 21.39
CA LEU A 110 46.20 2.85 22.80
C LEU A 110 47.53 3.60 22.98
N ASP A 111 47.75 4.62 22.16
CA ASP A 111 48.95 5.44 22.26
C ASP A 111 48.56 6.90 21.98
N SER A 112 49.57 7.76 21.82
CA SER A 112 49.32 9.17 21.59
C SER A 112 48.92 9.48 20.15
N LYS A 113 48.98 8.50 19.25
CA LYS A 113 48.56 8.72 17.87
C LYS A 113 47.05 8.92 17.78
N THR A 114 46.28 8.08 18.47
CA THR A 114 44.83 8.19 18.52
C THR A 114 44.39 8.68 19.89
N GLN A 115 43.08 8.84 20.05
CA GLN A 115 42.48 9.35 21.27
C GLN A 115 41.79 8.22 22.01
N SER A 116 42.04 8.12 23.31
CA SER A 116 41.65 6.96 24.09
C SER A 116 40.86 7.37 25.33
N LEU A 117 40.06 6.42 25.81
CA LEU A 117 39.14 6.62 26.93
C LEU A 117 39.68 5.90 28.17
N LEU A 118 39.66 6.62 29.29
CA LEU A 118 40.12 6.16 30.60
C LEU A 118 38.92 6.16 31.52
N ILE A 119 38.60 5.01 32.13
CA ILE A 119 37.69 4.96 33.25
C ILE A 119 38.43 4.33 34.42
N VAL A 120 38.56 5.07 35.52
CA VAL A 120 39.22 4.54 36.72
C VAL A 120 38.35 4.79 37.93
N ASN A 121 38.51 3.92 38.93
CA ASN A 121 37.90 4.06 40.25
C ASN A 121 39.01 3.84 41.26
N ASN A 122 39.70 4.91 41.65
CA ASN A 122 40.76 4.79 42.64
C ASN A 122 40.16 4.89 44.03
N ALA A 123 40.99 5.13 45.04
CA ALA A 123 40.56 5.12 46.44
C ALA A 123 39.62 6.27 46.80
N THR A 124 39.47 7.27 45.95
CA THR A 124 38.62 8.42 46.25
C THR A 124 37.39 8.52 45.35
N ASN A 125 37.56 8.55 44.03
CA ASN A 125 36.46 8.88 43.15
C ASN A 125 36.61 8.16 41.81
N VAL A 126 35.57 8.27 40.99
CA VAL A 126 35.53 7.67 39.66
C VAL A 126 35.78 8.75 38.63
N VAL A 127 36.79 8.54 37.79
CA VAL A 127 37.26 9.53 36.82
C VAL A 127 37.15 8.93 35.43
N ILE A 128 36.52 9.67 34.52
CA ILE A 128 36.44 9.33 33.11
C ILE A 128 37.10 10.45 32.33
N LYS A 129 38.12 10.11 31.54
CA LYS A 129 38.84 11.10 30.75
C LYS A 129 39.06 10.60 29.33
N VAL A 130 38.89 11.48 28.36
CA VAL A 130 39.11 11.18 26.95
C VAL A 130 40.32 12.00 26.52
N CYS A 131 41.50 11.37 26.45
CA CYS A 131 42.72 12.10 26.18
C CYS A 131 43.56 11.26 25.24
N GLU A 132 44.67 11.84 24.75
CA GLU A 132 45.63 11.04 23.99
C GLU A 132 46.72 10.56 24.93
N PHE A 133 46.39 9.50 25.68
CA PHE A 133 47.33 8.92 26.63
C PHE A 133 48.39 8.11 25.91
N GLN A 134 49.65 8.28 26.32
CA GLN A 134 50.70 7.35 25.93
C GLN A 134 50.71 6.24 26.97
N PHE A 135 49.97 5.18 26.68
CA PHE A 135 49.74 4.11 27.65
C PHE A 135 50.96 3.22 27.83
N CYS A 136 51.12 2.73 29.05
CA CYS A 136 52.13 1.72 29.34
C CYS A 136 51.70 0.38 28.75
N ASN A 137 52.67 -0.52 28.61
CA ASN A 137 52.38 -1.87 28.14
C ASN A 137 51.62 -2.66 29.19
N ASP A 138 51.87 -2.39 30.47
CA ASP A 138 51.18 -3.04 31.58
C ASP A 138 50.63 -1.97 32.51
N PRO A 139 49.44 -1.44 32.23
CA PRO A 139 48.88 -0.40 33.11
C PRO A 139 48.23 -1.03 34.32
N PHE A 140 48.43 -0.39 35.47
CA PHE A 140 48.05 -0.98 36.75
C PHE A 140 47.91 0.09 37.83
N LEU A 141 47.18 -0.28 38.89
CA LEU A 141 47.16 0.41 40.17
C LEU A 141 47.85 -0.46 41.21
N GLY A 142 48.07 0.10 42.39
CA GLY A 142 48.76 -0.66 43.42
C GLY A 142 48.34 -0.33 44.83
N VAL A 143 48.28 -1.35 45.69
CA VAL A 143 47.94 -1.20 47.10
C VAL A 143 49.13 -1.71 47.91
N TYR A 144 49.64 -0.86 48.80
CA TYR A 144 50.74 -1.24 49.67
C TYR A 144 50.20 -1.74 51.00
N TYR A 145 50.73 -2.87 51.47
CA TYR A 145 50.35 -3.40 52.77
C TYR A 145 51.53 -3.41 53.73
N MET A 153 46.81 0.88 51.78
CA MET A 153 46.82 2.21 51.17
C MET A 153 47.24 2.14 49.71
N GLU A 154 46.68 3.03 48.90
CA GLU A 154 46.98 3.09 47.47
C GLU A 154 48.05 4.14 47.25
N SER A 155 49.22 3.71 46.77
CA SER A 155 50.33 4.63 46.53
C SER A 155 51.07 4.29 45.25
N GLU A 156 50.39 3.72 44.27
CA GLU A 156 51.05 3.31 43.03
C GLU A 156 50.05 3.40 41.89
N PHE A 157 50.44 4.13 40.84
CA PHE A 157 49.55 4.40 39.70
C PHE A 157 50.42 4.47 38.46
N ARG A 158 50.35 3.45 37.60
CA ARG A 158 51.13 3.44 36.37
C ARG A 158 50.22 3.01 35.23
N VAL A 159 49.52 3.97 34.63
CA VAL A 159 48.60 3.71 33.53
C VAL A 159 49.08 4.38 32.24
N TYR A 160 49.41 5.67 32.31
CA TYR A 160 49.87 6.41 31.16
C TYR A 160 51.09 7.24 31.53
N SER A 161 51.88 7.58 30.52
CA SER A 161 53.03 8.45 30.73
C SER A 161 52.78 9.91 30.37
N SER A 162 51.72 10.20 29.61
CA SER A 162 51.43 11.57 29.21
C SER A 162 49.96 11.71 28.89
N ALA A 163 49.48 12.95 28.86
CA ALA A 163 48.12 13.26 28.44
C ALA A 163 48.11 14.70 27.95
N ASN A 164 48.04 14.90 26.63
CA ASN A 164 48.24 16.21 26.03
C ASN A 164 46.93 16.90 25.65
N ASN A 165 46.05 16.25 24.90
CA ASN A 165 44.84 16.87 24.37
C ASN A 165 43.64 16.13 24.94
N CYS A 166 42.98 16.75 25.91
CA CYS A 166 41.84 16.19 26.61
C CYS A 166 40.56 16.92 26.23
N THR A 167 39.54 16.18 25.83
CA THR A 167 38.28 16.76 25.40
C THR A 167 37.13 16.55 26.39
N PHE A 168 37.09 15.40 27.07
CA PHE A 168 35.98 15.08 27.95
C PHE A 168 36.50 14.62 29.30
N GLU A 169 35.97 15.22 30.37
CA GLU A 169 36.29 14.83 31.75
C GLU A 169 34.98 14.69 32.52
N TYR A 170 34.92 13.68 33.39
CA TYR A 170 33.69 13.38 34.11
C TYR A 170 34.05 12.68 35.42
N VAL A 171 33.93 13.38 36.53
CA VAL A 171 34.19 12.85 37.87
C VAL A 171 32.85 12.59 38.54
N SER A 172 32.64 11.35 39.02
CA SER A 172 31.33 10.95 39.51
C SER A 172 31.51 10.08 40.75
N GLN A 173 30.38 9.49 41.18
CA GLN A 173 30.32 8.67 42.39
C GLN A 173 31.02 7.32 42.16
N PRO A 174 31.42 6.64 43.23
CA PRO A 174 31.97 5.28 43.08
C PRO A 174 30.91 4.29 42.59
N PHE A 175 31.20 3.67 41.44
CA PHE A 175 30.33 2.63 40.90
C PHE A 175 30.34 1.39 41.77
N LEU A 176 31.51 0.99 42.26
CA LEU A 176 31.65 -0.27 42.99
C LEU A 176 31.56 -0.06 44.49
N ASN A 185 36.59 -16.75 48.95
CA ASN A 185 35.27 -16.81 48.37
C ASN A 185 34.88 -15.45 47.78
N PHE A 186 34.46 -15.46 46.52
CA PHE A 186 34.01 -14.24 45.87
C PHE A 186 32.64 -13.83 46.42
N LYS A 187 32.52 -12.55 46.80
CA LYS A 187 31.34 -12.05 47.46
C LYS A 187 30.52 -11.09 46.61
N ASN A 188 31.11 -10.46 45.60
CA ASN A 188 30.43 -9.43 44.84
C ASN A 188 30.42 -9.78 43.37
N LEU A 189 29.29 -9.52 42.70
CA LEU A 189 29.18 -9.73 41.26
C LEU A 189 28.89 -8.40 40.59
N ARG A 190 29.72 -8.04 39.62
CA ARG A 190 29.62 -6.78 38.91
C ARG A 190 29.30 -7.10 37.45
N GLU A 191 28.15 -6.66 36.95
CA GLU A 191 27.90 -6.76 35.52
C GLU A 191 27.89 -5.38 34.88
N PHE A 192 28.56 -5.28 33.75
CA PHE A 192 28.62 -4.07 32.96
C PHE A 192 28.37 -4.40 31.49
N VAL A 193 27.72 -3.49 30.80
CA VAL A 193 27.57 -3.57 29.35
C VAL A 193 28.09 -2.27 28.77
N PHE A 194 29.08 -2.37 27.88
CA PHE A 194 29.68 -1.22 27.22
C PHE A 194 29.26 -1.27 25.75
N LYS A 195 28.60 -0.21 25.29
CA LYS A 195 28.19 -0.05 23.91
C LYS A 195 28.66 1.30 23.39
N ASN A 196 28.92 1.36 22.09
CA ASN A 196 29.39 2.60 21.45
C ASN A 196 28.60 2.79 20.17
N ILE A 197 27.56 3.63 20.22
CA ILE A 197 26.74 3.93 19.05
C ILE A 197 26.63 5.45 18.91
N ASP A 198 26.94 5.95 17.70
CA ASP A 198 26.73 7.35 17.30
C ASP A 198 27.50 8.32 18.17
N GLY A 199 28.72 7.95 18.56
CA GLY A 199 29.52 8.76 19.45
C GLY A 199 29.08 8.73 20.90
N TYR A 200 28.16 7.84 21.25
CA TYR A 200 27.64 7.73 22.60
C TYR A 200 28.09 6.41 23.20
N PHE A 201 28.71 6.48 24.37
CA PHE A 201 29.16 5.31 25.11
C PHE A 201 28.14 5.02 26.19
N LYS A 202 27.39 3.94 26.02
CA LYS A 202 26.39 3.52 26.99
C LYS A 202 27.03 2.49 27.92
N ILE A 203 27.02 2.80 29.21
CA ILE A 203 27.46 1.87 30.24
C ILE A 203 26.25 1.48 31.07
N TYR A 204 25.98 0.18 31.13
CA TYR A 204 24.91 -0.40 31.94
C TYR A 204 25.57 -1.18 33.06
N SER A 205 24.98 -1.13 34.26
CA SER A 205 25.61 -1.76 35.41
C SER A 205 24.59 -2.45 36.29
N LYS A 206 25.05 -3.48 36.99
CA LYS A 206 24.24 -4.18 37.98
C LYS A 206 25.16 -4.80 39.03
N HIS A 207 24.79 -4.62 40.29
CA HIS A 207 25.58 -5.07 41.43
C HIS A 207 24.80 -6.17 42.14
N THR A 208 25.44 -7.32 42.35
CA THR A 208 24.73 -8.48 42.86
C THR A 208 25.47 -9.09 44.04
N PRO A 209 24.82 -9.27 45.19
CA PRO A 209 25.41 -10.02 46.30
C PRO A 209 25.35 -11.52 46.02
N ILE A 210 26.51 -12.16 45.97
CA ILE A 210 26.60 -13.59 45.70
C ILE A 210 27.46 -14.25 46.76
N ASN A 211 27.39 -15.58 46.80
CA ASN A 211 28.23 -16.38 47.69
C ASN A 211 28.74 -17.63 46.99
N LEU A 212 28.91 -17.58 45.67
CA LEU A 212 29.37 -18.72 44.89
C LEU A 212 30.87 -18.58 44.70
N VAL A 213 31.56 -19.73 44.65
CA VAL A 213 33.00 -19.72 44.85
C VAL A 213 33.73 -19.36 43.56
N ARG A 214 33.46 -20.07 42.47
CA ARG A 214 34.38 -20.05 41.34
C ARG A 214 33.82 -19.48 40.05
N ASP A 215 32.59 -19.81 39.69
CA ASP A 215 32.12 -19.57 38.33
C ASP A 215 30.98 -18.53 38.35
N LEU A 216 30.40 -18.29 37.17
CA LEU A 216 29.22 -17.45 37.07
C LEU A 216 28.01 -18.16 37.65
N PRO A 217 27.27 -17.54 38.56
CA PRO A 217 26.01 -18.12 39.03
C PRO A 217 24.98 -18.18 37.92
N GLN A 218 24.11 -19.17 37.99
CA GLN A 218 23.10 -19.40 36.97
C GLN A 218 21.81 -18.74 37.43
N GLY A 219 21.35 -17.75 36.67
CA GLY A 219 20.19 -16.98 37.05
C GLY A 219 19.97 -15.85 36.08
N PHE A 220 19.07 -14.95 36.43
CA PHE A 220 18.71 -13.84 35.58
C PHE A 220 18.73 -12.55 36.39
N SER A 221 19.32 -11.50 35.83
CA SER A 221 19.35 -10.19 36.47
C SER A 221 19.48 -9.12 35.40
N ALA A 222 18.45 -8.29 35.25
CA ALA A 222 18.45 -7.26 34.21
C ALA A 222 19.30 -6.07 34.63
N LEU A 223 20.15 -5.59 33.73
CA LEU A 223 21.14 -4.56 34.03
C LEU A 223 20.52 -3.18 33.86
N GLU A 224 20.53 -2.38 34.93
CA GLU A 224 20.06 -1.02 34.81
C GLU A 224 21.09 -0.13 34.11
N PRO A 225 20.64 0.88 33.38
CA PRO A 225 21.59 1.82 32.74
C PRO A 225 22.31 2.69 33.76
N LEU A 226 23.63 2.76 33.63
CA LEU A 226 24.44 3.53 34.56
C LEU A 226 24.76 4.94 34.05
N VAL A 227 25.34 5.05 32.85
CA VAL A 227 25.76 6.36 32.36
C VAL A 227 25.80 6.35 30.84
N ASP A 228 25.58 7.52 30.24
CA ASP A 228 25.77 7.76 28.80
C ASP A 228 26.80 8.87 28.63
N LEU A 229 27.92 8.54 27.98
CA LEU A 229 29.04 9.45 27.84
C LEU A 229 29.20 9.89 26.40
N PRO A 230 29.22 11.19 26.11
CA PRO A 230 29.41 11.67 24.72
C PRO A 230 30.88 11.76 24.32
N ILE A 231 31.52 10.60 24.20
CA ILE A 231 32.96 10.59 23.99
C ILE A 231 33.33 10.79 22.51
N GLY A 232 32.54 10.24 21.58
CA GLY A 232 32.75 10.44 20.16
C GLY A 232 34.07 9.93 19.60
N ILE A 233 34.55 8.78 20.07
CA ILE A 233 35.83 8.25 19.63
C ILE A 233 35.66 6.84 19.08
N ASN A 234 36.61 6.45 18.24
CA ASN A 234 36.66 5.11 17.69
C ASN A 234 37.24 4.15 18.72
N ILE A 235 36.53 3.05 18.97
CA ILE A 235 36.97 2.05 19.94
C ILE A 235 36.91 0.69 19.27
N THR A 236 38.07 0.01 19.21
CA THR A 236 38.13 -1.37 18.76
C THR A 236 38.83 -2.30 19.72
N ARG A 237 39.55 -1.78 20.72
CA ARG A 237 40.33 -2.57 21.64
C ARG A 237 40.14 -2.01 23.05
N PHE A 238 40.21 -2.90 24.04
CA PHE A 238 39.99 -2.48 25.42
C PHE A 238 40.87 -3.30 26.36
N GLN A 239 41.06 -2.75 27.56
CA GLN A 239 41.98 -3.26 28.58
C GLN A 239 41.26 -3.24 29.91
N THR A 240 41.44 -4.29 30.69
CA THR A 240 41.04 -4.29 32.09
C THR A 240 42.18 -3.79 32.96
N LEU A 241 41.87 -2.93 33.93
CA LEU A 241 42.84 -2.38 34.85
C LEU A 241 42.72 -3.10 36.19
N LEU A 242 43.82 -3.64 36.67
CA LEU A 242 43.86 -4.34 37.94
C LEU A 242 44.75 -3.58 38.92
N ALA A 243 44.82 -4.10 40.15
CA ALA A 243 45.61 -3.52 41.21
C ALA A 243 46.50 -4.59 41.82
N LEU A 244 47.78 -4.25 41.99
CA LEU A 244 48.74 -5.12 42.63
C LEU A 244 48.61 -5.01 44.15
N HIS A 245 49.12 -6.02 44.84
CA HIS A 245 49.25 -5.99 46.29
C HIS A 245 50.72 -6.15 46.62
N ARG A 246 51.27 -5.19 47.37
CA ARG A 246 52.69 -5.18 47.69
C ARG A 246 52.89 -5.34 49.19
N SER A 247 53.97 -6.02 49.55
CA SER A 247 54.31 -6.26 50.94
C SER A 247 55.80 -6.17 51.17
N GLY A 257 58.57 -8.01 45.38
CA GLY A 257 57.80 -8.10 44.15
C GLY A 257 56.36 -7.69 44.33
N TRP A 258 55.46 -8.28 43.54
CA TRP A 258 54.05 -7.98 43.60
C TRP A 258 53.24 -9.25 43.79
N THR A 259 52.04 -9.09 44.35
CA THR A 259 51.10 -10.18 44.55
C THR A 259 49.75 -9.78 43.98
N ALA A 260 49.09 -10.70 43.30
CA ALA A 260 47.79 -10.45 42.69
C ALA A 260 46.70 -10.94 43.63
N GLY A 261 45.78 -10.05 44.00
CA GLY A 261 44.66 -10.44 44.82
C GLY A 261 43.67 -11.30 44.05
N ALA A 262 42.88 -12.07 44.81
CA ALA A 262 41.98 -13.05 44.21
C ALA A 262 40.80 -12.33 43.56
N ALA A 263 40.70 -12.44 42.24
CA ALA A 263 39.63 -11.83 41.48
C ALA A 263 39.43 -12.63 40.20
N ALA A 264 38.25 -12.48 39.59
CA ALA A 264 38.04 -13.16 38.32
C ALA A 264 37.05 -12.35 37.50
N TYR A 265 37.30 -12.27 36.19
CA TYR A 265 36.38 -11.53 35.33
C TYR A 265 36.15 -12.29 34.04
N TYR A 266 35.08 -11.88 33.36
CA TYR A 266 34.52 -12.59 32.22
C TYR A 266 34.19 -11.58 31.14
N VAL A 267 34.55 -11.90 29.90
CA VAL A 267 34.35 -11.01 28.77
C VAL A 267 33.46 -11.74 27.77
N GLY A 268 32.32 -11.14 27.44
CA GLY A 268 31.48 -11.63 26.38
C GLY A 268 31.23 -10.53 25.38
N TYR A 269 30.73 -10.93 24.21
CA TYR A 269 30.59 -10.02 23.08
C TYR A 269 29.13 -9.92 22.69
N LEU A 270 28.69 -8.69 22.43
CA LEU A 270 27.29 -8.43 22.07
C LEU A 270 27.08 -8.62 20.58
N GLN A 271 25.91 -9.14 20.23
CA GLN A 271 25.49 -9.32 18.86
C GLN A 271 24.11 -8.71 18.67
N PRO A 272 23.80 -8.19 17.49
CA PRO A 272 22.45 -7.63 17.25
C PRO A 272 21.42 -8.74 17.12
N ARG A 273 20.46 -8.78 18.04
CA ARG A 273 19.45 -9.82 18.05
C ARG A 273 18.21 -9.31 18.78
N THR A 274 17.19 -10.15 18.77
CA THR A 274 15.90 -9.83 19.37
C THR A 274 15.70 -10.63 20.65
N PHE A 275 15.30 -9.95 21.72
CA PHE A 275 14.82 -10.60 22.92
C PHE A 275 13.34 -10.27 23.15
N LEU A 276 12.65 -11.24 23.73
CA LEU A 276 11.32 -11.04 24.28
C LEU A 276 11.45 -10.93 25.80
N LEU A 277 11.26 -9.73 26.32
CA LEU A 277 11.44 -9.45 27.74
C LEU A 277 10.08 -9.47 28.43
N LYS A 278 10.05 -9.99 29.65
CA LYS A 278 8.83 -10.04 30.45
C LYS A 278 8.95 -9.03 31.58
N TYR A 279 8.01 -8.09 31.65
CA TYR A 279 7.92 -7.11 32.72
C TYR A 279 6.81 -7.53 33.67
N ASN A 280 7.14 -7.64 34.96
CA ASN A 280 6.19 -8.11 35.96
C ASN A 280 5.30 -6.95 36.40
N GLU A 281 4.56 -7.15 37.50
CA GLU A 281 3.70 -6.09 38.02
C GLU A 281 4.48 -4.96 38.67
N ASN A 282 5.76 -5.17 38.99
CA ASN A 282 6.59 -4.16 39.62
C ASN A 282 7.53 -3.47 38.64
N GLY A 283 7.40 -3.75 37.34
CA GLY A 283 8.24 -3.10 36.36
C GLY A 283 9.64 -3.63 36.24
N THR A 284 9.91 -4.81 36.79
CA THR A 284 11.25 -5.39 36.76
C THR A 284 11.26 -6.51 35.73
N ILE A 285 12.28 -6.52 34.87
CA ILE A 285 12.44 -7.61 33.90
C ILE A 285 12.81 -8.86 34.68
N THR A 286 11.93 -9.85 34.68
CA THR A 286 12.13 -11.08 35.45
C THR A 286 12.50 -12.27 34.59
N ASP A 287 12.24 -12.23 33.30
CA ASP A 287 12.59 -13.32 32.41
C ASP A 287 12.75 -12.78 31.00
N ALA A 288 13.47 -13.53 30.18
CA ALA A 288 13.78 -13.12 28.82
C ALA A 288 13.83 -14.35 27.94
N VAL A 289 13.59 -14.13 26.65
CA VAL A 289 13.64 -15.19 25.64
C VAL A 289 14.55 -14.71 24.54
N ASP A 290 15.57 -15.51 24.24
CA ASP A 290 16.43 -15.28 23.08
C ASP A 290 15.72 -15.84 21.86
N CYS A 291 15.42 -14.97 20.89
CA CYS A 291 14.56 -15.34 19.78
C CYS A 291 15.28 -16.26 18.78
N ALA A 292 16.61 -16.26 18.77
CA ALA A 292 17.39 -17.06 17.83
C ALA A 292 18.26 -18.11 18.53
N LEU A 293 17.91 -18.50 19.75
CA LEU A 293 18.71 -19.50 20.47
C LEU A 293 18.39 -20.91 20.01
N ASP A 294 17.16 -21.34 20.22
CA ASP A 294 16.69 -22.68 19.86
C ASP A 294 15.27 -22.55 19.32
N PRO A 295 14.79 -23.55 18.58
CA PRO A 295 13.42 -23.47 18.03
C PRO A 295 12.29 -23.35 19.06
N LEU A 296 12.48 -23.81 20.30
CA LEU A 296 11.45 -23.63 21.32
C LEU A 296 11.30 -22.15 21.70
N SER A 297 12.43 -21.50 21.98
CA SER A 297 12.37 -20.07 22.29
C SER A 297 12.07 -19.24 21.06
N GLU A 298 12.37 -19.74 19.86
CA GLU A 298 11.93 -19.05 18.65
C GLU A 298 10.43 -19.16 18.47
N THR A 299 9.83 -20.28 18.88
CA THR A 299 8.37 -20.39 18.89
C THR A 299 7.77 -19.45 19.93
N LYS A 300 8.42 -19.31 21.09
CA LYS A 300 7.98 -18.33 22.08
C LYS A 300 8.10 -16.91 21.56
N CYS A 301 9.14 -16.63 20.79
CA CYS A 301 9.31 -15.34 20.13
C CYS A 301 8.22 -15.07 19.10
N THR A 302 7.84 -16.10 18.34
CA THR A 302 6.83 -15.92 17.31
C THR A 302 5.43 -15.75 17.91
N LEU A 303 5.10 -16.57 18.92
CA LEU A 303 3.77 -16.53 19.50
C LEU A 303 3.58 -15.39 20.49
N LYS A 304 4.65 -14.65 20.82
CA LYS A 304 4.66 -13.56 21.80
C LYS A 304 4.15 -14.02 23.17
N SER A 305 4.53 -15.23 23.56
CA SER A 305 4.11 -15.80 24.83
C SER A 305 5.23 -16.68 25.37
N PHE A 306 5.29 -16.77 26.70
CA PHE A 306 6.29 -17.62 27.35
C PHE A 306 5.84 -19.06 27.51
N THR A 307 4.58 -19.36 27.26
CA THR A 307 4.06 -20.72 27.31
C THR A 307 3.50 -21.09 25.95
N VAL A 308 3.82 -22.28 25.47
CA VAL A 308 3.43 -22.75 24.15
C VAL A 308 2.52 -23.96 24.32
N GLU A 309 1.33 -23.88 23.75
CA GLU A 309 0.38 -24.98 23.75
C GLU A 309 0.87 -26.08 22.80
N LYS A 310 0.42 -27.32 23.05
CA LYS A 310 0.76 -28.45 22.20
C LYS A 310 0.24 -28.26 20.79
N GLY A 311 1.10 -28.46 19.81
CA GLY A 311 0.71 -28.31 18.41
C GLY A 311 1.93 -28.09 17.55
N ILE A 312 1.65 -27.75 16.28
CA ILE A 312 2.68 -27.45 15.30
C ILE A 312 2.57 -25.97 14.94
N TYR A 313 3.70 -25.27 14.94
CA TYR A 313 3.73 -23.83 14.74
C TYR A 313 4.78 -23.51 13.69
N GLN A 314 4.36 -22.90 12.59
CA GLN A 314 5.31 -22.46 11.58
C GLN A 314 5.99 -21.21 12.12
N THR A 315 7.28 -21.32 12.44
CA THR A 315 7.97 -20.23 13.11
C THR A 315 8.96 -19.48 12.22
N SER A 316 9.65 -20.15 11.30
CA SER A 316 10.71 -19.47 10.59
C SER A 316 10.79 -19.99 9.16
N ASN A 317 11.88 -19.69 8.49
CA ASN A 317 12.13 -20.22 7.15
C ASN A 317 13.61 -20.56 6.99
N PHE A 318 13.85 -21.74 6.43
CA PHE A 318 15.20 -22.21 6.15
C PHE A 318 15.58 -21.71 4.77
N ARG A 319 16.73 -21.04 4.68
CA ARG A 319 17.26 -20.58 3.40
C ARG A 319 18.72 -21.04 3.31
N VAL A 320 19.22 -21.16 2.09
CA VAL A 320 20.58 -21.62 1.83
C VAL A 320 21.37 -20.42 1.34
N GLN A 321 22.39 -20.05 2.10
CA GLN A 321 23.15 -18.83 1.81
C GLN A 321 24.01 -19.05 0.56
N PRO A 322 24.12 -18.03 -0.30
CA PRO A 322 25.05 -18.13 -1.43
C PRO A 322 26.50 -18.14 -0.97
N THR A 323 27.31 -18.95 -1.64
CA THR A 323 28.68 -19.23 -1.23
C THR A 323 29.71 -18.61 -2.17
N GLU A 324 29.54 -18.77 -3.47
CA GLU A 324 30.45 -18.20 -4.46
C GLU A 324 29.70 -17.26 -5.40
N SER A 325 30.46 -16.52 -6.18
CA SER A 325 29.93 -15.70 -7.27
C SER A 325 30.54 -16.19 -8.58
N ILE A 326 29.68 -16.56 -9.52
CA ILE A 326 30.10 -17.08 -10.82
C ILE A 326 29.62 -16.09 -11.88
N VAL A 327 30.57 -15.46 -12.56
CA VAL A 327 30.28 -14.52 -13.63
C VAL A 327 30.79 -15.13 -14.91
N ARG A 328 29.88 -15.45 -15.84
CA ARG A 328 30.25 -16.03 -17.12
C ARG A 328 29.86 -15.07 -18.23
N PHE A 329 30.84 -14.66 -18.99
CA PHE A 329 30.81 -13.68 -20.07
C PHE A 329 31.48 -14.32 -21.28
N PRO A 330 31.08 -13.99 -22.51
CA PRO A 330 31.53 -14.76 -23.67
C PRO A 330 32.98 -14.47 -24.05
N ASN A 331 33.42 -15.14 -25.11
CA ASN A 331 34.84 -15.19 -25.45
C ASN A 331 35.34 -13.83 -25.90
N ILE A 332 36.51 -13.45 -25.41
CA ILE A 332 37.07 -12.12 -25.69
C ILE A 332 37.86 -12.23 -26.99
N THR A 333 37.13 -12.20 -28.09
CA THR A 333 37.73 -12.26 -29.42
C THR A 333 37.65 -10.85 -30.01
N ASN A 334 38.01 -10.73 -31.29
CA ASN A 334 38.02 -9.48 -32.06
C ASN A 334 38.67 -8.34 -31.28
N LEU A 335 39.97 -8.50 -31.06
CA LEU A 335 40.74 -7.46 -30.37
C LEU A 335 40.94 -6.24 -31.26
N CYS A 336 41.03 -5.09 -30.61
CA CYS A 336 41.26 -3.85 -31.33
C CYS A 336 42.72 -3.78 -31.79
N PRO A 337 42.97 -3.26 -32.99
CA PRO A 337 44.36 -3.27 -33.51
C PRO A 337 45.19 -2.14 -32.93
N PHE A 338 45.49 -2.25 -31.63
CA PHE A 338 46.47 -1.39 -31.00
C PHE A 338 47.90 -1.77 -31.36
N GLY A 339 48.12 -3.00 -31.79
CA GLY A 339 49.44 -3.39 -32.28
C GLY A 339 49.78 -2.74 -33.61
N GLU A 340 48.76 -2.37 -34.39
CA GLU A 340 48.97 -1.69 -35.65
C GLU A 340 49.15 -0.18 -35.48
N VAL A 341 48.81 0.36 -34.32
CA VAL A 341 48.94 1.79 -34.04
C VAL A 341 50.24 2.09 -33.32
N PHE A 342 50.48 1.42 -32.19
CA PHE A 342 51.66 1.72 -31.38
C PHE A 342 52.94 1.15 -31.97
N ASN A 343 52.87 -0.01 -32.61
CA ASN A 343 54.03 -0.69 -33.18
C ASN A 343 54.12 -0.51 -34.69
N ALA A 344 53.58 0.58 -35.22
CA ALA A 344 53.72 0.90 -36.63
C ALA A 344 55.14 1.30 -36.96
N THR A 345 55.57 0.94 -38.19
CA THR A 345 56.94 1.25 -38.63
C THR A 345 57.11 2.74 -38.89
N ARG A 346 56.16 3.35 -39.60
CA ARG A 346 56.20 4.76 -39.91
C ARG A 346 55.11 5.51 -39.16
N PHE A 347 55.46 6.65 -38.57
CA PHE A 347 54.50 7.55 -37.94
C PHE A 347 54.40 8.85 -38.74
N ALA A 348 53.30 9.56 -38.52
CA ALA A 348 53.06 10.78 -39.28
C ALA A 348 53.83 11.95 -38.65
N SER A 349 53.87 13.06 -39.37
CA SER A 349 54.30 14.34 -38.82
C SER A 349 53.17 14.95 -38.00
N VAL A 350 53.49 15.97 -37.21
CA VAL A 350 52.48 16.56 -36.33
C VAL A 350 51.54 17.47 -37.11
N TYR A 351 52.01 18.12 -38.18
CA TYR A 351 51.13 18.95 -38.99
C TYR A 351 50.17 18.10 -39.81
N ALA A 352 50.57 16.88 -40.13
CA ALA A 352 49.80 15.95 -40.94
C ALA A 352 49.49 14.71 -40.12
N TRP A 353 48.99 14.91 -38.90
CA TRP A 353 48.82 13.82 -37.93
C TRP A 353 47.78 12.82 -38.41
N ASN A 354 48.12 11.53 -38.32
CA ASN A 354 47.22 10.50 -38.80
C ASN A 354 46.13 10.22 -37.77
N ARG A 355 44.91 10.02 -38.25
CA ARG A 355 43.80 9.64 -37.38
C ARG A 355 43.24 8.30 -37.84
N LYS A 356 43.13 7.36 -36.92
CA LYS A 356 42.58 6.04 -37.21
C LYS A 356 41.37 5.81 -36.32
N ARG A 357 40.27 5.37 -36.92
CA ARG A 357 39.09 5.01 -36.14
C ARG A 357 39.24 3.62 -35.56
N ILE A 358 39.01 3.49 -34.25
CA ILE A 358 38.96 2.18 -33.60
C ILE A 358 37.50 1.91 -33.27
N SER A 359 36.95 0.86 -33.84
CA SER A 359 35.54 0.55 -33.63
C SER A 359 35.30 -0.94 -33.85
N ASN A 360 34.19 -1.41 -33.26
CA ASN A 360 33.64 -2.77 -33.42
C ASN A 360 34.62 -3.85 -32.99
N CYS A 361 35.25 -3.62 -31.84
CA CYS A 361 36.26 -4.51 -31.31
C CYS A 361 36.30 -4.35 -29.81
N VAL A 362 37.00 -5.26 -29.15
CA VAL A 362 37.18 -5.22 -27.71
C VAL A 362 38.59 -4.72 -27.41
N ALA A 363 38.69 -3.64 -26.65
CA ALA A 363 39.95 -2.96 -26.41
C ALA A 363 40.43 -3.32 -25.00
N ASP A 364 41.66 -3.83 -24.91
CA ASP A 364 42.29 -4.15 -23.64
C ASP A 364 43.23 -3.00 -23.29
N TYR A 365 42.75 -2.07 -22.47
CA TYR A 365 43.58 -0.96 -22.01
C TYR A 365 44.48 -1.31 -20.84
N SER A 366 44.35 -2.52 -20.26
CA SER A 366 45.23 -2.92 -19.18
C SER A 366 46.64 -3.24 -19.66
N VAL A 367 46.80 -3.56 -20.94
CA VAL A 367 48.13 -3.83 -21.49
C VAL A 367 48.87 -2.57 -21.90
N LEU A 368 48.16 -1.44 -22.01
CA LEU A 368 48.78 -0.16 -22.30
C LEU A 368 49.22 0.57 -21.04
N TYR A 369 48.36 0.61 -20.02
CA TYR A 369 48.66 1.34 -18.81
C TYR A 369 49.74 0.65 -17.99
N ASN A 370 49.73 -0.69 -17.97
CA ASN A 370 50.76 -1.43 -17.24
C ASN A 370 52.05 -1.61 -18.03
N SER A 371 52.07 -1.22 -19.30
CA SER A 371 53.31 -1.27 -20.08
C SER A 371 54.28 -0.20 -19.63
N ALA A 372 55.55 -0.57 -19.49
CA ALA A 372 56.60 0.35 -19.08
C ALA A 372 57.24 1.07 -20.26
N SER A 373 56.72 0.86 -21.48
CA SER A 373 57.30 1.48 -22.66
C SER A 373 56.96 2.96 -22.76
N PHE A 374 55.81 3.36 -22.22
CA PHE A 374 55.28 4.70 -22.42
C PHE A 374 55.77 5.61 -21.29
N SER A 375 56.51 6.66 -21.65
CA SER A 375 56.97 7.61 -20.65
C SER A 375 55.87 8.57 -20.21
N THR A 376 54.96 8.95 -21.11
CA THR A 376 53.86 9.84 -20.78
C THR A 376 52.55 9.09 -20.95
N PHE A 377 51.71 9.10 -19.92
CA PHE A 377 50.36 8.51 -19.99
C PHE A 377 49.43 9.40 -19.17
N LYS A 378 48.81 10.39 -19.81
CA LYS A 378 47.96 11.35 -19.13
C LYS A 378 46.53 11.21 -19.65
N CYS A 379 45.63 10.78 -18.79
CA CYS A 379 44.22 10.63 -19.16
C CYS A 379 43.39 11.77 -18.58
N TYR A 380 42.46 12.27 -19.37
CA TYR A 380 41.62 13.41 -19.04
C TYR A 380 40.17 12.99 -19.14
N GLY A 381 39.42 13.22 -18.06
CA GLY A 381 38.00 12.91 -17.97
C GLY A 381 37.66 11.46 -17.70
N VAL A 382 38.64 10.58 -17.56
CA VAL A 382 38.40 9.17 -17.27
C VAL A 382 39.63 8.60 -16.58
N SER A 383 39.40 7.76 -15.56
CA SER A 383 40.51 7.10 -14.89
C SER A 383 41.08 5.96 -15.74
N PRO A 384 42.40 5.75 -15.70
CA PRO A 384 42.98 4.69 -16.54
C PRO A 384 42.62 3.28 -16.08
N THR A 385 42.32 3.08 -14.79
CA THR A 385 41.91 1.75 -14.36
C THR A 385 40.42 1.52 -14.56
N LYS A 386 39.66 2.55 -14.88
CA LYS A 386 38.23 2.42 -15.11
C LYS A 386 37.94 2.26 -16.59
N LEU A 387 38.99 2.16 -17.42
CA LEU A 387 38.82 2.18 -18.86
C LEU A 387 38.21 0.86 -19.34
N ASN A 388 38.61 -0.24 -18.72
CA ASN A 388 38.10 -1.54 -19.12
C ASN A 388 36.68 -1.77 -18.64
N ASP A 389 36.20 -0.99 -17.68
CA ASP A 389 34.84 -1.14 -17.16
C ASP A 389 33.81 -0.31 -17.93
N LEU A 390 34.25 0.56 -18.83
CA LEU A 390 33.36 1.38 -19.64
C LEU A 390 33.33 0.88 -21.08
N CYS A 391 32.22 1.18 -21.75
CA CYS A 391 32.08 0.96 -23.17
C CYS A 391 32.03 2.31 -23.86
N PHE A 392 32.76 2.46 -24.96
CA PHE A 392 32.96 3.75 -25.59
C PHE A 392 32.38 3.77 -27.01
N THR A 393 31.97 4.95 -27.44
CA THR A 393 31.60 5.22 -28.82
C THR A 393 32.48 6.33 -29.40
N ASN A 394 32.74 6.22 -30.70
CA ASN A 394 33.58 7.13 -31.49
C ASN A 394 34.99 7.25 -30.93
N VAL A 395 35.72 6.12 -30.95
CA VAL A 395 37.10 6.07 -30.50
C VAL A 395 38.03 6.42 -31.66
N TYR A 396 38.92 7.38 -31.43
CA TYR A 396 39.84 7.85 -32.46
C TYR A 396 41.25 7.90 -31.91
N ALA A 397 42.21 7.47 -32.73
CA ALA A 397 43.62 7.41 -32.36
C ALA A 397 44.41 8.33 -33.28
N ASP A 398 44.96 9.40 -32.72
CA ASP A 398 45.73 10.38 -33.47
C ASP A 398 47.21 10.14 -33.19
N SER A 399 47.98 9.89 -34.23
CA SER A 399 49.37 9.52 -34.08
C SER A 399 50.25 10.50 -34.85
N PHE A 400 51.34 10.91 -34.19
CA PHE A 400 52.32 11.81 -34.77
C PHE A 400 53.64 11.68 -33.99
N VAL A 401 54.64 12.45 -34.43
CA VAL A 401 55.95 12.51 -33.80
C VAL A 401 56.26 13.97 -33.49
N ILE A 402 56.59 14.27 -32.23
CA ILE A 402 56.98 15.63 -31.85
C ILE A 402 58.34 15.59 -31.15
N ARG A 403 58.78 16.79 -30.75
CA ARG A 403 60.03 17.00 -30.05
C ARG A 403 59.85 16.54 -28.59
N GLY A 404 60.97 16.30 -27.90
CA GLY A 404 60.91 15.73 -26.56
C GLY A 404 60.31 16.66 -25.52
N ASP A 405 60.64 17.95 -25.57
CA ASP A 405 60.14 18.91 -24.59
C ASP A 405 58.80 19.52 -24.97
N GLU A 406 58.23 19.13 -26.10
CA GLU A 406 56.93 19.61 -26.55
C GLU A 406 55.78 18.70 -26.15
N VAL A 407 56.05 17.64 -25.39
CA VAL A 407 54.99 16.74 -24.93
C VAL A 407 54.14 17.43 -23.87
N ARG A 408 54.72 18.45 -23.21
CA ARG A 408 53.97 19.33 -22.31
C ARG A 408 52.81 20.00 -23.03
N GLN A 409 52.97 20.30 -24.34
CA GLN A 409 51.95 21.03 -25.07
C GLN A 409 50.80 20.17 -25.56
N ILE A 410 50.90 18.84 -25.46
CA ILE A 410 49.78 17.97 -25.85
C ILE A 410 48.91 17.80 -24.61
N ALA A 411 48.07 18.81 -24.37
CA ALA A 411 47.14 18.86 -23.25
C ALA A 411 46.13 19.96 -23.51
N PRO A 412 44.94 19.89 -22.89
CA PRO A 412 43.97 20.98 -23.04
C PRO A 412 44.46 22.27 -22.41
N GLY A 413 44.27 23.38 -23.14
CA GLY A 413 44.60 24.69 -22.64
C GLY A 413 46.05 25.10 -22.79
N GLN A 414 46.85 24.34 -23.54
CA GLN A 414 48.26 24.64 -23.72
C GLN A 414 48.49 25.60 -24.87
N THR A 415 49.63 26.28 -24.82
CA THR A 415 50.06 27.22 -25.85
C THR A 415 51.46 26.87 -26.31
N GLY A 416 51.75 27.19 -27.56
CA GLY A 416 53.01 26.85 -28.17
C GLY A 416 52.83 26.69 -29.67
N LYS A 417 53.93 26.32 -30.33
CA LYS A 417 53.88 26.12 -31.77
C LYS A 417 53.06 24.88 -32.14
N ILE A 418 53.15 23.84 -31.33
CA ILE A 418 52.46 22.57 -31.61
C ILE A 418 50.98 22.67 -31.31
N ALA A 419 50.61 23.27 -30.18
CA ALA A 419 49.20 23.36 -29.83
C ALA A 419 48.47 24.32 -30.76
N ASP A 420 49.05 25.50 -31.00
CA ASP A 420 48.35 26.52 -31.76
C ASP A 420 48.42 26.28 -33.26
N TYR A 421 49.56 25.79 -33.78
CA TYR A 421 49.72 25.68 -35.22
C TYR A 421 49.65 24.26 -35.76
N ASN A 422 49.79 23.24 -34.93
CA ASN A 422 49.88 21.87 -35.42
C ASN A 422 48.75 20.97 -34.92
N TYR A 423 48.52 20.92 -33.61
CA TYR A 423 47.54 19.99 -33.05
C TYR A 423 46.90 20.61 -31.81
N LYS A 424 45.65 21.03 -31.94
CA LYS A 424 44.90 21.67 -30.85
C LYS A 424 44.00 20.64 -30.19
N LEU A 425 44.07 20.57 -28.86
CA LEU A 425 43.10 19.79 -28.11
C LEU A 425 42.00 20.70 -27.54
N PRO A 426 40.76 20.24 -27.52
CA PRO A 426 39.68 21.05 -26.93
C PRO A 426 39.79 21.11 -25.42
N ASP A 427 39.14 22.13 -24.84
CA ASP A 427 39.12 22.27 -23.39
C ASP A 427 38.29 21.17 -22.72
N ASP A 428 37.28 20.65 -23.43
CA ASP A 428 36.45 19.57 -22.92
C ASP A 428 36.93 18.19 -23.37
N PHE A 429 38.23 18.01 -23.54
CA PHE A 429 38.75 16.76 -24.09
C PHE A 429 38.63 15.61 -23.10
N THR A 430 38.17 14.47 -23.60
CA THR A 430 38.11 13.23 -22.85
C THR A 430 38.87 12.16 -23.62
N GLY A 431 39.86 11.56 -22.98
CA GLY A 431 40.68 10.56 -23.63
C GLY A 431 42.05 10.52 -22.99
N CYS A 432 42.97 9.83 -23.64
CA CYS A 432 44.29 9.63 -23.04
C CYS A 432 45.40 10.00 -24.03
N VAL A 433 46.40 10.71 -23.53
CA VAL A 433 47.56 11.13 -24.32
C VAL A 433 48.73 10.26 -23.90
N ILE A 434 49.24 9.47 -24.84
CA ILE A 434 50.27 8.46 -24.59
C ILE A 434 51.48 8.83 -25.44
N ALA A 435 52.64 8.93 -24.82
CA ALA A 435 53.83 9.31 -25.56
C ALA A 435 55.01 8.48 -25.08
N TRP A 436 55.95 8.24 -26.00
CA TRP A 436 57.15 7.50 -25.64
C TRP A 436 58.31 7.88 -26.56
N ASN A 437 59.52 7.73 -26.02
CA ASN A 437 60.74 8.06 -26.74
C ASN A 437 60.99 7.06 -27.86
N SER A 438 61.30 7.58 -29.05
CA SER A 438 61.59 6.79 -30.24
C SER A 438 62.90 7.24 -30.86
N ASN A 439 63.94 7.38 -30.03
CA ASN A 439 65.23 7.83 -30.54
C ASN A 439 65.94 6.75 -31.34
N ASN A 440 65.74 5.47 -31.00
CA ASN A 440 66.38 4.41 -31.75
C ASN A 440 65.69 4.11 -33.08
N LEU A 441 64.48 4.60 -33.29
CA LEU A 441 63.73 4.35 -34.52
C LEU A 441 63.70 5.53 -35.47
N ASP A 442 63.58 6.75 -34.97
CA ASP A 442 63.30 7.92 -35.80
C ASP A 442 64.47 8.90 -35.86
N SER A 443 65.67 8.48 -35.49
CA SER A 443 66.85 9.33 -35.57
C SER A 443 67.91 8.64 -36.41
N LYS A 444 68.52 9.40 -37.32
CA LYS A 444 69.65 8.95 -38.11
C LYS A 444 70.88 9.78 -37.76
N VAL A 445 72.06 9.24 -38.09
CA VAL A 445 73.32 9.83 -37.67
C VAL A 445 73.56 11.17 -38.38
N GLY A 446 73.13 11.31 -39.64
CA GLY A 446 73.22 12.59 -40.30
C GLY A 446 72.08 13.54 -39.98
N GLY A 447 70.97 13.02 -39.47
CA GLY A 447 69.78 13.81 -39.22
C GLY A 447 68.58 13.35 -40.01
N ASN A 448 67.49 13.02 -39.32
CA ASN A 448 66.26 12.57 -39.97
C ASN A 448 65.37 13.78 -40.20
N TYR A 449 65.07 14.07 -41.47
CA TYR A 449 64.30 15.25 -41.83
C TYR A 449 62.90 14.91 -42.36
N ASN A 450 62.43 13.68 -42.14
CA ASN A 450 61.13 13.27 -42.65
C ASN A 450 59.97 13.73 -41.76
N TYR A 451 60.24 14.29 -40.58
CA TYR A 451 59.20 14.78 -39.68
C TYR A 451 59.24 16.30 -39.66
N LEU A 452 58.10 16.92 -39.96
CA LEU A 452 58.01 18.37 -40.10
C LEU A 452 56.91 18.91 -39.20
N TYR A 453 57.06 20.17 -38.79
CA TYR A 453 56.04 20.86 -38.02
C TYR A 453 55.79 22.24 -38.61
N ARG A 454 54.55 22.71 -38.44
CA ARG A 454 54.16 24.01 -38.96
C ARG A 454 54.64 25.10 -38.01
N LEU A 455 55.69 25.82 -38.40
CA LEU A 455 56.21 26.88 -37.54
C LEU A 455 55.38 28.15 -37.62
N PHE A 456 54.79 28.45 -38.78
CA PHE A 456 54.12 29.71 -39.01
C PHE A 456 52.68 29.48 -39.47
N ARG A 457 51.76 30.25 -38.92
CA ARG A 457 50.38 30.28 -39.38
C ARG A 457 49.78 31.65 -39.09
N LYS A 458 48.73 31.99 -39.84
CA LYS A 458 48.10 33.30 -39.70
C LYS A 458 47.23 33.36 -38.45
N SER A 459 46.60 32.25 -38.06
CA SER A 459 45.71 32.23 -36.92
C SER A 459 45.77 30.86 -36.28
N ASN A 460 45.29 30.78 -35.04
CA ASN A 460 45.37 29.53 -34.28
C ASN A 460 44.37 28.52 -34.81
N LEU A 461 44.74 27.24 -34.71
CA LEU A 461 43.85 26.17 -35.16
C LEU A 461 42.68 25.97 -34.22
N LYS A 462 41.58 25.49 -34.78
CA LYS A 462 40.49 24.96 -33.98
C LYS A 462 40.88 23.59 -33.42
N PRO A 463 40.20 23.11 -32.37
CA PRO A 463 40.44 21.75 -31.87
C PRO A 463 40.12 20.69 -32.91
N PHE A 464 41.03 19.70 -33.01
CA PHE A 464 40.96 18.58 -33.96
C PHE A 464 40.84 19.02 -35.41
N GLU A 465 41.55 20.10 -35.76
CA GLU A 465 41.60 20.58 -37.14
C GLU A 465 42.98 20.30 -37.71
N ARG A 466 43.02 19.80 -38.94
CA ARG A 466 44.28 19.47 -39.62
C ARG A 466 44.52 20.48 -40.72
N ASP A 467 45.73 21.03 -40.76
CA ASP A 467 46.14 21.98 -41.79
C ASP A 467 47.36 21.42 -42.51
N ILE A 468 47.18 21.03 -43.78
CA ILE A 468 48.26 20.53 -44.61
C ILE A 468 48.61 21.50 -45.72
N SER A 469 48.06 22.71 -45.68
CA SER A 469 48.31 23.71 -46.72
C SER A 469 49.72 24.27 -46.58
N THR A 470 50.42 24.41 -47.70
CA THR A 470 51.81 24.85 -47.72
C THR A 470 51.99 26.15 -48.48
N GLU A 471 51.10 27.12 -48.28
CA GLU A 471 51.31 28.42 -48.89
C GLU A 471 52.43 29.18 -48.16
N ILE A 472 53.06 30.09 -48.90
CA ILE A 472 54.21 30.83 -48.36
C ILE A 472 53.71 31.85 -47.35
N TYR A 473 54.26 31.79 -46.13
CA TYR A 473 53.78 32.65 -45.05
C TYR A 473 54.38 34.04 -45.18
N GLN A 474 53.57 35.05 -44.87
CA GLN A 474 54.02 36.44 -44.83
C GLN A 474 54.34 36.81 -43.39
N ALA A 475 55.63 36.93 -43.08
CA ALA A 475 56.08 37.36 -41.75
C ALA A 475 56.47 38.83 -41.72
N GLY A 476 56.27 39.56 -42.81
CA GLY A 476 56.68 40.94 -42.89
C GLY A 476 55.61 41.85 -43.45
N SER A 477 56.01 43.00 -43.99
CA SER A 477 55.08 43.96 -44.57
C SER A 477 54.83 43.68 -46.05
N THR A 478 55.86 43.29 -46.79
CA THR A 478 55.74 43.05 -48.22
C THR A 478 55.05 41.71 -48.48
N PRO A 479 53.99 41.68 -49.29
CA PRO A 479 53.30 40.42 -49.56
C PRO A 479 54.15 39.46 -50.36
N CYS A 480 53.96 38.16 -50.10
CA CYS A 480 54.77 37.15 -50.76
C CYS A 480 54.34 36.92 -52.19
N ASN A 481 53.03 36.97 -52.45
CA ASN A 481 52.39 36.57 -53.71
C ASN A 481 52.79 35.14 -54.11
N GLY A 482 52.82 34.26 -53.11
CA GLY A 482 53.08 32.84 -53.34
C GLY A 482 54.52 32.50 -53.63
N VAL A 483 55.44 33.47 -53.50
CA VAL A 483 56.85 33.31 -53.81
C VAL A 483 57.65 33.70 -52.58
N GLU A 484 58.65 32.90 -52.24
CA GLU A 484 59.52 33.24 -51.12
C GLU A 484 60.39 34.46 -51.47
N GLY A 485 60.84 35.14 -50.42
CA GLY A 485 61.61 36.36 -50.54
C GLY A 485 62.05 36.85 -49.19
N PHE A 486 62.18 38.17 -49.04
CA PHE A 486 62.43 38.74 -47.72
C PHE A 486 61.17 38.59 -46.86
N ASN A 487 61.35 38.01 -45.66
CA ASN A 487 60.28 37.71 -44.69
C ASN A 487 59.17 36.86 -45.29
N CYS A 488 59.53 35.93 -46.19
CA CYS A 488 58.58 35.01 -46.79
C CYS A 488 59.17 33.60 -46.74
N TYR A 489 58.56 32.73 -45.94
CA TYR A 489 59.15 31.44 -45.59
C TYR A 489 58.18 30.32 -45.91
N PHE A 490 58.73 29.15 -46.15
CA PHE A 490 57.94 27.92 -46.15
C PHE A 490 57.48 27.61 -44.74
N PRO A 491 56.18 27.34 -44.53
CA PRO A 491 55.66 27.28 -43.16
C PRO A 491 56.04 26.01 -42.41
N LEU A 492 56.47 24.97 -43.10
CA LEU A 492 56.83 23.70 -42.48
C LEU A 492 58.34 23.65 -42.34
N GLN A 493 58.81 23.46 -41.12
CA GLN A 493 60.23 23.23 -40.85
C GLN A 493 60.41 21.83 -40.27
N SER A 494 61.51 21.18 -40.65
CA SER A 494 61.75 19.82 -40.21
C SER A 494 62.59 19.82 -38.93
N TYR A 495 62.29 18.87 -38.05
CA TYR A 495 63.16 18.58 -36.92
C TYR A 495 64.48 18.00 -37.40
N GLY A 496 65.57 18.43 -36.78
CA GLY A 496 66.84 17.75 -37.00
C GLY A 496 67.05 16.70 -35.93
N PHE A 497 66.72 15.44 -36.25
CA PHE A 497 66.73 14.36 -35.27
C PHE A 497 68.04 13.59 -35.37
N GLN A 498 68.89 13.76 -34.36
CA GLN A 498 70.16 13.05 -34.25
C GLN A 498 70.18 12.23 -32.97
N PRO A 499 70.93 11.13 -32.91
CA PRO A 499 70.98 10.35 -31.67
C PRO A 499 71.80 11.02 -30.57
N THR A 500 72.72 11.92 -30.93
CA THR A 500 73.57 12.57 -29.96
C THR A 500 72.88 13.72 -29.23
N TYR A 501 71.71 14.15 -29.70
CA TYR A 501 70.96 15.21 -29.04
C TYR A 501 70.41 14.76 -27.70
N GLY A 502 70.36 15.69 -26.76
CA GLY A 502 69.89 15.40 -25.42
C GLY A 502 68.40 15.17 -25.36
N VAL A 503 67.97 14.65 -24.21
CA VAL A 503 66.54 14.34 -24.00
C VAL A 503 65.76 15.64 -23.90
N GLY A 504 64.79 15.81 -24.79
CA GLY A 504 64.10 17.08 -24.99
C GLY A 504 64.23 17.63 -26.39
N TYR A 505 65.28 17.26 -27.11
CA TYR A 505 65.40 17.52 -28.55
C TYR A 505 65.26 16.25 -29.37
N GLN A 506 64.85 15.12 -28.74
CA GLN A 506 64.72 13.75 -29.21
C GLN A 506 63.28 13.45 -29.62
N PRO A 507 63.06 12.56 -30.59
CA PRO A 507 61.69 12.33 -31.08
C PRO A 507 60.86 11.51 -30.10
N TYR A 508 59.61 11.94 -29.93
CA TYR A 508 58.63 11.24 -29.10
C TYR A 508 57.43 10.91 -29.97
N ARG A 509 57.10 9.62 -30.05
CA ARG A 509 55.90 9.17 -30.73
C ARG A 509 54.69 9.33 -29.82
N VAL A 510 53.71 10.10 -30.26
CA VAL A 510 52.55 10.47 -29.45
C VAL A 510 51.29 9.91 -30.11
N VAL A 511 50.52 9.13 -29.35
CA VAL A 511 49.23 8.58 -29.75
C VAL A 511 48.19 9.13 -28.78
N VAL A 512 47.18 9.80 -29.30
CA VAL A 512 46.12 10.40 -28.50
C VAL A 512 44.83 9.62 -28.78
N LEU A 513 44.26 9.04 -27.73
CA LEU A 513 42.99 8.33 -27.84
C LEU A 513 41.88 9.28 -27.40
N SER A 514 40.77 9.22 -28.12
CA SER A 514 39.61 10.08 -27.86
C SER A 514 38.36 9.22 -27.84
N PHE A 515 37.54 9.41 -26.81
CA PHE A 515 36.32 8.66 -26.57
C PHE A 515 35.16 9.62 -26.40
N GLU A 516 33.95 9.07 -26.56
CA GLU A 516 32.73 9.71 -26.09
C GLU A 516 32.06 8.81 -25.05
N LEU A 517 31.70 9.38 -23.90
CA LEU A 517 31.33 8.61 -22.72
C LEU A 517 29.81 8.51 -22.62
N LEU A 518 29.28 7.39 -23.11
CA LEU A 518 27.95 6.86 -22.77
C LEU A 518 26.82 7.82 -23.13
N HIS A 519 26.78 8.18 -24.41
CA HIS A 519 25.72 9.03 -24.95
C HIS A 519 25.15 8.51 -26.25
N ALA A 520 25.86 7.64 -26.96
CA ALA A 520 25.40 6.98 -28.17
C ALA A 520 25.50 5.49 -27.95
N PRO A 521 24.95 4.65 -28.83
CA PRO A 521 25.30 3.22 -28.81
C PRO A 521 26.79 3.02 -29.01
N ALA A 522 27.38 2.18 -28.17
CA ALA A 522 28.83 2.05 -28.09
C ALA A 522 29.31 0.81 -28.83
N THR A 523 30.42 0.97 -29.55
CA THR A 523 31.03 -0.12 -30.30
C THR A 523 32.34 -0.64 -29.73
N VAL A 524 32.98 0.11 -28.85
CA VAL A 524 34.25 -0.26 -28.24
C VAL A 524 34.03 -0.49 -26.75
N CYS A 525 34.41 -1.67 -26.27
CA CYS A 525 34.20 -2.05 -24.89
C CYS A 525 35.50 -2.65 -24.38
N GLY A 526 35.73 -2.55 -23.07
CA GLY A 526 36.80 -3.29 -22.43
C GLY A 526 36.48 -4.75 -22.19
N PRO A 527 37.54 -5.50 -21.87
CA PRO A 527 37.44 -6.96 -21.81
C PRO A 527 36.62 -7.42 -20.62
N LYS A 528 36.06 -8.61 -20.74
CA LYS A 528 35.24 -9.21 -19.71
C LYS A 528 35.98 -10.42 -19.14
N LYS A 529 36.21 -10.41 -17.84
CA LYS A 529 36.99 -11.45 -17.17
C LYS A 529 36.02 -12.47 -16.55
N SER A 530 35.71 -13.50 -17.33
CA SER A 530 34.83 -14.55 -16.86
C SER A 530 35.60 -15.52 -15.98
N THR A 531 34.97 -15.93 -14.88
CA THR A 531 35.58 -16.88 -13.96
C THR A 531 35.17 -18.30 -14.37
N ASN A 532 35.64 -19.29 -13.61
CA ASN A 532 35.25 -20.66 -13.89
C ASN A 532 33.80 -20.89 -13.48
N LEU A 533 33.19 -21.91 -14.07
CA LEU A 533 31.80 -22.23 -13.81
C LEU A 533 31.71 -23.34 -12.77
N VAL A 534 30.91 -23.11 -11.74
CA VAL A 534 30.69 -24.08 -10.67
C VAL A 534 29.22 -24.46 -10.69
N LYS A 535 28.95 -25.76 -10.78
CA LYS A 535 27.60 -26.27 -10.84
C LYS A 535 27.20 -26.92 -9.53
N ASN A 536 25.89 -27.18 -9.41
CA ASN A 536 25.26 -27.89 -8.28
C ASN A 536 25.48 -27.18 -6.94
N LYS A 537 25.70 -25.87 -6.95
CA LYS A 537 25.87 -25.12 -5.71
C LYS A 537 25.11 -23.80 -5.79
N CYS A 538 24.64 -23.35 -4.63
CA CYS A 538 23.90 -22.09 -4.54
C CYS A 538 24.88 -20.94 -4.68
N VAL A 539 24.99 -20.38 -5.88
CA VAL A 539 25.95 -19.34 -6.19
C VAL A 539 25.19 -18.13 -6.75
N ASN A 540 25.87 -16.99 -6.73
CA ASN A 540 25.34 -15.78 -7.36
C ASN A 540 25.85 -15.76 -8.81
N PHE A 541 24.94 -15.95 -9.75
CA PHE A 541 25.31 -16.04 -11.16
C PHE A 541 25.11 -14.70 -11.85
N ASN A 542 26.02 -14.41 -12.77
CA ASN A 542 25.94 -13.21 -13.61
C ASN A 542 26.27 -13.67 -15.04
N PHE A 543 25.23 -13.90 -15.83
CA PHE A 543 25.34 -14.42 -17.19
C PHE A 543 24.89 -13.32 -18.16
N ASN A 544 25.87 -12.69 -18.82
CA ASN A 544 25.65 -11.69 -19.89
C ASN A 544 24.79 -10.51 -19.43
N GLY A 545 24.98 -10.08 -18.19
CA GLY A 545 24.21 -9.00 -17.62
C GLY A 545 22.95 -9.43 -16.89
N LEU A 546 22.58 -10.70 -16.99
CA LEU A 546 21.44 -11.24 -16.24
C LEU A 546 21.98 -11.82 -14.93
N THR A 547 21.62 -11.21 -13.80
CA THR A 547 22.15 -11.61 -12.51
C THR A 547 21.07 -12.27 -11.67
N GLY A 548 21.52 -13.03 -10.67
CA GLY A 548 20.61 -13.67 -9.75
C GLY A 548 21.36 -14.61 -8.83
N THR A 549 20.59 -15.36 -8.04
CA THR A 549 21.14 -16.35 -7.12
C THR A 549 20.43 -17.68 -7.36
N GLY A 550 21.19 -18.75 -7.49
CA GLY A 550 20.57 -20.03 -7.75
C GLY A 550 21.58 -21.16 -7.81
N VAL A 551 21.05 -22.37 -7.95
CA VAL A 551 21.81 -23.58 -8.21
C VAL A 551 21.75 -23.85 -9.71
N LEU A 552 22.92 -23.93 -10.34
CA LEU A 552 23.06 -24.08 -11.77
C LEU A 552 23.33 -25.54 -12.08
N THR A 553 22.34 -26.24 -12.64
CA THR A 553 22.47 -27.65 -12.98
C THR A 553 22.40 -27.84 -14.49
N GLU A 554 22.73 -29.04 -14.94
CA GLU A 554 22.63 -29.37 -16.36
C GLU A 554 21.17 -29.45 -16.80
N SER A 555 20.93 -29.04 -18.05
CA SER A 555 19.59 -28.92 -18.58
C SER A 555 19.41 -29.82 -19.80
N ASN A 556 18.22 -30.39 -19.93
CA ASN A 556 17.83 -31.17 -21.10
C ASN A 556 17.08 -30.35 -22.14
N LYS A 557 16.87 -29.06 -21.90
CA LYS A 557 16.21 -28.18 -22.86
C LYS A 557 17.17 -27.83 -23.99
N LYS A 558 16.81 -28.16 -25.22
CA LYS A 558 17.64 -27.88 -26.39
C LYS A 558 17.23 -26.51 -26.94
N PHE A 559 18.07 -25.51 -26.71
CA PHE A 559 17.78 -24.16 -27.18
C PHE A 559 18.00 -24.06 -28.69
N LEU A 560 17.29 -23.13 -29.30
CA LEU A 560 17.67 -22.69 -30.64
C LEU A 560 18.87 -21.75 -30.53
N PRO A 561 19.74 -21.69 -31.55
CA PRO A 561 21.04 -20.99 -31.38
C PRO A 561 20.94 -19.49 -31.14
N PHE A 562 19.82 -18.83 -31.45
CA PHE A 562 19.71 -17.41 -31.19
C PHE A 562 19.21 -17.12 -29.78
N GLN A 563 18.71 -18.11 -29.06
CA GLN A 563 18.11 -17.91 -27.75
C GLN A 563 19.13 -18.16 -26.65
N GLN A 564 19.06 -17.36 -25.60
CA GLN A 564 20.07 -17.37 -24.55
C GLN A 564 19.50 -17.72 -23.18
N PHE A 565 18.37 -17.13 -22.80
CA PHE A 565 17.78 -17.35 -21.49
C PHE A 565 16.44 -18.08 -21.63
N GLY A 566 15.94 -18.57 -20.52
CA GLY A 566 14.66 -19.25 -20.50
C GLY A 566 13.78 -18.79 -19.36
N ARG A 567 12.49 -18.65 -19.65
CA ARG A 567 11.52 -18.17 -18.67
C ARG A 567 10.36 -19.15 -18.58
N ASP A 568 9.80 -19.23 -17.38
CA ASP A 568 8.60 -20.03 -17.12
C ASP A 568 7.36 -19.15 -17.31
N ILE A 569 6.22 -19.62 -16.79
CA ILE A 569 4.97 -18.87 -16.84
C ILE A 569 5.08 -17.59 -16.02
N ALA A 570 5.71 -17.66 -14.85
CA ALA A 570 5.78 -16.54 -13.93
C ALA A 570 6.93 -15.58 -14.22
N ASP A 571 7.49 -15.63 -15.44
CA ASP A 571 8.51 -14.69 -15.94
C ASP A 571 9.78 -14.68 -15.08
N THR A 572 10.15 -15.85 -14.58
CA THR A 572 11.39 -16.01 -13.82
C THR A 572 12.38 -16.81 -14.65
N THR A 573 13.65 -16.40 -14.62
CA THR A 573 14.67 -17.05 -15.44
C THR A 573 14.99 -18.42 -14.85
N ASP A 574 14.53 -19.48 -15.51
CA ASP A 574 14.81 -20.85 -15.07
C ASP A 574 15.72 -21.62 -16.01
N ALA A 575 16.03 -21.09 -17.18
CA ALA A 575 16.96 -21.74 -18.11
C ALA A 575 17.87 -20.68 -18.71
N VAL A 576 19.11 -21.06 -19.00
CA VAL A 576 20.10 -20.10 -19.49
C VAL A 576 21.12 -20.85 -20.33
N ARG A 577 21.80 -20.12 -21.21
CA ARG A 577 22.91 -20.64 -21.99
C ARG A 577 24.20 -20.01 -21.49
N ASP A 578 25.20 -20.84 -21.23
CA ASP A 578 26.50 -20.32 -20.85
C ASP A 578 27.16 -19.69 -22.08
N PRO A 579 27.69 -18.47 -21.97
CA PRO A 579 28.24 -17.79 -23.15
C PRO A 579 29.60 -18.33 -23.58
N GLN A 580 30.39 -18.83 -22.63
CA GLN A 580 31.70 -19.37 -22.95
C GLN A 580 31.59 -20.66 -23.75
N THR A 581 30.97 -21.68 -23.15
CA THR A 581 30.68 -22.94 -23.82
C THR A 581 29.18 -23.04 -24.01
N LEU A 582 28.75 -23.28 -25.25
CA LEU A 582 27.32 -23.26 -25.59
C LEU A 582 26.65 -24.51 -25.04
N GLU A 583 26.32 -24.45 -23.75
CA GLU A 583 25.61 -25.50 -23.05
C GLU A 583 24.47 -24.87 -22.28
N ILE A 584 23.43 -25.67 -22.02
CA ILE A 584 22.20 -25.19 -21.42
C ILE A 584 22.17 -25.59 -19.95
N LEU A 585 21.89 -24.63 -19.08
CA LEU A 585 21.85 -24.85 -17.64
C LEU A 585 20.49 -24.45 -17.09
N ASP A 586 19.92 -25.33 -16.29
CA ASP A 586 18.73 -25.00 -15.51
C ASP A 586 19.11 -24.29 -14.23
N ILE A 587 18.34 -23.26 -13.87
CA ILE A 587 18.60 -22.50 -12.65
C ILE A 587 17.52 -22.80 -11.63
N THR A 588 17.77 -23.75 -10.76
CA THR A 588 16.85 -23.90 -9.64
C THR A 588 17.11 -22.78 -8.65
N PRO A 589 16.07 -22.16 -8.07
CA PRO A 589 16.31 -21.25 -6.95
C PRO A 589 16.88 -22.01 -5.75
N CYS A 590 17.73 -21.32 -4.99
CA CYS A 590 18.39 -21.90 -3.82
C CYS A 590 17.35 -22.41 -2.83
N SER A 591 17.67 -23.55 -2.19
CA SER A 591 16.73 -24.27 -1.32
C SER A 591 16.14 -23.38 -0.24
N PHE A 592 14.82 -23.42 -0.12
CA PHE A 592 14.08 -22.60 0.81
C PHE A 592 12.88 -23.39 1.31
N GLY A 593 12.41 -23.08 2.50
CA GLY A 593 11.21 -23.73 3.00
C GLY A 593 10.83 -23.19 4.35
N GLY A 594 9.69 -23.64 4.84
CA GLY A 594 9.25 -23.27 6.17
C GLY A 594 9.87 -24.13 7.25
N VAL A 595 10.16 -23.50 8.39
CA VAL A 595 10.68 -24.17 9.57
C VAL A 595 9.54 -24.16 10.57
N SER A 596 9.00 -25.34 10.87
CA SER A 596 7.90 -25.51 11.80
C SER A 596 8.40 -26.26 13.03
N VAL A 597 7.88 -25.88 14.19
CA VAL A 597 8.29 -26.48 15.45
C VAL A 597 7.12 -27.28 15.99
N ILE A 598 7.35 -28.57 16.20
CA ILE A 598 6.34 -29.48 16.73
C ILE A 598 6.70 -29.72 18.19
N THR A 599 5.79 -29.35 19.08
CA THR A 599 6.06 -29.46 20.49
C THR A 599 4.80 -29.88 21.23
N PRO A 600 4.95 -30.56 22.37
CA PRO A 600 3.85 -30.60 23.33
C PRO A 600 3.81 -29.30 24.13
N GLY A 601 2.94 -29.25 25.15
CA GLY A 601 2.90 -28.09 26.02
C GLY A 601 4.19 -27.93 26.82
N THR A 602 4.55 -26.67 27.08
CA THR A 602 5.71 -26.40 27.91
C THR A 602 5.46 -26.79 29.37
N ASN A 603 4.20 -26.90 29.77
CA ASN A 603 3.88 -27.54 31.04
C ASN A 603 4.24 -29.02 31.03
N THR A 604 4.18 -29.67 29.87
CA THR A 604 4.50 -31.08 29.77
C THR A 604 6.01 -31.31 29.61
N SER A 605 6.59 -30.76 28.54
CA SER A 605 8.00 -30.99 28.26
C SER A 605 8.53 -29.87 27.38
N ASN A 606 9.85 -29.76 27.33
CA ASN A 606 10.54 -28.77 26.50
C ASN A 606 11.13 -29.39 25.23
N GLN A 607 10.87 -30.67 24.98
CA GLN A 607 11.39 -31.32 23.78
C GLN A 607 10.61 -30.86 22.56
N VAL A 608 11.33 -30.56 21.48
CA VAL A 608 10.74 -30.10 20.24
C VAL A 608 11.28 -30.93 19.08
N ALA A 609 10.55 -30.88 17.96
CA ALA A 609 11.00 -31.43 16.70
C ALA A 609 10.88 -30.34 15.64
N VAL A 610 11.73 -30.42 14.61
CA VAL A 610 11.79 -29.39 13.59
C VAL A 610 11.41 -30.01 12.24
N LEU A 611 10.44 -29.40 11.57
CA LEU A 611 10.03 -29.79 10.23
C LEU A 611 10.50 -28.74 9.24
N TYR A 612 11.33 -29.16 8.28
CA TYR A 612 11.74 -28.32 7.16
C TYR A 612 10.87 -28.70 5.97
N GLN A 613 9.96 -27.80 5.59
CA GLN A 613 8.93 -28.11 4.61
C GLN A 613 9.51 -28.09 3.21
N ASP A 614 9.19 -29.13 2.42
CA ASP A 614 9.63 -29.33 1.03
C ASP A 614 11.15 -29.31 0.88
N VAL A 615 11.86 -29.81 1.89
CA VAL A 615 13.31 -29.85 1.89
C VAL A 615 13.75 -31.28 2.09
N ASN A 616 14.58 -31.79 1.18
CA ASN A 616 15.12 -33.13 1.32
C ASN A 616 16.09 -33.19 2.49
N CYS A 617 16.19 -34.36 3.11
CA CYS A 617 16.96 -34.50 4.34
C CYS A 617 18.47 -34.45 4.11
N THR A 618 18.91 -34.61 2.87
CA THR A 618 20.33 -34.51 2.54
C THR A 618 20.77 -33.09 2.22
N GLU A 619 19.85 -32.12 2.27
CA GLU A 619 20.17 -30.73 1.91
C GLU A 619 19.98 -29.79 3.10
N VAL A 620 20.05 -30.31 4.33
CA VAL A 620 19.91 -29.48 5.51
C VAL A 620 21.20 -29.47 6.32
N ASN A 641 17.96 -39.12 14.49
CA ASN A 641 16.53 -38.91 14.44
C ASN A 641 16.15 -38.00 13.29
N VAL A 642 16.52 -38.42 12.08
CA VAL A 642 16.23 -37.69 10.85
C VAL A 642 15.32 -38.56 9.99
N PHE A 643 14.16 -38.03 9.62
CA PHE A 643 13.17 -38.80 8.88
C PHE A 643 12.68 -37.98 7.70
N GLN A 644 12.51 -38.64 6.55
CA GLN A 644 12.03 -37.97 5.35
C GLN A 644 10.55 -38.23 5.15
N THR A 645 9.76 -37.15 5.12
CA THR A 645 8.34 -37.22 4.85
C THR A 645 8.05 -36.51 3.53
N ARG A 646 6.83 -36.68 3.04
CA ARG A 646 6.40 -35.91 1.88
C ARG A 646 6.17 -34.44 2.23
N ALA A 647 5.89 -34.15 3.49
CA ALA A 647 5.78 -32.76 3.92
C ALA A 647 7.15 -32.10 4.01
N GLY A 648 8.19 -32.88 4.31
CA GLY A 648 9.53 -32.34 4.42
C GLY A 648 10.39 -33.23 5.30
N CYS A 649 11.50 -32.66 5.75
CA CYS A 649 12.43 -33.38 6.60
C CYS A 649 12.11 -33.09 8.07
N LEU A 650 11.98 -34.15 8.86
CA LEU A 650 11.64 -34.03 10.28
C LEU A 650 12.83 -34.48 11.12
N ILE A 651 13.37 -33.56 11.90
CA ILE A 651 14.55 -33.80 12.74
C ILE A 651 14.13 -33.70 14.20
N GLY A 652 14.48 -34.72 14.98
CA GLY A 652 14.16 -34.74 16.39
C GLY A 652 13.00 -35.63 16.78
N ALA A 653 12.42 -36.36 15.84
CA ALA A 653 11.31 -37.28 16.11
C ALA A 653 11.70 -38.68 15.67
N GLU A 654 11.45 -39.66 16.53
CA GLU A 654 11.77 -41.04 16.23
C GLU A 654 10.62 -41.68 15.47
N HIS A 655 10.88 -42.09 14.24
CA HIS A 655 9.85 -42.72 13.41
C HIS A 655 9.60 -44.15 13.87
N VAL A 656 8.31 -44.49 14.05
CA VAL A 656 7.93 -45.82 14.50
C VAL A 656 7.02 -46.45 13.45
N ASN A 657 6.97 -47.78 13.48
CA ASN A 657 6.16 -48.54 12.54
C ASN A 657 4.72 -48.73 13.01
N ASN A 658 4.42 -48.39 14.25
CA ASN A 658 3.07 -48.54 14.77
C ASN A 658 2.19 -47.36 14.32
N SER A 659 0.88 -47.62 14.29
CA SER A 659 -0.09 -46.62 13.89
C SER A 659 -0.97 -46.26 15.08
N TYR A 660 -1.07 -44.98 15.37
CA TYR A 660 -1.91 -44.46 16.46
C TYR A 660 -2.85 -43.42 15.89
N GLU A 661 -3.67 -42.84 16.76
CA GLU A 661 -4.48 -41.70 16.37
C GLU A 661 -3.60 -40.47 16.25
N CYS A 662 -4.05 -39.52 15.41
CA CYS A 662 -3.27 -38.32 15.16
C CYS A 662 -3.37 -37.39 16.35
N ASP A 663 -2.22 -37.04 16.93
CA ASP A 663 -2.16 -36.10 18.04
C ASP A 663 -1.75 -34.72 17.55
N ILE A 664 -0.58 -34.61 16.94
CA ILE A 664 -0.13 -33.38 16.31
C ILE A 664 0.02 -33.67 14.82
N PRO A 665 -0.75 -33.00 13.95
CA PRO A 665 -0.66 -33.31 12.52
C PRO A 665 0.61 -32.75 11.90
N ILE A 666 1.33 -33.61 11.18
CA ILE A 666 2.47 -33.18 10.38
C ILE A 666 2.07 -32.99 8.93
N GLY A 667 1.34 -33.96 8.39
CA GLY A 667 0.89 -33.87 7.01
C GLY A 667 1.30 -35.09 6.21
N ALA A 668 0.62 -35.32 5.09
CA ALA A 668 0.82 -36.46 4.20
C ALA A 668 0.73 -37.79 4.95
N GLY A 669 -0.20 -37.85 5.89
CA GLY A 669 -0.38 -39.02 6.70
C GLY A 669 0.55 -39.15 7.88
N ILE A 670 1.44 -38.22 8.08
CA ILE A 670 2.37 -38.27 9.20
C ILE A 670 1.79 -37.45 10.33
N CYS A 671 1.85 -38.01 11.55
CA CYS A 671 1.45 -37.32 12.76
C CYS A 671 2.51 -37.54 13.82
N ALA A 672 2.55 -36.64 14.79
CA ALA A 672 3.51 -36.69 15.88
C ALA A 672 2.77 -36.77 17.22
N SER A 673 3.43 -37.41 18.19
CA SER A 673 2.87 -37.55 19.52
C SER A 673 4.01 -37.62 20.53
N TYR A 674 3.65 -37.42 21.80
CA TYR A 674 4.60 -37.46 22.90
C TYR A 674 4.33 -38.66 23.77
N GLN A 675 5.36 -39.47 24.01
CA GLN A 675 5.23 -40.66 24.84
C GLN A 675 6.56 -41.00 25.51
N SER A 691 9.55 -39.04 24.86
CA SER A 691 10.12 -38.51 23.63
C SER A 691 9.04 -38.25 22.59
N ILE A 692 9.42 -37.59 21.51
CA ILE A 692 8.52 -37.25 20.42
C ILE A 692 8.64 -38.30 19.35
N ILE A 693 7.53 -38.94 18.99
CA ILE A 693 7.51 -39.97 17.96
C ILE A 693 6.67 -39.47 16.78
N ALA A 694 7.00 -39.99 15.60
CA ALA A 694 6.29 -39.69 14.37
C ALA A 694 5.85 -40.99 13.74
N TYR A 695 4.65 -40.99 13.16
CA TYR A 695 4.07 -42.24 12.69
C TYR A 695 3.06 -41.95 11.60
N THR A 696 2.72 -42.99 10.85
CA THR A 696 1.57 -42.93 9.97
C THR A 696 0.32 -43.15 10.82
N MET A 697 -0.67 -42.28 10.65
CA MET A 697 -1.85 -42.36 11.50
C MET A 697 -2.73 -43.55 11.13
N SER A 698 -3.48 -44.03 12.13
CA SER A 698 -4.42 -45.11 11.93
C SER A 698 -5.79 -44.52 11.62
N LEU A 699 -6.35 -44.87 10.48
CA LEU A 699 -7.68 -44.41 10.12
C LEU A 699 -8.74 -44.97 11.07
N GLY A 700 -8.66 -46.26 11.35
CA GLY A 700 -9.59 -46.88 12.27
C GLY A 700 -9.20 -48.32 12.52
N ALA A 701 -9.87 -48.92 13.50
CA ALA A 701 -9.67 -50.33 13.76
C ALA A 701 -10.25 -51.15 12.63
N GLU A 702 -9.60 -52.27 12.33
CA GLU A 702 -10.10 -53.14 11.28
C GLU A 702 -11.32 -53.91 11.76
N ASN A 703 -12.19 -54.28 10.82
CA ASN A 703 -13.42 -55.00 11.12
C ASN A 703 -13.94 -55.60 9.84
N SER A 704 -13.99 -56.93 9.78
CA SER A 704 -14.53 -57.64 8.62
C SER A 704 -15.97 -58.05 8.93
N VAL A 705 -16.92 -57.50 8.18
CA VAL A 705 -18.32 -57.85 8.38
C VAL A 705 -18.57 -59.23 7.81
N ALA A 706 -19.15 -60.11 8.62
CA ALA A 706 -19.42 -61.50 8.24
C ALA A 706 -20.63 -61.57 7.32
N TYR A 707 -20.41 -61.16 6.07
CA TYR A 707 -21.50 -61.18 5.09
C TYR A 707 -21.68 -62.58 4.53
N SER A 708 -22.94 -62.98 4.41
CA SER A 708 -23.33 -64.11 3.59
C SER A 708 -24.76 -63.86 3.12
N ASN A 709 -25.19 -64.65 2.14
CA ASN A 709 -26.43 -64.32 1.43
C ASN A 709 -27.69 -64.76 2.18
N ASN A 710 -27.57 -65.42 3.32
CA ASN A 710 -28.75 -65.88 4.04
C ASN A 710 -28.63 -65.72 5.55
N SER A 711 -27.72 -64.87 6.02
CA SER A 711 -27.54 -64.64 7.46
C SER A 711 -27.77 -63.18 7.78
N ILE A 712 -28.39 -62.93 8.93
CA ILE A 712 -28.69 -61.59 9.39
C ILE A 712 -28.22 -61.51 10.83
N ALA A 713 -27.94 -60.28 11.28
CA ALA A 713 -27.60 -60.01 12.67
C ALA A 713 -28.69 -59.15 13.27
N ILE A 714 -29.29 -59.62 14.35
CA ILE A 714 -30.41 -58.95 15.00
C ILE A 714 -29.96 -58.54 16.39
N PRO A 715 -30.17 -57.29 16.81
CA PRO A 715 -29.79 -56.90 18.16
C PRO A 715 -30.72 -57.51 19.20
N THR A 716 -30.14 -57.93 20.31
CA THR A 716 -30.90 -58.45 21.43
C THR A 716 -30.97 -57.50 22.61
N ASN A 717 -30.30 -56.35 22.53
CA ASN A 717 -30.26 -55.41 23.65
C ASN A 717 -29.99 -54.02 23.10
N PHE A 718 -29.96 -53.04 23.99
CA PHE A 718 -29.79 -51.66 23.56
C PHE A 718 -29.08 -50.87 24.64
N THR A 719 -28.52 -49.74 24.22
CA THR A 719 -27.87 -48.79 25.10
C THR A 719 -28.51 -47.43 24.87
N ILE A 720 -28.96 -46.79 25.94
CA ILE A 720 -29.43 -45.41 25.88
C ILE A 720 -28.22 -44.51 26.02
N SER A 721 -27.80 -43.89 24.93
CA SER A 721 -26.56 -43.13 24.89
C SER A 721 -26.86 -41.66 24.77
N VAL A 722 -26.29 -40.86 25.67
CA VAL A 722 -26.43 -39.42 25.65
C VAL A 722 -25.09 -38.83 25.25
N THR A 723 -25.09 -38.00 24.20
CA THR A 723 -23.89 -37.38 23.68
C THR A 723 -24.04 -35.86 23.69
N THR A 724 -22.91 -35.16 23.79
CA THR A 724 -22.89 -33.71 23.81
C THR A 724 -22.58 -33.15 22.43
N GLU A 725 -23.23 -32.04 22.08
CA GLU A 725 -22.90 -31.30 20.87
C GLU A 725 -22.86 -29.82 21.20
N ILE A 726 -21.70 -29.20 21.06
CA ILE A 726 -21.50 -27.80 21.40
C ILE A 726 -21.50 -26.98 20.13
N LEU A 727 -22.36 -25.96 20.06
CA LEU A 727 -22.48 -25.11 18.88
C LEU A 727 -22.41 -23.64 19.30
N PRO A 728 -21.47 -22.86 18.76
CA PRO A 728 -21.47 -21.42 19.04
C PRO A 728 -22.65 -20.74 18.39
N VAL A 729 -23.14 -19.69 19.05
CA VAL A 729 -24.33 -18.96 18.63
C VAL A 729 -24.01 -17.52 18.28
N SER A 730 -23.31 -16.82 19.17
CA SER A 730 -23.01 -15.40 19.00
C SER A 730 -21.57 -15.14 19.38
N MET A 731 -21.10 -13.93 19.06
CA MET A 731 -19.80 -13.45 19.50
C MET A 731 -19.96 -12.31 20.48
N THR A 732 -18.84 -11.82 20.97
CA THR A 732 -18.82 -10.58 21.72
C THR A 732 -19.11 -9.41 20.79
N LYS A 733 -20.11 -8.60 21.15
CA LYS A 733 -20.49 -7.44 20.35
C LYS A 733 -19.48 -6.33 20.63
N THR A 734 -18.57 -6.10 19.70
CA THR A 734 -17.55 -5.06 19.84
C THR A 734 -17.88 -3.88 18.93
N SER A 735 -17.74 -2.68 19.47
CA SER A 735 -17.91 -1.46 18.69
C SER A 735 -16.66 -0.61 18.84
N VAL A 736 -16.19 -0.04 17.73
CA VAL A 736 -14.99 0.79 17.73
C VAL A 736 -15.36 2.17 17.23
N ASP A 737 -15.12 3.18 18.07
CA ASP A 737 -15.22 4.57 17.62
C ASP A 737 -14.05 4.84 16.70
N CYS A 738 -14.34 4.95 15.40
CA CYS A 738 -13.30 5.08 14.37
C CYS A 738 -12.51 6.37 14.50
N THR A 739 -13.19 7.48 14.76
CA THR A 739 -12.52 8.77 14.95
C THR A 739 -11.65 8.76 16.20
N MET A 740 -12.13 8.18 17.29
CA MET A 740 -11.35 8.12 18.52
C MET A 740 -10.21 7.13 18.41
N TYR A 741 -10.41 6.02 17.69
CA TYR A 741 -9.33 5.05 17.50
C TYR A 741 -8.19 5.62 16.66
N ILE A 742 -8.53 6.30 15.56
CA ILE A 742 -7.50 6.85 14.68
C ILE A 742 -6.84 8.06 15.33
N CYS A 743 -7.62 8.93 15.96
CA CYS A 743 -7.13 10.25 16.32
C CYS A 743 -7.21 10.61 17.80
N GLY A 744 -8.09 10.00 18.57
CA GLY A 744 -8.22 10.39 19.96
C GLY A 744 -8.90 11.74 20.07
N ASP A 745 -8.24 12.66 20.78
CA ASP A 745 -8.78 14.00 21.02
C ASP A 745 -8.15 15.07 20.14
N SER A 746 -7.35 14.67 19.15
CA SER A 746 -6.66 15.65 18.30
C SER A 746 -7.61 16.19 17.26
N THR A 747 -7.80 17.52 17.25
CA THR A 747 -8.69 18.15 16.28
C THR A 747 -8.07 18.21 14.88
N GLU A 748 -6.75 18.40 14.80
CA GLU A 748 -6.07 18.45 13.51
C GLU A 748 -6.12 17.09 12.83
N CYS A 749 -5.99 16.02 13.61
CA CYS A 749 -6.10 14.67 13.07
C CYS A 749 -7.49 14.40 12.52
N SER A 750 -8.53 14.87 13.21
CA SER A 750 -9.89 14.67 12.70
C SER A 750 -10.16 15.53 11.47
N ASN A 751 -9.57 16.73 11.41
CA ASN A 751 -9.68 17.56 10.21
C ASN A 751 -9.01 16.90 9.01
N LEU A 752 -7.87 16.26 9.23
CA LEU A 752 -7.24 15.51 8.15
C LEU A 752 -7.99 14.21 7.85
N LEU A 753 -8.66 13.64 8.84
CA LEU A 753 -9.40 12.40 8.65
C LEU A 753 -10.68 12.64 7.86
N LEU A 754 -11.24 13.85 7.95
CA LEU A 754 -12.41 14.19 7.13
C LEU A 754 -12.10 14.26 5.65
N GLN A 755 -10.83 14.32 5.25
CA GLN A 755 -10.47 14.32 3.84
C GLN A 755 -10.69 12.95 3.20
N TYR A 756 -10.72 11.89 4.00
CA TYR A 756 -10.91 10.54 3.51
C TYR A 756 -12.38 10.15 3.37
N GLY A 757 -13.30 10.99 3.83
CA GLY A 757 -14.70 10.74 3.55
C GLY A 757 -15.38 9.92 4.62
N SER A 758 -16.22 8.98 4.19
CA SER A 758 -17.11 8.24 5.07
C SER A 758 -16.58 6.83 5.33
N PHE A 759 -15.26 6.68 5.48
CA PHE A 759 -14.71 5.39 5.87
C PHE A 759 -15.14 5.01 7.29
N CYS A 760 -15.11 5.98 8.22
CA CYS A 760 -15.47 5.72 9.60
C CYS A 760 -16.95 5.34 9.73
N THR A 761 -17.80 5.99 8.93
CA THR A 761 -19.21 5.64 8.90
C THR A 761 -19.42 4.22 8.38
N GLN A 762 -18.65 3.81 7.37
CA GLN A 762 -18.72 2.45 6.85
C GLN A 762 -18.30 1.43 7.91
N LEU A 763 -17.21 1.70 8.63
CA LEU A 763 -16.73 0.75 9.64
C LEU A 763 -17.70 0.65 10.81
N ASN A 764 -18.26 1.80 11.24
CA ASN A 764 -19.24 1.77 12.32
C ASN A 764 -20.52 1.09 11.90
N ARG A 765 -20.93 1.26 10.64
CA ARG A 765 -22.13 0.59 10.13
C ARG A 765 -21.93 -0.91 10.04
N ALA A 766 -20.75 -1.36 9.62
CA ALA A 766 -20.46 -2.79 9.55
C ALA A 766 -20.43 -3.41 10.95
N LEU A 767 -19.82 -2.72 11.93
CA LEU A 767 -19.79 -3.24 13.28
C LEU A 767 -21.18 -3.24 13.91
N THR A 768 -22.01 -2.25 13.60
CA THR A 768 -23.39 -2.23 14.08
C THR A 768 -24.21 -3.36 13.47
N GLY A 769 -23.99 -3.66 12.20
CA GLY A 769 -24.66 -4.80 11.57
C GLY A 769 -24.26 -6.13 12.19
N ILE A 770 -22.97 -6.28 12.53
CA ILE A 770 -22.52 -7.48 13.24
C ILE A 770 -23.16 -7.57 14.62
N ALA A 771 -23.22 -6.43 15.33
CA ALA A 771 -23.76 -6.40 16.68
C ALA A 771 -25.25 -6.74 16.72
N VAL A 772 -26.03 -6.26 15.76
CA VAL A 772 -27.43 -6.65 15.72
C VAL A 772 -27.62 -8.05 15.16
N GLU A 773 -26.67 -8.55 14.35
CA GLU A 773 -26.78 -9.91 13.85
C GLU A 773 -26.55 -10.94 14.94
N GLN A 774 -25.70 -10.62 15.93
CA GLN A 774 -25.52 -11.53 17.07
C GLN A 774 -26.81 -11.69 17.88
N ASP A 775 -27.50 -10.58 18.13
CA ASP A 775 -28.77 -10.64 18.84
C ASP A 775 -29.84 -11.35 18.03
N LYS A 776 -29.84 -11.16 16.70
CA LYS A 776 -30.75 -11.90 15.84
C LYS A 776 -30.48 -13.39 15.88
N ASN A 777 -29.20 -13.78 15.95
CA ASN A 777 -28.83 -15.18 16.07
C ASN A 777 -29.32 -15.78 17.37
N THR A 778 -29.19 -15.04 18.47
CA THR A 778 -29.66 -15.55 19.76
C THR A 778 -31.18 -15.67 19.81
N GLN A 779 -31.89 -14.71 19.18
CA GLN A 779 -33.34 -14.82 19.04
C GLN A 779 -33.73 -16.04 18.21
N GLU A 780 -33.01 -16.30 17.12
CA GLU A 780 -33.36 -17.41 16.25
C GLU A 780 -33.08 -18.75 16.91
N VAL A 781 -32.03 -18.84 17.74
CA VAL A 781 -31.72 -20.10 18.38
C VAL A 781 -32.65 -20.36 19.56
N PHE A 782 -32.73 -19.42 20.51
CA PHE A 782 -33.36 -19.75 21.78
C PHE A 782 -34.82 -19.36 21.89
N ALA A 783 -35.26 -18.32 21.19
CA ALA A 783 -36.64 -17.84 21.33
C ALA A 783 -37.51 -18.41 20.23
N GLN A 784 -37.70 -19.74 20.30
CA GLN A 784 -38.57 -20.44 19.37
C GLN A 784 -39.92 -20.79 19.99
N VAL A 785 -40.14 -20.43 21.25
CA VAL A 785 -41.41 -20.66 21.93
C VAL A 785 -41.88 -19.35 22.53
N LYS A 786 -43.17 -19.06 22.38
CA LYS A 786 -43.79 -17.89 22.99
C LYS A 786 -44.48 -18.19 24.30
N GLN A 787 -44.41 -19.42 24.78
CA GLN A 787 -44.97 -19.81 26.07
C GLN A 787 -43.84 -20.27 26.98
N ILE A 788 -43.81 -19.76 28.20
CA ILE A 788 -42.80 -20.13 29.18
C ILE A 788 -43.37 -21.29 29.99
N TYR A 789 -43.02 -22.51 29.60
CA TYR A 789 -43.50 -23.70 30.26
C TYR A 789 -42.71 -23.98 31.54
N LYS A 790 -43.40 -24.56 32.52
CA LYS A 790 -42.79 -24.92 33.80
C LYS A 790 -43.06 -26.38 34.11
N THR A 791 -42.09 -27.04 34.74
CA THR A 791 -42.28 -28.41 35.18
C THR A 791 -43.21 -28.46 36.39
N PRO A 792 -43.92 -29.58 36.59
CA PRO A 792 -44.70 -29.73 37.81
C PRO A 792 -43.80 -29.86 39.02
N PRO A 793 -44.28 -29.47 40.21
CA PRO A 793 -43.45 -29.61 41.43
C PRO A 793 -43.09 -31.03 41.79
N ILE A 794 -43.93 -32.00 41.45
CA ILE A 794 -43.63 -33.42 41.70
C ILE A 794 -42.95 -34.00 40.48
N LYS A 795 -41.73 -34.52 40.67
CA LYS A 795 -40.92 -35.04 39.57
C LYS A 795 -41.12 -36.55 39.42
N ASP A 796 -42.36 -36.94 39.13
CA ASP A 796 -42.71 -38.34 38.94
C ASP A 796 -42.80 -38.59 37.43
N PHE A 797 -41.67 -39.00 36.84
CA PHE A 797 -41.58 -39.27 35.41
C PHE A 797 -41.37 -40.75 35.11
N GLY A 798 -41.81 -41.62 36.00
CA GLY A 798 -41.63 -43.05 35.80
C GLY A 798 -40.20 -43.54 35.88
N GLY A 799 -39.42 -42.99 36.81
CA GLY A 799 -38.05 -43.38 37.03
C GLY A 799 -37.02 -42.52 36.33
N PHE A 800 -37.45 -41.65 35.42
CA PHE A 800 -36.54 -40.79 34.69
C PHE A 800 -36.14 -39.61 35.55
N ASN A 801 -34.83 -39.38 35.67
CA ASN A 801 -34.28 -38.32 36.49
C ASN A 801 -33.78 -37.20 35.58
N PHE A 802 -34.29 -35.98 35.79
CA PHE A 802 -33.87 -34.82 35.03
C PHE A 802 -33.26 -33.73 35.90
N SER A 803 -32.77 -34.08 37.09
CA SER A 803 -32.30 -33.08 38.03
C SER A 803 -31.02 -32.41 37.55
N GLN A 804 -30.23 -33.10 36.74
CA GLN A 804 -29.00 -32.53 36.23
C GLN A 804 -29.24 -31.58 35.06
N ILE A 805 -30.44 -31.59 34.48
CA ILE A 805 -30.75 -30.68 33.37
C ILE A 805 -31.85 -29.70 33.72
N LEU A 806 -32.67 -29.96 34.72
CA LEU A 806 -33.63 -28.98 35.18
C LEU A 806 -32.95 -27.94 36.05
N PRO A 807 -33.50 -26.71 36.13
CA PRO A 807 -32.87 -25.67 36.95
C PRO A 807 -32.85 -26.00 38.44
N ASP A 808 -31.78 -25.59 39.08
CA ASP A 808 -31.61 -25.82 40.51
C ASP A 808 -32.26 -24.67 41.27
N PRO A 809 -33.24 -24.93 42.14
CA PRO A 809 -33.84 -23.83 42.91
C PRO A 809 -32.89 -23.20 43.91
N SER A 810 -31.88 -23.93 44.37
CA SER A 810 -30.96 -23.38 45.36
C SER A 810 -29.98 -22.37 44.75
N LYS A 811 -29.79 -22.40 43.44
CA LYS A 811 -28.87 -21.44 42.82
C LYS A 811 -29.60 -20.16 42.46
N PRO A 812 -28.99 -19.00 42.74
CA PRO A 812 -29.64 -17.72 42.37
C PRO A 812 -29.70 -17.48 40.87
N SER A 813 -28.85 -18.12 40.08
CA SER A 813 -28.85 -17.93 38.64
C SER A 813 -29.92 -18.76 37.95
N LYS A 814 -30.61 -19.64 38.68
CA LYS A 814 -31.66 -20.53 38.18
C LYS A 814 -31.17 -21.41 37.04
N ARG A 815 -29.92 -21.84 37.11
CA ARG A 815 -29.34 -22.70 36.09
C ARG A 815 -29.37 -24.16 36.53
N SER A 816 -29.28 -25.05 35.55
CA SER A 816 -29.08 -26.46 35.81
C SER A 816 -27.65 -26.69 36.31
N PRO A 817 -27.40 -27.82 36.99
CA PRO A 817 -26.01 -28.16 37.34
C PRO A 817 -25.09 -28.31 36.15
N ILE A 818 -25.61 -28.86 35.05
CA ILE A 818 -24.85 -28.95 33.81
C ILE A 818 -24.56 -27.57 33.24
N GLU A 819 -25.57 -26.69 33.23
CA GLU A 819 -25.37 -25.33 32.73
C GLU A 819 -24.44 -24.53 33.64
N ASP A 820 -24.51 -24.76 34.95
CA ASP A 820 -23.59 -24.10 35.87
C ASP A 820 -22.16 -24.55 35.63
N LEU A 821 -21.96 -25.84 35.36
CA LEU A 821 -20.62 -26.33 35.05
C LEU A 821 -20.13 -25.80 33.72
N LEU A 822 -21.03 -25.67 32.74
CA LEU A 822 -20.67 -25.07 31.45
C LEU A 822 -20.25 -23.62 31.59
N PHE A 823 -20.97 -22.86 32.43
CA PHE A 823 -20.60 -21.46 32.65
C PHE A 823 -19.33 -21.33 33.47
N ASN A 824 -19.03 -22.32 34.33
CA ASN A 824 -17.74 -22.29 35.02
C ASN A 824 -16.58 -22.69 34.11
N LYS A 825 -16.82 -23.53 33.11
CA LYS A 825 -15.72 -24.01 32.28
C LYS A 825 -15.33 -23.06 31.15
N VAL A 826 -16.07 -21.99 30.91
CA VAL A 826 -15.76 -21.05 29.84
C VAL A 826 -15.24 -19.76 30.48
N THR A 827 -14.00 -19.41 30.16
CA THR A 827 -13.39 -18.21 30.71
C THR A 827 -13.03 -17.21 29.61
N ASN A 856 -9.31 2.97 24.21
CA ASN A 856 -8.87 3.63 22.99
C ASN A 856 -9.96 3.54 21.94
N GLY A 857 -11.21 3.77 22.36
CA GLY A 857 -12.34 3.76 21.47
C GLY A 857 -13.02 2.41 21.32
N LEU A 858 -12.56 1.40 22.04
CA LEU A 858 -13.18 0.07 21.98
C LEU A 858 -14.23 -0.03 23.07
N THR A 859 -15.40 -0.55 22.73
CA THR A 859 -16.48 -0.81 23.66
C THR A 859 -17.04 -2.20 23.43
N VAL A 860 -17.53 -2.81 24.50
CA VAL A 860 -18.20 -4.10 24.44
C VAL A 860 -19.65 -3.87 24.78
N LEU A 861 -20.52 -4.05 23.81
CA LEU A 861 -21.95 -3.93 24.01
C LEU A 861 -22.50 -5.19 24.68
N PRO A 862 -23.30 -5.05 25.73
CA PRO A 862 -23.89 -6.24 26.36
C PRO A 862 -24.92 -6.87 25.44
N PRO A 863 -25.09 -8.20 25.52
CA PRO A 863 -26.13 -8.85 24.71
C PRO A 863 -27.52 -8.48 25.19
N LEU A 864 -28.47 -8.52 24.25
CA LEU A 864 -29.86 -8.18 24.57
C LEU A 864 -30.48 -9.19 25.52
N LEU A 865 -30.21 -10.47 25.32
CA LEU A 865 -30.66 -11.52 26.24
C LEU A 865 -29.54 -11.82 27.23
N THR A 866 -29.81 -11.60 28.51
CA THR A 866 -28.88 -11.99 29.55
C THR A 866 -28.89 -13.50 29.76
N ASP A 867 -27.93 -13.97 30.56
CA ASP A 867 -27.73 -15.41 30.72
C ASP A 867 -28.88 -16.06 31.49
N GLU A 868 -29.50 -15.35 32.43
CA GLU A 868 -30.63 -15.94 33.14
C GLU A 868 -31.87 -16.01 32.26
N MET A 869 -32.06 -15.08 31.33
CA MET A 869 -33.21 -15.19 30.43
C MET A 869 -32.99 -16.27 29.37
N ILE A 870 -31.75 -16.47 28.92
CA ILE A 870 -31.44 -17.59 28.03
C ILE A 870 -31.63 -18.91 28.77
N ALA A 871 -31.24 -18.96 30.05
CA ALA A 871 -31.48 -20.13 30.87
C ALA A 871 -32.98 -20.36 31.09
N GLN A 872 -33.75 -19.29 31.19
CA GLN A 872 -35.20 -19.42 31.31
C GLN A 872 -35.81 -19.96 30.02
N TYR A 873 -35.28 -19.54 28.87
CA TYR A 873 -35.72 -20.10 27.59
C TYR A 873 -35.41 -21.58 27.48
N THR A 874 -34.21 -21.99 27.89
CA THR A 874 -33.86 -23.41 27.85
C THR A 874 -34.68 -24.21 28.85
N SER A 875 -35.00 -23.62 30.00
CA SER A 875 -35.85 -24.28 30.98
C SER A 875 -37.27 -24.45 30.45
N ALA A 876 -37.78 -23.45 29.74
CA ALA A 876 -39.10 -23.57 29.11
C ALA A 876 -39.11 -24.65 28.04
N LEU A 877 -38.03 -24.75 27.25
CA LEU A 877 -37.94 -25.80 26.25
C LEU A 877 -37.84 -27.18 26.88
N LEU A 878 -37.09 -27.29 27.99
CA LEU A 878 -37.00 -28.56 28.71
C LEU A 878 -38.34 -28.97 29.31
N ALA A 879 -39.06 -28.02 29.91
CA ALA A 879 -40.36 -28.31 30.48
C ALA A 879 -41.37 -28.70 29.41
N GLY A 880 -41.31 -28.05 28.24
CA GLY A 880 -42.18 -28.41 27.14
C GLY A 880 -41.89 -29.80 26.60
N THR A 881 -40.61 -30.13 26.40
CA THR A 881 -40.28 -31.43 25.84
C THR A 881 -40.42 -32.56 26.85
N ILE A 882 -40.42 -32.25 28.14
CA ILE A 882 -40.63 -33.29 29.14
C ILE A 882 -42.12 -33.54 29.36
N THR A 883 -42.89 -32.47 29.56
CA THR A 883 -44.29 -32.64 29.91
C THR A 883 -45.20 -32.86 28.71
N SER A 884 -44.78 -32.46 27.50
CA SER A 884 -45.66 -32.48 26.35
C SER A 884 -45.09 -33.17 25.12
N GLY A 885 -43.82 -33.59 25.15
CA GLY A 885 -43.24 -34.24 23.99
C GLY A 885 -42.94 -33.23 22.90
N TRP A 886 -43.31 -33.57 21.67
CA TRP A 886 -43.14 -32.68 20.53
C TRP A 886 -44.40 -31.89 20.22
N THR A 887 -45.42 -31.98 21.06
CA THR A 887 -46.69 -31.34 20.75
C THR A 887 -46.63 -29.84 20.93
N PHE A 888 -45.81 -29.34 21.86
CA PHE A 888 -45.70 -27.91 22.08
C PHE A 888 -44.97 -27.20 20.95
N GLY A 889 -44.13 -27.91 20.20
CA GLY A 889 -43.48 -27.34 19.05
C GLY A 889 -44.32 -27.23 17.81
N ALA A 890 -45.48 -27.89 17.79
CA ALA A 890 -46.38 -27.85 16.64
C ALA A 890 -47.71 -27.20 16.92
N GLY A 891 -47.94 -26.73 18.15
CA GLY A 891 -49.19 -26.10 18.50
C GLY A 891 -49.34 -25.94 20.00
N PRO A 892 -50.54 -26.18 20.51
CA PRO A 892 -50.73 -26.17 21.97
C PRO A 892 -50.02 -27.35 22.62
N ALA A 893 -49.54 -27.12 23.83
CA ALA A 893 -48.85 -28.16 24.58
C ALA A 893 -49.86 -29.15 25.12
N LEU A 894 -49.78 -30.40 24.63
CA LEU A 894 -50.67 -31.46 25.05
C LEU A 894 -49.91 -32.34 26.02
N GLN A 895 -50.41 -32.45 27.25
CA GLN A 895 -49.71 -33.24 28.25
C GLN A 895 -49.81 -34.72 27.94
N ILE A 896 -48.78 -35.46 28.34
CA ILE A 896 -48.66 -36.89 28.08
C ILE A 896 -47.69 -37.42 29.13
N PRO A 897 -47.92 -38.61 29.68
CA PRO A 897 -46.92 -39.23 30.56
C PRO A 897 -45.62 -39.48 29.84
N PHE A 898 -44.51 -39.26 30.55
CA PHE A 898 -43.19 -39.42 29.95
C PHE A 898 -42.87 -40.84 29.47
N PRO A 899 -43.24 -41.94 30.17
CA PRO A 899 -43.01 -43.26 29.56
C PRO A 899 -43.77 -43.44 28.25
N MET A 900 -45.01 -42.93 28.17
CA MET A 900 -45.78 -43.02 26.94
C MET A 900 -45.11 -42.21 25.83
N GLN A 901 -44.58 -41.03 26.16
CA GLN A 901 -43.85 -40.21 25.20
C GLN A 901 -42.61 -40.95 24.71
N MET A 902 -41.89 -41.60 25.63
CA MET A 902 -40.71 -42.38 25.27
C MET A 902 -41.10 -43.54 24.35
N ALA A 903 -42.25 -44.17 24.61
CA ALA A 903 -42.75 -45.24 23.75
C ALA A 903 -43.05 -44.72 22.35
N TYR A 904 -43.60 -43.51 22.26
CA TYR A 904 -43.85 -42.88 20.96
C TYR A 904 -42.54 -42.66 20.22
N ARG A 905 -41.51 -42.21 20.95
CA ARG A 905 -40.19 -42.03 20.35
C ARG A 905 -39.59 -43.37 19.92
N PHE A 906 -39.84 -44.42 20.69
CA PHE A 906 -39.41 -45.76 20.34
C PHE A 906 -40.06 -46.21 19.04
N ASN A 907 -41.32 -45.82 18.83
CA ASN A 907 -42.03 -46.23 17.63
C ASN A 907 -41.57 -45.41 16.44
N GLY A 908 -41.12 -44.17 16.71
CA GLY A 908 -40.51 -43.36 15.66
C GLY A 908 -39.27 -43.98 15.05
N ILE A 909 -38.47 -44.68 15.85
CA ILE A 909 -37.28 -45.35 15.34
C ILE A 909 -37.57 -46.80 14.99
N GLY A 910 -38.85 -47.18 14.96
CA GLY A 910 -39.20 -48.50 14.52
C GLY A 910 -39.09 -49.63 15.52
N VAL A 911 -39.15 -49.34 16.82
CA VAL A 911 -39.18 -50.37 17.84
C VAL A 911 -40.52 -50.32 18.54
N THR A 912 -41.12 -51.48 18.77
CA THR A 912 -42.46 -51.59 19.33
C THR A 912 -42.54 -51.05 20.75
N GLN A 913 -43.74 -50.59 21.14
CA GLN A 913 -43.98 -50.00 22.46
C GLN A 913 -43.72 -50.98 23.60
N ASN A 914 -44.01 -52.28 23.37
CA ASN A 914 -43.89 -53.28 24.42
C ASN A 914 -42.46 -53.35 24.94
N VAL A 915 -41.48 -53.20 24.05
CA VAL A 915 -40.06 -53.27 24.43
C VAL A 915 -39.75 -52.18 25.45
N LEU A 916 -40.26 -50.97 25.20
CA LEU A 916 -40.08 -49.85 26.12
C LEU A 916 -40.76 -50.13 27.46
N TYR A 917 -42.01 -50.59 27.43
CA TYR A 917 -42.75 -50.81 28.67
C TYR A 917 -42.17 -51.93 29.52
N GLU A 918 -41.79 -53.05 28.91
CA GLU A 918 -41.24 -54.19 29.64
C GLU A 918 -39.92 -53.85 30.31
N ASN A 919 -39.07 -53.07 29.64
CA ASN A 919 -37.73 -52.74 30.12
C ASN A 919 -37.63 -51.27 30.50
N GLN A 920 -38.65 -50.75 31.19
CA GLN A 920 -38.72 -49.33 31.47
C GLN A 920 -37.77 -48.93 32.60
N LYS A 921 -37.69 -49.77 33.64
CA LYS A 921 -36.75 -49.51 34.74
C LYS A 921 -35.31 -49.54 34.25
N LEU A 922 -34.99 -50.48 33.35
CA LEU A 922 -33.64 -50.56 32.79
C LEU A 922 -33.34 -49.35 31.90
N ILE A 923 -34.34 -48.87 31.15
CA ILE A 923 -34.12 -47.73 30.27
C ILE A 923 -33.93 -46.47 31.08
N ALA A 924 -34.73 -46.30 32.15
CA ALA A 924 -34.58 -45.15 33.03
C ALA A 924 -33.24 -45.16 33.74
N ASN A 925 -32.78 -46.35 34.19
CA ASN A 925 -31.49 -46.45 34.84
C ASN A 925 -30.35 -46.15 33.89
N GLN A 926 -30.43 -46.63 32.64
CA GLN A 926 -29.42 -46.34 31.64
C GLN A 926 -29.39 -44.86 31.29
N PHE A 927 -30.56 -44.22 31.21
CA PHE A 927 -30.64 -42.79 30.91
C PHE A 927 -30.02 -41.97 32.03
N ASN A 928 -30.32 -42.32 33.29
CA ASN A 928 -29.75 -41.60 34.42
C ASN A 928 -28.24 -41.79 34.51
N SER A 929 -27.77 -43.00 34.24
CA SER A 929 -26.33 -43.28 34.23
C SER A 929 -25.63 -42.51 33.12
N ALA A 930 -26.26 -42.40 31.95
CA ALA A 930 -25.65 -41.67 30.85
C ALA A 930 -25.61 -40.18 31.13
N ILE A 931 -26.65 -39.63 31.77
CA ILE A 931 -26.66 -38.22 32.14
C ILE A 931 -25.57 -37.92 33.18
N GLY A 932 -25.40 -38.83 34.15
CA GLY A 932 -24.31 -38.68 35.10
C GLY A 932 -22.94 -38.79 34.45
N LYS A 933 -22.80 -39.68 33.45
CA LYS A 933 -21.54 -39.77 32.74
C LYS A 933 -21.27 -38.52 31.91
N ILE A 934 -22.33 -37.87 31.42
CA ILE A 934 -22.17 -36.60 30.71
C ILE A 934 -21.63 -35.53 31.64
N GLN A 935 -22.19 -35.45 32.85
CA GLN A 935 -21.71 -34.47 33.83
C GLN A 935 -20.27 -34.78 34.25
N ASP A 936 -19.94 -36.05 34.44
CA ASP A 936 -18.57 -36.44 34.80
C ASP A 936 -17.59 -36.15 33.67
N SER A 937 -18.00 -36.40 32.42
CA SER A 937 -17.13 -36.14 31.28
C SER A 937 -16.90 -34.66 31.07
N LEU A 938 -17.92 -33.84 31.30
CA LEU A 938 -17.71 -32.40 31.21
C LEU A 938 -16.85 -31.89 32.35
N SER A 939 -17.01 -32.45 33.55
CA SER A 939 -16.20 -32.03 34.69
C SER A 939 -14.77 -32.57 34.63
N SER A 940 -14.49 -33.58 33.81
CA SER A 940 -13.17 -34.17 33.76
C SER A 940 -12.39 -33.88 32.49
N THR A 941 -12.96 -33.15 31.54
CA THR A 941 -12.24 -32.85 30.30
C THR A 941 -12.04 -31.36 30.17
N PRO A 942 -10.80 -30.86 30.08
CA PRO A 942 -10.60 -29.42 29.92
C PRO A 942 -10.92 -28.90 28.53
N SER A 943 -10.76 -29.73 27.50
CA SER A 943 -10.93 -29.31 26.12
C SER A 943 -12.31 -29.68 25.57
N ALA A 944 -13.29 -29.89 26.45
CA ALA A 944 -14.63 -30.23 25.99
C ALA A 944 -15.31 -29.04 25.35
N LEU A 945 -15.10 -27.84 25.89
CA LEU A 945 -15.76 -26.61 25.46
C LEU A 945 -14.86 -25.79 24.55
N GLY A 946 -14.06 -26.45 23.71
CA GLY A 946 -13.08 -25.74 22.91
C GLY A 946 -13.66 -24.91 21.79
N LYS A 947 -14.88 -25.22 21.35
CA LYS A 947 -15.46 -24.49 20.23
C LYS A 947 -15.87 -23.07 20.65
N LEU A 948 -16.41 -22.92 21.85
CA LEU A 948 -16.75 -21.59 22.34
C LEU A 948 -15.50 -20.81 22.73
N GLN A 949 -14.54 -21.50 23.36
CA GLN A 949 -13.31 -20.86 23.78
C GLN A 949 -12.48 -20.42 22.59
N ASP A 950 -12.60 -21.11 21.46
CA ASP A 950 -11.92 -20.71 20.23
C ASP A 950 -12.47 -19.38 19.73
N VAL A 951 -13.79 -19.20 19.76
CA VAL A 951 -14.42 -17.95 19.34
C VAL A 951 -14.04 -16.81 20.27
N VAL A 952 -14.04 -17.08 21.58
CA VAL A 952 -13.66 -16.06 22.56
C VAL A 952 -12.21 -15.66 22.39
N ASN A 953 -11.32 -16.62 22.17
CA ASN A 953 -9.90 -16.34 21.99
C ASN A 953 -9.64 -15.59 20.69
N GLN A 954 -10.36 -15.94 19.62
CA GLN A 954 -10.20 -15.21 18.36
C GLN A 954 -10.66 -13.77 18.47
N ASN A 955 -11.78 -13.52 19.14
CA ASN A 955 -12.25 -12.14 19.30
C ASN A 955 -11.33 -11.33 20.19
N ALA A 956 -10.85 -11.92 21.28
CA ALA A 956 -9.92 -11.21 22.18
C ALA A 956 -8.58 -10.95 21.50
N GLN A 957 -8.13 -11.89 20.67
CA GLN A 957 -6.86 -11.70 19.96
C GLN A 957 -7.00 -10.64 18.87
N ALA A 958 -8.15 -10.58 18.20
CA ALA A 958 -8.39 -9.50 17.23
C ALA A 958 -8.42 -8.13 17.90
N LEU A 959 -9.07 -8.03 19.07
CA LEU A 959 -9.05 -6.77 19.83
C LEU A 959 -7.64 -6.41 20.28
N ASN A 960 -6.86 -7.40 20.74
CA ASN A 960 -5.51 -7.13 21.20
C ASN A 960 -4.61 -6.69 20.05
N THR A 961 -4.80 -7.27 18.86
CA THR A 961 -4.04 -6.84 17.69
C THR A 961 -4.43 -5.42 17.27
N LEU A 962 -5.72 -5.09 17.34
CA LEU A 962 -6.17 -3.75 16.99
C LEU A 962 -5.65 -2.70 17.96
N VAL A 963 -5.56 -3.05 19.25
CA VAL A 963 -4.99 -2.14 20.24
C VAL A 963 -3.47 -2.02 20.04
N LYS A 964 -2.81 -3.14 19.71
CA LYS A 964 -1.36 -3.16 19.51
C LYS A 964 -0.95 -2.35 18.28
N GLN A 965 -1.82 -2.26 17.28
CA GLN A 965 -1.51 -1.50 16.06
C GLN A 965 -1.38 -0.01 16.28
N LEU A 966 -1.87 0.52 17.41
CA LEU A 966 -1.64 1.93 17.73
C LEU A 966 -0.19 2.21 18.09
N SER A 967 0.58 1.22 18.52
CA SER A 967 1.97 1.42 18.89
C SER A 967 2.89 1.53 17.68
N SER A 968 2.39 1.27 16.47
CA SER A 968 3.21 1.35 15.27
C SER A 968 3.11 2.74 14.66
N ASN A 969 4.26 3.25 14.23
CA ASN A 969 4.33 4.58 13.62
C ASN A 969 4.04 4.59 12.13
N PHE A 970 4.10 3.43 11.46
CA PHE A 970 3.82 3.26 10.03
C PHE A 970 4.69 4.15 9.16
N GLY A 971 5.96 4.30 9.55
CA GLY A 971 6.87 5.14 8.80
C GLY A 971 6.97 6.57 9.29
N ALA A 972 6.13 7.00 10.22
CA ALA A 972 6.24 8.34 10.76
C ALA A 972 7.34 8.40 11.82
N ILE A 973 7.60 9.62 12.30
CA ILE A 973 8.67 9.82 13.28
C ILE A 973 8.28 9.26 14.64
N SER A 974 6.99 9.19 14.95
CA SER A 974 6.54 8.68 16.23
C SER A 974 5.14 8.10 16.07
N SER A 975 4.79 7.20 16.98
CA SER A 975 3.45 6.63 17.02
C SER A 975 2.49 7.43 17.89
N VAL A 976 2.98 8.44 18.60
CA VAL A 976 2.15 9.26 19.48
C VAL A 976 1.78 10.53 18.74
N LEU A 977 0.47 10.82 18.69
CA LEU A 977 0.00 12.01 17.97
C LEU A 977 0.37 13.30 18.69
N ASN A 978 0.37 13.28 20.02
CA ASN A 978 0.69 14.48 20.79
C ASN A 978 2.16 14.87 20.64
N ASP A 979 3.05 13.89 20.49
CA ASP A 979 4.47 14.19 20.26
C ASP A 979 4.68 14.88 18.92
N ILE A 980 3.98 14.43 17.88
CA ILE A 980 4.08 15.05 16.57
C ILE A 980 3.47 16.45 16.60
N LEU A 981 2.33 16.60 17.26
CA LEU A 981 1.67 17.91 17.33
C LEU A 981 2.42 18.91 18.22
N SER A 982 3.24 18.43 19.16
CA SER A 982 4.04 19.32 19.98
C SER A 982 5.45 19.53 19.45
N ARG A 983 5.89 18.72 18.50
CA ARG A 983 7.23 18.85 17.93
C ARG A 983 7.29 19.59 16.60
N LEU A 984 6.23 19.54 15.80
CA LEU A 984 6.33 19.96 14.41
C LEU A 984 5.31 21.04 14.06
N ASP A 985 5.68 21.84 13.05
CA ASP A 985 4.75 22.76 12.44
C ASP A 985 3.70 21.99 11.64
N PRO A 986 2.49 22.53 11.49
CA PRO A 986 1.39 21.83 10.78
C PRO A 986 1.69 21.43 9.34
N PRO A 987 2.53 22.14 8.53
CA PRO A 987 2.86 21.57 7.21
C PRO A 987 3.55 20.21 7.21
N GLU A 988 4.45 19.92 8.15
CA GLU A 988 5.05 18.59 8.19
C GLU A 988 4.38 17.66 9.19
N ALA A 989 3.75 18.22 10.23
CA ALA A 989 2.92 17.42 11.11
C ALA A 989 1.72 16.87 10.37
N GLU A 990 1.25 17.57 9.34
CA GLU A 990 0.18 17.06 8.48
C GLU A 990 0.63 15.78 7.76
N VAL A 991 1.88 15.75 7.29
CA VAL A 991 2.41 14.57 6.61
C VAL A 991 2.55 13.40 7.59
N GLN A 992 3.10 13.67 8.79
CA GLN A 992 3.28 12.61 9.79
C GLN A 992 1.93 12.06 10.27
N ILE A 993 0.97 12.95 10.53
CA ILE A 993 -0.36 12.56 10.93
C ILE A 993 -1.07 11.82 9.80
N ASP A 994 -0.80 12.19 8.54
CA ASP A 994 -1.37 11.47 7.40
C ASP A 994 -0.86 10.04 7.32
N ARG A 995 0.43 9.84 7.58
CA ARG A 995 0.98 8.48 7.64
C ARG A 995 0.35 7.66 8.76
N LEU A 996 0.21 8.27 9.94
CA LEU A 996 -0.44 7.58 11.06
C LEU A 996 -1.91 7.27 10.76
N ILE A 997 -2.61 8.19 10.10
CA ILE A 997 -4.02 8.02 9.78
C ILE A 997 -4.20 6.88 8.79
N THR A 998 -3.38 6.82 7.74
CA THR A 998 -3.57 5.76 6.75
C THR A 998 -3.16 4.40 7.32
N GLY A 999 -2.16 4.35 8.20
CA GLY A 999 -1.83 3.09 8.85
C GLY A 999 -2.92 2.59 9.78
N ARG A 1000 -3.46 3.50 10.61
CA ARG A 1000 -4.50 3.09 11.55
C ARG A 1000 -5.81 2.77 10.84
N LEU A 1001 -6.10 3.47 9.74
CA LEU A 1001 -7.29 3.19 8.96
C LEU A 1001 -7.19 1.84 8.25
N GLN A 1002 -5.99 1.50 7.75
CA GLN A 1002 -5.77 0.18 7.18
C GLN A 1002 -5.93 -0.92 8.22
N SER A 1003 -5.42 -0.69 9.44
CA SER A 1003 -5.57 -1.66 10.52
C SER A 1003 -7.03 -1.85 10.90
N LEU A 1004 -7.79 -0.76 10.97
CA LEU A 1004 -9.19 -0.83 11.36
C LEU A 1004 -10.04 -1.50 10.28
N GLN A 1005 -9.75 -1.21 9.01
CA GLN A 1005 -10.46 -1.88 7.91
C GLN A 1005 -10.15 -3.36 7.86
N THR A 1006 -8.91 -3.74 8.16
CA THR A 1006 -8.56 -5.16 8.24
C THR A 1006 -9.33 -5.86 9.36
N TYR A 1007 -9.39 -5.21 10.54
CA TYR A 1007 -10.11 -5.78 11.68
C TYR A 1007 -11.59 -5.95 11.37
N VAL A 1008 -12.21 -4.97 10.71
CA VAL A 1008 -13.61 -5.07 10.33
C VAL A 1008 -13.81 -6.16 9.27
N THR A 1009 -12.84 -6.37 8.39
CA THR A 1009 -12.96 -7.42 7.37
C THR A 1009 -12.98 -8.82 7.99
N GLN A 1010 -11.99 -9.14 8.85
CA GLN A 1010 -12.12 -10.46 9.50
C GLN A 1010 -13.25 -10.54 10.51
N GLN A 1011 -13.71 -9.42 11.07
CA GLN A 1011 -14.89 -9.48 11.93
C GLN A 1011 -16.13 -9.82 11.14
N LEU A 1012 -16.26 -9.30 9.91
CA LEU A 1012 -17.40 -9.66 9.07
C LEU A 1012 -17.33 -11.10 8.60
N ILE A 1013 -16.13 -11.60 8.30
CA ILE A 1013 -15.98 -13.00 7.91
C ILE A 1013 -16.32 -13.94 9.07
N ARG A 1014 -15.84 -13.62 10.27
CA ARG A 1014 -16.19 -14.42 11.45
C ARG A 1014 -17.66 -14.30 11.80
N ALA A 1015 -18.27 -13.14 11.52
CA ALA A 1015 -19.71 -12.98 11.73
C ALA A 1015 -20.52 -13.86 10.78
N ALA A 1016 -20.06 -13.99 9.53
CA ALA A 1016 -20.72 -14.91 8.61
C ALA A 1016 -20.59 -16.35 9.06
N GLU A 1017 -19.40 -16.73 9.56
CA GLU A 1017 -19.20 -18.09 10.06
C GLU A 1017 -20.07 -18.38 11.29
N ILE A 1018 -20.15 -17.42 12.22
CA ILE A 1018 -20.97 -17.58 13.41
C ILE A 1018 -22.45 -17.59 13.06
N ARG A 1019 -22.86 -16.82 12.05
CA ARG A 1019 -24.25 -16.85 11.59
C ARG A 1019 -24.61 -18.20 10.98
N ALA A 1020 -23.69 -18.80 10.22
CA ALA A 1020 -23.93 -20.14 9.70
C ALA A 1020 -24.03 -21.17 10.82
N SER A 1021 -23.16 -21.05 11.83
CA SER A 1021 -23.22 -21.96 12.98
C SER A 1021 -24.50 -21.77 13.78
N ALA A 1022 -24.99 -20.53 13.89
CA ALA A 1022 -26.21 -20.25 14.62
C ALA A 1022 -27.44 -20.72 13.86
N ASN A 1023 -27.42 -20.64 12.53
CA ASN A 1023 -28.50 -21.21 11.73
C ASN A 1023 -28.54 -22.73 11.88
N LEU A 1024 -27.35 -23.36 11.93
CA LEU A 1024 -27.29 -24.78 12.21
C LEU A 1024 -27.83 -25.11 13.60
N ALA A 1025 -27.50 -24.28 14.60
CA ALA A 1025 -27.98 -24.51 15.96
C ALA A 1025 -29.50 -24.33 16.07
N ALA A 1026 -30.05 -23.36 15.34
CA ALA A 1026 -31.50 -23.19 15.30
C ALA A 1026 -32.18 -24.37 14.62
N THR A 1027 -31.56 -24.90 13.56
CA THR A 1027 -32.10 -26.10 12.91
C THR A 1027 -32.07 -27.31 13.84
N LYS A 1028 -30.99 -27.46 14.61
CA LYS A 1028 -30.91 -28.56 15.58
C LYS A 1028 -31.90 -28.38 16.71
N MET A 1029 -32.15 -27.13 17.12
CA MET A 1029 -33.14 -26.88 18.16
C MET A 1029 -34.55 -27.18 17.66
N SER A 1030 -34.83 -26.85 16.40
CA SER A 1030 -36.16 -27.13 15.85
C SER A 1030 -36.37 -28.62 15.62
N GLU A 1031 -35.35 -29.33 15.11
CA GLU A 1031 -35.56 -30.69 14.64
C GLU A 1031 -35.19 -31.76 15.65
N CYS A 1032 -34.28 -31.50 16.58
CA CYS A 1032 -33.89 -32.51 17.56
C CYS A 1032 -34.58 -32.33 18.90
N VAL A 1033 -34.82 -31.09 19.32
CA VAL A 1033 -35.46 -30.83 20.60
C VAL A 1033 -36.97 -30.79 20.47
N LEU A 1034 -37.48 -30.06 19.47
CA LEU A 1034 -38.92 -29.90 19.29
C LEU A 1034 -39.55 -31.03 18.51
N GLY A 1035 -38.77 -32.03 18.12
CA GLY A 1035 -39.30 -33.18 17.40
C GLY A 1035 -38.29 -34.29 17.39
N GLN A 1036 -38.68 -35.42 16.80
CA GLN A 1036 -37.81 -36.56 16.62
C GLN A 1036 -37.38 -36.60 15.17
N SER A 1037 -36.07 -36.66 14.93
CA SER A 1037 -35.52 -36.51 13.59
C SER A 1037 -35.13 -37.86 13.02
N LYS A 1038 -35.53 -38.10 11.77
CA LYS A 1038 -35.10 -39.27 11.01
C LYS A 1038 -33.76 -39.08 10.34
N ARG A 1039 -33.18 -37.89 10.39
CA ARG A 1039 -31.92 -37.61 9.72
C ARG A 1039 -30.78 -38.28 10.48
N VAL A 1040 -29.96 -39.04 9.77
CA VAL A 1040 -28.90 -39.83 10.37
C VAL A 1040 -27.75 -38.91 10.76
N ASP A 1041 -27.31 -39.02 12.03
CA ASP A 1041 -26.20 -38.28 12.64
C ASP A 1041 -26.43 -36.78 12.73
N PHE A 1042 -27.66 -36.31 12.48
CA PHE A 1042 -27.97 -34.91 12.71
C PHE A 1042 -28.17 -34.61 14.19
N CYS A 1043 -28.70 -35.56 14.94
CA CYS A 1043 -28.96 -35.38 16.37
C CYS A 1043 -28.28 -36.48 17.16
N GLY A 1044 -27.00 -36.68 16.91
CA GLY A 1044 -26.19 -37.61 17.67
C GLY A 1044 -25.95 -38.91 16.91
N LYS A 1045 -25.07 -39.73 17.48
CA LYS A 1045 -24.73 -41.01 16.89
C LYS A 1045 -25.73 -42.06 17.37
N GLY A 1046 -26.34 -42.75 16.43
CA GLY A 1046 -27.35 -43.75 16.72
C GLY A 1046 -28.73 -43.30 16.28
N TYR A 1047 -29.72 -44.11 16.65
CA TYR A 1047 -31.11 -43.78 16.38
C TYR A 1047 -31.59 -42.74 17.38
N HIS A 1048 -31.94 -41.57 16.88
CA HIS A 1048 -32.23 -40.42 17.74
C HIS A 1048 -33.57 -40.61 18.45
N LEU A 1049 -33.55 -40.47 19.77
CA LEU A 1049 -34.79 -40.51 20.55
C LEU A 1049 -35.27 -39.10 20.88
N MET A 1050 -34.47 -38.32 21.59
CA MET A 1050 -34.88 -36.96 21.93
C MET A 1050 -33.62 -36.15 22.25
N SER A 1051 -33.82 -34.87 22.57
CA SER A 1051 -32.67 -34.01 22.83
C SER A 1051 -33.03 -32.97 23.88
N PHE A 1052 -32.00 -32.48 24.57
CA PHE A 1052 -32.14 -31.47 25.59
C PHE A 1052 -31.26 -30.27 25.26
N PRO A 1053 -31.80 -29.06 25.27
CA PRO A 1053 -30.94 -27.88 25.12
C PRO A 1053 -30.40 -27.38 26.45
N GLN A 1054 -29.16 -26.90 26.44
CA GLN A 1054 -28.53 -26.29 27.59
C GLN A 1054 -27.83 -25.02 27.16
N SER A 1055 -28.02 -23.94 27.91
CA SER A 1055 -27.34 -22.70 27.61
C SER A 1055 -25.86 -22.79 27.97
N ALA A 1056 -25.04 -22.11 27.18
CA ALA A 1056 -23.60 -22.05 27.39
C ALA A 1056 -23.17 -20.63 27.06
N PRO A 1057 -22.03 -20.16 27.61
CA PRO A 1057 -21.56 -18.82 27.28
C PRO A 1057 -21.26 -18.65 25.80
N HIS A 1058 -22.08 -17.82 25.16
CA HIS A 1058 -22.13 -17.61 23.71
C HIS A 1058 -22.35 -18.90 22.95
N GLY A 1059 -23.13 -19.84 23.50
CA GLY A 1059 -23.33 -21.07 22.76
C GLY A 1059 -24.44 -21.91 23.33
N VAL A 1060 -24.67 -23.06 22.68
CA VAL A 1060 -25.69 -24.01 23.09
C VAL A 1060 -25.06 -25.40 23.13
N VAL A 1061 -25.48 -26.20 24.10
CA VAL A 1061 -25.04 -27.59 24.22
C VAL A 1061 -26.26 -28.47 24.12
N PHE A 1062 -26.28 -29.36 23.13
CA PHE A 1062 -27.36 -30.31 22.95
C PHE A 1062 -26.96 -31.64 23.57
N LEU A 1063 -27.77 -32.13 24.49
CA LEU A 1063 -27.64 -33.49 25.02
C LEU A 1063 -28.56 -34.36 24.19
N HIS A 1064 -27.98 -35.10 23.25
CA HIS A 1064 -28.74 -35.97 22.37
C HIS A 1064 -28.88 -37.34 23.04
N VAL A 1065 -30.12 -37.72 23.35
CA VAL A 1065 -30.43 -39.04 23.86
C VAL A 1065 -30.82 -39.90 22.65
N THR A 1066 -30.03 -40.94 22.41
CA THR A 1066 -30.17 -41.81 21.25
C THR A 1066 -30.20 -43.26 21.69
N TYR A 1067 -30.71 -44.10 20.79
CA TYR A 1067 -30.84 -45.53 21.00
C TYR A 1067 -29.76 -46.22 20.18
N VAL A 1068 -28.91 -47.00 20.83
CA VAL A 1068 -27.85 -47.73 20.16
C VAL A 1068 -28.16 -49.22 20.26
N PRO A 1069 -28.23 -49.95 19.16
CA PRO A 1069 -28.37 -51.41 19.25
C PRO A 1069 -27.12 -52.06 19.82
N ALA A 1070 -27.32 -53.17 20.53
CA ALA A 1070 -26.20 -53.84 21.18
C ALA A 1070 -26.54 -55.32 21.35
N GLN A 1071 -25.47 -56.11 21.56
CA GLN A 1071 -25.54 -57.56 21.78
C GLN A 1071 -26.24 -58.27 20.63
N GLU A 1072 -25.75 -58.05 19.41
CA GLU A 1072 -26.35 -58.64 18.25
C GLU A 1072 -26.06 -60.13 18.19
N LYS A 1073 -26.94 -60.86 17.49
CA LYS A 1073 -26.85 -62.30 17.39
C LYS A 1073 -27.14 -62.71 15.96
N ASN A 1074 -26.39 -63.70 15.47
CA ASN A 1074 -26.60 -64.27 14.15
C ASN A 1074 -27.91 -65.05 14.10
N PHE A 1075 -28.59 -64.95 12.96
CA PHE A 1075 -29.74 -65.80 12.64
C PHE A 1075 -29.72 -66.11 11.16
N THR A 1076 -30.34 -67.23 10.79
CA THR A 1076 -30.49 -67.59 9.39
C THR A 1076 -31.79 -67.00 8.84
N THR A 1077 -31.69 -66.24 7.76
CA THR A 1077 -32.82 -65.46 7.30
C THR A 1077 -33.24 -65.89 5.90
N ALA A 1078 -34.49 -65.57 5.56
CA ALA A 1078 -35.07 -65.89 4.27
C ALA A 1078 -35.92 -64.71 3.82
N PRO A 1079 -36.03 -64.49 2.51
CA PRO A 1079 -36.91 -63.40 2.04
C PRO A 1079 -38.38 -63.70 2.17
N ALA A 1080 -38.78 -64.97 2.07
CA ALA A 1080 -40.20 -65.32 2.09
C ALA A 1080 -40.38 -66.74 2.61
N ILE A 1081 -41.61 -67.05 2.99
CA ILE A 1081 -41.99 -68.38 3.47
C ILE A 1081 -42.92 -69.00 2.46
N CYS A 1082 -42.60 -70.20 2.00
CA CYS A 1082 -43.46 -70.91 1.06
C CYS A 1082 -44.42 -71.79 1.84
N HIS A 1083 -45.72 -71.58 1.63
CA HIS A 1083 -46.72 -72.39 2.32
C HIS A 1083 -47.96 -72.45 1.44
N ASP A 1084 -48.44 -73.68 1.20
CA ASP A 1084 -49.63 -73.98 0.41
C ASP A 1084 -49.54 -73.41 -1.00
N GLY A 1085 -48.34 -73.43 -1.57
CA GLY A 1085 -48.14 -72.85 -2.88
C GLY A 1085 -48.16 -71.34 -2.93
N LYS A 1086 -48.05 -70.68 -1.79
CA LYS A 1086 -48.11 -69.23 -1.72
C LYS A 1086 -46.87 -68.69 -1.02
N ALA A 1087 -46.45 -67.50 -1.44
CA ALA A 1087 -45.31 -66.82 -0.85
C ALA A 1087 -45.78 -65.83 0.21
N HIS A 1088 -45.18 -65.91 1.40
CA HIS A 1088 -45.54 -65.07 2.53
C HIS A 1088 -44.38 -64.16 2.86
N PHE A 1089 -44.68 -62.87 3.03
CA PHE A 1089 -43.68 -61.85 3.32
C PHE A 1089 -44.07 -61.13 4.61
N PRO A 1090 -43.10 -60.70 5.42
CA PRO A 1090 -43.44 -60.07 6.69
C PRO A 1090 -44.05 -58.69 6.48
N ARG A 1091 -45.05 -58.37 7.29
CA ARG A 1091 -45.69 -57.05 7.18
C ARG A 1091 -44.76 -55.94 7.64
N GLU A 1092 -44.09 -56.14 8.77
CA GLU A 1092 -43.19 -55.13 9.31
C GLU A 1092 -41.85 -55.69 9.76
N GLY A 1093 -41.72 -57.00 9.92
CA GLY A 1093 -40.53 -57.58 10.49
C GLY A 1093 -39.66 -58.30 9.47
N VAL A 1094 -39.08 -59.42 9.89
CA VAL A 1094 -38.10 -60.15 9.11
C VAL A 1094 -38.12 -61.59 9.61
N PHE A 1095 -38.03 -62.53 8.68
CA PHE A 1095 -37.98 -63.94 9.03
C PHE A 1095 -36.58 -64.31 9.51
N VAL A 1096 -36.52 -64.94 10.69
CA VAL A 1096 -35.26 -65.38 11.26
C VAL A 1096 -35.42 -66.83 11.69
N SER A 1097 -34.29 -67.50 11.81
CA SER A 1097 -34.26 -68.88 12.26
C SER A 1097 -33.07 -69.07 13.19
N ASN A 1098 -33.33 -69.70 14.32
CA ASN A 1098 -32.31 -70.03 15.30
C ASN A 1098 -31.65 -71.38 15.03
N GLY A 1099 -32.01 -72.03 13.92
CA GLY A 1099 -31.41 -73.28 13.55
C GLY A 1099 -32.40 -74.36 13.18
N THR A 1100 -33.53 -74.41 13.87
CA THR A 1100 -34.55 -75.42 13.59
C THR A 1100 -35.92 -74.82 13.34
N HIS A 1101 -36.21 -73.68 13.97
CA HIS A 1101 -37.54 -73.10 13.91
C HIS A 1101 -37.49 -71.71 13.32
N TRP A 1102 -38.54 -71.36 12.58
CA TRP A 1102 -38.65 -70.09 11.91
C TRP A 1102 -39.59 -69.15 12.66
N PHE A 1103 -39.19 -67.88 12.77
CA PHE A 1103 -39.96 -66.87 13.46
C PHE A 1103 -39.93 -65.59 12.63
N VAL A 1104 -40.74 -64.63 13.04
CA VAL A 1104 -40.70 -63.28 12.49
C VAL A 1104 -40.45 -62.31 13.64
N THR A 1105 -39.57 -61.35 13.42
CA THR A 1105 -39.20 -60.41 14.46
C THR A 1105 -39.12 -59.00 13.89
N GLN A 1106 -39.22 -58.02 14.77
CA GLN A 1106 -38.97 -56.65 14.37
C GLN A 1106 -37.48 -56.47 14.09
N ARG A 1107 -37.17 -55.49 13.25
CA ARG A 1107 -35.84 -55.45 12.63
C ARG A 1107 -34.77 -54.93 13.58
N ASN A 1108 -35.09 -54.05 14.51
CA ASN A 1108 -34.10 -53.41 15.35
C ASN A 1108 -34.00 -54.01 16.75
N PHE A 1109 -34.73 -55.10 17.03
CA PHE A 1109 -34.72 -55.72 18.34
C PHE A 1109 -35.18 -57.16 18.19
N TYR A 1110 -34.50 -58.08 18.85
CA TYR A 1110 -34.87 -59.48 18.73
C TYR A 1110 -36.10 -59.76 19.59
N GLU A 1111 -37.22 -60.06 18.92
CA GLU A 1111 -38.46 -60.43 19.60
C GLU A 1111 -39.14 -61.46 18.71
N PRO A 1112 -38.81 -62.73 18.88
CA PRO A 1112 -39.34 -63.76 17.97
C PRO A 1112 -40.82 -64.04 18.23
N GLN A 1113 -41.57 -64.14 17.13
CA GLN A 1113 -42.99 -64.44 17.19
C GLN A 1113 -43.30 -65.51 16.15
N ILE A 1114 -44.39 -66.24 16.39
CA ILE A 1114 -44.81 -67.31 15.50
C ILE A 1114 -45.26 -66.70 14.16
N ILE A 1115 -44.78 -67.27 13.06
CA ILE A 1115 -45.16 -66.80 11.73
C ILE A 1115 -46.61 -67.18 11.49
N THR A 1116 -47.48 -66.19 11.48
CA THR A 1116 -48.92 -66.39 11.29
C THR A 1116 -49.37 -65.61 10.04
N THR A 1117 -50.68 -65.71 9.77
CA THR A 1117 -51.29 -64.91 8.72
C THR A 1117 -51.52 -63.47 9.16
N ASP A 1118 -51.43 -63.18 10.46
CA ASP A 1118 -51.65 -61.84 10.96
C ASP A 1118 -50.42 -60.95 10.85
N ASN A 1119 -49.23 -61.53 10.79
CA ASN A 1119 -48.01 -60.75 10.62
C ASN A 1119 -47.34 -60.97 9.27
N THR A 1120 -47.99 -61.69 8.36
CA THR A 1120 -47.48 -61.90 7.01
C THR A 1120 -48.56 -61.53 6.00
N PHE A 1121 -48.13 -61.29 4.78
CA PHE A 1121 -49.04 -61.05 3.66
C PHE A 1121 -48.61 -61.91 2.47
N VAL A 1122 -49.58 -62.24 1.63
CA VAL A 1122 -49.40 -63.22 0.56
C VAL A 1122 -49.30 -62.48 -0.77
N SER A 1123 -48.28 -62.78 -1.54
CA SER A 1123 -48.14 -62.21 -2.89
C SER A 1123 -47.46 -63.24 -3.78
N GLY A 1124 -48.21 -63.81 -4.72
CA GLY A 1124 -47.64 -64.71 -5.70
C GLY A 1124 -47.38 -66.10 -5.15
N ASN A 1125 -46.82 -66.95 -6.00
CA ASN A 1125 -46.47 -68.31 -5.64
C ASN A 1125 -44.99 -68.38 -5.23
N CYS A 1126 -44.49 -69.60 -5.05
CA CYS A 1126 -43.14 -69.81 -4.58
C CYS A 1126 -42.12 -69.95 -5.70
N ASP A 1127 -42.55 -69.87 -6.96
CA ASP A 1127 -41.67 -70.14 -8.07
C ASP A 1127 -40.80 -68.96 -8.47
N VAL A 1128 -41.10 -67.76 -7.97
CA VAL A 1128 -40.46 -66.54 -8.44
C VAL A 1128 -39.40 -66.05 -7.47
N VAL A 1129 -39.68 -66.08 -6.17
CA VAL A 1129 -38.79 -65.51 -5.18
C VAL A 1129 -37.56 -66.39 -5.00
N ILE A 1130 -36.39 -65.80 -5.15
CA ILE A 1130 -35.12 -66.53 -5.02
C ILE A 1130 -34.80 -66.66 -3.54
N GLY A 1131 -34.63 -67.89 -3.08
CA GLY A 1131 -34.30 -68.13 -1.68
C GLY A 1131 -35.47 -68.34 -0.76
N ILE A 1132 -36.66 -68.60 -1.31
CA ILE A 1132 -37.83 -68.88 -0.48
C ILE A 1132 -37.68 -70.26 0.17
N VAL A 1133 -38.08 -70.36 1.43
CA VAL A 1133 -37.92 -71.60 2.17
C VAL A 1133 -39.31 -72.12 2.56
N ASN A 1134 -39.35 -73.42 2.88
CA ASN A 1134 -40.60 -74.07 3.26
C ASN A 1134 -40.75 -74.05 4.78
N ASN A 1135 -41.86 -73.49 5.25
CA ASN A 1135 -42.20 -73.51 6.66
C ASN A 1135 -43.71 -73.35 6.76
N THR A 1136 -44.27 -73.86 7.85
CA THR A 1136 -45.72 -73.73 8.04
C THR A 1136 -46.06 -72.30 8.47
N VAL A 1137 -47.29 -71.90 8.17
CA VAL A 1137 -47.83 -70.61 8.59
C VAL A 1137 -49.08 -70.89 9.41
N TYR A 1138 -49.04 -70.54 10.69
CA TYR A 1138 -50.14 -70.82 11.58
C TYR A 1138 -51.32 -69.91 11.28
N ASP A 1139 -52.53 -70.45 11.46
CA ASP A 1139 -53.74 -69.66 11.31
C ASP A 1139 -54.47 -69.64 12.66
N PRO A 1140 -54.67 -68.47 13.27
CA PRO A 1140 -55.43 -68.43 14.54
C PRO A 1140 -56.89 -68.79 14.40
N LEU A 1141 -57.47 -68.64 13.21
CA LEU A 1141 -58.87 -68.96 13.01
C LEU A 1141 -59.11 -70.46 12.85
N GLN A 1142 -58.05 -71.23 12.57
CA GLN A 1142 -58.19 -72.67 12.33
C GLN A 1142 -58.71 -73.48 13.52
N PRO A 1143 -58.25 -73.30 14.78
CA PRO A 1143 -58.94 -74.00 15.89
C PRO A 1143 -60.36 -73.54 16.15
N GLU A 1144 -60.76 -72.37 15.66
CA GLU A 1144 -62.11 -71.90 15.91
C GLU A 1144 -63.15 -72.65 15.09
N LEU A 1145 -62.87 -72.91 13.81
CA LEU A 1145 -63.77 -73.77 13.06
C LEU A 1145 -63.43 -75.25 13.22
N ASP A 1146 -62.26 -75.56 13.76
CA ASP A 1146 -62.00 -76.94 14.17
C ASP A 1146 -62.91 -77.34 15.33
N SER A 1147 -63.11 -76.44 16.28
CA SER A 1147 -64.01 -76.69 17.40
C SER A 1147 -65.46 -76.40 17.00
N GLN B 14 29.10 8.10 -59.82
CA GLN B 14 28.46 7.87 -61.12
C GLN B 14 26.98 7.60 -60.97
N CYS B 15 26.15 8.31 -61.74
CA CYS B 15 24.71 8.13 -61.70
C CYS B 15 24.19 8.02 -63.14
N VAL B 16 23.15 7.22 -63.32
CA VAL B 16 22.50 7.02 -64.61
C VAL B 16 20.99 7.08 -64.41
N ASN B 17 20.32 7.96 -65.16
CA ASN B 17 18.86 7.93 -65.21
C ASN B 17 18.40 6.73 -66.02
N LEU B 18 17.44 5.97 -65.48
CA LEU B 18 16.80 4.88 -66.20
C LEU B 18 15.51 5.40 -66.82
N THR B 19 15.48 5.49 -68.15
CA THR B 19 14.40 6.16 -68.86
C THR B 19 13.58 5.22 -69.73
N THR B 20 13.73 3.90 -69.57
CA THR B 20 12.97 2.93 -70.34
C THR B 20 11.95 2.18 -69.50
N ARG B 21 11.50 2.77 -68.40
CA ARG B 21 10.51 2.15 -67.54
C ARG B 21 9.13 2.21 -68.17
N THR B 22 8.27 1.30 -67.75
CA THR B 22 6.87 1.29 -68.13
C THR B 22 6.04 1.74 -66.94
N GLN B 23 5.18 2.73 -67.14
CA GLN B 23 4.38 3.28 -66.05
C GLN B 23 3.29 2.30 -65.63
N LEU B 24 3.20 2.06 -64.32
CA LEU B 24 2.25 1.12 -63.76
C LEU B 24 2.03 1.50 -62.31
N PRO B 25 0.79 1.47 -61.81
CA PRO B 25 0.55 1.77 -60.40
C PRO B 25 1.11 0.67 -59.50
N PRO B 26 1.48 0.99 -58.27
CA PRO B 26 1.97 -0.03 -57.34
C PRO B 26 0.85 -0.98 -56.93
N ALA B 27 1.24 -2.20 -56.54
CA ALA B 27 0.25 -3.17 -56.16
C ALA B 27 0.08 -3.22 -54.64
N TYR B 28 -0.93 -3.94 -54.19
CA TYR B 28 -1.16 -4.16 -52.78
C TYR B 28 -1.62 -5.59 -52.58
N THR B 29 -1.27 -6.17 -51.43
CA THR B 29 -1.70 -7.53 -51.13
C THR B 29 -1.83 -7.70 -49.62
N ASN B 30 -2.15 -8.93 -49.22
CA ASN B 30 -2.49 -9.26 -47.86
C ASN B 30 -1.27 -9.77 -47.10
N SER B 31 -1.13 -9.34 -45.86
CA SER B 31 0.00 -9.74 -45.03
C SER B 31 -0.14 -11.16 -44.49
N PHE B 32 -1.38 -11.66 -44.37
CA PHE B 32 -1.73 -12.94 -43.74
C PHE B 32 -1.21 -12.92 -42.31
N THR B 33 -0.41 -13.88 -41.88
CA THR B 33 0.13 -13.92 -40.53
C THR B 33 1.65 -13.80 -40.56
N ARG B 34 2.14 -12.93 -41.43
CA ARG B 34 3.58 -12.71 -41.59
C ARG B 34 3.99 -11.45 -40.82
N GLY B 35 5.30 -11.26 -40.73
CA GLY B 35 5.85 -10.11 -40.06
C GLY B 35 6.12 -10.30 -38.58
N VAL B 36 5.88 -11.49 -38.05
CA VAL B 36 6.11 -11.75 -36.64
C VAL B 36 7.60 -12.04 -36.41
N TYR B 37 8.13 -11.51 -35.32
CA TYR B 37 9.52 -11.73 -34.97
C TYR B 37 9.62 -12.00 -33.48
N TYR B 38 10.78 -12.48 -33.05
CA TYR B 38 11.02 -12.74 -31.64
C TYR B 38 11.33 -11.42 -30.95
N PRO B 39 10.58 -11.02 -29.92
CA PRO B 39 10.84 -9.73 -29.28
C PRO B 39 12.13 -9.71 -28.46
N ASP B 40 12.65 -10.87 -28.08
CA ASP B 40 13.81 -10.94 -27.20
C ASP B 40 14.59 -12.22 -27.50
N LYS B 41 15.68 -12.41 -26.75
CA LYS B 41 16.56 -13.56 -26.89
C LYS B 41 16.22 -14.68 -25.91
N VAL B 42 14.97 -14.79 -25.47
CA VAL B 42 14.59 -15.69 -24.39
C VAL B 42 13.86 -16.89 -24.96
N PHE B 43 14.36 -18.08 -24.65
CA PHE B 43 13.69 -19.33 -24.96
C PHE B 43 12.42 -19.48 -24.10
N ARG B 44 11.34 -19.91 -24.72
CA ARG B 44 10.10 -20.23 -24.02
C ARG B 44 9.57 -21.55 -24.59
N SER B 45 9.08 -22.41 -23.72
CA SER B 45 8.69 -23.76 -24.11
C SER B 45 7.24 -24.02 -23.74
N SER B 46 6.41 -24.29 -24.75
CA SER B 46 5.01 -24.70 -24.62
C SER B 46 4.17 -23.73 -23.80
N VAL B 47 4.37 -22.42 -24.01
CA VAL B 47 3.74 -21.41 -23.19
C VAL B 47 3.22 -20.30 -24.10
N LEU B 48 2.24 -19.55 -23.62
CA LEU B 48 1.65 -18.44 -24.35
C LEU B 48 2.09 -17.14 -23.69
N HIS B 49 2.72 -16.25 -24.47
CA HIS B 49 3.29 -15.02 -23.96
C HIS B 49 2.63 -13.83 -24.64
N SER B 50 2.11 -12.91 -23.84
CA SER B 50 1.51 -11.69 -24.36
C SER B 50 2.51 -10.56 -24.26
N THR B 51 2.79 -9.90 -25.38
CA THR B 51 3.82 -8.88 -25.43
C THR B 51 3.36 -7.66 -26.21
N GLN B 52 3.84 -6.50 -25.76
CA GLN B 52 3.51 -5.19 -26.30
C GLN B 52 4.73 -4.60 -26.99
N ASP B 53 4.68 -4.50 -28.32
CA ASP B 53 5.84 -4.05 -29.08
C ASP B 53 5.37 -3.55 -30.44
N LEU B 54 6.32 -3.03 -31.22
CA LEU B 54 6.07 -2.63 -32.60
C LEU B 54 5.93 -3.89 -33.44
N PHE B 55 4.70 -4.24 -33.79
CA PHE B 55 4.39 -5.44 -34.55
C PHE B 55 3.66 -5.08 -35.84
N LEU B 56 3.74 -5.98 -36.80
CA LEU B 56 3.03 -5.80 -38.06
C LEU B 56 1.61 -6.33 -37.92
N PRO B 57 0.59 -5.54 -38.28
CA PRO B 57 -0.79 -6.01 -38.12
C PRO B 57 -1.12 -7.19 -39.03
N PHE B 58 -1.92 -8.10 -38.51
CA PHE B 58 -2.33 -9.27 -39.27
C PHE B 58 -3.33 -8.91 -40.36
N PHE B 59 -3.20 -9.58 -41.51
CA PHE B 59 -4.07 -9.44 -42.67
C PHE B 59 -4.10 -7.99 -43.18
N SER B 60 -2.96 -7.32 -43.10
CA SER B 60 -2.89 -5.91 -43.42
C SER B 60 -2.56 -5.69 -44.90
N ASN B 61 -2.66 -4.43 -45.32
CA ASN B 61 -2.46 -4.04 -46.71
C ASN B 61 -0.98 -3.69 -46.90
N VAL B 62 -0.21 -4.59 -47.49
CA VAL B 62 1.22 -4.37 -47.72
C VAL B 62 1.44 -4.01 -49.18
N THR B 63 2.38 -3.08 -49.41
CA THR B 63 2.65 -2.56 -50.74
C THR B 63 3.56 -3.49 -51.53
N TRP B 64 3.18 -3.79 -52.76
CA TRP B 64 3.83 -4.79 -53.60
C TRP B 64 4.49 -4.10 -54.78
N PHE B 65 5.80 -4.32 -54.94
CA PHE B 65 6.63 -3.77 -56.00
C PHE B 65 7.24 -4.92 -56.79
N HIS B 66 7.39 -4.69 -58.09
CA HIS B 66 7.83 -5.71 -59.04
C HIS B 66 9.14 -5.32 -59.71
N ALA B 67 9.86 -6.32 -60.19
CA ALA B 67 10.99 -6.14 -61.09
C ALA B 67 10.86 -7.23 -62.15
N ILE B 68 10.39 -6.84 -63.34
CA ILE B 68 10.03 -7.79 -64.39
C ILE B 68 10.18 -7.09 -65.74
N HIS B 69 10.47 -7.87 -66.77
CA HIS B 69 10.53 -7.36 -68.13
C HIS B 69 9.71 -8.25 -69.06
N LYS B 77 8.25 -3.57 -68.83
CA LYS B 77 9.50 -3.15 -68.20
C LYS B 77 9.25 -2.44 -66.89
N ARG B 78 9.37 -3.17 -65.78
CA ARG B 78 9.14 -2.62 -64.45
C ARG B 78 10.43 -2.62 -63.65
N PHE B 79 10.73 -1.49 -63.02
CA PHE B 79 11.91 -1.35 -62.16
C PHE B 79 11.52 -0.38 -61.04
N ASP B 80 11.08 -0.95 -59.92
CA ASP B 80 10.47 -0.18 -58.84
C ASP B 80 11.52 0.07 -57.76
N ASN B 81 12.16 1.24 -57.83
CA ASN B 81 13.04 1.73 -56.76
C ASN B 81 12.64 3.16 -56.38
N PRO B 82 11.53 3.34 -55.65
CA PRO B 82 11.21 4.68 -55.13
C PRO B 82 11.76 4.90 -53.74
N VAL B 83 11.53 6.09 -53.18
CA VAL B 83 11.88 6.40 -51.80
C VAL B 83 10.60 6.47 -50.99
N LEU B 84 10.54 5.70 -49.90
CA LEU B 84 9.34 5.64 -49.09
C LEU B 84 9.62 6.08 -47.66
N PRO B 85 8.65 6.68 -46.97
CA PRO B 85 8.83 7.01 -45.55
C PRO B 85 8.99 5.77 -44.68
N PHE B 86 9.93 5.85 -43.73
CA PHE B 86 10.29 4.70 -42.90
C PHE B 86 9.22 4.41 -41.85
N ASN B 87 8.60 5.45 -41.31
CA ASN B 87 7.65 5.43 -40.17
C ASN B 87 8.40 4.79 -38.98
N ASP B 88 7.76 3.94 -38.19
CA ASP B 88 8.36 3.40 -36.98
C ASP B 88 9.11 2.09 -37.23
N GLY B 89 9.06 1.56 -38.44
CA GLY B 89 9.73 0.31 -38.74
C GLY B 89 9.33 -0.23 -40.11
N VAL B 90 10.12 -1.14 -40.66
CA VAL B 90 9.87 -1.64 -42.02
C VAL B 90 9.91 -3.16 -42.01
N TYR B 91 8.85 -3.78 -42.51
CA TYR B 91 8.84 -5.20 -42.85
C TYR B 91 9.10 -5.34 -44.34
N PHE B 92 10.17 -6.04 -44.70
CA PHE B 92 10.57 -6.24 -46.09
C PHE B 92 10.42 -7.72 -46.43
N ALA B 93 9.53 -8.04 -47.35
CA ALA B 93 9.36 -9.40 -47.84
C ALA B 93 9.88 -9.50 -49.27
N SER B 94 10.59 -10.57 -49.58
CA SER B 94 11.24 -10.70 -50.88
C SER B 94 11.00 -12.09 -51.46
N THR B 95 10.23 -12.15 -52.56
CA THR B 95 10.13 -13.36 -53.37
C THR B 95 11.20 -13.23 -54.45
N GLU B 96 12.32 -13.91 -54.22
CA GLU B 96 13.59 -13.66 -54.89
C GLU B 96 14.10 -14.94 -55.55
N LYS B 97 14.54 -14.82 -56.80
CA LYS B 97 15.39 -15.80 -57.45
C LYS B 97 16.50 -15.06 -58.17
N SER B 98 17.67 -15.71 -58.25
CA SER B 98 18.90 -15.23 -58.90
C SER B 98 19.45 -13.93 -58.31
N ASN B 99 19.01 -13.55 -57.10
CA ASN B 99 19.61 -12.53 -56.24
C ASN B 99 19.65 -11.14 -56.92
N ILE B 100 18.46 -10.61 -57.16
CA ILE B 100 18.37 -9.26 -57.72
C ILE B 100 18.47 -8.21 -56.61
N ILE B 101 17.75 -8.41 -55.51
CA ILE B 101 17.76 -7.47 -54.40
C ILE B 101 19.07 -7.65 -53.63
N ARG B 102 19.82 -6.56 -53.47
CA ARG B 102 21.14 -6.64 -52.87
C ARG B 102 21.31 -5.80 -51.60
N GLY B 103 20.47 -4.81 -51.35
CA GLY B 103 20.66 -4.00 -50.17
C GLY B 103 19.63 -2.89 -50.06
N TRP B 104 19.84 -2.04 -49.07
CA TRP B 104 18.89 -0.97 -48.77
C TRP B 104 19.58 0.34 -48.44
N ILE B 105 18.79 1.40 -48.57
CA ILE B 105 19.15 2.80 -48.45
C ILE B 105 18.35 3.38 -47.30
N PHE B 106 19.02 3.89 -46.28
CA PHE B 106 18.37 4.34 -45.05
C PHE B 106 18.84 5.75 -44.75
N GLY B 107 17.93 6.65 -44.42
CA GLY B 107 18.35 7.99 -44.08
C GLY B 107 17.17 8.90 -43.83
N THR B 108 17.42 10.21 -43.86
CA THR B 108 16.36 11.20 -43.70
C THR B 108 16.20 12.07 -44.94
N THR B 109 17.28 12.70 -45.39
CA THR B 109 17.26 13.54 -46.58
C THR B 109 17.97 12.92 -47.77
N LEU B 110 18.73 11.84 -47.53
CA LEU B 110 19.42 11.05 -48.57
C LEU B 110 20.41 11.88 -49.38
N ASP B 111 21.06 12.84 -48.72
CA ASP B 111 22.10 13.65 -49.34
C ASP B 111 23.23 13.84 -48.33
N SER B 112 24.20 14.67 -48.68
CA SER B 112 25.37 14.88 -47.84
C SER B 112 25.11 15.78 -46.64
N LYS B 113 23.93 16.38 -46.55
CA LYS B 113 23.60 17.23 -45.40
C LYS B 113 23.45 16.43 -44.12
N THR B 114 22.79 15.27 -44.20
CA THR B 114 22.58 14.39 -43.07
C THR B 114 23.45 13.15 -43.20
N GLN B 115 23.30 12.22 -42.26
CA GLN B 115 24.07 10.99 -42.22
C GLN B 115 23.15 9.82 -42.54
N SER B 116 23.60 8.97 -43.46
CA SER B 116 22.79 7.89 -44.01
C SER B 116 23.46 6.55 -43.82
N LEU B 117 22.63 5.51 -43.80
CA LEU B 117 23.03 4.12 -43.63
C LEU B 117 22.89 3.37 -44.95
N LEU B 118 23.92 2.61 -45.29
CA LEU B 118 24.03 1.83 -46.50
C LEU B 118 24.15 0.37 -46.14
N ILE B 119 23.27 -0.47 -46.70
CA ILE B 119 23.39 -1.90 -46.58
C ILE B 119 23.59 -2.44 -47.99
N VAL B 120 24.72 -3.10 -48.24
CA VAL B 120 24.97 -3.68 -49.55
C VAL B 120 25.45 -5.12 -49.40
N ASN B 121 25.05 -5.96 -50.35
CA ASN B 121 25.58 -7.31 -50.54
C ASN B 121 26.09 -7.40 -51.96
N ASN B 122 27.40 -7.25 -52.15
CA ASN B 122 27.99 -7.48 -53.46
C ASN B 122 28.38 -8.95 -53.60
N ALA B 123 29.22 -9.28 -54.58
CA ALA B 123 29.57 -10.65 -54.93
C ALA B 123 30.40 -11.37 -53.87
N THR B 124 30.93 -10.67 -52.88
CA THR B 124 31.79 -11.28 -51.87
C THR B 124 31.20 -11.26 -50.47
N ASN B 125 30.76 -10.10 -49.99
CA ASN B 125 30.39 -9.96 -48.58
C ASN B 125 29.27 -8.93 -48.45
N VAL B 126 28.81 -8.75 -47.21
CA VAL B 126 27.83 -7.72 -46.86
C VAL B 126 28.54 -6.61 -46.09
N VAL B 127 28.26 -5.37 -46.49
CA VAL B 127 28.88 -4.18 -45.93
C VAL B 127 27.77 -3.27 -45.40
N ILE B 128 27.94 -2.82 -44.16
CA ILE B 128 27.00 -1.94 -43.48
C ILE B 128 27.77 -0.70 -43.09
N LYS B 129 27.37 0.45 -43.62
CA LYS B 129 28.11 1.68 -43.36
C LYS B 129 27.18 2.83 -42.97
N VAL B 130 27.63 3.64 -42.02
CA VAL B 130 26.91 4.81 -41.54
C VAL B 130 27.81 6.01 -41.83
N CYS B 131 27.52 6.74 -42.90
CA CYS B 131 28.44 7.79 -43.31
C CYS B 131 27.62 8.92 -43.93
N GLU B 132 28.30 9.99 -44.37
CA GLU B 132 27.62 11.06 -45.10
C GLU B 132 27.83 10.84 -46.60
N PHE B 133 26.87 10.14 -47.21
CA PHE B 133 26.89 9.75 -48.61
C PHE B 133 26.11 10.73 -49.47
N GLN B 134 26.53 10.89 -50.72
CA GLN B 134 25.73 11.59 -51.72
C GLN B 134 25.09 10.54 -52.62
N PHE B 135 23.83 10.21 -52.32
CA PHE B 135 23.05 9.25 -53.09
C PHE B 135 22.67 9.77 -54.46
N CYS B 136 22.72 8.88 -55.45
CA CYS B 136 22.12 9.13 -56.75
C CYS B 136 20.60 9.10 -56.65
N ASN B 137 19.94 9.72 -57.65
CA ASN B 137 18.49 9.65 -57.69
C ASN B 137 18.00 8.25 -58.04
N ASP B 138 18.76 7.52 -58.86
CA ASP B 138 18.45 6.14 -59.22
C ASP B 138 19.69 5.28 -58.93
N PRO B 139 19.79 4.73 -57.71
CA PRO B 139 20.95 3.90 -57.37
C PRO B 139 20.72 2.42 -57.66
N PHE B 140 21.74 1.77 -58.21
CA PHE B 140 21.63 0.35 -58.55
C PHE B 140 23.00 -0.29 -58.64
N LEU B 141 22.98 -1.62 -58.73
CA LEU B 141 24.14 -2.42 -59.09
C LEU B 141 23.89 -3.01 -60.47
N GLY B 142 24.87 -3.75 -60.98
CA GLY B 142 24.73 -4.32 -62.31
C GLY B 142 25.56 -5.55 -62.58
N VAL B 143 24.96 -6.51 -63.29
CA VAL B 143 25.60 -7.75 -63.69
C VAL B 143 25.62 -7.80 -65.20
N TYR B 144 26.81 -8.00 -65.78
CA TYR B 144 26.97 -8.07 -67.22
C TYR B 144 26.98 -9.52 -67.67
N TYR B 145 26.16 -9.82 -68.68
CA TYR B 145 26.09 -11.17 -69.24
C TYR B 145 26.69 -11.24 -70.63
N MET B 153 28.67 -11.55 -64.58
CA MET B 153 29.76 -10.87 -63.92
C MET B 153 29.34 -9.47 -63.46
N GLU B 154 29.56 -9.19 -62.18
CA GLU B 154 29.18 -7.90 -61.61
C GLU B 154 30.24 -6.86 -61.92
N SER B 155 29.91 -5.88 -62.76
CA SER B 155 30.87 -4.86 -63.16
C SER B 155 30.23 -3.48 -63.25
N GLU B 156 29.25 -3.18 -62.40
CA GLU B 156 28.58 -1.89 -62.45
C GLU B 156 28.10 -1.53 -61.04
N PHE B 157 28.69 -0.51 -60.44
CA PHE B 157 28.29 -0.01 -59.12
C PHE B 157 27.91 1.45 -59.30
N ARG B 158 26.61 1.80 -59.27
CA ARG B 158 26.23 3.21 -59.32
C ARG B 158 25.20 3.46 -58.22
N VAL B 159 25.68 3.61 -57.00
CA VAL B 159 24.83 3.89 -55.85
C VAL B 159 25.22 5.19 -55.15
N TYR B 160 26.49 5.59 -55.24
CA TYR B 160 26.89 6.84 -54.62
C TYR B 160 27.88 7.60 -55.48
N SER B 161 28.07 8.88 -55.13
CA SER B 161 29.10 9.71 -55.74
C SER B 161 30.17 10.19 -54.75
N SER B 162 29.90 10.10 -53.44
CA SER B 162 30.85 10.58 -52.43
C SER B 162 30.61 9.85 -51.11
N ALA B 163 31.60 9.97 -50.21
CA ALA B 163 31.51 9.43 -48.85
C ALA B 163 32.43 10.28 -47.99
N ASN B 164 31.86 11.13 -47.14
CA ASN B 164 32.65 12.16 -46.44
C ASN B 164 33.01 11.81 -45.00
N ASN B 165 32.01 11.60 -44.14
CA ASN B 165 32.23 11.44 -42.70
C ASN B 165 31.60 10.15 -42.20
N CYS B 166 32.42 9.11 -42.01
CA CYS B 166 31.97 7.82 -41.53
C CYS B 166 32.09 7.66 -40.02
N THR B 167 31.06 7.05 -39.44
CA THR B 167 31.01 6.75 -38.02
C THR B 167 30.91 5.27 -37.68
N PHE B 168 30.58 4.41 -38.66
CA PHE B 168 30.35 3.01 -38.35
C PHE B 168 30.52 2.21 -39.64
N GLU B 169 31.39 1.20 -39.61
CA GLU B 169 31.59 0.28 -40.72
C GLU B 169 31.55 -1.14 -40.18
N TYR B 170 30.90 -2.05 -40.91
CA TYR B 170 30.71 -3.42 -40.44
C TYR B 170 30.61 -4.37 -41.63
N VAL B 171 31.62 -5.21 -41.78
CA VAL B 171 31.68 -6.22 -42.84
C VAL B 171 31.37 -7.58 -42.23
N SER B 172 30.41 -8.30 -42.80
CA SER B 172 29.92 -9.52 -42.17
C SER B 172 29.82 -10.66 -43.17
N GLN B 173 29.30 -11.80 -42.69
CA GLN B 173 28.98 -12.97 -43.50
C GLN B 173 27.69 -12.72 -44.30
N PRO B 174 27.59 -13.28 -45.51
CA PRO B 174 26.45 -12.96 -46.38
C PRO B 174 25.12 -13.49 -45.84
N PHE B 175 24.11 -12.61 -45.85
CA PHE B 175 22.79 -13.00 -45.35
C PHE B 175 22.10 -13.97 -46.31
N LEU B 176 22.18 -13.69 -47.61
CA LEU B 176 21.52 -14.51 -48.62
C LEU B 176 22.31 -15.79 -48.89
N ASN B 185 10.14 -19.03 -61.85
CA ASN B 185 9.53 -19.36 -60.58
C ASN B 185 10.39 -18.85 -59.43
N PHE B 186 9.77 -18.12 -58.49
CA PHE B 186 10.50 -17.62 -57.33
C PHE B 186 10.77 -18.77 -56.37
N LYS B 187 12.03 -18.91 -55.97
CA LYS B 187 12.47 -20.03 -55.16
C LYS B 187 12.82 -19.67 -53.72
N ASN B 188 13.25 -18.44 -53.46
CA ASN B 188 13.66 -18.03 -52.13
C ASN B 188 12.71 -16.96 -51.60
N LEU B 189 12.42 -17.01 -50.30
CA LEU B 189 11.64 -15.98 -49.64
C LEU B 189 12.46 -15.41 -48.49
N ARG B 190 12.67 -14.10 -48.51
CA ARG B 190 13.54 -13.41 -47.57
C ARG B 190 12.68 -12.44 -46.79
N GLU B 191 12.56 -12.66 -45.49
CA GLU B 191 11.85 -11.73 -44.62
C GLU B 191 12.83 -10.95 -43.76
N PHE B 192 12.59 -9.65 -43.65
CA PHE B 192 13.42 -8.75 -42.85
C PHE B 192 12.51 -7.82 -42.06
N VAL B 193 12.92 -7.51 -40.84
CA VAL B 193 12.30 -6.47 -40.01
C VAL B 193 13.40 -5.51 -39.59
N PHE B 194 13.21 -4.23 -39.91
CA PHE B 194 14.13 -3.17 -39.53
C PHE B 194 13.44 -2.24 -38.54
N LYS B 195 14.09 -2.04 -37.39
CA LYS B 195 13.55 -1.17 -36.34
C LYS B 195 14.60 -0.19 -35.85
N ASN B 196 14.16 1.05 -35.58
CA ASN B 196 14.97 2.12 -35.00
C ASN B 196 14.42 2.45 -33.62
N ILE B 197 14.96 1.78 -32.60
CA ILE B 197 14.51 1.98 -31.22
C ILE B 197 15.71 2.35 -30.37
N ASP B 198 15.68 3.57 -29.80
CA ASP B 198 16.70 4.10 -28.88
C ASP B 198 18.09 4.11 -29.50
N GLY B 199 18.17 4.43 -30.79
CA GLY B 199 19.43 4.41 -31.51
C GLY B 199 19.92 3.02 -31.87
N TYR B 200 19.12 2.00 -31.63
CA TYR B 200 19.44 0.63 -32.00
C TYR B 200 18.70 0.28 -33.28
N PHE B 201 19.41 -0.29 -34.24
CA PHE B 201 18.81 -0.79 -35.47
C PHE B 201 18.72 -2.30 -35.41
N LYS B 202 17.51 -2.81 -35.23
CA LYS B 202 17.30 -4.26 -35.19
C LYS B 202 16.96 -4.76 -36.58
N ILE B 203 17.74 -5.75 -37.05
CA ILE B 203 17.46 -6.50 -38.26
C ILE B 203 17.12 -7.92 -37.84
N TYR B 204 15.87 -8.30 -38.09
CA TYR B 204 15.38 -9.66 -37.97
C TYR B 204 15.25 -10.21 -39.37
N SER B 205 15.55 -11.50 -39.54
CA SER B 205 15.46 -12.06 -40.89
C SER B 205 15.08 -13.53 -40.83
N LYS B 206 14.57 -14.01 -41.96
CA LYS B 206 14.21 -15.41 -42.12
C LYS B 206 14.32 -15.80 -43.59
N HIS B 207 14.95 -16.95 -43.84
CA HIS B 207 15.01 -17.56 -45.16
C HIS B 207 13.99 -18.68 -45.24
N THR B 208 13.20 -18.70 -46.31
CA THR B 208 12.12 -19.66 -46.45
C THR B 208 12.16 -20.27 -47.85
N PRO B 209 12.19 -21.59 -47.98
CA PRO B 209 12.11 -22.22 -49.30
C PRO B 209 10.67 -22.37 -49.76
N ILE B 210 10.31 -21.62 -50.81
CA ILE B 210 8.95 -21.63 -51.34
C ILE B 210 9.00 -22.07 -52.80
N ASN B 211 7.83 -22.40 -53.33
CA ASN B 211 7.71 -22.78 -54.73
C ASN B 211 6.47 -22.17 -55.36
N LEU B 212 6.01 -21.04 -54.82
CA LEU B 212 4.82 -20.37 -55.32
C LEU B 212 5.28 -19.31 -56.33
N VAL B 213 4.45 -19.07 -57.34
CA VAL B 213 4.92 -18.33 -58.50
C VAL B 213 4.89 -16.83 -58.26
N ARG B 214 3.75 -16.30 -57.80
CA ARG B 214 3.50 -14.86 -57.91
C ARG B 214 3.43 -14.14 -56.57
N ASP B 215 2.53 -14.55 -55.68
CA ASP B 215 2.19 -13.77 -54.50
C ASP B 215 2.88 -14.32 -53.26
N LEU B 216 2.59 -13.70 -52.12
CA LEU B 216 3.08 -14.19 -50.83
C LEU B 216 2.37 -15.49 -50.46
N PRO B 217 3.11 -16.52 -50.04
CA PRO B 217 2.45 -17.74 -49.56
C PRO B 217 1.78 -17.49 -48.22
N GLN B 218 0.76 -18.30 -47.93
CA GLN B 218 -0.01 -18.18 -46.70
C GLN B 218 0.53 -19.19 -45.70
N GLY B 219 1.02 -18.69 -44.58
CA GLY B 219 1.61 -19.55 -43.57
C GLY B 219 2.15 -18.73 -42.42
N PHE B 220 2.88 -19.40 -41.54
CA PHE B 220 3.42 -18.78 -40.34
C PHE B 220 4.92 -19.05 -40.29
N SER B 221 5.70 -17.99 -40.05
CA SER B 221 7.15 -18.12 -39.92
C SER B 221 7.65 -16.97 -39.08
N ALA B 222 8.09 -17.26 -37.86
CA ALA B 222 8.59 -16.23 -36.96
C ALA B 222 10.02 -15.88 -37.32
N LEU B 223 10.33 -14.59 -37.32
CA LEU B 223 11.63 -14.10 -37.78
C LEU B 223 12.60 -14.12 -36.62
N GLU B 224 13.73 -14.80 -36.80
CA GLU B 224 14.76 -14.83 -35.78
C GLU B 224 15.49 -13.49 -35.74
N PRO B 225 15.97 -13.09 -34.56
CA PRO B 225 16.86 -11.92 -34.49
C PRO B 225 18.20 -12.23 -35.11
N LEU B 226 18.59 -11.42 -36.10
CA LEU B 226 19.86 -11.61 -36.79
C LEU B 226 20.93 -10.68 -36.23
N VAL B 227 20.71 -9.37 -36.28
CA VAL B 227 21.80 -8.47 -35.89
C VAL B 227 21.23 -7.15 -35.38
N ASP B 228 21.82 -6.66 -34.29
CA ASP B 228 21.51 -5.35 -33.72
C ASP B 228 22.65 -4.42 -34.06
N LEU B 229 22.32 -3.25 -34.60
CA LEU B 229 23.31 -2.36 -35.14
C LEU B 229 23.36 -1.11 -34.27
N PRO B 230 24.53 -0.75 -33.76
CA PRO B 230 24.74 0.55 -33.07
C PRO B 230 24.91 1.73 -34.02
N ILE B 231 23.79 2.26 -34.54
CA ILE B 231 23.86 3.35 -35.51
C ILE B 231 23.67 4.72 -34.87
N GLY B 232 22.69 4.87 -33.98
CA GLY B 232 22.43 6.13 -33.28
C GLY B 232 22.10 7.30 -34.18
N ILE B 233 21.38 7.06 -35.28
CA ILE B 233 21.09 8.10 -36.26
C ILE B 233 19.58 8.16 -36.53
N ASN B 234 19.16 9.32 -37.03
CA ASN B 234 17.78 9.54 -37.45
C ASN B 234 17.58 8.95 -38.85
N ILE B 235 16.51 8.16 -39.01
CA ILE B 235 16.14 7.57 -40.29
C ILE B 235 14.64 7.78 -40.49
N THR B 236 14.26 8.45 -41.59
CA THR B 236 12.84 8.61 -41.90
C THR B 236 12.45 8.14 -43.31
N ARG B 237 13.39 7.81 -44.18
CA ARG B 237 13.11 7.39 -45.55
C ARG B 237 14.05 6.27 -45.95
N PHE B 238 13.58 5.43 -46.87
CA PHE B 238 14.35 4.26 -47.30
C PHE B 238 14.13 4.03 -48.80
N GLN B 239 15.02 3.22 -49.38
CA GLN B 239 14.97 2.87 -50.79
C GLN B 239 15.65 1.53 -51.03
N THR B 240 14.99 0.64 -51.78
CA THR B 240 15.56 -0.66 -52.10
C THR B 240 16.66 -0.50 -53.16
N LEU B 241 17.66 -1.38 -53.13
CA LEU B 241 18.70 -1.42 -54.14
C LEU B 241 18.56 -2.69 -54.97
N LEU B 242 18.40 -2.53 -56.27
CA LEU B 242 18.29 -3.63 -57.21
C LEU B 242 19.55 -3.75 -58.05
N ALA B 243 19.55 -4.74 -58.95
CA ALA B 243 20.66 -4.99 -59.86
C ALA B 243 20.13 -5.13 -61.28
N LEU B 244 20.80 -4.45 -62.21
CA LEU B 244 20.48 -4.53 -63.63
C LEU B 244 21.13 -5.77 -64.24
N HIS B 245 20.58 -6.20 -65.37
CA HIS B 245 21.17 -7.23 -66.21
C HIS B 245 21.50 -6.60 -67.55
N ARG B 246 22.77 -6.67 -67.94
CA ARG B 246 23.26 -6.03 -69.15
C ARG B 246 23.65 -7.09 -70.17
N SER B 247 23.38 -6.80 -71.44
CA SER B 247 23.70 -7.71 -72.54
C SER B 247 24.15 -6.95 -73.77
N GLY B 257 20.98 -1.64 -73.64
CA GLY B 257 20.38 -1.03 -72.47
C GLY B 257 20.50 -1.90 -71.23
N TRP B 258 19.43 -1.94 -70.44
CA TRP B 258 19.39 -2.74 -69.22
C TRP B 258 18.16 -3.64 -69.22
N THR B 259 18.26 -4.73 -68.45
CA THR B 259 17.17 -5.67 -68.28
C THR B 259 16.98 -5.91 -66.79
N ALA B 260 15.72 -5.98 -66.35
CA ALA B 260 15.41 -6.19 -64.94
C ALA B 260 15.17 -7.67 -64.70
N GLY B 261 15.96 -8.27 -63.81
CA GLY B 261 15.73 -9.65 -63.43
C GLY B 261 14.46 -9.82 -62.64
N ALA B 262 13.89 -11.02 -62.69
CA ALA B 262 12.58 -11.29 -62.10
C ALA B 262 12.70 -11.33 -60.58
N ALA B 263 12.06 -10.37 -59.92
CA ALA B 263 12.05 -10.30 -58.47
C ALA B 263 10.79 -9.58 -58.02
N ALA B 264 10.39 -9.80 -56.77
CA ALA B 264 9.22 -9.09 -56.28
C ALA B 264 9.38 -8.87 -54.79
N TYR B 265 8.98 -7.70 -54.31
CA TYR B 265 9.13 -7.43 -52.88
C TYR B 265 7.96 -6.62 -52.34
N TYR B 266 7.86 -6.62 -51.02
CA TYR B 266 6.68 -6.18 -50.29
C TYR B 266 7.14 -5.35 -49.10
N VAL B 267 6.45 -4.23 -48.87
CA VAL B 267 6.75 -3.29 -47.79
C VAL B 267 5.55 -3.23 -46.86
N GLY B 268 5.80 -3.50 -45.57
CA GLY B 268 4.81 -3.33 -44.52
C GLY B 268 5.29 -2.41 -43.41
N TYR B 269 4.37 -1.88 -42.62
CA TYR B 269 4.68 -0.85 -41.63
C TYR B 269 4.31 -1.32 -40.23
N LEU B 270 5.21 -1.05 -39.28
CA LEU B 270 5.10 -1.56 -37.92
C LEU B 270 4.31 -0.60 -37.04
N GLN B 271 3.36 -1.13 -36.25
CA GLN B 271 2.52 -0.35 -35.38
C GLN B 271 2.61 -0.89 -33.95
N PRO B 272 2.49 -0.04 -32.93
CA PRO B 272 2.55 -0.52 -31.54
C PRO B 272 1.30 -1.28 -31.14
N ARG B 273 1.44 -2.58 -30.86
CA ARG B 273 0.29 -3.40 -30.51
C ARG B 273 0.75 -4.60 -29.69
N THR B 274 -0.22 -5.43 -29.31
CA THR B 274 -0.02 -6.60 -28.47
C THR B 274 -0.20 -7.87 -29.29
N PHE B 275 0.76 -8.80 -29.17
CA PHE B 275 0.60 -10.14 -29.69
C PHE B 275 0.59 -11.18 -28.59
N LEU B 276 -0.23 -12.21 -28.78
CA LEU B 276 -0.19 -13.43 -27.98
C LEU B 276 0.53 -14.50 -28.78
N LEU B 277 1.77 -14.81 -28.41
CA LEU B 277 2.61 -15.73 -29.13
C LEU B 277 2.57 -17.10 -28.48
N LYS B 278 2.49 -18.15 -29.29
CA LYS B 278 2.48 -19.53 -28.81
C LYS B 278 3.86 -20.15 -29.02
N TYR B 279 4.44 -20.70 -27.95
CA TYR B 279 5.71 -21.38 -28.00
C TYR B 279 5.48 -22.88 -27.78
N ASN B 280 5.99 -23.68 -28.70
CA ASN B 280 5.78 -25.14 -28.67
C ASN B 280 6.79 -25.80 -27.73
N GLU B 281 6.85 -27.14 -27.79
CA GLU B 281 7.80 -27.90 -26.98
C GLU B 281 9.24 -27.63 -27.39
N ASN B 282 9.49 -27.46 -28.69
CA ASN B 282 10.84 -27.17 -29.17
C ASN B 282 11.19 -25.69 -29.07
N GLY B 283 10.24 -24.83 -28.72
CA GLY B 283 10.53 -23.44 -28.44
C GLY B 283 10.46 -22.48 -29.61
N THR B 284 9.79 -22.86 -30.70
CA THR B 284 9.60 -21.95 -31.83
C THR B 284 8.18 -21.40 -31.81
N ILE B 285 8.04 -20.16 -32.28
CA ILE B 285 6.73 -19.52 -32.34
C ILE B 285 5.98 -20.09 -33.54
N THR B 286 4.93 -20.86 -33.28
CA THR B 286 4.16 -21.49 -34.35
C THR B 286 2.86 -20.77 -34.67
N ASP B 287 2.34 -19.94 -33.76
CA ASP B 287 1.12 -19.21 -34.01
C ASP B 287 1.08 -17.95 -33.16
N ALA B 288 0.29 -16.97 -33.61
CA ALA B 288 0.18 -15.70 -32.92
C ALA B 288 -1.24 -15.18 -33.02
N VAL B 289 -1.60 -14.31 -32.07
CA VAL B 289 -2.90 -13.66 -32.00
C VAL B 289 -2.68 -12.16 -31.93
N ASP B 290 -3.29 -11.42 -32.85
CA ASP B 290 -3.30 -9.96 -32.84
C ASP B 290 -4.49 -9.50 -32.01
N CYS B 291 -4.21 -8.86 -30.87
CA CYS B 291 -5.25 -8.52 -29.90
C CYS B 291 -6.18 -7.40 -30.36
N ALA B 292 -5.85 -6.66 -31.42
CA ALA B 292 -6.69 -5.57 -31.89
C ALA B 292 -7.22 -5.80 -33.30
N LEU B 293 -7.21 -7.04 -33.78
CA LEU B 293 -7.69 -7.32 -35.13
C LEU B 293 -9.20 -7.46 -35.19
N ASP B 294 -9.74 -8.44 -34.49
CA ASP B 294 -11.17 -8.71 -34.43
C ASP B 294 -11.53 -9.11 -33.01
N PRO B 295 -12.82 -9.01 -32.64
CA PRO B 295 -13.22 -9.40 -31.27
C PRO B 295 -12.92 -10.85 -30.88
N LEU B 296 -12.84 -11.77 -31.83
CA LEU B 296 -12.48 -13.15 -31.50
C LEU B 296 -11.04 -13.23 -30.99
N SER B 297 -10.11 -12.59 -31.70
CA SER B 297 -8.74 -12.57 -31.22
C SER B 297 -8.57 -11.66 -30.01
N GLU B 298 -9.45 -10.67 -29.83
CA GLU B 298 -9.48 -9.92 -28.59
C GLU B 298 -9.87 -10.80 -27.40
N THR B 299 -10.84 -11.70 -27.60
CA THR B 299 -11.19 -12.67 -26.58
C THR B 299 -10.05 -13.65 -26.33
N LYS B 300 -9.37 -14.08 -27.40
CA LYS B 300 -8.21 -14.97 -27.25
C LYS B 300 -7.09 -14.31 -26.47
N CYS B 301 -6.89 -13.01 -26.71
CA CYS B 301 -5.88 -12.26 -25.97
C CYS B 301 -6.30 -12.02 -24.52
N THR B 302 -7.60 -11.87 -24.27
CA THR B 302 -8.08 -11.63 -22.91
C THR B 302 -7.98 -12.90 -22.06
N LEU B 303 -8.41 -14.04 -22.61
CA LEU B 303 -8.39 -15.29 -21.85
C LEU B 303 -7.03 -15.97 -21.86
N LYS B 304 -6.05 -15.41 -22.61
CA LYS B 304 -4.70 -15.96 -22.76
C LYS B 304 -4.72 -17.39 -23.29
N SER B 305 -5.58 -17.66 -24.27
CA SER B 305 -5.68 -18.98 -24.86
C SER B 305 -6.01 -18.86 -26.34
N PHE B 306 -5.52 -19.80 -27.13
CA PHE B 306 -5.84 -19.83 -28.55
C PHE B 306 -7.16 -20.52 -28.84
N THR B 307 -7.73 -21.20 -27.86
CA THR B 307 -9.03 -21.83 -27.98
C THR B 307 -9.96 -21.19 -26.95
N VAL B 308 -11.15 -20.83 -27.39
CA VAL B 308 -12.15 -20.16 -26.56
C VAL B 308 -13.34 -21.09 -26.43
N GLU B 309 -13.75 -21.35 -25.20
CA GLU B 309 -14.91 -22.19 -24.99
C GLU B 309 -16.19 -21.42 -25.33
N LYS B 310 -17.29 -22.17 -25.39
CA LYS B 310 -18.59 -21.57 -25.70
C LYS B 310 -19.09 -20.73 -24.53
N GLY B 311 -19.49 -19.51 -24.81
CA GLY B 311 -20.02 -18.64 -23.79
C GLY B 311 -19.88 -17.19 -24.18
N ILE B 312 -20.23 -16.32 -23.24
CA ILE B 312 -20.11 -14.88 -23.40
C ILE B 312 -18.98 -14.40 -22.51
N TYR B 313 -18.09 -13.59 -23.09
CA TYR B 313 -16.88 -13.14 -22.39
C TYR B 313 -16.78 -11.65 -22.54
N GLN B 314 -16.80 -10.93 -21.42
CA GLN B 314 -16.65 -9.49 -21.45
C GLN B 314 -15.19 -9.17 -21.73
N THR B 315 -14.93 -8.47 -22.83
CA THR B 315 -13.56 -8.24 -23.27
C THR B 315 -13.11 -6.80 -23.14
N SER B 316 -13.95 -5.83 -23.47
CA SER B 316 -13.42 -4.46 -23.48
C SER B 316 -14.54 -3.50 -23.09
N ASN B 317 -14.33 -2.21 -23.38
CA ASN B 317 -15.30 -1.17 -23.09
C ASN B 317 -15.42 -0.26 -24.29
N PHE B 318 -16.63 0.23 -24.55
CA PHE B 318 -16.90 1.15 -25.63
C PHE B 318 -17.25 2.49 -25.02
N ARG B 319 -16.50 3.51 -25.40
CA ARG B 319 -16.77 4.89 -25.01
C ARG B 319 -16.91 5.73 -26.27
N VAL B 320 -17.98 6.55 -26.31
CA VAL B 320 -18.13 7.52 -27.40
C VAL B 320 -16.99 8.53 -27.35
N GLN B 321 -16.41 8.86 -28.56
CA GLN B 321 -15.27 9.76 -28.63
C GLN B 321 -15.72 11.15 -29.09
N PRO B 322 -15.07 12.21 -28.61
CA PRO B 322 -15.52 13.57 -28.93
C PRO B 322 -15.42 13.92 -30.41
N THR B 323 -16.44 14.63 -30.91
CA THR B 323 -16.46 15.04 -32.30
C THR B 323 -15.84 16.43 -32.49
N GLU B 324 -16.09 17.35 -31.57
CA GLU B 324 -15.50 18.69 -31.61
C GLU B 324 -14.93 19.04 -30.25
N SER B 325 -14.23 20.18 -30.21
CA SER B 325 -13.72 20.78 -28.99
C SER B 325 -14.29 22.19 -28.86
N ILE B 326 -14.82 22.52 -27.69
CA ILE B 326 -15.52 23.78 -27.46
C ILE B 326 -14.79 24.54 -26.37
N VAL B 327 -14.48 25.81 -26.63
CA VAL B 327 -13.91 26.73 -25.66
C VAL B 327 -14.87 27.90 -25.50
N ARG B 328 -15.27 28.17 -24.25
CA ARG B 328 -16.20 29.26 -23.95
C ARG B 328 -15.63 30.16 -22.85
N PHE B 329 -15.12 31.32 -23.24
CA PHE B 329 -14.60 32.32 -22.33
C PHE B 329 -15.41 33.61 -22.46
N PRO B 330 -15.37 34.50 -21.46
CA PRO B 330 -16.04 35.80 -21.60
C PRO B 330 -15.46 36.64 -22.72
N ASN B 331 -16.31 37.49 -23.30
CA ASN B 331 -15.99 38.25 -24.49
C ASN B 331 -15.20 39.54 -24.22
N ILE B 332 -14.64 39.68 -23.02
CA ILE B 332 -13.84 40.85 -22.68
C ILE B 332 -12.51 40.82 -23.43
N THR B 333 -12.08 42.00 -23.88
CA THR B 333 -10.94 42.12 -24.78
C THR B 333 -9.85 43.05 -24.27
N ASN B 334 -10.19 44.04 -23.43
CA ASN B 334 -9.21 44.87 -22.77
C ASN B 334 -8.17 44.08 -21.97
N LEU B 335 -6.93 44.54 -22.03
CA LEU B 335 -5.80 43.86 -21.40
C LEU B 335 -5.69 44.26 -19.93
N CYS B 336 -5.17 43.33 -19.12
CA CYS B 336 -4.96 43.62 -17.70
C CYS B 336 -3.76 44.55 -17.50
N PRO B 337 -3.85 45.51 -16.56
CA PRO B 337 -2.76 46.49 -16.38
C PRO B 337 -1.62 45.92 -15.54
N PHE B 338 -0.90 44.96 -16.10
CA PHE B 338 0.36 44.50 -15.50
C PHE B 338 1.50 45.49 -15.72
N GLY B 339 1.38 46.36 -16.72
CA GLY B 339 2.38 47.40 -16.90
C GLY B 339 2.32 48.47 -15.82
N GLU B 340 1.15 48.63 -15.20
CA GLU B 340 1.00 49.58 -14.11
C GLU B 340 1.45 49.01 -12.77
N VAL B 341 1.63 47.70 -12.68
CA VAL B 341 2.06 47.06 -11.44
C VAL B 341 3.56 46.83 -11.43
N PHE B 342 4.09 46.16 -12.46
CA PHE B 342 5.50 45.81 -12.49
C PHE B 342 6.40 46.99 -12.85
N ASN B 343 5.93 47.89 -13.71
CA ASN B 343 6.73 49.03 -14.17
C ASN B 343 6.33 50.32 -13.47
N ALA B 344 5.84 50.22 -12.24
CA ALA B 344 5.56 51.41 -11.45
C ALA B 344 6.86 52.08 -11.00
N THR B 345 6.83 53.41 -10.93
CA THR B 345 8.00 54.17 -10.53
C THR B 345 8.32 53.98 -9.05
N ARG B 346 7.32 54.07 -8.20
CA ARG B 346 7.49 53.90 -6.76
C ARG B 346 6.80 52.61 -6.29
N PHE B 347 7.49 51.87 -5.44
CA PHE B 347 6.93 50.70 -4.79
C PHE B 347 6.79 50.96 -3.30
N ALA B 348 5.92 50.18 -2.66
CA ALA B 348 5.63 50.36 -1.25
C ALA B 348 6.71 49.72 -0.38
N SER B 349 6.67 50.04 0.90
CA SER B 349 7.44 49.30 1.90
C SER B 349 6.74 47.98 2.20
N VAL B 350 7.46 47.09 2.87
CA VAL B 350 6.90 45.76 3.13
C VAL B 350 5.89 45.79 4.27
N TYR B 351 6.05 46.72 5.24
CA TYR B 351 5.07 46.84 6.31
C TYR B 351 3.78 47.47 5.81
N ALA B 352 3.88 48.27 4.75
CA ALA B 352 2.73 48.97 4.17
C ALA B 352 2.55 48.53 2.72
N TRP B 353 2.54 47.21 2.50
CA TRP B 353 2.55 46.64 1.15
C TRP B 353 1.26 46.97 0.40
N ASN B 354 1.42 47.40 -0.85
CA ASN B 354 0.27 47.80 -1.65
C ASN B 354 -0.44 46.60 -2.26
N ARG B 355 -1.77 46.64 -2.26
CA ARG B 355 -2.58 45.59 -2.89
C ARG B 355 -3.43 46.23 -3.98
N LYS B 356 -3.37 45.67 -5.18
CA LYS B 356 -4.15 46.17 -6.31
C LYS B 356 -5.08 45.08 -6.83
N ARG B 357 -6.34 45.43 -7.05
CA ARG B 357 -7.30 44.50 -7.64
C ARG B 357 -7.14 44.47 -9.15
N ILE B 358 -7.02 43.27 -9.71
CA ILE B 358 -7.02 43.06 -11.15
C ILE B 358 -8.34 42.38 -11.51
N SER B 359 -9.15 43.04 -12.32
CA SER B 359 -10.45 42.47 -12.67
C SER B 359 -10.92 43.01 -14.01
N ASN B 360 -11.84 42.25 -14.62
CA ASN B 360 -12.56 42.61 -15.85
C ASN B 360 -11.62 42.86 -17.02
N CYS B 361 -10.64 41.98 -17.18
CA CYS B 361 -9.65 42.14 -18.22
C CYS B 361 -9.07 40.78 -18.59
N VAL B 362 -8.32 40.74 -19.68
CA VAL B 362 -7.65 39.54 -20.16
C VAL B 362 -6.17 39.65 -19.81
N ALA B 363 -5.67 38.66 -19.08
CA ALA B 363 -4.31 38.69 -18.54
C ALA B 363 -3.43 37.76 -19.37
N ASP B 364 -2.34 38.31 -19.90
CA ASP B 364 -1.35 37.54 -20.66
C ASP B 364 -0.19 37.24 -19.72
N TYR B 365 -0.20 36.05 -19.12
CA TYR B 365 0.89 35.64 -18.26
C TYR B 365 2.08 35.09 -19.02
N SER B 366 1.97 34.92 -20.34
CA SER B 366 3.12 34.45 -21.12
C SER B 366 4.18 35.53 -21.27
N VAL B 367 3.83 36.81 -21.11
CA VAL B 367 4.83 37.86 -21.20
C VAL B 367 5.55 38.08 -19.89
N LEU B 368 5.03 37.54 -18.78
CA LEU B 368 5.70 37.62 -17.49
C LEU B 368 6.64 36.45 -17.27
N TYR B 369 6.17 35.23 -17.58
CA TYR B 369 6.98 34.04 -17.33
C TYR B 369 8.15 33.94 -18.31
N ASN B 370 7.94 34.37 -19.55
CA ASN B 370 9.03 34.35 -20.53
C ASN B 370 9.94 35.56 -20.44
N SER B 371 9.60 36.54 -19.60
CA SER B 371 10.49 37.68 -19.40
C SER B 371 11.70 37.27 -18.58
N ALA B 372 12.88 37.74 -19.00
CA ALA B 372 14.11 37.43 -18.30
C ALA B 372 14.43 38.45 -17.21
N SER B 373 13.52 39.39 -16.95
CA SER B 373 13.77 40.41 -15.95
C SER B 373 13.64 39.87 -14.53
N PHE B 374 12.80 38.85 -14.34
CA PHE B 374 12.44 38.38 -13.00
C PHE B 374 13.41 37.27 -12.59
N SER B 375 14.14 37.50 -11.50
CA SER B 375 15.05 36.48 -10.98
C SER B 375 14.32 35.38 -10.22
N THR B 376 13.23 35.72 -9.53
CA THR B 376 12.46 34.75 -8.78
C THR B 376 11.05 34.67 -9.36
N PHE B 377 10.61 33.46 -9.70
CA PHE B 377 9.24 33.23 -10.17
C PHE B 377 8.79 31.88 -9.61
N LYS B 378 8.17 31.91 -8.43
CA LYS B 378 7.77 30.70 -7.73
C LYS B 378 6.25 30.69 -7.62
N CYS B 379 5.60 29.74 -8.29
CA CYS B 379 4.16 29.62 -8.23
C CYS B 379 3.75 28.47 -7.33
N TYR B 380 2.71 28.69 -6.55
CA TYR B 380 2.22 27.75 -5.55
C TYR B 380 0.76 27.47 -5.88
N GLY B 381 0.42 26.18 -6.00
CA GLY B 381 -0.92 25.74 -6.29
C GLY B 381 -1.35 25.86 -7.73
N VAL B 382 -0.48 26.33 -8.62
CA VAL B 382 -0.80 26.47 -10.04
C VAL B 382 0.51 26.40 -10.82
N SER B 383 0.49 25.71 -11.95
CA SER B 383 1.68 25.70 -12.78
C SER B 383 1.81 27.01 -13.55
N PRO B 384 3.06 27.49 -13.74
CA PRO B 384 3.23 28.78 -14.45
C PRO B 384 2.89 28.71 -15.93
N THR B 385 2.99 27.55 -16.56
CA THR B 385 2.62 27.43 -17.97
C THR B 385 1.14 27.16 -18.17
N LYS B 386 0.40 26.88 -17.10
CA LYS B 386 -1.02 26.62 -17.17
C LYS B 386 -1.83 27.87 -16.87
N LEU B 387 -1.18 29.03 -16.74
CA LEU B 387 -1.84 30.24 -16.29
C LEU B 387 -2.76 30.80 -17.37
N ASN B 388 -2.36 30.71 -18.64
CA ASN B 388 -3.20 31.22 -19.72
C ASN B 388 -4.40 30.33 -20.01
N ASP B 389 -4.40 29.08 -19.55
CA ASP B 389 -5.51 28.18 -19.79
C ASP B 389 -6.59 28.26 -18.73
N LEU B 390 -6.36 28.98 -17.63
CA LEU B 390 -7.34 29.14 -16.58
C LEU B 390 -7.95 30.53 -16.58
N CYS B 391 -9.17 30.62 -16.04
CA CYS B 391 -9.84 31.89 -15.79
C CYS B 391 -9.94 32.07 -14.28
N PHE B 392 -9.62 33.27 -13.81
CA PHE B 392 -9.48 33.53 -12.38
C PHE B 392 -10.51 34.54 -11.89
N THR B 393 -10.88 34.41 -10.63
CA THR B 393 -11.66 35.41 -9.93
C THR B 393 -10.88 35.89 -8.71
N ASN B 394 -11.07 37.18 -8.38
CA ASN B 394 -10.41 37.88 -7.27
C ASN B 394 -8.88 37.83 -7.37
N VAL B 395 -8.36 38.44 -8.43
CA VAL B 395 -6.93 38.53 -8.65
C VAL B 395 -6.39 39.75 -7.93
N TYR B 396 -5.37 39.54 -7.09
CA TYR B 396 -4.81 40.63 -6.30
C TYR B 396 -3.29 40.62 -6.44
N ALA B 397 -2.72 41.82 -6.56
CA ALA B 397 -1.28 42.00 -6.75
C ALA B 397 -0.73 42.79 -5.57
N ASP B 398 0.10 42.15 -4.77
CA ASP B 398 0.71 42.77 -3.60
C ASP B 398 2.15 43.12 -3.93
N SER B 399 2.49 44.39 -3.82
CA SER B 399 3.79 44.88 -4.23
C SER B 399 4.49 45.56 -3.06
N PHE B 400 5.78 45.24 -2.92
CA PHE B 400 6.64 45.83 -1.89
C PHE B 400 8.10 45.67 -2.31
N VAL B 401 9.00 46.16 -1.46
CA VAL B 401 10.44 46.06 -1.66
C VAL B 401 11.06 45.43 -0.42
N ILE B 402 11.81 44.35 -0.59
CA ILE B 402 12.52 43.73 0.53
C ILE B 402 14.00 43.61 0.21
N ARG B 403 14.73 43.03 1.16
CA ARG B 403 16.16 42.80 1.06
C ARG B 403 16.39 41.61 0.13
N GLY B 404 17.62 41.49 -0.38
CA GLY B 404 17.91 40.48 -1.39
C GLY B 404 17.82 39.05 -0.88
N ASP B 405 18.32 38.79 0.32
CA ASP B 405 18.33 37.44 0.87
C ASP B 405 17.05 37.09 1.62
N GLU B 406 16.08 38.00 1.68
CA GLU B 406 14.80 37.77 2.34
C GLU B 406 13.72 37.30 1.38
N VAL B 407 14.05 37.08 0.10
CA VAL B 407 13.09 36.59 -0.87
C VAL B 407 12.75 35.13 -0.59
N ARG B 408 13.65 34.44 0.12
CA ARG B 408 13.38 33.10 0.63
C ARG B 408 12.17 33.09 1.55
N GLN B 409 11.92 34.18 2.28
CA GLN B 409 10.83 34.20 3.25
C GLN B 409 9.48 34.50 2.62
N ILE B 410 9.43 34.88 1.34
CA ILE B 410 8.15 35.11 0.65
C ILE B 410 7.74 33.77 0.06
N ALA B 411 7.15 32.93 0.91
CA ALA B 411 6.68 31.60 0.57
C ALA B 411 5.76 31.14 1.70
N PRO B 412 4.86 30.19 1.42
CA PRO B 412 4.02 29.65 2.50
C PRO B 412 4.84 28.88 3.53
N GLY B 413 4.54 29.14 4.80
CA GLY B 413 5.17 28.44 5.90
C GLY B 413 6.51 28.96 6.33
N GLN B 414 6.93 30.13 5.85
CA GLN B 414 8.22 30.68 6.19
C GLN B 414 8.15 31.51 7.48
N THR B 415 9.31 31.64 8.12
CA THR B 415 9.47 32.43 9.33
C THR B 415 10.62 33.40 9.16
N GLY B 416 10.53 34.51 9.88
CA GLY B 416 11.50 35.58 9.76
C GLY B 416 10.83 36.89 10.12
N LYS B 417 11.60 37.98 9.99
CA LYS B 417 11.04 39.29 10.30
C LYS B 417 9.99 39.71 9.27
N ILE B 418 10.21 39.33 8.01
CA ILE B 418 9.30 39.74 6.94
C ILE B 418 8.03 38.90 6.97
N ALA B 419 8.17 37.58 7.16
CA ALA B 419 7.00 36.72 7.17
C ALA B 419 6.15 36.95 8.42
N ASP B 420 6.80 37.00 9.59
CA ASP B 420 6.04 37.07 10.83
C ASP B 420 5.56 38.49 11.15
N TYR B 421 6.37 39.51 10.86
CA TYR B 421 6.02 40.86 11.28
C TYR B 421 5.56 41.77 10.15
N ASN B 422 5.82 41.42 8.90
CA ASN B 422 5.53 42.34 7.80
C ASN B 422 4.51 41.77 6.82
N TYR B 423 4.73 40.56 6.31
CA TYR B 423 3.87 40.02 5.26
C TYR B 423 3.77 38.51 5.42
N LYS B 424 2.63 38.03 5.89
CA LYS B 424 2.41 36.61 6.12
C LYS B 424 1.63 36.02 4.95
N LEU B 425 2.14 34.92 4.41
CA LEU B 425 1.38 34.14 3.45
C LEU B 425 0.71 32.95 4.13
N PRO B 426 -0.52 32.61 3.72
CA PRO B 426 -1.19 31.44 4.30
C PRO B 426 -0.55 30.15 3.83
N ASP B 427 -0.78 29.08 4.59
CA ASP B 427 -0.27 27.77 4.22
C ASP B 427 -0.97 27.22 2.98
N ASP B 428 -2.22 27.62 2.75
CA ASP B 428 -2.99 27.21 1.59
C ASP B 428 -2.91 28.24 0.45
N PHE B 429 -1.79 28.93 0.30
CA PHE B 429 -1.68 30.02 -0.66
C PHE B 429 -1.64 29.49 -2.09
N THR B 430 -2.41 30.13 -2.95
CA THR B 430 -2.40 29.85 -4.39
C THR B 430 -2.12 31.15 -5.14
N GLY B 431 -1.08 31.13 -5.95
CA GLY B 431 -0.67 32.32 -6.68
C GLY B 431 0.81 32.23 -6.99
N CYS B 432 1.35 33.35 -7.45
CA CYS B 432 2.74 33.36 -7.88
C CYS B 432 3.51 34.49 -7.22
N VAL B 433 4.73 34.19 -6.77
CA VAL B 433 5.60 35.16 -6.14
C VAL B 433 6.72 35.51 -7.12
N ILE B 434 6.76 36.76 -7.55
CA ILE B 434 7.65 37.23 -8.60
C ILE B 434 8.54 38.29 -7.99
N ALA B 435 9.84 38.13 -8.13
CA ALA B 435 10.75 39.10 -7.54
C ALA B 435 11.89 39.38 -8.50
N TRP B 436 12.43 40.59 -8.41
CA TRP B 436 13.56 40.95 -9.26
C TRP B 436 14.38 42.05 -8.61
N ASN B 437 15.67 42.06 -8.96
CA ASN B 437 16.60 43.04 -8.42
C ASN B 437 16.30 44.44 -8.95
N SER B 438 16.25 45.40 -8.05
CA SER B 438 16.00 46.80 -8.38
C SER B 438 17.06 47.68 -7.78
N ASN B 439 18.33 47.29 -7.96
CA ASN B 439 19.43 48.07 -7.38
C ASN B 439 19.64 49.37 -8.14
N ASN B 440 19.38 49.38 -9.44
CA ASN B 440 19.55 50.61 -10.20
C ASN B 440 18.41 51.61 -9.99
N LEU B 441 17.29 51.18 -9.40
CA LEU B 441 16.15 52.04 -9.17
C LEU B 441 16.01 52.48 -7.72
N ASP B 442 16.27 51.58 -6.76
CA ASP B 442 15.94 51.81 -5.36
C ASP B 442 17.17 51.96 -4.47
N SER B 443 18.35 52.24 -5.05
CA SER B 443 19.55 52.46 -4.26
C SER B 443 20.14 53.82 -4.61
N LYS B 444 20.52 54.58 -3.59
CA LYS B 444 21.24 55.83 -3.75
C LYS B 444 22.63 55.71 -3.15
N VAL B 445 23.51 56.61 -3.58
CA VAL B 445 24.93 56.52 -3.23
C VAL B 445 25.15 56.78 -1.74
N GLY B 446 24.34 57.66 -1.13
CA GLY B 446 24.42 57.85 0.31
C GLY B 446 23.63 56.83 1.10
N GLY B 447 22.70 56.14 0.45
CA GLY B 447 21.82 55.23 1.14
C GLY B 447 20.36 55.63 0.99
N ASN B 448 19.53 54.73 0.46
CA ASN B 448 18.12 55.02 0.28
C ASN B 448 17.37 54.51 1.51
N TYR B 449 16.72 55.42 2.22
CA TYR B 449 16.05 55.10 3.48
C TYR B 449 14.53 55.17 3.37
N ASN B 450 13.99 55.19 2.16
CA ASN B 450 12.55 55.30 1.97
C ASN B 450 11.82 53.98 2.14
N TYR B 451 12.55 52.86 2.24
CA TYR B 451 11.95 51.55 2.41
C TYR B 451 12.23 51.05 3.83
N LEU B 452 11.16 50.71 4.56
CA LEU B 452 11.25 50.34 5.95
C LEU B 452 10.59 48.98 6.18
N TYR B 453 11.04 48.29 7.22
CA TYR B 453 10.46 47.02 7.63
C TYR B 453 10.24 47.04 9.13
N ARG B 454 9.23 46.30 9.56
CA ARG B 454 8.88 46.22 10.98
C ARG B 454 9.81 45.21 11.66
N LEU B 455 10.76 45.72 12.44
CA LEU B 455 11.70 44.82 13.12
C LEU B 455 11.08 44.19 14.35
N PHE B 456 10.19 44.89 15.04
CA PHE B 456 9.65 44.45 16.32
C PHE B 456 8.13 44.43 16.29
N ARG B 457 7.55 43.36 16.83
CA ARG B 457 6.11 43.28 17.03
C ARG B 457 5.82 42.37 18.21
N LYS B 458 4.64 42.55 18.81
CA LYS B 458 4.27 41.78 19.98
C LYS B 458 3.84 40.35 19.62
N SER B 459 3.23 40.16 18.45
CA SER B 459 2.75 38.85 18.05
C SER B 459 2.81 38.74 16.54
N ASN B 460 2.74 37.50 16.05
CA ASN B 460 2.86 37.25 14.63
C ASN B 460 1.61 37.68 13.89
N LEU B 461 1.78 38.11 12.65
CA LEU B 461 0.65 38.54 11.83
C LEU B 461 -0.18 37.36 11.37
N LYS B 462 -1.46 37.61 11.13
CA LYS B 462 -2.29 36.68 10.38
C LYS B 462 -1.94 36.75 8.90
N PRO B 463 -2.31 35.73 8.12
CA PRO B 463 -2.12 35.81 6.67
C PRO B 463 -2.90 36.96 6.03
N PHE B 464 -2.23 37.67 5.13
CA PHE B 464 -2.75 38.83 4.41
C PHE B 464 -3.25 39.94 5.34
N GLU B 465 -2.55 40.15 6.44
CA GLU B 465 -2.87 41.21 7.38
C GLU B 465 -1.80 42.30 7.28
N ARG B 466 -2.24 43.55 7.25
CA ARG B 466 -1.35 44.70 7.14
C ARG B 466 -1.32 45.43 8.48
N ASP B 467 -0.13 45.72 8.97
CA ASP B 467 0.05 46.47 10.21
C ASP B 467 0.87 47.73 9.91
N ILE B 468 0.23 48.89 10.00
CA ILE B 468 0.89 50.16 9.80
C ILE B 468 1.00 50.94 11.10
N SER B 469 0.67 50.32 12.23
CA SER B 469 0.72 50.99 13.52
C SER B 469 2.17 51.19 13.96
N THR B 470 2.47 52.39 14.46
CA THR B 470 3.83 52.75 14.85
C THR B 470 3.94 53.07 16.34
N GLU B 471 3.32 52.26 17.19
CA GLU B 471 3.51 52.46 18.62
C GLU B 471 4.91 51.98 19.04
N ILE B 472 5.40 52.55 20.14
CA ILE B 472 6.73 52.25 20.61
C ILE B 472 6.76 50.86 21.22
N TYR B 473 7.66 50.01 20.73
CA TYR B 473 7.71 48.62 21.16
C TYR B 473 8.42 48.51 22.50
N GLN B 474 7.92 47.61 23.35
CA GLN B 474 8.55 47.28 24.62
C GLN B 474 9.37 46.01 24.47
N ALA B 475 10.69 46.16 24.44
CA ALA B 475 11.59 45.01 24.37
C ALA B 475 12.17 44.65 25.73
N GLY B 476 11.71 45.29 26.79
CA GLY B 476 12.25 45.06 28.12
C GLY B 476 11.17 44.89 29.17
N SER B 477 11.54 45.13 30.43
CA SER B 477 10.61 45.00 31.55
C SER B 477 9.85 46.29 31.82
N THR B 478 10.51 47.43 31.67
CA THR B 478 9.89 48.72 31.95
C THR B 478 8.96 49.12 30.82
N PRO B 479 7.71 49.47 31.10
CA PRO B 479 6.78 49.85 30.03
C PRO B 479 7.17 51.19 29.40
N CYS B 480 6.90 51.30 28.10
CA CYS B 480 7.28 52.49 27.36
C CYS B 480 6.38 53.68 27.66
N ASN B 481 5.06 53.41 27.83
CA ASN B 481 4.01 54.43 27.90
C ASN B 481 4.05 55.36 26.69
N GLY B 482 4.27 54.78 25.51
CA GLY B 482 4.26 55.51 24.25
C GLY B 482 5.46 56.38 23.99
N VAL B 483 6.50 56.29 24.84
CA VAL B 483 7.69 57.12 24.76
C VAL B 483 8.90 56.20 24.70
N GLU B 484 9.84 56.50 23.80
CA GLU B 484 11.07 55.73 23.73
C GLU B 484 11.94 55.97 24.97
N GLY B 485 12.80 55.00 25.24
CA GLY B 485 13.66 55.01 26.41
C GLY B 485 14.57 53.80 26.39
N PHE B 486 14.95 53.30 27.56
CA PHE B 486 15.68 52.04 27.62
C PHE B 486 14.75 50.90 27.22
N ASN B 487 15.20 50.10 26.24
CA ASN B 487 14.46 48.97 25.66
C ASN B 487 13.10 49.40 25.11
N CYS B 488 13.02 50.62 24.57
CA CYS B 488 11.80 51.12 23.95
C CYS B 488 12.19 51.76 22.62
N TYR B 489 11.76 51.14 21.52
CA TYR B 489 12.27 51.46 20.20
C TYR B 489 11.13 51.78 19.25
N PHE B 490 11.43 52.57 18.24
CA PHE B 490 10.51 52.68 17.10
C PHE B 490 10.52 51.37 16.33
N PRO B 491 9.35 50.80 16.03
CA PRO B 491 9.31 49.42 15.50
C PRO B 491 9.74 49.30 14.06
N LEU B 492 9.77 50.39 13.30
CA LEU B 492 10.13 50.34 11.89
C LEU B 492 11.58 50.79 11.73
N GLN B 493 12.40 49.93 11.12
CA GLN B 493 13.76 50.27 10.76
C GLN B 493 13.91 50.27 9.25
N SER B 494 14.69 51.20 8.73
CA SER B 494 14.85 51.34 7.29
C SER B 494 16.05 50.53 6.80
N TYR B 495 15.90 49.96 5.61
CA TYR B 495 17.04 49.40 4.89
C TYR B 495 17.99 50.50 4.47
N GLY B 496 19.29 50.25 4.61
CA GLY B 496 20.26 51.14 3.99
C GLY B 496 20.63 50.62 2.62
N PHE B 497 20.01 51.18 1.58
CA PHE B 497 20.17 50.67 0.22
C PHE B 497 21.23 51.48 -0.50
N GLN B 498 22.40 50.87 -0.72
CA GLN B 498 23.51 51.45 -1.45
C GLN B 498 23.86 50.57 -2.64
N PRO B 499 24.41 51.14 -3.72
CA PRO B 499 24.78 50.29 -4.87
C PRO B 499 25.99 49.42 -4.61
N THR B 500 26.85 49.80 -3.66
CA THR B 500 28.08 49.04 -3.40
C THR B 500 27.83 47.79 -2.56
N TYR B 501 26.65 47.64 -1.98
CA TYR B 501 26.32 46.46 -1.19
C TYR B 501 26.19 45.23 -2.09
N GLY B 502 26.61 44.09 -1.54
CA GLY B 502 26.59 42.85 -2.29
C GLY B 502 25.18 42.34 -2.52
N VAL B 503 25.08 41.35 -3.41
CA VAL B 503 23.79 40.77 -3.76
C VAL B 503 23.29 39.95 -2.58
N GLY B 504 22.11 40.31 -2.08
CA GLY B 504 21.60 39.81 -0.81
C GLY B 504 21.34 40.89 0.21
N TYR B 505 22.03 42.02 0.10
CA TYR B 505 21.72 43.23 0.85
C TYR B 505 21.13 44.32 -0.04
N GLN B 506 20.80 43.99 -1.29
CA GLN B 506 20.32 44.80 -2.40
C GLN B 506 18.81 44.75 -2.49
N PRO B 507 18.15 45.81 -2.98
CA PRO B 507 16.69 45.83 -2.97
C PRO B 507 16.11 44.93 -4.05
N TYR B 508 15.06 44.20 -3.67
CA TYR B 508 14.32 43.34 -4.59
C TYR B 508 12.85 43.77 -4.56
N ARG B 509 12.33 44.14 -5.73
CA ARG B 509 10.92 44.44 -5.87
C ARG B 509 10.13 43.14 -6.02
N VAL B 510 9.18 42.91 -5.11
CA VAL B 510 8.43 41.67 -5.02
C VAL B 510 6.97 41.97 -5.29
N VAL B 511 6.40 41.26 -6.27
CA VAL B 511 4.99 41.31 -6.62
C VAL B 511 4.42 39.91 -6.42
N VAL B 512 3.39 39.80 -5.59
CA VAL B 512 2.75 38.53 -5.28
C VAL B 512 1.36 38.55 -5.89
N LEU B 513 1.08 37.62 -6.78
CA LEU B 513 -0.24 37.50 -7.39
C LEU B 513 -1.01 36.43 -6.64
N SER B 514 -2.30 36.70 -6.43
CA SER B 514 -3.19 35.82 -5.69
C SER B 514 -4.47 35.64 -6.48
N PHE B 515 -4.89 34.39 -6.64
CA PHE B 515 -6.05 34.02 -7.43
C PHE B 515 -7.00 33.19 -6.58
N GLU B 516 -8.25 33.09 -7.02
CA GLU B 516 -9.17 32.07 -6.56
C GLU B 516 -9.58 31.22 -7.75
N LEU B 517 -9.47 29.90 -7.59
CA LEU B 517 -9.55 28.95 -8.69
C LEU B 517 -10.93 28.34 -8.80
N LEU B 518 -11.74 28.90 -9.71
CA LEU B 518 -12.92 28.24 -10.29
C LEU B 518 -13.99 27.89 -9.26
N HIS B 519 -14.42 28.91 -8.53
CA HIS B 519 -15.50 28.75 -7.59
C HIS B 519 -16.54 29.84 -7.69
N ALA B 520 -16.22 30.98 -8.28
CA ALA B 520 -17.16 32.07 -8.54
C ALA B 520 -17.15 32.37 -10.04
N PRO B 521 -18.08 33.19 -10.54
CA PRO B 521 -17.90 33.74 -11.90
C PRO B 521 -16.60 34.52 -12.00
N ALA B 522 -15.84 34.26 -13.05
CA ALA B 522 -14.48 34.75 -13.19
C ALA B 522 -14.45 35.97 -14.12
N THR B 523 -13.64 36.96 -13.73
CA THR B 523 -13.47 38.18 -14.50
C THR B 523 -12.12 38.30 -15.19
N VAL B 524 -11.14 37.51 -14.79
CA VAL B 524 -9.80 37.52 -15.36
C VAL B 524 -9.58 36.20 -16.08
N CYS B 525 -9.23 36.26 -17.36
CA CYS B 525 -9.04 35.08 -18.20
C CYS B 525 -7.77 35.26 -19.01
N GLY B 526 -7.17 34.12 -19.39
CA GLY B 526 -6.11 34.16 -20.38
C GLY B 526 -6.61 34.34 -21.79
N PRO B 527 -5.65 34.48 -22.72
CA PRO B 527 -5.96 35.03 -24.06
C PRO B 527 -6.51 34.02 -25.05
N LYS B 528 -6.96 32.85 -24.59
CA LYS B 528 -7.56 31.87 -25.49
C LYS B 528 -8.90 32.34 -26.02
N LYS B 529 -9.10 32.20 -27.33
CA LYS B 529 -10.30 32.67 -27.99
C LYS B 529 -11.43 31.66 -27.86
N SER B 530 -12.65 32.17 -27.73
CA SER B 530 -13.82 31.32 -27.56
C SER B 530 -14.34 30.84 -28.91
N THR B 531 -14.83 29.60 -28.94
CA THR B 531 -15.43 29.03 -30.13
C THR B 531 -16.95 29.08 -30.03
N ASN B 532 -17.62 28.53 -31.04
CA ASN B 532 -19.07 28.46 -31.04
C ASN B 532 -19.55 27.39 -30.07
N LEU B 533 -20.78 27.55 -29.60
CA LEU B 533 -21.38 26.62 -28.66
C LEU B 533 -22.13 25.56 -29.45
N VAL B 534 -21.70 24.30 -29.31
CA VAL B 534 -22.31 23.18 -30.03
C VAL B 534 -23.01 22.29 -29.01
N LYS B 535 -24.30 22.09 -29.19
CA LYS B 535 -25.12 21.29 -28.31
C LYS B 535 -25.50 19.97 -28.95
N ASN B 536 -25.97 19.05 -28.10
CA ASN B 536 -26.53 17.74 -28.45
C ASN B 536 -25.53 16.83 -29.17
N LYS B 537 -24.23 17.05 -28.96
CA LYS B 537 -23.20 16.12 -29.42
C LYS B 537 -22.32 15.80 -28.23
N CYS B 538 -21.56 14.71 -28.34
CA CYS B 538 -20.58 14.38 -27.31
C CYS B 538 -19.31 15.12 -27.67
N VAL B 539 -19.03 16.22 -26.96
CA VAL B 539 -17.90 17.07 -27.28
C VAL B 539 -17.09 17.38 -26.03
N ASN B 540 -15.84 17.79 -26.27
CA ASN B 540 -15.01 18.36 -25.23
C ASN B 540 -15.47 19.79 -24.99
N PHE B 541 -15.46 20.22 -23.73
CA PHE B 541 -15.86 21.57 -23.39
C PHE B 541 -14.83 22.20 -22.46
N ASN B 542 -14.71 23.53 -22.59
CA ASN B 542 -13.81 24.33 -21.78
C ASN B 542 -14.59 25.58 -21.39
N PHE B 543 -15.18 25.56 -20.20
CA PHE B 543 -15.97 26.67 -19.68
C PHE B 543 -15.16 27.34 -18.57
N ASN B 544 -14.56 28.50 -18.91
CA ASN B 544 -13.81 29.34 -17.98
C ASN B 544 -12.65 28.59 -17.33
N GLY B 545 -11.95 27.77 -18.11
CA GLY B 545 -10.89 26.93 -17.60
C GLY B 545 -11.35 25.58 -17.09
N LEU B 546 -12.65 25.34 -17.03
CA LEU B 546 -13.20 24.06 -16.61
C LEU B 546 -13.27 23.14 -17.83
N THR B 547 -12.36 22.17 -17.89
CA THR B 547 -12.32 21.24 -19.02
C THR B 547 -13.12 19.99 -18.72
N GLY B 548 -13.58 19.34 -19.78
CA GLY B 548 -14.29 18.09 -19.62
C GLY B 548 -14.76 17.56 -20.96
N THR B 549 -15.48 16.45 -20.90
CA THR B 549 -16.09 15.85 -22.09
C THR B 549 -17.49 15.40 -21.77
N GLY B 550 -18.49 16.00 -22.40
CA GLY B 550 -19.85 15.55 -22.19
C GLY B 550 -20.82 16.21 -23.15
N VAL B 551 -21.98 15.57 -23.29
CA VAL B 551 -23.06 16.14 -24.10
C VAL B 551 -23.65 17.35 -23.39
N LEU B 552 -23.74 18.47 -24.10
CA LEU B 552 -24.30 19.70 -23.56
C LEU B 552 -25.76 19.81 -23.98
N THR B 553 -26.66 19.93 -23.01
CA THR B 553 -28.08 20.07 -23.27
C THR B 553 -28.61 21.30 -22.54
N GLU B 554 -29.72 21.83 -23.04
CA GLU B 554 -30.38 22.96 -22.39
C GLU B 554 -31.00 22.52 -21.07
N SER B 555 -30.84 23.34 -20.04
CA SER B 555 -31.17 22.94 -18.68
C SER B 555 -32.38 23.69 -18.14
N ASN B 556 -33.14 23.00 -17.30
CA ASN B 556 -34.27 23.58 -16.59
C ASN B 556 -33.90 24.15 -15.23
N LYS B 557 -32.68 23.95 -14.77
CA LYS B 557 -32.25 24.50 -13.49
C LYS B 557 -32.08 26.00 -13.58
N LYS B 558 -32.46 26.69 -12.52
CA LYS B 558 -32.39 28.15 -12.44
C LYS B 558 -31.32 28.51 -11.42
N PHE B 559 -30.18 28.98 -11.89
CA PHE B 559 -29.07 29.32 -11.01
C PHE B 559 -29.31 30.67 -10.34
N LEU B 560 -28.88 30.77 -9.09
CA LEU B 560 -28.81 32.06 -8.44
C LEU B 560 -27.65 32.87 -9.05
N PRO B 561 -27.73 34.20 -9.02
CA PRO B 561 -26.72 35.01 -9.74
C PRO B 561 -25.30 34.91 -9.19
N PHE B 562 -25.11 34.43 -7.97
CA PHE B 562 -23.76 34.19 -7.47
C PHE B 562 -23.24 32.80 -7.83
N GLN B 563 -24.05 31.98 -8.50
CA GLN B 563 -23.67 30.61 -8.83
C GLN B 563 -23.27 30.52 -10.29
N GLN B 564 -22.19 29.79 -10.55
CA GLN B 564 -21.69 29.58 -11.91
C GLN B 564 -21.86 28.15 -12.39
N PHE B 565 -21.58 27.16 -11.55
CA PHE B 565 -21.64 25.75 -11.95
C PHE B 565 -22.43 24.97 -10.91
N GLY B 566 -22.77 23.75 -11.26
CA GLY B 566 -23.44 22.84 -10.36
C GLY B 566 -22.76 21.49 -10.28
N ARG B 567 -22.73 20.93 -9.07
CA ARG B 567 -22.10 19.65 -8.83
C ARG B 567 -23.12 18.58 -8.47
N ASP B 568 -22.82 17.34 -8.84
CA ASP B 568 -23.64 16.18 -8.53
C ASP B 568 -23.14 15.55 -7.22
N ILE B 569 -23.55 14.29 -6.99
CA ILE B 569 -23.12 13.54 -5.81
C ILE B 569 -21.61 13.37 -5.78
N ALA B 570 -21.02 13.05 -6.93
CA ALA B 570 -19.58 12.78 -7.01
C ALA B 570 -18.74 14.04 -7.22
N ASP B 571 -19.33 15.23 -7.05
CA ASP B 571 -18.69 16.53 -7.23
C ASP B 571 -18.08 16.70 -8.63
N THR B 572 -18.78 16.20 -9.63
CA THR B 572 -18.48 16.50 -11.02
C THR B 572 -19.48 17.54 -11.51
N THR B 573 -19.02 18.42 -12.40
CA THR B 573 -19.87 19.51 -12.86
C THR B 573 -20.95 18.94 -13.79
N ASP B 574 -22.18 18.87 -13.28
CA ASP B 574 -23.30 18.38 -14.07
C ASP B 574 -24.14 19.50 -14.68
N ALA B 575 -23.94 20.74 -14.25
CA ALA B 575 -24.63 21.88 -14.86
C ALA B 575 -23.67 23.06 -14.85
N VAL B 576 -23.70 23.85 -15.93
CA VAL B 576 -22.76 24.95 -16.08
C VAL B 576 -23.46 26.12 -16.74
N ARG B 577 -23.06 27.34 -16.38
CA ARG B 577 -23.56 28.54 -17.01
C ARG B 577 -22.57 28.99 -18.08
N ASP B 578 -23.08 29.22 -19.28
CA ASP B 578 -22.24 29.71 -20.38
C ASP B 578 -21.86 31.16 -20.13
N PRO B 579 -20.59 31.52 -20.19
CA PRO B 579 -20.15 32.87 -19.76
C PRO B 579 -20.47 33.96 -20.76
N GLN B 580 -20.92 33.64 -21.98
CA GLN B 580 -21.25 34.64 -22.97
C GLN B 580 -22.74 34.89 -23.04
N THR B 581 -23.54 33.85 -23.25
CA THR B 581 -24.99 33.93 -23.13
C THR B 581 -25.36 33.21 -21.85
N LEU B 582 -25.88 33.96 -20.88
CA LEU B 582 -26.07 33.45 -19.51
C LEU B 582 -27.25 32.47 -19.51
N GLU B 583 -26.95 31.24 -19.92
CA GLU B 583 -27.92 30.15 -19.90
C GLU B 583 -27.28 28.94 -19.23
N ILE B 584 -28.13 28.08 -18.69
CA ILE B 584 -27.68 26.91 -17.94
C ILE B 584 -27.75 25.70 -18.85
N LEU B 585 -26.74 24.85 -18.77
CA LEU B 585 -26.65 23.65 -19.59
C LEU B 585 -26.36 22.46 -18.70
N ASP B 586 -27.16 21.40 -18.81
CA ASP B 586 -26.79 20.13 -18.21
C ASP B 586 -25.69 19.47 -19.04
N ILE B 587 -24.80 18.79 -18.35
CA ILE B 587 -23.70 18.08 -18.99
C ILE B 587 -23.89 16.60 -18.71
N THR B 588 -24.36 15.87 -19.69
CA THR B 588 -24.52 14.45 -19.47
C THR B 588 -23.24 13.76 -19.88
N PRO B 589 -22.93 12.58 -19.35
CA PRO B 589 -21.75 11.86 -19.84
C PRO B 589 -22.03 11.18 -21.17
N CYS B 590 -20.95 11.06 -21.95
CA CYS B 590 -21.03 10.37 -23.24
C CYS B 590 -21.23 8.89 -22.99
N SER B 591 -21.97 8.25 -23.90
CA SER B 591 -22.37 6.86 -23.73
C SER B 591 -21.15 5.92 -23.64
N PHE B 592 -21.22 5.03 -22.66
CA PHE B 592 -20.19 4.02 -22.43
C PHE B 592 -20.88 2.71 -22.13
N GLY B 593 -20.10 1.64 -22.17
CA GLY B 593 -20.62 0.34 -21.75
C GLY B 593 -19.59 -0.73 -21.97
N GLY B 594 -19.92 -1.94 -21.52
CA GLY B 594 -19.06 -3.06 -21.75
C GLY B 594 -19.23 -3.63 -23.14
N VAL B 595 -18.16 -4.23 -23.65
CA VAL B 595 -18.14 -4.93 -24.92
C VAL B 595 -17.86 -6.39 -24.63
N SER B 596 -18.85 -7.23 -24.87
CA SER B 596 -18.78 -8.65 -24.59
C SER B 596 -18.85 -9.40 -25.92
N VAL B 597 -18.16 -10.52 -26.00
CA VAL B 597 -18.08 -11.32 -27.21
C VAL B 597 -18.78 -12.64 -26.96
N ILE B 598 -19.79 -12.92 -27.77
CA ILE B 598 -20.53 -14.18 -27.70
C ILE B 598 -20.00 -15.07 -28.81
N THR B 599 -19.47 -16.22 -28.42
CA THR B 599 -18.93 -17.15 -29.39
C THR B 599 -19.26 -18.57 -28.97
N PRO B 600 -19.37 -19.49 -29.94
CA PRO B 600 -19.25 -20.90 -29.60
C PRO B 600 -17.80 -21.31 -29.43
N GLY B 601 -17.54 -22.60 -29.28
CA GLY B 601 -16.18 -23.08 -29.22
C GLY B 601 -15.46 -22.86 -30.54
N THR B 602 -14.15 -22.60 -30.44
CA THR B 602 -13.33 -22.45 -31.65
C THR B 602 -13.16 -23.77 -32.38
N ASN B 603 -13.35 -24.90 -31.69
CA ASN B 603 -13.50 -26.17 -32.39
C ASN B 603 -14.75 -26.19 -33.24
N THR B 604 -15.81 -25.51 -32.80
CA THR B 604 -17.06 -25.50 -33.56
C THR B 604 -17.02 -24.47 -34.69
N SER B 605 -16.82 -23.19 -34.34
CA SER B 605 -16.85 -22.13 -35.34
C SER B 605 -16.05 -20.93 -34.84
N ASN B 606 -15.68 -20.07 -35.78
CA ASN B 606 -15.01 -18.82 -35.47
C ASN B 606 -15.92 -17.60 -35.54
N GLN B 607 -17.21 -17.79 -35.81
CA GLN B 607 -18.15 -16.68 -35.86
C GLN B 607 -18.44 -16.15 -34.46
N VAL B 608 -18.46 -14.83 -34.33
CA VAL B 608 -18.72 -14.16 -33.05
C VAL B 608 -19.82 -13.14 -33.23
N ALA B 609 -20.42 -12.77 -32.10
CA ALA B 609 -21.35 -11.65 -32.02
C ALA B 609 -20.89 -10.71 -30.91
N VAL B 610 -21.24 -9.44 -31.04
CA VAL B 610 -20.77 -8.41 -30.11
C VAL B 610 -21.96 -7.82 -29.39
N LEU B 611 -21.89 -7.81 -28.06
CA LEU B 611 -22.89 -7.18 -27.21
C LEU B 611 -22.31 -5.91 -26.62
N TYR B 612 -22.94 -4.78 -26.91
CA TYR B 612 -22.62 -3.50 -26.29
C TYR B 612 -23.64 -3.30 -25.19
N GLN B 613 -23.20 -3.43 -23.94
CA GLN B 613 -24.09 -3.44 -22.80
C GLN B 613 -24.59 -2.04 -22.48
N ASP B 614 -25.91 -1.93 -22.27
CA ASP B 614 -26.61 -0.67 -21.93
C ASP B 614 -26.37 0.42 -22.97
N VAL B 615 -26.29 0.02 -24.23
CA VAL B 615 -25.96 0.91 -25.34
C VAL B 615 -27.05 0.78 -26.38
N ASN B 616 -27.63 1.92 -26.77
CA ASN B 616 -28.63 1.92 -27.82
C ASN B 616 -27.98 1.63 -29.17
N CYS B 617 -28.75 0.96 -30.04
CA CYS B 617 -28.23 0.48 -31.32
C CYS B 617 -28.01 1.60 -32.33
N THR B 618 -28.55 2.79 -32.09
CA THR B 618 -28.45 3.90 -33.03
C THR B 618 -27.18 4.71 -32.85
N GLU B 619 -26.40 4.46 -31.79
CA GLU B 619 -25.21 5.23 -31.50
C GLU B 619 -23.95 4.38 -31.43
N VAL B 620 -23.96 3.20 -32.03
CA VAL B 620 -22.77 2.35 -32.05
C VAL B 620 -22.26 2.18 -33.48
N ASN B 641 -27.68 -7.52 -39.16
CA ASN B 641 -27.91 -8.33 -37.97
C ASN B 641 -27.70 -7.50 -36.71
N VAL B 642 -28.53 -6.47 -36.55
CA VAL B 642 -28.49 -5.59 -35.39
C VAL B 642 -29.81 -5.74 -34.65
N PHE B 643 -29.74 -6.08 -33.37
CA PHE B 643 -30.93 -6.34 -32.57
C PHE B 643 -30.81 -5.62 -31.24
N GLN B 644 -31.88 -4.95 -30.82
CA GLN B 644 -31.89 -4.22 -29.57
C GLN B 644 -32.50 -5.09 -28.46
N THR B 645 -31.70 -5.38 -27.44
CA THR B 645 -32.16 -6.08 -26.25
C THR B 645 -32.17 -5.12 -25.07
N ARG B 646 -32.74 -5.59 -23.96
CA ARG B 646 -32.64 -4.82 -22.73
C ARG B 646 -31.25 -4.89 -22.13
N ALA B 647 -30.52 -5.98 -22.42
CA ALA B 647 -29.13 -6.07 -21.97
C ALA B 647 -28.21 -5.16 -22.76
N GLY B 648 -28.59 -4.86 -24.01
CA GLY B 648 -27.78 -3.96 -24.82
C GLY B 648 -28.04 -4.23 -26.29
N CYS B 649 -27.16 -3.66 -27.11
CA CYS B 649 -27.25 -3.83 -28.56
C CYS B 649 -26.42 -5.04 -28.97
N LEU B 650 -27.02 -5.95 -29.73
CA LEU B 650 -26.36 -7.19 -30.15
C LEU B 650 -26.18 -7.15 -31.65
N ILE B 651 -24.93 -7.20 -32.10
CA ILE B 651 -24.57 -7.12 -33.51
C ILE B 651 -23.95 -8.44 -33.93
N GLY B 652 -24.45 -9.01 -35.03
CA GLY B 652 -23.95 -10.25 -35.56
C GLY B 652 -24.78 -11.47 -35.24
N ALA B 653 -25.89 -11.32 -34.54
CA ALA B 653 -26.78 -12.41 -34.19
C ALA B 653 -28.13 -12.18 -34.84
N GLU B 654 -28.66 -13.19 -35.51
CA GLU B 654 -29.95 -13.10 -36.18
C GLU B 654 -31.05 -13.43 -35.18
N HIS B 655 -31.93 -12.45 -34.92
CA HIS B 655 -33.02 -12.66 -33.99
C HIS B 655 -34.10 -13.50 -34.65
N VAL B 656 -34.55 -14.54 -33.94
CA VAL B 656 -35.56 -15.45 -34.46
C VAL B 656 -36.76 -15.43 -33.51
N ASN B 657 -37.92 -15.79 -34.06
CA ASN B 657 -39.16 -15.83 -33.29
C ASN B 657 -39.35 -17.15 -32.55
N ASN B 658 -38.52 -18.16 -32.83
CA ASN B 658 -38.65 -19.44 -32.18
C ASN B 658 -37.94 -19.42 -30.83
N SER B 659 -38.43 -20.26 -29.92
CA SER B 659 -37.89 -20.35 -28.56
C SER B 659 -37.17 -21.68 -28.38
N TYR B 660 -35.95 -21.62 -27.86
CA TYR B 660 -35.14 -22.80 -27.61
C TYR B 660 -34.64 -22.76 -26.17
N GLU B 661 -33.93 -23.81 -25.77
CA GLU B 661 -33.25 -23.83 -24.49
C GLU B 661 -32.03 -22.90 -24.54
N CYS B 662 -31.74 -22.25 -23.41
CA CYS B 662 -30.67 -21.28 -23.35
C CYS B 662 -29.32 -21.97 -23.48
N ASP B 663 -28.55 -21.54 -24.49
CA ASP B 663 -27.21 -22.07 -24.73
C ASP B 663 -26.15 -21.12 -24.20
N ILE B 664 -26.14 -19.88 -24.68
CA ILE B 664 -25.25 -18.83 -24.21
C ILE B 664 -26.14 -17.72 -23.65
N PRO B 665 -26.07 -17.41 -22.36
CA PRO B 665 -26.98 -16.40 -21.80
C PRO B 665 -26.57 -14.99 -22.20
N ILE B 666 -27.54 -14.23 -22.71
CA ILE B 666 -27.36 -12.81 -22.97
C ILE B 666 -27.96 -11.98 -21.86
N GLY B 667 -29.18 -12.30 -21.45
CA GLY B 667 -29.82 -11.57 -20.39
C GLY B 667 -31.20 -11.08 -20.79
N ALA B 668 -32.03 -10.75 -19.80
CA ALA B 668 -33.40 -10.27 -19.97
C ALA B 668 -34.25 -11.24 -20.79
N GLY B 669 -34.04 -12.53 -20.58
CA GLY B 669 -34.73 -13.57 -21.31
C GLY B 669 -34.15 -13.89 -22.67
N ILE B 670 -33.08 -13.21 -23.08
CA ILE B 670 -32.48 -13.43 -24.39
C ILE B 670 -31.29 -14.36 -24.23
N CYS B 671 -31.19 -15.36 -25.11
CA CYS B 671 -30.06 -16.27 -25.15
C CYS B 671 -29.62 -16.45 -26.59
N ALA B 672 -28.34 -16.78 -26.77
CA ALA B 672 -27.76 -16.96 -28.09
C ALA B 672 -27.27 -18.39 -28.25
N SER B 673 -27.23 -18.84 -29.49
CA SER B 673 -26.80 -20.19 -29.80
C SER B 673 -26.21 -20.23 -31.21
N TYR B 674 -25.57 -21.35 -31.54
CA TYR B 674 -25.01 -21.58 -32.86
C TYR B 674 -25.73 -22.73 -33.53
N GLN B 675 -26.20 -22.51 -34.76
CA GLN B 675 -26.89 -23.55 -35.51
C GLN B 675 -26.69 -23.35 -37.01
N SER B 691 -24.65 -20.12 -38.39
CA SER B 691 -24.72 -18.75 -37.90
C SER B 691 -25.14 -18.71 -36.43
N ILE B 692 -24.96 -17.56 -35.81
CA ILE B 692 -25.33 -17.35 -34.41
C ILE B 692 -26.71 -16.71 -34.38
N ILE B 693 -27.63 -17.34 -33.67
CA ILE B 693 -28.99 -16.84 -33.54
C ILE B 693 -29.21 -16.39 -32.10
N ALA B 694 -30.14 -15.44 -31.95
CA ALA B 694 -30.57 -14.95 -30.66
C ALA B 694 -32.08 -15.13 -30.54
N TYR B 695 -32.54 -15.49 -29.35
CA TYR B 695 -33.92 -15.88 -29.18
C TYR B 695 -34.34 -15.64 -27.75
N THR B 696 -35.66 -15.66 -27.54
CA THR B 696 -36.20 -15.72 -26.19
C THR B 696 -36.16 -17.16 -25.71
N MET B 697 -35.53 -17.38 -24.55
CA MET B 697 -35.32 -18.73 -24.06
C MET B 697 -36.62 -19.36 -23.60
N SER B 698 -36.69 -20.68 -23.68
CA SER B 698 -37.86 -21.42 -23.24
C SER B 698 -37.51 -22.18 -21.98
N LEU B 699 -38.52 -22.41 -21.15
CA LEU B 699 -38.25 -23.01 -19.85
C LEU B 699 -38.42 -24.52 -19.84
N GLY B 700 -39.02 -25.08 -20.87
CA GLY B 700 -39.27 -26.50 -20.93
C GLY B 700 -40.51 -26.77 -21.76
N ALA B 701 -40.86 -28.05 -21.83
CA ALA B 701 -41.99 -28.49 -22.63
C ALA B 701 -43.26 -28.32 -21.82
N GLU B 702 -44.30 -27.77 -22.47
CA GLU B 702 -45.59 -27.65 -21.82
C GLU B 702 -46.18 -29.04 -21.58
N ASN B 703 -46.65 -29.28 -20.36
CA ASN B 703 -47.19 -30.59 -19.97
C ASN B 703 -48.51 -30.34 -19.23
N SER B 704 -49.61 -30.31 -19.97
CA SER B 704 -50.93 -30.18 -19.35
C SER B 704 -51.32 -31.51 -18.72
N VAL B 705 -51.27 -31.58 -17.39
CA VAL B 705 -51.63 -32.80 -16.69
C VAL B 705 -53.14 -33.01 -16.77
N ALA B 706 -53.54 -34.21 -17.18
CA ALA B 706 -54.94 -34.56 -17.37
C ALA B 706 -55.67 -34.72 -16.04
N TYR B 707 -55.96 -33.62 -15.36
CA TYR B 707 -56.61 -33.66 -14.07
C TYR B 707 -58.12 -33.82 -14.21
N SER B 708 -58.68 -34.69 -13.38
CA SER B 708 -60.11 -34.73 -13.14
C SER B 708 -60.32 -35.22 -11.72
N ASN B 709 -61.58 -35.15 -11.27
CA ASN B 709 -61.87 -35.36 -9.86
C ASN B 709 -61.99 -36.84 -9.47
N ASN B 710 -61.90 -37.77 -10.42
CA ASN B 710 -62.04 -39.17 -10.07
C ASN B 710 -61.09 -40.07 -10.85
N SER B 711 -60.00 -39.52 -11.37
CA SER B 711 -59.02 -40.30 -12.12
C SER B 711 -57.65 -40.19 -11.46
N ILE B 712 -56.91 -41.29 -11.45
CA ILE B 712 -55.58 -41.34 -10.89
C ILE B 712 -54.67 -42.01 -11.90
N ALA B 713 -53.38 -41.73 -11.79
CA ALA B 713 -52.36 -42.38 -12.60
C ALA B 713 -51.47 -43.20 -11.68
N ILE B 714 -51.37 -44.50 -11.94
CA ILE B 714 -50.63 -45.43 -11.11
C ILE B 714 -49.48 -45.99 -11.94
N PRO B 715 -48.25 -45.96 -11.44
CA PRO B 715 -47.13 -46.53 -12.20
C PRO B 715 -47.20 -48.05 -12.24
N THR B 716 -46.86 -48.61 -13.40
CA THR B 716 -46.81 -50.05 -13.58
C THR B 716 -45.39 -50.58 -13.68
N ASN B 717 -44.38 -49.70 -13.68
CA ASN B 717 -43.01 -50.13 -13.82
C ASN B 717 -42.10 -49.10 -13.17
N PHE B 718 -40.80 -49.36 -13.21
CA PHE B 718 -39.84 -48.52 -12.52
C PHE B 718 -38.48 -48.56 -13.22
N THR B 719 -37.71 -47.51 -13.00
CA THR B 719 -36.35 -47.39 -13.48
C THR B 719 -35.43 -47.15 -12.29
N ILE B 720 -34.39 -47.96 -12.17
CA ILE B 720 -33.35 -47.76 -11.18
C ILE B 720 -32.34 -46.80 -11.79
N SER B 721 -32.33 -45.56 -11.33
CA SER B 721 -31.56 -44.49 -11.94
C SER B 721 -30.43 -44.08 -11.01
N VAL B 722 -29.21 -44.05 -11.53
CA VAL B 722 -28.04 -43.62 -10.78
C VAL B 722 -27.59 -42.28 -11.34
N THR B 723 -27.45 -41.29 -10.47
CA THR B 723 -27.03 -39.96 -10.86
C THR B 723 -25.79 -39.54 -10.08
N THR B 724 -24.99 -38.67 -10.67
CA THR B 724 -23.76 -38.18 -10.06
C THR B 724 -23.99 -36.82 -9.40
N GLU B 725 -23.39 -36.62 -8.24
CA GLU B 725 -23.33 -35.31 -7.61
C GLU B 725 -21.91 -35.05 -7.14
N ILE B 726 -21.29 -33.99 -7.66
CA ILE B 726 -19.90 -33.66 -7.38
C ILE B 726 -19.87 -32.48 -6.41
N LEU B 727 -19.17 -32.64 -5.29
CA LEU B 727 -19.08 -31.60 -4.26
C LEU B 727 -17.63 -31.36 -3.89
N PRO B 728 -17.13 -30.13 -3.98
CA PRO B 728 -15.79 -29.82 -3.48
C PRO B 728 -15.73 -29.89 -1.96
N VAL B 729 -14.59 -30.33 -1.44
CA VAL B 729 -14.38 -30.54 -0.02
C VAL B 729 -13.29 -29.62 0.54
N SER B 730 -12.14 -29.58 -0.11
CA SER B 730 -11.01 -28.80 0.38
C SER B 730 -10.37 -28.06 -0.78
N MET B 731 -9.46 -27.14 -0.45
CA MET B 731 -8.67 -26.43 -1.44
C MET B 731 -7.20 -26.83 -1.29
N THR B 732 -6.38 -26.24 -2.14
CA THR B 732 -4.93 -26.32 -1.97
C THR B 732 -4.52 -25.46 -0.77
N LYS B 733 -3.81 -26.06 0.17
CA LYS B 733 -3.35 -25.36 1.36
C LYS B 733 -2.13 -24.52 0.98
N THR B 734 -2.30 -23.22 0.87
CA THR B 734 -1.22 -22.32 0.48
C THR B 734 -0.77 -21.52 1.70
N SER B 735 0.55 -21.36 1.83
CA SER B 735 1.16 -20.55 2.87
C SER B 735 2.10 -19.55 2.23
N VAL B 736 2.04 -18.31 2.72
CA VAL B 736 2.83 -17.22 2.16
C VAL B 736 3.72 -16.68 3.26
N ASP B 737 5.02 -16.69 3.02
CA ASP B 737 5.95 -15.90 3.84
C ASP B 737 5.76 -14.44 3.47
N CYS B 738 5.12 -13.68 4.36
CA CYS B 738 4.82 -12.27 4.09
C CYS B 738 6.08 -11.44 3.99
N THR B 739 7.06 -11.69 4.87
CA THR B 739 8.32 -10.95 4.86
C THR B 739 9.11 -11.21 3.58
N MET B 740 9.18 -12.46 3.13
CA MET B 740 9.91 -12.74 1.89
C MET B 740 9.14 -12.28 0.67
N TYR B 741 7.81 -12.27 0.73
CA TYR B 741 7.04 -11.82 -0.42
C TYR B 741 7.18 -10.32 -0.61
N ILE B 742 7.10 -9.56 0.49
CA ILE B 742 7.26 -8.11 0.38
C ILE B 742 8.72 -7.75 0.08
N CYS B 743 9.67 -8.41 0.76
CA CYS B 743 11.03 -7.92 0.81
C CYS B 743 12.10 -8.87 0.30
N GLY B 744 11.85 -10.17 0.29
CA GLY B 744 12.91 -11.09 -0.11
C GLY B 744 13.97 -11.19 0.96
N ASP B 745 15.23 -10.96 0.57
CA ASP B 745 16.36 -11.03 1.48
C ASP B 745 16.92 -9.67 1.86
N SER B 746 16.22 -8.59 1.50
CA SER B 746 16.70 -7.25 1.80
C SER B 746 16.43 -6.92 3.26
N THR B 747 17.49 -6.64 4.02
CA THR B 747 17.32 -6.35 5.45
C THR B 747 16.79 -4.94 5.69
N GLU B 748 17.07 -3.99 4.79
CA GLU B 748 16.55 -2.65 4.93
C GLU B 748 15.05 -2.63 4.71
N CYS B 749 14.58 -3.44 3.77
CA CYS B 749 13.15 -3.59 3.53
C CYS B 749 12.44 -4.17 4.74
N SER B 750 13.04 -5.16 5.41
CA SER B 750 12.41 -5.72 6.59
C SER B 750 12.46 -4.75 7.77
N ASN B 751 13.52 -3.95 7.86
CA ASN B 751 13.58 -2.90 8.88
C ASN B 751 12.50 -1.84 8.67
N LEU B 752 12.21 -1.50 7.41
CA LEU B 752 11.11 -0.60 7.13
C LEU B 752 9.75 -1.29 7.30
N LEU B 753 9.69 -2.60 7.09
CA LEU B 753 8.44 -3.35 7.22
C LEU B 753 8.06 -3.53 8.69
N LEU B 754 9.05 -3.51 9.59
CA LEU B 754 8.75 -3.57 11.02
C LEU B 754 8.03 -2.32 11.54
N GLN B 755 8.05 -1.23 10.78
CA GLN B 755 7.32 -0.03 11.18
C GLN B 755 5.81 -0.22 11.05
N TYR B 756 5.36 -1.13 10.20
CA TYR B 756 3.94 -1.40 10.00
C TYR B 756 3.36 -2.37 10.99
N GLY B 757 4.18 -2.96 11.86
CA GLY B 757 3.65 -3.75 12.95
C GLY B 757 3.42 -5.20 12.60
N SER B 758 2.28 -5.73 13.03
CA SER B 758 2.00 -7.16 12.94
C SER B 758 1.03 -7.49 11.81
N PHE B 759 1.13 -6.81 10.68
CA PHE B 759 0.32 -7.17 9.52
C PHE B 759 0.68 -8.56 8.99
N CYS B 760 1.98 -8.86 8.92
CA CYS B 760 2.44 -10.15 8.40
C CYS B 760 2.00 -11.29 9.31
N THR B 761 1.98 -11.05 10.62
CA THR B 761 1.50 -12.06 11.56
C THR B 761 0.02 -12.35 11.35
N GLN B 762 -0.78 -11.31 11.09
CA GLN B 762 -2.21 -11.51 10.81
C GLN B 762 -2.43 -12.27 9.51
N LEU B 763 -1.66 -11.95 8.47
CA LEU B 763 -1.80 -12.67 7.20
C LEU B 763 -1.39 -14.14 7.34
N ASN B 764 -0.29 -14.41 8.05
CA ASN B 764 0.15 -15.78 8.27
C ASN B 764 -0.85 -16.55 9.12
N ARG B 765 -1.44 -15.90 10.12
CA ARG B 765 -2.40 -16.58 10.99
C ARG B 765 -3.71 -16.87 10.24
N ALA B 766 -4.14 -15.95 9.36
CA ALA B 766 -5.32 -16.20 8.54
C ALA B 766 -5.10 -17.35 7.56
N LEU B 767 -3.92 -17.39 6.93
CA LEU B 767 -3.63 -18.49 6.02
C LEU B 767 -3.47 -19.82 6.76
N THR B 768 -2.92 -19.79 7.98
CA THR B 768 -2.83 -21.00 8.80
C THR B 768 -4.22 -21.50 9.19
N GLY B 769 -5.13 -20.57 9.51
CA GLY B 769 -6.50 -20.96 9.81
C GLY B 769 -7.21 -21.58 8.62
N ILE B 770 -6.98 -21.04 7.43
CA ILE B 770 -7.53 -21.63 6.21
C ILE B 770 -6.95 -23.03 5.98
N ALA B 771 -5.64 -23.17 6.20
CA ALA B 771 -4.97 -24.44 5.96
C ALA B 771 -5.44 -25.53 6.91
N VAL B 772 -5.64 -25.21 8.18
CA VAL B 772 -6.20 -26.22 9.08
C VAL B 772 -7.70 -26.43 8.86
N GLU B 773 -8.40 -25.42 8.31
CA GLU B 773 -9.80 -25.59 8.01
C GLU B 773 -10.03 -26.57 6.87
N GLN B 774 -9.11 -26.61 5.90
CA GLN B 774 -9.23 -27.59 4.80
C GLN B 774 -9.11 -29.03 5.32
N ASP B 775 -8.16 -29.27 6.23
CA ASP B 775 -8.01 -30.60 6.81
C ASP B 775 -9.20 -30.95 7.70
N LYS B 776 -9.75 -29.97 8.41
CA LYS B 776 -10.97 -30.20 9.18
C LYS B 776 -12.14 -30.54 8.28
N ASN B 777 -12.23 -29.89 7.11
CA ASN B 777 -13.29 -30.19 6.14
C ASN B 777 -13.19 -31.62 5.63
N THR B 778 -11.97 -32.05 5.28
CA THR B 778 -11.78 -33.43 4.81
C THR B 778 -12.08 -34.44 5.92
N GLN B 779 -11.71 -34.09 7.16
CA GLN B 779 -11.98 -34.95 8.31
C GLN B 779 -13.47 -35.09 8.56
N GLU B 780 -14.23 -33.99 8.43
CA GLU B 780 -15.67 -34.06 8.63
C GLU B 780 -16.38 -34.78 7.51
N VAL B 781 -15.87 -34.68 6.28
CA VAL B 781 -16.56 -35.33 5.16
C VAL B 781 -16.30 -36.84 5.17
N PHE B 782 -15.03 -37.24 5.18
CA PHE B 782 -14.73 -38.64 4.89
C PHE B 782 -14.58 -39.51 6.13
N ALA B 783 -14.14 -38.97 7.26
CA ALA B 783 -13.87 -39.79 8.44
C ALA B 783 -15.09 -39.84 9.35
N GLN B 784 -16.17 -40.41 8.82
CA GLN B 784 -17.41 -40.57 9.58
C GLN B 784 -17.54 -41.97 10.20
N VAL B 785 -16.57 -42.84 9.98
CA VAL B 785 -16.55 -44.17 10.57
C VAL B 785 -15.18 -44.41 11.19
N LYS B 786 -15.18 -45.07 12.35
CA LYS B 786 -13.94 -45.44 13.03
C LYS B 786 -13.62 -46.92 12.86
N GLN B 787 -14.42 -47.65 12.07
CA GLN B 787 -14.14 -49.04 11.74
C GLN B 787 -13.91 -49.16 10.25
N ILE B 788 -12.79 -49.77 9.86
CA ILE B 788 -12.44 -49.93 8.46
C ILE B 788 -13.04 -51.26 7.99
N TYR B 789 -14.14 -51.19 7.25
CA TYR B 789 -14.82 -52.39 6.80
C TYR B 789 -14.26 -52.85 5.47
N LYS B 790 -14.34 -54.17 5.25
CA LYS B 790 -13.97 -54.77 3.97
C LYS B 790 -15.13 -55.62 3.46
N THR B 791 -15.25 -55.68 2.15
CA THR B 791 -16.19 -56.61 1.53
C THR B 791 -15.68 -58.04 1.64
N PRO B 792 -16.58 -59.03 1.61
CA PRO B 792 -16.14 -60.42 1.56
C PRO B 792 -15.46 -60.73 0.23
N PRO B 793 -14.56 -61.71 0.20
CA PRO B 793 -13.89 -62.08 -1.06
C PRO B 793 -14.84 -62.58 -2.14
N ILE B 794 -15.94 -63.23 -1.76
CA ILE B 794 -16.95 -63.68 -2.73
C ILE B 794 -17.98 -62.58 -2.90
N LYS B 795 -18.14 -62.12 -4.15
CA LYS B 795 -19.03 -61.02 -4.46
C LYS B 795 -20.40 -61.53 -4.91
N ASP B 796 -21.06 -62.27 -4.02
CA ASP B 796 -22.40 -62.80 -4.26
C ASP B 796 -23.40 -61.86 -3.59
N PHE B 797 -23.90 -60.90 -4.37
CA PHE B 797 -24.85 -59.92 -3.86
C PHE B 797 -26.21 -60.04 -4.54
N GLY B 798 -26.58 -61.25 -4.95
CA GLY B 798 -27.85 -61.48 -5.60
C GLY B 798 -27.98 -60.85 -6.99
N GLY B 799 -26.90 -60.87 -7.76
CA GLY B 799 -26.92 -60.31 -9.10
C GLY B 799 -26.46 -58.87 -9.19
N PHE B 800 -26.28 -58.20 -8.05
CA PHE B 800 -25.86 -56.81 -8.04
C PHE B 800 -24.35 -56.72 -8.20
N ASN B 801 -23.91 -55.88 -9.11
CA ASN B 801 -22.49 -55.74 -9.46
C ASN B 801 -21.98 -54.42 -8.91
N PHE B 802 -20.90 -54.48 -8.13
CA PHE B 802 -20.28 -53.29 -7.56
C PHE B 802 -18.83 -53.15 -7.97
N SER B 803 -18.42 -53.79 -9.08
CA SER B 803 -17.01 -53.80 -9.45
C SER B 803 -16.52 -52.43 -9.90
N GLN B 804 -17.42 -51.61 -10.44
CA GLN B 804 -17.03 -50.27 -10.87
C GLN B 804 -16.87 -49.31 -9.70
N ILE B 805 -17.38 -49.64 -8.52
CA ILE B 805 -17.25 -48.79 -7.36
C ILE B 805 -16.41 -49.41 -6.26
N LEU B 806 -16.24 -50.72 -6.25
CA LEU B 806 -15.33 -51.31 -5.27
C LEU B 806 -13.88 -51.11 -5.74
N PRO B 807 -12.92 -51.10 -4.81
CA PRO B 807 -11.52 -50.91 -5.21
C PRO B 807 -10.99 -52.04 -6.08
N ASP B 808 -10.15 -51.66 -7.05
CA ASP B 808 -9.54 -52.63 -7.94
C ASP B 808 -8.25 -53.15 -7.31
N PRO B 809 -8.14 -54.46 -7.05
CA PRO B 809 -6.89 -54.99 -6.48
C PRO B 809 -5.70 -54.91 -7.43
N SER B 810 -5.94 -54.85 -8.74
CA SER B 810 -4.85 -54.79 -9.70
C SER B 810 -4.18 -53.43 -9.73
N LYS B 811 -4.86 -52.37 -9.31
CA LYS B 811 -4.26 -51.05 -9.33
C LYS B 811 -3.47 -50.81 -8.04
N PRO B 812 -2.28 -50.21 -8.16
CA PRO B 812 -1.49 -49.91 -6.95
C PRO B 812 -2.09 -48.83 -6.07
N SER B 813 -2.94 -47.96 -6.61
CA SER B 813 -3.54 -46.89 -5.82
C SER B 813 -4.74 -47.38 -5.01
N LYS B 814 -5.18 -48.63 -5.23
CA LYS B 814 -6.33 -49.26 -4.56
C LYS B 814 -7.61 -48.46 -4.75
N ARG B 815 -7.76 -47.85 -5.92
CA ARG B 815 -8.94 -47.07 -6.25
C ARG B 815 -9.93 -47.91 -7.05
N SER B 816 -11.18 -47.46 -7.03
CA SER B 816 -12.19 -48.01 -7.91
C SER B 816 -11.92 -47.55 -9.35
N PRO B 817 -12.46 -48.25 -10.35
CA PRO B 817 -12.35 -47.75 -11.73
C PRO B 817 -12.99 -46.39 -11.94
N ILE B 818 -14.12 -46.13 -11.27
CA ILE B 818 -14.75 -44.82 -11.32
C ILE B 818 -13.87 -43.77 -10.64
N GLU B 819 -13.30 -44.10 -9.48
CA GLU B 819 -12.41 -43.16 -8.78
C GLU B 819 -11.12 -42.95 -9.56
N ASP B 820 -10.61 -43.98 -10.23
CA ASP B 820 -9.43 -43.83 -11.07
C ASP B 820 -9.72 -42.91 -12.26
N LEU B 821 -10.91 -43.03 -12.85
CA LEU B 821 -11.29 -42.14 -13.95
C LEU B 821 -11.46 -40.71 -13.45
N LEU B 822 -12.01 -40.54 -12.24
CA LEU B 822 -12.15 -39.20 -11.66
C LEU B 822 -10.81 -38.56 -11.38
N PHE B 823 -9.84 -39.35 -10.89
CA PHE B 823 -8.50 -38.82 -10.65
C PHE B 823 -7.75 -38.57 -11.95
N ASN B 824 -8.08 -39.29 -13.02
CA ASN B 824 -7.48 -38.96 -14.31
C ASN B 824 -8.10 -37.72 -14.94
N LYS B 825 -9.38 -37.44 -14.66
CA LYS B 825 -10.03 -36.31 -15.32
C LYS B 825 -9.75 -34.96 -14.67
N VAL B 826 -9.06 -34.92 -13.52
CA VAL B 826 -8.74 -33.67 -12.86
C VAL B 826 -7.27 -33.37 -13.08
N THR B 827 -6.98 -32.22 -13.69
CA THR B 827 -5.61 -31.81 -13.96
C THR B 827 -5.25 -30.55 -13.19
N ASN B 856 9.44 -17.14 -3.82
CA ASN B 856 8.82 -15.87 -3.47
C ASN B 856 8.04 -15.97 -2.17
N GLY B 857 8.43 -16.90 -1.32
CA GLY B 857 7.73 -17.13 -0.07
C GLY B 857 6.52 -18.02 -0.17
N LEU B 858 6.19 -18.51 -1.36
CA LEU B 858 5.02 -19.35 -1.58
C LEU B 858 5.36 -20.80 -1.27
N THR B 859 4.54 -21.43 -0.45
CA THR B 859 4.66 -22.86 -0.18
C THR B 859 3.28 -23.49 -0.26
N VAL B 860 3.25 -24.75 -0.68
CA VAL B 860 2.02 -25.53 -0.72
C VAL B 860 2.16 -26.62 0.33
N LEU B 861 1.35 -26.54 1.36
CA LEU B 861 1.35 -27.58 2.36
C LEU B 861 0.57 -28.79 1.86
N PRO B 862 1.09 -30.00 2.05
CA PRO B 862 0.35 -31.18 1.63
C PRO B 862 -0.86 -31.40 2.54
N PRO B 863 -1.93 -31.99 2.01
CA PRO B 863 -3.07 -32.33 2.86
C PRO B 863 -2.71 -33.41 3.88
N LEU B 864 -3.40 -33.37 5.01
CA LEU B 864 -3.10 -34.31 6.09
C LEU B 864 -3.49 -35.73 5.71
N LEU B 865 -4.63 -35.90 5.06
CA LEU B 865 -5.04 -37.18 4.53
C LEU B 865 -4.61 -37.29 3.08
N THR B 866 -3.84 -38.33 2.76
CA THR B 866 -3.47 -38.58 1.38
C THR B 866 -4.66 -39.15 0.62
N ASP B 867 -4.52 -39.20 -0.71
CA ASP B 867 -5.59 -39.72 -1.56
C ASP B 867 -5.81 -41.20 -1.35
N GLU B 868 -4.75 -41.93 -0.97
CA GLU B 868 -4.89 -43.35 -0.65
C GLU B 868 -5.75 -43.57 0.58
N MET B 869 -5.59 -42.72 1.59
CA MET B 869 -6.39 -42.89 2.80
C MET B 869 -7.82 -42.42 2.63
N ILE B 870 -8.04 -41.39 1.79
CA ILE B 870 -9.40 -40.99 1.46
C ILE B 870 -10.10 -42.09 0.66
N ALA B 871 -9.36 -42.73 -0.26
CA ALA B 871 -9.90 -43.90 -0.96
C ALA B 871 -10.17 -45.06 -0.01
N GLN B 872 -9.34 -45.23 1.02
CA GLN B 872 -9.57 -46.26 2.02
C GLN B 872 -10.82 -45.96 2.85
N TYR B 873 -11.04 -44.69 3.19
CA TYR B 873 -12.26 -44.29 3.88
C TYR B 873 -13.50 -44.54 3.05
N THR B 874 -13.45 -44.19 1.76
CA THR B 874 -14.60 -44.46 0.88
C THR B 874 -14.81 -45.96 0.68
N SER B 875 -13.73 -46.74 0.65
CA SER B 875 -13.86 -48.20 0.56
C SER B 875 -14.51 -48.77 1.80
N ALA B 876 -14.16 -48.26 2.98
CA ALA B 876 -14.79 -48.69 4.22
C ALA B 876 -16.27 -48.31 4.25
N LEU B 877 -16.61 -47.12 3.77
CA LEU B 877 -18.01 -46.71 3.71
C LEU B 877 -18.80 -47.57 2.73
N LEU B 878 -18.21 -47.90 1.58
CA LEU B 878 -18.87 -48.76 0.60
C LEU B 878 -19.08 -50.17 1.14
N ALA B 879 -18.06 -50.72 1.82
CA ALA B 879 -18.19 -52.05 2.40
C ALA B 879 -19.24 -52.07 3.50
N GLY B 880 -19.30 -51.01 4.30
CA GLY B 880 -20.33 -50.92 5.33
C GLY B 880 -21.73 -50.81 4.76
N THR B 881 -21.92 -49.98 3.75
CA THR B 881 -23.26 -49.81 3.21
C THR B 881 -23.69 -50.97 2.31
N ILE B 882 -22.74 -51.79 1.84
CA ILE B 882 -23.09 -52.96 1.06
C ILE B 882 -23.39 -54.15 1.96
N THR B 883 -22.51 -54.41 2.94
CA THR B 883 -22.63 -55.61 3.75
C THR B 883 -23.55 -55.44 4.96
N SER B 884 -23.76 -54.23 5.44
CA SER B 884 -24.42 -54.03 6.72
C SER B 884 -25.60 -53.07 6.69
N GLY B 885 -25.92 -52.49 5.54
CA GLY B 885 -27.05 -51.59 5.45
C GLY B 885 -26.76 -50.22 6.04
N TRP B 886 -27.74 -49.64 6.72
CA TRP B 886 -27.53 -48.41 7.47
C TRP B 886 -27.22 -48.67 8.93
N THR B 887 -26.99 -49.93 9.31
CA THR B 887 -26.79 -50.27 10.71
C THR B 887 -25.42 -49.83 11.22
N PHE B 888 -24.42 -49.79 10.34
CA PHE B 888 -23.09 -49.37 10.74
C PHE B 888 -22.99 -47.87 11.02
N GLY B 889 -23.88 -47.07 10.43
CA GLY B 889 -23.92 -45.66 10.73
C GLY B 889 -24.61 -45.29 12.03
N ALA B 890 -25.35 -46.22 12.63
CA ALA B 890 -26.04 -45.98 13.89
C ALA B 890 -25.49 -46.82 15.04
N GLY B 891 -24.52 -47.68 14.80
CA GLY B 891 -23.97 -48.51 15.85
C GLY B 891 -23.06 -49.58 15.27
N PRO B 892 -23.11 -50.78 15.84
CA PRO B 892 -22.35 -51.89 15.28
C PRO B 892 -22.90 -52.29 13.92
N ALA B 893 -22.01 -52.76 13.06
CA ALA B 893 -22.39 -53.18 11.72
C ALA B 893 -23.08 -54.53 11.80
N LEU B 894 -24.38 -54.55 11.47
CA LEU B 894 -25.17 -55.77 11.49
C LEU B 894 -25.33 -56.24 10.06
N GLN B 895 -24.83 -57.44 9.76
CA GLN B 895 -24.86 -57.94 8.40
C GLN B 895 -26.29 -58.30 7.99
N ILE B 896 -26.55 -58.16 6.69
CA ILE B 896 -27.86 -58.41 6.11
C ILE B 896 -27.60 -58.70 4.63
N PRO B 897 -28.30 -59.67 4.04
CA PRO B 897 -28.18 -59.89 2.59
C PRO B 897 -28.62 -58.68 1.79
N PHE B 898 -27.91 -58.44 0.68
CA PHE B 898 -28.20 -57.27 -0.13
C PHE B 898 -29.59 -57.27 -0.78
N PRO B 899 -30.17 -58.39 -1.24
CA PRO B 899 -31.57 -58.32 -1.70
C PRO B 899 -32.57 -58.10 -0.58
N MET B 900 -32.14 -58.15 0.68
CA MET B 900 -33.00 -57.85 1.81
C MET B 900 -32.84 -56.39 2.18
N GLN B 901 -31.59 -55.91 2.22
CA GLN B 901 -31.28 -54.49 2.36
C GLN B 901 -32.06 -53.67 1.33
N MET B 902 -32.03 -54.11 0.06
CA MET B 902 -32.77 -53.44 -1.01
C MET B 902 -34.26 -53.44 -0.73
N ALA B 903 -34.80 -54.56 -0.23
CA ALA B 903 -36.23 -54.65 0.09
C ALA B 903 -36.59 -53.67 1.20
N TYR B 904 -35.70 -53.54 2.20
CA TYR B 904 -35.90 -52.57 3.28
C TYR B 904 -35.92 -51.15 2.72
N ARG B 905 -35.02 -50.85 1.78
CA ARG B 905 -35.01 -49.54 1.14
C ARG B 905 -36.27 -49.32 0.31
N PHE B 906 -36.77 -50.38 -0.33
CA PHE B 906 -38.02 -50.31 -1.06
C PHE B 906 -39.17 -49.98 -0.12
N ASN B 907 -39.13 -50.52 1.10
CA ASN B 907 -40.19 -50.26 2.06
C ASN B 907 -40.05 -48.88 2.67
N GLY B 908 -38.84 -48.34 2.65
CA GLY B 908 -38.63 -46.98 3.10
C GLY B 908 -39.27 -45.95 2.17
N ILE B 909 -39.32 -46.24 0.88
CA ILE B 909 -39.98 -45.37 -0.08
C ILE B 909 -41.42 -45.78 -0.34
N GLY B 910 -41.96 -46.68 0.47
CA GLY B 910 -43.36 -47.05 0.36
C GLY B 910 -43.74 -48.07 -0.68
N VAL B 911 -42.80 -48.92 -1.10
CA VAL B 911 -43.12 -50.01 -2.02
C VAL B 911 -42.90 -51.33 -1.29
N THR B 912 -43.85 -52.25 -1.46
CA THR B 912 -43.84 -53.52 -0.75
C THR B 912 -42.64 -54.39 -1.13
N GLN B 913 -42.23 -55.24 -0.18
CA GLN B 913 -41.07 -56.11 -0.37
C GLN B 913 -41.25 -57.07 -1.54
N ASN B 914 -42.49 -57.55 -1.76
CA ASN B 914 -42.76 -58.54 -2.79
C ASN B 914 -42.36 -58.03 -4.17
N VAL B 915 -42.57 -56.73 -4.42
CA VAL B 915 -42.27 -56.11 -5.71
C VAL B 915 -40.77 -56.24 -5.99
N LEU B 916 -39.95 -55.99 -4.96
CA LEU B 916 -38.50 -56.14 -5.09
C LEU B 916 -38.12 -57.61 -5.32
N TYR B 917 -38.69 -58.52 -4.53
CA TYR B 917 -38.32 -59.93 -4.64
C TYR B 917 -38.72 -60.55 -5.97
N GLU B 918 -39.92 -60.26 -6.45
CA GLU B 918 -40.39 -60.82 -7.73
C GLU B 918 -39.56 -60.33 -8.90
N ASN B 919 -39.16 -59.06 -8.87
CA ASN B 919 -38.44 -58.43 -9.97
C ASN B 919 -36.98 -58.13 -9.60
N GLN B 920 -36.31 -59.08 -8.94
CA GLN B 920 -34.97 -58.81 -8.44
C GLN B 920 -33.91 -58.87 -9.55
N LYS B 921 -34.11 -59.78 -10.51
CA LYS B 921 -33.19 -59.87 -11.66
C LYS B 921 -33.25 -58.62 -12.53
N LEU B 922 -34.46 -58.08 -12.77
CA LEU B 922 -34.60 -56.87 -13.57
C LEU B 922 -34.00 -55.66 -12.87
N ILE B 923 -34.16 -55.57 -11.54
CA ILE B 923 -33.60 -54.45 -10.79
C ILE B 923 -32.08 -54.54 -10.75
N ALA B 924 -31.54 -55.75 -10.62
CA ALA B 924 -30.09 -55.92 -10.65
C ALA B 924 -29.52 -55.56 -12.02
N ASN B 925 -30.22 -55.96 -13.10
CA ASN B 925 -29.77 -55.63 -14.45
C ASN B 925 -29.84 -54.12 -14.71
N GLN B 926 -30.91 -53.47 -14.24
CA GLN B 926 -31.05 -52.03 -14.38
C GLN B 926 -29.98 -51.28 -13.59
N PHE B 927 -29.67 -51.76 -12.38
CA PHE B 927 -28.64 -51.13 -11.56
C PHE B 927 -27.27 -51.26 -12.21
N ASN B 928 -26.95 -52.43 -12.75
CA ASN B 928 -25.67 -52.62 -13.42
C ASN B 928 -25.56 -51.78 -14.69
N SER B 929 -26.67 -51.70 -15.45
CA SER B 929 -26.70 -50.86 -16.65
C SER B 929 -26.54 -49.38 -16.31
N ALA B 930 -27.16 -48.93 -15.21
CA ALA B 930 -27.04 -47.54 -14.81
C ALA B 930 -25.64 -47.21 -14.32
N ILE B 931 -24.99 -48.15 -13.61
CA ILE B 931 -23.62 -47.94 -13.18
C ILE B 931 -22.67 -47.86 -14.37
N GLY B 932 -22.89 -48.71 -15.37
CA GLY B 932 -22.11 -48.62 -16.59
C GLY B 932 -22.35 -47.34 -17.37
N LYS B 933 -23.60 -46.86 -17.39
CA LYS B 933 -23.89 -45.60 -18.05
C LYS B 933 -23.25 -44.43 -17.31
N ILE B 934 -23.14 -44.52 -15.97
CA ILE B 934 -22.44 -43.51 -15.19
C ILE B 934 -20.96 -43.45 -15.58
N GLN B 935 -20.33 -44.62 -15.69
CA GLN B 935 -18.93 -44.65 -16.08
C GLN B 935 -18.72 -44.15 -17.51
N ASP B 936 -19.63 -44.51 -18.42
CA ASP B 936 -19.54 -44.04 -19.80
C ASP B 936 -19.76 -42.54 -19.90
N SER B 937 -20.71 -41.99 -19.13
CA SER B 937 -20.97 -40.56 -19.16
C SER B 937 -19.84 -39.76 -18.55
N LEU B 938 -19.20 -40.29 -17.51
CA LEU B 938 -18.02 -39.62 -16.96
C LEU B 938 -16.84 -39.69 -17.92
N SER B 939 -16.68 -40.82 -18.61
CA SER B 939 -15.59 -40.95 -19.57
C SER B 939 -15.85 -40.19 -20.87
N SER B 940 -17.09 -39.80 -21.15
CA SER B 940 -17.41 -39.14 -22.40
C SER B 940 -17.73 -37.65 -22.26
N THR B 941 -17.73 -37.09 -21.06
CA THR B 941 -18.04 -35.68 -20.89
C THR B 941 -16.83 -34.95 -20.31
N PRO B 942 -16.27 -33.96 -21.01
CA PRO B 942 -15.13 -33.23 -20.45
C PRO B 942 -15.50 -32.30 -19.32
N SER B 943 -16.74 -31.77 -19.31
CA SER B 943 -17.18 -30.81 -18.31
C SER B 943 -17.95 -31.47 -17.17
N ALA B 944 -17.70 -32.75 -16.91
CA ALA B 944 -18.39 -33.45 -15.84
C ALA B 944 -17.89 -32.99 -14.48
N LEU B 945 -16.56 -32.84 -14.34
CA LEU B 945 -15.94 -32.46 -13.08
C LEU B 945 -15.58 -30.98 -13.05
N GLY B 946 -16.46 -30.12 -13.59
CA GLY B 946 -16.18 -28.71 -13.66
C GLY B 946 -16.21 -28.00 -12.32
N LYS B 947 -16.91 -28.58 -11.34
CA LYS B 947 -17.01 -27.93 -10.03
C LYS B 947 -15.68 -27.99 -9.28
N LEU B 948 -14.96 -29.10 -9.36
CA LEU B 948 -13.63 -29.18 -8.75
C LEU B 948 -12.62 -28.37 -9.55
N GLN B 949 -12.74 -28.41 -10.87
CA GLN B 949 -11.81 -27.70 -11.75
C GLN B 949 -11.94 -26.19 -11.60
N ASP B 950 -13.14 -25.70 -11.29
CA ASP B 950 -13.32 -24.28 -11.04
C ASP B 950 -12.58 -23.83 -9.78
N VAL B 951 -12.62 -24.65 -8.73
CA VAL B 951 -11.91 -24.35 -7.48
C VAL B 951 -10.40 -24.37 -7.71
N VAL B 952 -9.92 -25.37 -8.45
CA VAL B 952 -8.49 -25.48 -8.75
C VAL B 952 -8.02 -24.29 -9.60
N ASN B 953 -8.82 -23.91 -10.60
CA ASN B 953 -8.47 -22.79 -11.47
C ASN B 953 -8.49 -21.46 -10.72
N GLN B 954 -9.47 -21.28 -9.83
CA GLN B 954 -9.54 -20.04 -9.04
C GLN B 954 -8.34 -19.92 -8.09
N ASN B 955 -7.95 -21.02 -7.43
CA ASN B 955 -6.80 -20.96 -6.53
C ASN B 955 -5.51 -20.72 -7.29
N ALA B 956 -5.33 -21.39 -8.44
CA ALA B 956 -4.12 -21.19 -9.23
C ALA B 956 -4.06 -19.80 -9.83
N GLN B 957 -5.22 -19.24 -10.23
CA GLN B 957 -5.23 -17.91 -10.81
C GLN B 957 -4.99 -16.84 -9.75
N ALA B 958 -5.49 -17.05 -8.53
CA ALA B 958 -5.19 -16.14 -7.43
C ALA B 958 -3.71 -16.15 -7.08
N LEU B 959 -3.09 -17.34 -7.06
CA LEU B 959 -1.65 -17.42 -6.82
C LEU B 959 -0.85 -16.77 -7.94
N ASN B 960 -1.30 -16.94 -9.20
CA ASN B 960 -0.61 -16.31 -10.33
C ASN B 960 -0.73 -14.79 -10.28
N THR B 961 -1.89 -14.27 -9.87
CA THR B 961 -2.05 -12.83 -9.72
C THR B 961 -1.16 -12.29 -8.59
N LEU B 962 -1.06 -13.05 -7.50
CA LEU B 962 -0.17 -12.65 -6.41
C LEU B 962 1.30 -12.68 -6.83
N VAL B 963 1.67 -13.59 -7.72
CA VAL B 963 3.03 -13.58 -8.29
C VAL B 963 3.22 -12.36 -9.18
N LYS B 964 2.26 -12.08 -10.07
CA LYS B 964 2.40 -11.00 -11.04
C LYS B 964 2.34 -9.62 -10.40
N GLN B 965 1.81 -9.51 -9.18
CA GLN B 965 1.82 -8.22 -8.50
C GLN B 965 3.23 -7.80 -8.06
N LEU B 966 4.20 -8.72 -8.03
CA LEU B 966 5.57 -8.36 -7.69
C LEU B 966 6.27 -7.59 -8.81
N SER B 967 5.79 -7.71 -10.04
CA SER B 967 6.43 -7.03 -11.16
C SER B 967 5.98 -5.59 -11.31
N SER B 968 5.06 -5.12 -10.46
CA SER B 968 4.56 -3.76 -10.53
C SER B 968 5.32 -2.88 -9.54
N ASN B 969 5.70 -1.69 -9.99
CA ASN B 969 6.47 -0.77 -9.16
C ASN B 969 5.61 0.06 -8.21
N PHE B 970 4.30 0.14 -8.46
CA PHE B 970 3.33 0.89 -7.66
C PHE B 970 3.71 2.36 -7.53
N GLY B 971 4.22 2.95 -8.61
CA GLY B 971 4.63 4.33 -8.61
C GLY B 971 6.09 4.57 -8.29
N ALA B 972 6.83 3.54 -7.88
CA ALA B 972 8.25 3.69 -7.62
C ALA B 972 9.03 3.65 -8.93
N ILE B 973 10.34 3.87 -8.85
CA ILE B 973 11.16 3.91 -10.05
C ILE B 973 11.40 2.53 -10.63
N SER B 974 11.31 1.48 -9.80
CA SER B 974 11.51 0.11 -10.29
C SER B 974 10.78 -0.84 -9.35
N SER B 975 10.46 -2.01 -9.89
CA SER B 975 9.83 -3.08 -9.11
C SER B 975 10.84 -3.97 -8.40
N VAL B 976 12.13 -3.76 -8.62
CA VAL B 976 13.17 -4.57 -8.00
C VAL B 976 13.77 -3.78 -6.84
N LEU B 977 13.84 -4.42 -5.67
CA LEU B 977 14.42 -3.76 -4.50
C LEU B 977 15.93 -3.59 -4.64
N ASN B 978 16.59 -4.53 -5.33
CA ASN B 978 18.04 -4.46 -5.50
C ASN B 978 18.44 -3.29 -6.39
N ASP B 979 17.63 -3.00 -7.41
CA ASP B 979 17.92 -1.85 -8.28
C ASP B 979 17.78 -0.54 -7.52
N ILE B 980 16.78 -0.43 -6.65
CA ILE B 980 16.61 0.78 -5.86
C ILE B 980 17.73 0.91 -4.83
N LEU B 981 18.10 -0.19 -4.17
CA LEU B 981 19.16 -0.15 -3.18
C LEU B 981 20.54 0.06 -3.80
N SER B 982 20.73 -0.27 -5.07
CA SER B 982 22.00 -0.03 -5.73
C SER B 982 22.07 1.29 -6.48
N ARG B 983 20.92 1.86 -6.85
CA ARG B 983 20.89 3.10 -7.61
C ARG B 983 20.73 4.36 -6.76
N LEU B 984 20.22 4.24 -5.54
CA LEU B 984 19.86 5.40 -4.74
C LEU B 984 20.47 5.31 -3.35
N ASP B 985 20.70 6.49 -2.77
CA ASP B 985 21.05 6.59 -1.36
C ASP B 985 19.85 6.23 -0.48
N PRO B 986 20.11 5.79 0.77
CA PRO B 986 19.01 5.38 1.69
C PRO B 986 17.94 6.43 1.99
N PRO B 987 18.23 7.77 2.00
CA PRO B 987 17.10 8.70 2.19
C PRO B 987 15.99 8.65 1.14
N GLU B 988 16.31 8.42 -0.13
CA GLU B 988 15.27 8.26 -1.15
C GLU B 988 14.92 6.81 -1.42
N ALA B 989 15.87 5.89 -1.21
CA ALA B 989 15.56 4.47 -1.30
C ALA B 989 14.57 4.05 -0.23
N GLU B 990 14.57 4.73 0.93
CA GLU B 990 13.55 4.48 1.95
C GLU B 990 12.16 4.81 1.43
N VAL B 991 12.01 5.92 0.69
CA VAL B 991 10.72 6.29 0.14
C VAL B 991 10.28 5.32 -0.95
N GLN B 992 11.20 4.94 -1.85
CA GLN B 992 10.84 4.02 -2.92
C GLN B 992 10.50 2.63 -2.40
N ILE B 993 11.27 2.15 -1.42
CA ILE B 993 10.99 0.87 -0.78
C ILE B 993 9.69 0.93 0.00
N ASP B 994 9.37 2.08 0.60
CA ASP B 994 8.09 2.23 1.30
C ASP B 994 6.91 2.14 0.34
N ARG B 995 7.04 2.74 -0.86
CA ARG B 995 6.01 2.59 -1.88
C ARG B 995 5.84 1.14 -2.33
N LEU B 996 6.96 0.43 -2.54
CA LEU B 996 6.88 -0.98 -2.90
C LEU B 996 6.28 -1.82 -1.78
N ILE B 997 6.61 -1.49 -0.53
CA ILE B 997 6.11 -2.23 0.62
C ILE B 997 4.60 -2.07 0.75
N THR B 998 4.10 -0.83 0.61
CA THR B 998 2.66 -0.64 0.76
C THR B 998 1.88 -1.23 -0.43
N GLY B 999 2.46 -1.22 -1.63
CA GLY B 999 1.81 -1.88 -2.76
C GLY B 999 1.74 -3.39 -2.59
N ARG B 1000 2.85 -4.01 -2.18
CA ARG B 1000 2.87 -5.46 -2.01
C ARG B 1000 2.04 -5.90 -0.82
N LEU B 1001 1.99 -5.08 0.23
CA LEU B 1001 1.15 -5.39 1.39
C LEU B 1001 -0.33 -5.29 1.04
N GLN B 1002 -0.70 -4.30 0.21
CA GLN B 1002 -2.08 -4.21 -0.24
C GLN B 1002 -2.46 -5.41 -1.11
N SER B 1003 -1.53 -5.85 -1.98
CA SER B 1003 -1.76 -7.05 -2.79
C SER B 1003 -1.93 -8.29 -1.93
N LEU B 1004 -1.10 -8.44 -0.90
CA LEU B 1004 -1.17 -9.62 -0.04
C LEU B 1004 -2.44 -9.62 0.81
N GLN B 1005 -2.86 -8.45 1.30
CA GLN B 1005 -4.12 -8.33 2.02
C GLN B 1005 -5.32 -8.66 1.14
N THR B 1006 -5.29 -8.22 -0.13
CA THR B 1006 -6.35 -8.54 -1.08
C THR B 1006 -6.42 -10.05 -1.32
N TYR B 1007 -5.26 -10.69 -1.50
CA TYR B 1007 -5.21 -12.13 -1.72
C TYR B 1007 -5.73 -12.91 -0.52
N VAL B 1008 -5.34 -12.50 0.69
CA VAL B 1008 -5.77 -13.20 1.90
C VAL B 1008 -7.27 -13.01 2.13
N THR B 1009 -7.80 -11.82 1.83
CA THR B 1009 -9.24 -11.58 1.98
C THR B 1009 -10.07 -12.43 1.04
N GLN B 1010 -9.66 -12.49 -0.24
CA GLN B 1010 -10.44 -13.32 -1.17
C GLN B 1010 -10.24 -14.80 -0.91
N GLN B 1011 -9.08 -15.19 -0.37
CA GLN B 1011 -8.88 -16.58 0.04
C GLN B 1011 -9.76 -16.94 1.24
N LEU B 1012 -9.96 -16.00 2.16
CA LEU B 1012 -10.86 -16.26 3.29
C LEU B 1012 -12.32 -16.39 2.84
N ILE B 1013 -12.73 -15.57 1.87
CA ILE B 1013 -14.09 -15.68 1.33
C ILE B 1013 -14.29 -17.01 0.61
N ARG B 1014 -13.32 -17.42 -0.21
CA ARG B 1014 -13.40 -18.71 -0.89
C ARG B 1014 -13.30 -19.87 0.10
N ALA B 1015 -12.57 -19.70 1.20
CA ALA B 1015 -12.51 -20.73 2.23
C ALA B 1015 -13.85 -20.89 2.93
N ALA B 1016 -14.57 -19.79 3.15
CA ALA B 1016 -15.92 -19.86 3.70
C ALA B 1016 -16.86 -20.60 2.75
N GLU B 1017 -16.74 -20.32 1.44
CA GLU B 1017 -17.57 -21.00 0.45
C GLU B 1017 -17.27 -22.51 0.40
N ILE B 1018 -15.98 -22.87 0.44
CA ILE B 1018 -15.58 -24.27 0.42
C ILE B 1018 -16.00 -24.98 1.71
N ARG B 1019 -15.95 -24.28 2.85
CA ARG B 1019 -16.43 -24.85 4.10
C ARG B 1019 -17.92 -25.11 4.08
N ALA B 1020 -18.69 -24.20 3.48
CA ALA B 1020 -20.13 -24.43 3.31
C ALA B 1020 -20.40 -25.63 2.42
N SER B 1021 -19.66 -25.75 1.32
CA SER B 1021 -19.81 -26.91 0.43
C SER B 1021 -19.40 -28.21 1.11
N ALA B 1022 -18.38 -28.16 1.97
CA ALA B 1022 -17.94 -29.36 2.67
C ALA B 1022 -18.90 -29.76 3.77
N ASN B 1023 -19.52 -28.78 4.44
CA ASN B 1023 -20.57 -29.09 5.41
C ASN B 1023 -21.77 -29.72 4.72
N LEU B 1024 -22.12 -29.23 3.52
CA LEU B 1024 -23.16 -29.87 2.72
C LEU B 1024 -22.77 -31.28 2.33
N ALA B 1025 -21.50 -31.50 1.96
CA ALA B 1025 -21.04 -32.82 1.58
C ALA B 1025 -21.04 -33.79 2.76
N ALA B 1026 -20.70 -33.30 3.95
CA ALA B 1026 -20.78 -34.13 5.15
C ALA B 1026 -22.22 -34.48 5.49
N THR B 1027 -23.14 -33.54 5.27
CA THR B 1027 -24.56 -33.82 5.47
C THR B 1027 -25.06 -34.88 4.48
N LYS B 1028 -24.62 -34.81 3.22
CA LYS B 1028 -24.99 -35.82 2.24
C LYS B 1028 -24.35 -37.17 2.55
N MET B 1029 -23.13 -37.16 3.10
CA MET B 1029 -22.50 -38.40 3.54
C MET B 1029 -23.26 -39.06 4.67
N SER B 1030 -23.74 -38.25 5.63
CA SER B 1030 -24.49 -38.81 6.75
C SER B 1030 -25.87 -39.27 6.34
N GLU B 1031 -26.55 -38.52 5.49
CA GLU B 1031 -27.97 -38.76 5.26
C GLU B 1031 -28.28 -39.58 4.01
N CYS B 1032 -27.40 -39.57 3.00
CA CYS B 1032 -27.66 -40.35 1.80
C CYS B 1032 -26.88 -41.66 1.76
N VAL B 1033 -25.67 -41.69 2.31
CA VAL B 1033 -24.85 -42.89 2.29
C VAL B 1033 -25.08 -43.75 3.52
N LEU B 1034 -25.08 -43.13 4.70
CA LEU B 1034 -25.24 -43.86 5.95
C LEU B 1034 -26.70 -44.13 6.29
N GLY B 1035 -27.63 -43.70 5.47
CA GLY B 1035 -29.04 -43.96 5.70
C GLY B 1035 -29.83 -43.65 4.46
N GLN B 1036 -31.13 -43.90 4.55
CA GLN B 1036 -32.06 -43.60 3.47
C GLN B 1036 -32.83 -42.34 3.85
N SER B 1037 -32.80 -41.35 2.96
CA SER B 1037 -33.33 -40.03 3.26
C SER B 1037 -34.69 -39.84 2.62
N LYS B 1038 -35.63 -39.30 3.39
CA LYS B 1038 -36.94 -38.93 2.91
C LYS B 1038 -36.97 -37.54 2.28
N ARG B 1039 -35.87 -36.81 2.36
CA ARG B 1039 -35.83 -35.44 1.84
C ARG B 1039 -35.83 -35.44 0.33
N VAL B 1040 -36.73 -34.67 -0.26
CA VAL B 1040 -36.92 -34.68 -1.71
C VAL B 1040 -35.77 -33.92 -2.37
N ASP B 1041 -35.15 -34.57 -3.37
CA ASP B 1041 -34.06 -34.06 -4.20
C ASP B 1041 -32.78 -33.77 -3.41
N PHE B 1042 -32.67 -34.24 -2.17
CA PHE B 1042 -31.44 -34.12 -1.43
C PHE B 1042 -30.42 -35.17 -1.85
N CYS B 1043 -30.88 -36.35 -2.21
CA CYS B 1043 -30.01 -37.45 -2.59
C CYS B 1043 -30.39 -37.97 -3.97
N GLY B 1044 -30.52 -37.06 -4.92
CA GLY B 1044 -30.80 -37.41 -6.29
C GLY B 1044 -32.25 -37.15 -6.67
N LYS B 1045 -32.51 -37.24 -7.97
CA LYS B 1045 -33.85 -37.04 -8.50
C LYS B 1045 -34.60 -38.37 -8.45
N GLY B 1046 -35.75 -38.36 -7.81
CA GLY B 1046 -36.56 -39.56 -7.63
C GLY B 1046 -36.57 -39.98 -6.17
N TYR B 1047 -37.23 -41.12 -5.93
CA TYR B 1047 -37.30 -41.69 -4.60
C TYR B 1047 -35.97 -42.34 -4.27
N HIS B 1048 -35.30 -41.82 -3.26
CA HIS B 1048 -33.92 -42.22 -2.96
C HIS B 1048 -33.88 -43.61 -2.38
N LEU B 1049 -33.08 -44.48 -2.98
CA LEU B 1049 -32.84 -45.82 -2.45
C LEU B 1049 -31.54 -45.87 -1.65
N MET B 1050 -30.41 -45.57 -2.28
CA MET B 1050 -29.14 -45.56 -1.56
C MET B 1050 -28.18 -44.64 -2.28
N SER B 1051 -26.97 -44.52 -1.72
CA SER B 1051 -25.95 -43.70 -2.36
C SER B 1051 -24.59 -44.31 -2.08
N PHE B 1052 -23.65 -44.06 -2.98
CA PHE B 1052 -22.31 -44.60 -2.88
C PHE B 1052 -21.30 -43.46 -2.94
N PRO B 1053 -20.36 -43.39 -2.01
CA PRO B 1053 -19.34 -42.34 -2.07
C PRO B 1053 -18.14 -42.75 -2.92
N GLN B 1054 -17.58 -41.76 -3.60
CA GLN B 1054 -16.35 -41.95 -4.38
C GLN B 1054 -15.43 -40.76 -4.12
N SER B 1055 -14.16 -41.06 -3.87
CA SER B 1055 -13.20 -39.99 -3.67
C SER B 1055 -12.89 -39.31 -5.01
N ALA B 1056 -12.59 -38.02 -4.93
CA ALA B 1056 -12.24 -37.22 -6.09
C ALA B 1056 -11.15 -36.26 -5.64
N PRO B 1057 -10.30 -35.77 -6.57
CA PRO B 1057 -9.28 -34.78 -6.17
C PRO B 1057 -9.88 -33.50 -5.63
N HIS B 1058 -9.65 -33.30 -4.32
CA HIS B 1058 -10.26 -32.24 -3.52
C HIS B 1058 -11.80 -32.27 -3.57
N GLY B 1059 -12.37 -33.47 -3.62
CA GLY B 1059 -13.82 -33.51 -3.68
C GLY B 1059 -14.38 -34.89 -3.46
N VAL B 1060 -15.70 -34.96 -3.47
CA VAL B 1060 -16.44 -36.20 -3.29
C VAL B 1060 -17.49 -36.30 -4.40
N VAL B 1061 -17.72 -37.51 -4.89
CA VAL B 1061 -18.72 -37.78 -5.89
C VAL B 1061 -19.69 -38.79 -5.32
N PHE B 1062 -20.95 -38.41 -5.19
CA PHE B 1062 -22.00 -39.29 -4.71
C PHE B 1062 -22.74 -39.89 -5.90
N LEU B 1063 -22.79 -41.21 -5.96
CA LEU B 1063 -23.62 -41.93 -6.92
C LEU B 1063 -24.94 -42.23 -6.21
N HIS B 1064 -25.96 -41.46 -6.54
CA HIS B 1064 -27.29 -41.61 -5.95
C HIS B 1064 -28.08 -42.63 -6.75
N VAL B 1065 -28.40 -43.75 -6.13
CA VAL B 1065 -29.27 -44.77 -6.70
C VAL B 1065 -30.68 -44.48 -6.22
N THR B 1066 -31.56 -44.14 -7.16
CA THR B 1066 -32.93 -43.73 -6.87
C THR B 1066 -33.91 -44.56 -7.68
N TYR B 1067 -35.16 -44.52 -7.24
CA TYR B 1067 -36.28 -45.22 -7.85
C TYR B 1067 -37.11 -44.19 -8.60
N VAL B 1068 -37.30 -44.39 -9.90
CA VAL B 1068 -38.12 -43.51 -10.71
C VAL B 1068 -39.33 -44.30 -11.20
N PRO B 1069 -40.55 -43.88 -10.90
CA PRO B 1069 -41.73 -44.56 -11.46
C PRO B 1069 -41.83 -44.37 -12.97
N ALA B 1070 -42.39 -45.36 -13.64
CA ALA B 1070 -42.46 -45.34 -15.10
C ALA B 1070 -43.65 -46.18 -15.55
N GLN B 1071 -44.06 -45.92 -16.80
CA GLN B 1071 -45.17 -46.61 -17.49
C GLN B 1071 -46.47 -46.51 -16.70
N GLU B 1072 -46.87 -45.28 -16.40
CA GLU B 1072 -48.08 -45.03 -15.64
C GLU B 1072 -49.33 -45.33 -16.46
N LYS B 1073 -50.42 -45.63 -15.76
CA LYS B 1073 -51.67 -46.00 -16.39
C LYS B 1073 -52.82 -45.32 -15.67
N ASN B 1074 -53.78 -44.83 -16.44
CA ASN B 1074 -55.01 -44.24 -15.90
C ASN B 1074 -55.88 -45.28 -15.20
N PHE B 1075 -56.51 -44.87 -14.10
CA PHE B 1075 -57.53 -45.67 -13.44
C PHE B 1075 -58.59 -44.73 -12.89
N THR B 1076 -59.80 -45.25 -12.73
CA THR B 1076 -60.88 -44.49 -12.09
C THR B 1076 -60.84 -44.74 -10.59
N THR B 1077 -60.77 -43.68 -9.81
CA THR B 1077 -60.53 -43.83 -8.38
C THR B 1077 -61.68 -43.26 -7.56
N ALA B 1078 -61.79 -43.74 -6.33
CA ALA B 1078 -62.80 -43.32 -5.38
C ALA B 1078 -62.18 -43.17 -4.00
N PRO B 1079 -62.66 -42.24 -3.18
CA PRO B 1079 -62.10 -42.11 -1.83
C PRO B 1079 -62.50 -43.23 -0.88
N ALA B 1080 -63.67 -43.83 -1.05
CA ALA B 1080 -64.15 -44.84 -0.12
C ALA B 1080 -65.10 -45.78 -0.83
N ILE B 1081 -65.31 -46.94 -0.22
CA ILE B 1081 -66.20 -47.97 -0.75
C ILE B 1081 -67.40 -48.08 0.20
N CYS B 1082 -68.60 -47.95 -0.35
CA CYS B 1082 -69.81 -48.10 0.44
C CYS B 1082 -70.25 -49.57 0.41
N HIS B 1083 -70.33 -50.18 1.58
CA HIS B 1083 -70.75 -51.56 1.68
C HIS B 1083 -71.47 -51.76 3.00
N ASP B 1084 -72.69 -52.31 2.93
CA ASP B 1084 -73.55 -52.61 4.08
C ASP B 1084 -73.82 -51.36 4.92
N GLY B 1085 -73.97 -50.22 4.26
CA GLY B 1085 -74.16 -48.97 4.96
C GLY B 1085 -72.94 -48.44 5.68
N LYS B 1086 -71.76 -48.95 5.35
CA LYS B 1086 -70.53 -48.53 6.01
C LYS B 1086 -69.53 -48.04 4.97
N ALA B 1087 -68.71 -47.07 5.38
CA ALA B 1087 -67.67 -46.53 4.53
C ALA B 1087 -66.35 -47.22 4.82
N HIS B 1088 -65.69 -47.71 3.78
CA HIS B 1088 -64.44 -48.43 3.90
C HIS B 1088 -63.34 -47.61 3.23
N PHE B 1089 -62.23 -47.45 3.93
CA PHE B 1089 -61.10 -46.67 3.46
C PHE B 1089 -59.86 -47.57 3.41
N PRO B 1090 -58.96 -47.35 2.46
CA PRO B 1090 -57.80 -48.25 2.33
C PRO B 1090 -56.84 -48.08 3.50
N ARG B 1091 -56.31 -49.22 3.98
CA ARG B 1091 -55.40 -49.17 5.11
C ARG B 1091 -54.05 -48.60 4.72
N GLU B 1092 -53.51 -49.01 3.56
CA GLU B 1092 -52.24 -48.51 3.08
C GLU B 1092 -52.26 -48.06 1.63
N GLY B 1093 -53.22 -48.51 0.83
CA GLY B 1093 -53.18 -48.24 -0.60
C GLY B 1093 -54.24 -47.26 -1.06
N VAL B 1094 -54.86 -47.57 -2.19
CA VAL B 1094 -55.80 -46.67 -2.86
C VAL B 1094 -56.74 -47.53 -3.68
N PHE B 1095 -58.00 -47.11 -3.75
CA PHE B 1095 -58.98 -47.80 -4.58
C PHE B 1095 -58.83 -47.38 -6.02
N VAL B 1096 -58.73 -48.37 -6.92
CA VAL B 1096 -58.62 -48.12 -8.34
C VAL B 1096 -59.65 -48.99 -9.05
N SER B 1097 -59.99 -48.58 -10.26
CA SER B 1097 -60.90 -49.34 -11.10
C SER B 1097 -60.41 -49.28 -12.53
N ASN B 1098 -60.37 -50.44 -13.18
CA ASN B 1098 -59.99 -50.54 -14.58
C ASN B 1098 -61.19 -50.39 -15.52
N GLY B 1099 -62.36 -50.10 -14.98
CA GLY B 1099 -63.54 -49.89 -15.81
C GLY B 1099 -64.75 -50.66 -15.34
N THR B 1100 -64.54 -51.89 -14.84
CA THR B 1100 -65.66 -52.71 -14.41
C THR B 1100 -65.50 -53.21 -12.98
N HIS B 1101 -64.27 -53.41 -12.53
CA HIS B 1101 -64.00 -54.01 -11.22
C HIS B 1101 -63.14 -53.09 -10.38
N TRP B 1102 -63.34 -53.15 -9.07
CA TRP B 1102 -62.65 -52.30 -8.12
C TRP B 1102 -61.61 -53.10 -7.37
N PHE B 1103 -60.42 -52.54 -7.22
CA PHE B 1103 -59.32 -53.16 -6.52
C PHE B 1103 -58.68 -52.13 -5.59
N VAL B 1104 -57.80 -52.61 -4.73
CA VAL B 1104 -56.96 -51.74 -3.91
C VAL B 1104 -55.50 -52.05 -4.23
N THR B 1105 -54.71 -50.99 -4.39
CA THR B 1105 -53.30 -51.16 -4.77
C THR B 1105 -52.44 -50.22 -3.95
N GLN B 1106 -51.16 -50.54 -3.89
CA GLN B 1106 -50.21 -49.62 -3.27
C GLN B 1106 -50.00 -48.42 -4.19
N ARG B 1107 -49.59 -47.30 -3.60
CA ARG B 1107 -49.66 -46.02 -4.28
C ARG B 1107 -48.58 -45.84 -5.34
N ASN B 1108 -47.40 -46.42 -5.16
CA ASN B 1108 -46.27 -46.17 -6.04
C ASN B 1108 -46.05 -47.27 -7.06
N PHE B 1109 -46.92 -48.28 -7.11
CA PHE B 1109 -46.77 -49.39 -8.03
C PHE B 1109 -48.11 -50.06 -8.22
N TYR B 1110 -48.43 -50.43 -9.45
CA TYR B 1110 -49.72 -51.06 -9.72
C TYR B 1110 -49.65 -52.53 -9.31
N GLU B 1111 -50.38 -52.88 -8.26
CA GLU B 1111 -50.49 -54.27 -7.81
C GLU B 1111 -51.91 -54.44 -7.31
N PRO B 1112 -52.85 -54.76 -8.19
CA PRO B 1112 -54.27 -54.81 -7.79
C PRO B 1112 -54.58 -56.02 -6.92
N GLN B 1113 -55.30 -55.78 -5.84
CA GLN B 1113 -55.74 -56.82 -4.91
C GLN B 1113 -57.23 -56.65 -4.64
N ILE B 1114 -57.86 -57.76 -4.25
CA ILE B 1114 -59.29 -57.75 -3.95
C ILE B 1114 -59.54 -56.95 -2.68
N ILE B 1115 -60.53 -56.06 -2.74
CA ILE B 1115 -60.88 -55.20 -1.61
C ILE B 1115 -61.52 -56.07 -0.54
N THR B 1116 -60.81 -56.29 0.55
CA THR B 1116 -61.27 -57.12 1.66
C THR B 1116 -61.38 -56.27 2.92
N THR B 1117 -61.79 -56.93 4.00
CA THR B 1117 -61.78 -56.30 5.32
C THR B 1117 -60.39 -56.26 5.93
N ASP B 1118 -59.44 -56.98 5.35
CA ASP B 1118 -58.07 -57.03 5.89
C ASP B 1118 -57.21 -55.86 5.41
N ASN B 1119 -57.55 -55.26 4.26
CA ASN B 1119 -56.81 -54.11 3.75
C ASN B 1119 -57.61 -52.83 3.79
N THR B 1120 -58.80 -52.84 4.40
CA THR B 1120 -59.62 -51.65 4.55
C THR B 1120 -60.01 -51.51 6.02
N PHE B 1121 -60.45 -50.31 6.38
CA PHE B 1121 -60.97 -50.04 7.71
C PHE B 1121 -62.26 -49.24 7.58
N VAL B 1122 -63.11 -49.37 8.60
CA VAL B 1122 -64.46 -48.84 8.58
C VAL B 1122 -64.53 -47.59 9.44
N SER B 1123 -65.09 -46.51 8.89
CA SER B 1123 -65.30 -45.29 9.66
C SER B 1123 -66.54 -44.59 9.11
N GLY B 1124 -67.62 -44.59 9.89
CA GLY B 1124 -68.82 -43.89 9.52
C GLY B 1124 -69.66 -44.61 8.48
N ASN B 1125 -70.71 -43.92 8.06
CA ASN B 1125 -71.62 -44.42 7.04
C ASN B 1125 -71.29 -43.80 5.69
N CYS B 1126 -72.14 -44.05 4.70
CA CYS B 1126 -71.89 -43.60 3.33
C CYS B 1126 -72.46 -42.22 3.04
N ASP B 1127 -73.10 -41.58 4.02
CA ASP B 1127 -73.80 -40.32 3.78
C ASP B 1127 -72.90 -39.11 3.87
N VAL B 1128 -71.67 -39.27 4.37
CA VAL B 1128 -70.81 -38.14 4.68
C VAL B 1128 -69.74 -37.93 3.61
N VAL B 1129 -69.10 -39.00 3.17
CA VAL B 1129 -67.96 -38.88 2.25
C VAL B 1129 -68.47 -38.56 0.85
N ILE B 1130 -67.93 -37.49 0.28
CA ILE B 1130 -68.31 -37.06 -1.06
C ILE B 1130 -67.58 -37.94 -2.08
N GLY B 1131 -68.34 -38.56 -2.98
CA GLY B 1131 -67.76 -39.39 -4.00
C GLY B 1131 -67.61 -40.86 -3.65
N ILE B 1132 -68.25 -41.31 -2.58
CA ILE B 1132 -68.21 -42.72 -2.23
C ILE B 1132 -69.02 -43.52 -3.25
N VAL B 1133 -68.50 -44.70 -3.61
CA VAL B 1133 -69.13 -45.53 -4.61
C VAL B 1133 -69.54 -46.86 -3.98
N ASN B 1134 -70.47 -47.54 -4.65
CA ASN B 1134 -70.98 -48.81 -4.18
C ASN B 1134 -70.16 -49.95 -4.78
N ASN B 1135 -69.59 -50.78 -3.92
CA ASN B 1135 -68.89 -51.98 -4.35
C ASN B 1135 -68.90 -52.96 -3.20
N THR B 1136 -68.83 -54.24 -3.53
CA THR B 1136 -68.79 -55.25 -2.48
C THR B 1136 -67.43 -55.26 -1.81
N VAL B 1137 -67.40 -55.71 -0.57
CA VAL B 1137 -66.18 -55.89 0.21
C VAL B 1137 -66.13 -57.34 0.65
N TYR B 1138 -65.15 -58.07 0.16
CA TYR B 1138 -65.07 -59.49 0.45
C TYR B 1138 -64.64 -59.70 1.90
N ASP B 1139 -65.15 -60.77 2.50
CA ASP B 1139 -64.75 -61.15 3.84
C ASP B 1139 -64.07 -62.50 3.78
N PRO B 1140 -62.79 -62.61 4.18
CA PRO B 1140 -62.14 -63.93 4.20
C PRO B 1140 -62.75 -64.90 5.20
N LEU B 1141 -63.41 -64.39 6.24
CA LEU B 1141 -64.01 -65.25 7.24
C LEU B 1141 -65.35 -65.82 6.78
N GLN B 1142 -65.95 -65.26 5.72
CA GLN B 1142 -67.27 -65.68 5.27
C GLN B 1142 -67.36 -67.13 4.78
N PRO B 1143 -66.45 -67.67 3.96
CA PRO B 1143 -66.53 -69.12 3.66
C PRO B 1143 -66.22 -70.02 4.84
N GLU B 1144 -65.61 -69.50 5.90
CA GLU B 1144 -65.28 -70.33 7.04
C GLU B 1144 -66.53 -70.68 7.87
N LEU B 1145 -67.41 -69.70 8.10
CA LEU B 1145 -68.68 -70.05 8.73
C LEU B 1145 -69.73 -70.47 7.72
N ASP B 1146 -69.51 -70.24 6.42
CA ASP B 1146 -70.37 -70.84 5.42
C ASP B 1146 -70.21 -72.35 5.40
N SER B 1147 -68.98 -72.84 5.56
CA SER B 1147 -68.72 -74.28 5.63
C SER B 1147 -68.95 -74.81 7.04
N GLN C 14 -17.86 66.99 13.43
CA GLN C 14 -18.95 67.38 14.31
C GLN C 14 -19.50 66.18 15.09
N CYS C 15 -19.62 66.33 16.41
CA CYS C 15 -20.19 65.30 17.25
C CYS C 15 -21.22 65.94 18.17
N VAL C 16 -22.28 65.19 18.49
CA VAL C 16 -23.33 65.66 19.37
C VAL C 16 -23.64 64.56 20.38
N ASN C 17 -23.55 64.88 21.67
CA ASN C 17 -24.05 63.97 22.69
C ASN C 17 -25.57 64.00 22.71
N LEU C 18 -26.18 62.82 22.70
CA LEU C 18 -27.63 62.70 22.86
C LEU C 18 -27.93 62.35 24.31
N THR C 19 -28.60 63.26 25.03
CA THR C 19 -28.76 63.17 26.47
C THR C 19 -30.21 63.00 26.90
N THR C 20 -31.11 62.66 25.99
CA THR C 20 -32.52 62.48 26.32
C THR C 20 -32.95 61.02 26.21
N ARG C 21 -32.00 60.10 26.37
CA ARG C 21 -32.30 58.68 26.33
C ARG C 21 -32.99 58.25 27.62
N THR C 22 -33.74 57.15 27.53
CA THR C 22 -34.35 56.52 28.69
C THR C 22 -33.59 55.23 29.00
N GLN C 23 -33.15 55.09 30.25
CA GLN C 23 -32.33 53.94 30.64
C GLN C 23 -33.18 52.68 30.70
N LEU C 24 -32.72 51.63 30.02
CA LEU C 24 -33.43 50.36 29.94
C LEU C 24 -32.41 49.30 29.57
N PRO C 25 -32.45 48.11 30.19
CA PRO C 25 -31.52 47.05 29.79
C PRO C 25 -31.89 46.50 28.43
N PRO C 26 -30.90 46.01 27.67
CA PRO C 26 -31.21 45.38 26.38
C PRO C 26 -31.94 44.05 26.59
N ALA C 27 -32.76 43.69 25.60
CA ALA C 27 -33.58 42.51 25.73
C ALA C 27 -32.87 41.30 25.13
N TYR C 28 -33.48 40.13 25.27
CA TYR C 28 -32.98 38.91 24.66
C TYR C 28 -34.16 38.13 24.11
N THR C 29 -33.94 37.43 23.00
CA THR C 29 -35.00 36.62 22.41
C THR C 29 -34.37 35.43 21.69
N ASN C 30 -35.22 34.68 20.99
CA ASN C 30 -34.85 33.40 20.39
C ASN C 30 -34.49 33.59 18.92
N SER C 31 -33.44 32.89 18.50
CA SER C 31 -32.98 32.94 17.11
C SER C 31 -33.86 32.14 16.17
N PHE C 32 -34.57 31.14 16.71
CA PHE C 32 -35.39 30.16 15.95
C PHE C 32 -34.49 29.45 14.95
N THR C 33 -34.80 29.45 13.65
CA THR C 33 -33.99 28.80 12.63
C THR C 33 -33.41 29.83 11.67
N ARG C 34 -32.98 30.96 12.20
CA ARG C 34 -32.42 32.03 11.40
C ARG C 34 -30.89 32.01 11.47
N GLY C 35 -30.27 32.80 10.60
CA GLY C 35 -28.83 32.87 10.51
C GLY C 35 -28.17 31.92 9.54
N VAL C 36 -28.96 31.16 8.78
CA VAL C 36 -28.41 30.21 7.82
C VAL C 36 -28.03 30.95 6.54
N TYR C 37 -26.90 30.56 5.95
CA TYR C 37 -26.45 31.15 4.69
C TYR C 37 -25.92 30.05 3.78
N TYR C 38 -25.73 30.41 2.52
CA TYR C 38 -25.16 29.48 1.54
C TYR C 38 -23.67 29.33 1.80
N PRO C 39 -23.17 28.12 2.05
CA PRO C 39 -21.74 27.97 2.39
C PRO C 39 -20.80 28.21 1.22
N ASP C 40 -21.27 28.11 -0.02
CA ASP C 40 -20.39 28.24 -1.17
C ASP C 40 -21.21 28.73 -2.35
N LYS C 41 -20.55 28.88 -3.50
CA LYS C 41 -21.18 29.38 -4.72
C LYS C 41 -21.61 28.25 -5.65
N VAL C 42 -21.88 27.06 -5.10
CA VAL C 42 -22.12 25.86 -5.89
C VAL C 42 -23.60 25.55 -5.87
N PHE C 43 -24.20 25.43 -7.05
CA PHE C 43 -25.59 24.99 -7.13
C PHE C 43 -25.69 23.51 -6.80
N ARG C 44 -26.66 23.17 -5.95
CA ARG C 44 -26.97 21.80 -5.58
C ARG C 44 -28.47 21.62 -5.62
N SER C 45 -28.93 20.47 -6.12
CA SER C 45 -30.34 20.23 -6.35
C SER C 45 -30.77 18.91 -5.72
N SER C 46 -31.75 18.99 -4.80
CA SER C 46 -32.39 17.84 -4.15
C SER C 46 -31.42 16.95 -3.38
N VAL C 47 -30.42 17.56 -2.73
CA VAL C 47 -29.40 16.78 -2.03
C VAL C 47 -29.20 17.35 -0.63
N LEU C 48 -28.57 16.54 0.22
CA LEU C 48 -28.24 16.92 1.58
C LEU C 48 -26.73 17.07 1.69
N HIS C 49 -26.29 18.23 2.17
CA HIS C 49 -24.87 18.57 2.19
C HIS C 49 -24.45 18.98 3.59
N SER C 50 -23.36 18.39 4.08
CA SER C 50 -22.87 18.68 5.42
C SER C 50 -21.72 19.67 5.35
N THR C 51 -21.80 20.74 6.14
CA THR C 51 -20.77 21.79 6.13
C THR C 51 -20.33 22.11 7.55
N GLN C 52 -19.03 22.36 7.71
CA GLN C 52 -18.43 22.82 8.95
C GLN C 52 -17.97 24.26 8.71
N ASP C 53 -18.79 25.22 9.13
CA ASP C 53 -18.53 26.64 8.91
C ASP C 53 -18.85 27.40 10.19
N LEU C 54 -18.64 28.72 10.14
CA LEU C 54 -19.01 29.62 11.21
C LEU C 54 -20.49 29.91 11.09
N PHE C 55 -21.31 29.26 11.92
CA PHE C 55 -22.75 29.35 11.82
C PHE C 55 -23.35 29.88 13.11
N LEU C 56 -24.58 30.36 13.00
CA LEU C 56 -25.38 30.79 14.15
C LEU C 56 -26.22 29.61 14.63
N PRO C 57 -26.15 29.27 15.92
CA PRO C 57 -26.91 28.11 16.42
C PRO C 57 -28.41 28.35 16.39
N PHE C 58 -29.15 27.27 16.19
CA PHE C 58 -30.60 27.33 16.20
C PHE C 58 -31.11 27.55 17.61
N PHE C 59 -32.17 28.37 17.72
CA PHE C 59 -32.83 28.72 18.99
C PHE C 59 -31.88 29.32 20.00
N SER C 60 -30.95 30.15 19.53
CA SER C 60 -29.95 30.73 20.40
C SER C 60 -30.45 32.06 21.00
N ASN C 61 -29.68 32.56 21.96
CA ASN C 61 -30.03 33.79 22.68
C ASN C 61 -29.47 34.98 21.92
N VAL C 62 -30.34 35.66 21.18
CA VAL C 62 -29.95 36.79 20.34
C VAL C 62 -30.34 38.10 21.04
N THR C 63 -29.41 39.04 21.07
CA THR C 63 -29.57 40.27 21.86
C THR C 63 -30.41 41.28 21.09
N TRP C 64 -31.34 41.93 21.78
CA TRP C 64 -32.37 42.77 21.18
C TRP C 64 -32.18 44.21 21.62
N PHE C 65 -32.10 45.12 20.65
CA PHE C 65 -32.00 46.54 20.87
C PHE C 65 -33.13 47.26 20.13
N HIS C 66 -33.61 48.35 20.73
CA HIS C 66 -34.78 49.06 20.24
C HIS C 66 -34.45 50.51 19.88
N ALA C 67 -35.26 51.06 18.98
CA ALA C 67 -35.30 52.48 18.69
C ALA C 67 -36.78 52.90 18.65
N ILE C 68 -37.22 53.60 19.70
CA ILE C 68 -38.65 53.88 19.88
C ILE C 68 -38.78 55.15 20.70
N HIS C 69 -39.89 55.86 20.50
CA HIS C 69 -40.20 57.05 21.28
C HIS C 69 -41.65 57.02 21.73
N LYS C 77 -38.31 57.02 25.24
CA LYS C 77 -37.27 57.43 24.31
C LYS C 77 -36.08 56.47 24.35
N ARG C 78 -36.07 55.51 23.44
CA ARG C 78 -35.00 54.53 23.32
C ARG C 78 -34.21 54.81 22.05
N PHE C 79 -32.89 54.91 22.18
CA PHE C 79 -31.98 55.09 21.05
C PHE C 79 -30.76 54.23 21.33
N ASP C 80 -30.79 52.99 20.86
CA ASP C 80 -29.77 51.99 21.21
C ASP C 80 -28.67 52.00 20.16
N ASN C 81 -27.54 52.66 20.48
CA ASN C 81 -26.28 52.43 19.75
C ASN C 81 -25.13 52.14 20.71
N PRO C 82 -25.03 50.92 21.25
CA PRO C 82 -23.81 50.53 21.96
C PRO C 82 -22.78 49.94 20.98
N VAL C 83 -21.59 49.69 21.51
CA VAL C 83 -20.48 49.16 20.73
C VAL C 83 -20.19 47.74 21.23
N LEU C 84 -20.33 46.75 20.34
CA LEU C 84 -20.32 45.34 20.73
C LEU C 84 -19.09 44.62 20.19
N PRO C 85 -18.59 43.62 20.90
CA PRO C 85 -17.47 42.82 20.38
C PRO C 85 -17.87 41.99 19.17
N PHE C 86 -16.95 41.88 18.21
CA PHE C 86 -17.25 41.24 16.94
C PHE C 86 -17.24 39.72 17.03
N ASN C 87 -16.37 39.16 17.88
CA ASN C 87 -16.11 37.72 18.08
C ASN C 87 -15.69 37.12 16.73
N ASP C 88 -16.13 35.90 16.41
CA ASP C 88 -15.72 35.25 15.17
C ASP C 88 -16.63 35.54 13.99
N GLY C 89 -17.74 36.23 14.22
CA GLY C 89 -18.70 36.51 13.18
C GLY C 89 -19.98 37.05 13.77
N VAL C 90 -20.76 37.79 12.99
CA VAL C 90 -21.90 38.53 13.52
C VAL C 90 -23.12 38.27 12.65
N TYR C 91 -24.21 37.85 13.27
CA TYR C 91 -25.51 37.87 12.64
C TYR C 91 -26.24 39.12 13.10
N PHE C 92 -26.69 39.93 12.15
CA PHE C 92 -27.40 41.17 12.43
C PHE C 92 -28.79 41.05 11.82
N ALA C 93 -29.81 41.17 12.65
CA ALA C 93 -31.19 41.13 12.19
C ALA C 93 -31.83 42.50 12.39
N SER C 94 -32.63 42.94 11.43
CA SER C 94 -33.22 44.26 11.47
C SER C 94 -34.70 44.16 11.12
N THR C 95 -35.56 44.36 12.13
CA THR C 95 -37.00 44.53 11.91
C THR C 95 -37.21 46.03 11.74
N GLU C 96 -37.31 46.44 10.48
CA GLU C 96 -37.09 47.81 10.06
C GLU C 96 -38.29 48.30 9.24
N LYS C 97 -38.68 49.55 9.50
CA LYS C 97 -39.52 50.31 8.59
C LYS C 97 -38.95 51.72 8.52
N SER C 98 -39.13 52.36 7.36
CA SER C 98 -38.73 53.73 7.02
C SER C 98 -37.21 53.96 7.11
N ASN C 99 -36.41 52.88 7.14
CA ASN C 99 -34.96 52.90 6.92
C ASN C 99 -34.21 53.77 7.93
N ILE C 100 -34.27 53.37 9.20
CA ILE C 100 -33.51 54.08 10.23
C ILE C 100 -32.06 53.61 10.26
N ILE C 101 -31.84 52.30 10.18
CA ILE C 101 -30.49 51.74 10.22
C ILE C 101 -29.82 51.96 8.87
N ARG C 102 -28.65 52.56 8.88
CA ARG C 102 -27.98 52.97 7.65
C ARG C 102 -26.66 52.28 7.39
N GLY C 103 -25.97 51.77 8.41
CA GLY C 103 -24.69 51.15 8.16
C GLY C 103 -24.05 50.67 9.44
N TRP C 104 -22.78 50.28 9.32
CA TRP C 104 -22.03 49.69 10.43
C TRP C 104 -20.59 50.17 10.43
N ILE C 105 -19.97 50.02 11.60
CA ILE C 105 -18.60 50.44 11.88
C ILE C 105 -17.87 49.24 12.45
N PHE C 106 -16.72 48.90 11.88
CA PHE C 106 -15.92 47.77 12.34
C PHE C 106 -14.51 48.22 12.62
N GLY C 107 -13.88 47.63 13.63
CA GLY C 107 -12.50 47.96 13.92
C GLY C 107 -12.03 47.28 15.18
N THR C 108 -10.95 47.82 15.75
CA THR C 108 -10.40 47.34 17.01
C THR C 108 -10.45 48.39 18.11
N THR C 109 -9.94 49.59 17.85
CA THR C 109 -9.99 50.68 18.81
C THR C 109 -10.89 51.83 18.37
N LEU C 110 -11.33 51.84 17.11
CA LEU C 110 -12.28 52.82 16.54
C LEU C 110 -11.76 54.26 16.65
N ASP C 111 -10.45 54.44 16.44
CA ASP C 111 -9.86 55.76 16.40
C ASP C 111 -8.84 55.80 15.27
N SER C 112 -8.04 56.87 15.22
CA SER C 112 -7.03 57.02 14.18
C SER C 112 -5.76 56.22 14.48
N LYS C 113 -5.64 55.62 15.66
CA LYS C 113 -4.49 54.76 15.95
C LYS C 113 -4.50 53.51 15.10
N THR C 114 -5.66 52.89 14.95
CA THR C 114 -5.86 51.72 14.11
C THR C 114 -6.65 52.10 12.87
N GLN C 115 -6.96 51.10 12.05
CA GLN C 115 -7.67 51.31 10.80
C GLN C 115 -9.04 50.65 10.88
N SER C 116 -10.07 51.37 10.43
CA SER C 116 -11.46 50.97 10.64
C SER C 116 -12.22 50.95 9.33
N LEU C 117 -13.23 50.08 9.30
CA LEU C 117 -14.11 49.87 8.15
C LEU C 117 -15.46 50.55 8.40
N LEU C 118 -15.95 51.27 7.41
CA LEU C 118 -17.19 52.02 7.49
C LEU C 118 -18.10 51.60 6.35
N ILE C 119 -19.35 51.28 6.68
CA ILE C 119 -20.36 50.87 5.71
C ILE C 119 -21.53 51.82 5.88
N VAL C 120 -21.87 52.61 4.86
CA VAL C 120 -23.07 53.44 4.93
C VAL C 120 -23.92 53.31 3.69
N ASN C 121 -25.22 53.55 3.88
CA ASN C 121 -26.21 53.74 2.82
C ASN C 121 -27.01 54.99 3.17
N ASN C 122 -26.66 56.13 2.58
CA ASN C 122 -27.46 57.32 2.77
C ASN C 122 -28.60 57.32 1.74
N ALA C 123 -29.24 58.48 1.53
CA ALA C 123 -30.44 58.60 0.69
C ALA C 123 -30.16 58.32 -0.79
N THR C 124 -28.91 58.30 -1.22
CA THR C 124 -28.55 58.10 -2.62
C THR C 124 -27.81 56.79 -2.89
N ASN C 125 -26.72 56.51 -2.17
CA ASN C 125 -25.77 55.55 -2.70
C ASN C 125 -25.04 54.85 -1.55
N VAL C 126 -24.48 53.68 -1.84
CA VAL C 126 -23.86 52.82 -0.82
C VAL C 126 -22.35 52.96 -0.88
N VAL C 127 -21.75 53.33 0.24
CA VAL C 127 -20.33 53.67 0.35
C VAL C 127 -19.66 52.74 1.33
N ILE C 128 -18.54 52.14 0.92
CA ILE C 128 -17.71 51.28 1.75
C ILE C 128 -16.32 51.91 1.79
N LYS C 129 -15.84 52.24 2.99
CA LYS C 129 -14.53 52.87 3.11
C LYS C 129 -13.70 52.17 4.18
N VAL C 130 -12.39 52.19 4.01
CA VAL C 130 -11.45 51.67 4.99
C VAL C 130 -10.46 52.80 5.27
N CYS C 131 -10.63 53.50 6.39
CA CYS C 131 -9.81 54.66 6.66
C CYS C 131 -9.43 54.63 8.14
N GLU C 132 -8.64 55.62 8.57
CA GLU C 132 -8.38 55.79 10.00
C GLU C 132 -9.26 56.94 10.50
N PHE C 133 -10.53 56.63 10.75
CA PHE C 133 -11.49 57.63 11.19
C PHE C 133 -11.29 57.98 12.67
N GLN C 134 -11.39 59.25 12.98
CA GLN C 134 -11.59 59.69 14.37
C GLN C 134 -13.09 59.73 14.62
N PHE C 135 -13.63 58.63 15.13
CA PHE C 135 -15.06 58.46 15.27
C PHE C 135 -15.60 59.25 16.46
N CYS C 136 -16.85 59.70 16.31
CA CYS C 136 -17.56 60.28 17.44
C CYS C 136 -17.95 59.19 18.42
N ASN C 137 -18.17 59.59 19.68
CA ASN C 137 -18.67 58.65 20.67
C ASN C 137 -20.12 58.27 20.37
N ASP C 138 -20.90 59.20 19.82
CA ASP C 138 -22.28 58.94 19.40
C ASP C 138 -22.45 59.38 17.96
N PRO C 139 -22.15 58.50 16.99
CA PRO C 139 -22.34 58.86 15.59
C PRO C 139 -23.73 58.48 15.09
N PHE C 140 -24.30 59.34 14.25
CA PHE C 140 -25.65 59.09 13.76
C PHE C 140 -25.89 59.81 12.43
N LEU C 141 -27.04 59.51 11.85
CA LEU C 141 -27.59 60.19 10.70
C LEU C 141 -28.80 61.00 11.16
N GLY C 142 -29.31 61.86 10.30
CA GLY C 142 -30.45 62.66 10.66
C GLY C 142 -31.28 63.16 9.50
N VAL C 143 -32.60 62.98 9.62
CA VAL C 143 -33.59 63.34 8.62
C VAL C 143 -34.48 64.42 9.20
N TYR C 144 -34.62 65.53 8.46
CA TYR C 144 -35.48 66.64 8.88
C TYR C 144 -36.83 66.52 8.19
N TYR C 145 -37.90 66.66 8.97
CA TYR C 145 -39.25 66.60 8.43
C TYR C 145 -39.93 67.97 8.49
N MET C 153 -36.60 65.29 4.42
CA MET C 153 -35.27 65.44 3.83
C MET C 153 -34.18 65.09 4.85
N GLU C 154 -33.09 64.49 4.37
CA GLU C 154 -32.01 64.02 5.23
C GLU C 154 -30.91 65.07 5.18
N SER C 155 -30.62 65.69 6.33
CA SER C 155 -29.66 66.78 6.35
C SER C 155 -28.76 66.78 7.58
N GLU C 156 -28.38 65.60 8.09
CA GLU C 156 -27.52 65.58 9.28
C GLU C 156 -26.61 64.37 9.20
N PHE C 157 -25.30 64.60 9.10
CA PHE C 157 -24.30 63.54 8.92
C PHE C 157 -23.26 63.71 10.02
N ARG C 158 -23.31 62.92 11.11
CA ARG C 158 -22.27 63.02 12.15
C ARG C 158 -21.72 61.63 12.44
N VAL C 159 -20.75 61.19 11.64
CA VAL C 159 -20.14 59.88 11.81
C VAL C 159 -18.69 59.99 12.29
N TYR C 160 -17.88 60.78 11.59
CA TYR C 160 -16.47 60.91 11.94
C TYR C 160 -16.04 62.36 11.82
N SER C 161 -14.98 62.70 12.55
CA SER C 161 -14.39 64.03 12.48
C SER C 161 -13.20 64.13 11.53
N SER C 162 -12.59 63.00 11.17
CA SER C 162 -11.45 63.01 10.27
C SER C 162 -11.35 61.66 9.58
N ALA C 163 -10.57 61.65 8.49
CA ALA C 163 -10.26 60.42 7.76
C ALA C 163 -8.92 60.63 7.08
N ASN C 164 -7.87 60.04 7.65
CA ASN C 164 -6.51 60.38 7.25
C ASN C 164 -5.95 59.46 6.16
N ASN C 165 -5.80 58.17 6.47
CA ASN C 165 -5.16 57.22 5.57
C ASN C 165 -6.21 56.23 5.10
N CYS C 166 -6.77 56.50 3.92
CA CYS C 166 -7.80 55.66 3.32
C CYS C 166 -7.17 54.70 2.32
N THR C 167 -7.33 53.39 2.57
CA THR C 167 -6.70 52.38 1.75
C THR C 167 -7.67 51.66 0.83
N PHE C 168 -8.98 51.82 1.00
CA PHE C 168 -9.92 51.12 0.15
C PHE C 168 -11.25 51.86 0.11
N GLU C 169 -11.80 52.01 -1.09
CA GLU C 169 -13.10 52.62 -1.33
C GLU C 169 -13.90 51.74 -2.29
N TYR C 170 -15.20 51.64 -2.06
CA TYR C 170 -16.05 50.77 -2.89
C TYR C 170 -17.48 51.33 -2.87
N VAL C 171 -17.96 51.75 -4.03
CA VAL C 171 -19.29 52.33 -4.18
C VAL C 171 -20.17 51.33 -4.92
N SER C 172 -21.32 50.99 -4.35
CA SER C 172 -22.13 49.89 -4.87
C SER C 172 -23.61 50.24 -4.85
N GLN C 173 -24.42 49.27 -5.27
CA GLN C 173 -25.86 49.46 -5.41
C GLN C 173 -26.53 49.55 -4.04
N PRO C 174 -27.74 50.12 -3.96
CA PRO C 174 -28.48 50.16 -2.68
C PRO C 174 -28.83 48.78 -2.16
N PHE C 175 -28.34 48.48 -0.96
CA PHE C 175 -28.64 47.21 -0.31
C PHE C 175 -30.07 47.17 0.20
N LEU C 176 -30.52 48.26 0.82
CA LEU C 176 -31.74 48.25 1.61
C LEU C 176 -32.99 48.22 0.72
N ASN C 185 -46.05 49.12 12.49
CA ASN C 185 -45.80 47.74 12.09
C ASN C 185 -44.51 47.66 11.27
N PHE C 186 -43.61 46.77 11.68
CA PHE C 186 -42.36 46.57 10.94
C PHE C 186 -42.65 45.77 9.67
N LYS C 187 -42.13 46.26 8.55
CA LYS C 187 -42.43 45.67 7.26
C LYS C 187 -41.26 44.94 6.62
N ASN C 188 -40.02 45.24 7.00
CA ASN C 188 -38.87 44.59 6.38
C ASN C 188 -38.06 43.84 7.43
N LEU C 189 -37.64 42.63 7.08
CA LEU C 189 -36.62 41.91 7.82
C LEU C 189 -35.34 41.90 7.01
N ARG C 190 -34.29 42.49 7.57
CA ARG C 190 -32.99 42.57 6.91
C ARG C 190 -31.99 41.75 7.72
N GLU C 191 -31.53 40.65 7.14
CA GLU C 191 -30.62 39.74 7.83
C GLU C 191 -29.25 39.82 7.17
N PHE C 192 -28.22 39.97 7.99
CA PHE C 192 -26.85 40.11 7.53
C PHE C 192 -25.97 39.17 8.34
N VAL C 193 -24.95 38.64 7.70
CA VAL C 193 -23.92 37.86 8.37
C VAL C 193 -22.57 38.42 7.94
N PHE C 194 -21.77 38.84 8.91
CA PHE C 194 -20.44 39.38 8.67
C PHE C 194 -19.42 38.37 9.18
N LYS C 195 -18.50 37.98 8.31
CA LYS C 195 -17.37 37.13 8.68
C LYS C 195 -16.08 37.82 8.26
N ASN C 196 -15.01 37.56 9.00
CA ASN C 196 -13.69 38.12 8.71
C ASN C 196 -12.68 36.99 8.76
N ILE C 197 -12.51 36.30 7.62
CA ILE C 197 -11.66 35.11 7.55
C ILE C 197 -10.62 35.34 6.46
N ASP C 198 -9.34 35.16 6.83
CA ASP C 198 -8.17 35.25 5.93
C ASP C 198 -8.09 36.59 5.21
N GLY C 199 -8.43 37.66 5.93
CA GLY C 199 -8.45 38.98 5.33
C GLY C 199 -9.60 39.24 4.40
N TYR C 200 -10.57 38.34 4.35
CA TYR C 200 -11.74 38.46 3.47
C TYR C 200 -12.95 38.68 4.35
N PHE C 201 -13.69 39.74 4.10
CA PHE C 201 -14.83 40.12 4.93
C PHE C 201 -16.08 39.80 4.13
N LYS C 202 -16.79 38.76 4.54
CA LYS C 202 -17.95 38.26 3.81
C LYS C 202 -19.22 38.85 4.40
N ILE C 203 -20.02 39.49 3.56
CA ILE C 203 -21.34 39.99 3.89
C ILE C 203 -22.35 39.13 3.16
N TYR C 204 -23.14 38.38 3.93
CA TYR C 204 -24.29 37.63 3.43
C TYR C 204 -25.55 38.37 3.82
N SER C 205 -26.50 38.48 2.90
CA SER C 205 -27.67 39.32 3.16
C SER C 205 -28.94 38.65 2.65
N LYS C 206 -30.05 39.02 3.29
CA LYS C 206 -31.37 38.56 2.87
C LYS C 206 -32.41 39.58 3.29
N HIS C 207 -33.33 39.87 2.37
CA HIS C 207 -34.46 40.76 2.63
C HIS C 207 -35.75 39.95 2.61
N THR C 208 -36.58 40.13 3.63
CA THR C 208 -37.79 39.34 3.78
C THR C 208 -38.98 40.27 4.03
N PRO C 209 -40.05 40.17 3.26
CA PRO C 209 -41.28 40.90 3.57
C PRO C 209 -41.99 40.26 4.75
N ILE C 210 -42.08 41.01 5.85
CA ILE C 210 -42.73 40.52 7.06
C ILE C 210 -43.85 41.48 7.44
N ASN C 211 -44.74 40.99 8.32
CA ASN C 211 -45.84 41.79 8.82
C ASN C 211 -46.06 41.55 10.32
N LEU C 212 -45.04 41.09 11.03
CA LEU C 212 -45.15 40.81 12.45
C LEU C 212 -44.74 42.05 13.22
N VAL C 213 -45.37 42.26 14.37
CA VAL C 213 -45.29 43.56 15.04
C VAL C 213 -44.00 43.71 15.82
N ARG C 214 -43.70 42.75 16.70
CA ARG C 214 -42.73 42.98 17.76
C ARG C 214 -41.46 42.13 17.62
N ASP C 215 -41.59 40.82 17.58
CA ASP C 215 -40.45 39.92 17.73
C ASP C 215 -39.97 39.43 16.36
N LEU C 216 -39.00 38.52 16.36
CA LEU C 216 -38.54 37.89 15.14
C LEU C 216 -39.62 36.95 14.59
N PRO C 217 -39.80 36.90 13.27
CA PRO C 217 -40.69 35.90 12.69
C PRO C 217 -40.09 34.52 12.80
N GLN C 218 -40.95 33.51 12.82
CA GLN C 218 -40.54 32.12 12.88
C GLN C 218 -40.65 31.51 11.48
N GLY C 219 -39.51 31.10 10.94
CA GLY C 219 -39.49 30.56 9.59
C GLY C 219 -38.07 30.27 9.18
N PHE C 220 -37.90 29.96 7.89
CA PHE C 220 -36.61 29.61 7.34
C PHE C 220 -36.32 30.49 6.14
N SER C 221 -35.12 31.08 6.10
CA SER C 221 -34.71 31.90 4.96
C SER C 221 -33.19 31.90 4.89
N ALA C 222 -32.65 31.30 3.83
CA ALA C 222 -31.22 31.20 3.65
C ALA C 222 -30.66 32.51 3.10
N LEU C 223 -29.51 32.92 3.64
CA LEU C 223 -28.90 34.19 3.27
C LEU C 223 -27.97 33.99 2.09
N GLU C 224 -28.24 34.70 1.00
CA GLU C 224 -27.37 34.64 -0.16
C GLU C 224 -26.14 35.52 0.07
N PRO C 225 -24.97 35.10 -0.43
CA PRO C 225 -23.77 35.95 -0.31
C PRO C 225 -23.90 37.22 -1.13
N LEU C 226 -23.64 38.36 -0.48
CA LEU C 226 -23.78 39.65 -1.11
C LEU C 226 -22.44 40.22 -1.55
N VAL C 227 -21.51 40.42 -0.61
CA VAL C 227 -20.24 41.10 -0.88
C VAL C 227 -19.10 40.31 -0.30
N ASP C 228 -18.11 39.98 -1.12
CA ASP C 228 -16.85 39.41 -0.65
C ASP C 228 -15.83 40.55 -0.70
N LEU C 229 -15.38 41.00 0.47
CA LEU C 229 -14.76 42.32 0.57
C LEU C 229 -13.30 42.20 0.95
N PRO C 230 -12.36 42.70 0.15
CA PRO C 230 -10.91 42.59 0.44
C PRO C 230 -10.33 43.71 1.32
N ILE C 231 -10.49 43.60 2.63
CA ILE C 231 -10.02 44.63 3.55
C ILE C 231 -8.67 44.28 4.17
N GLY C 232 -8.50 43.08 4.70
CA GLY C 232 -7.26 42.68 5.35
C GLY C 232 -6.90 43.43 6.62
N ILE C 233 -7.87 43.70 7.50
CA ILE C 233 -7.61 44.39 8.75
C ILE C 233 -8.17 43.57 9.92
N ASN C 234 -7.70 43.92 11.11
CA ASN C 234 -8.17 43.30 12.34
C ASN C 234 -9.47 43.95 12.78
N ILE C 235 -10.47 43.12 13.07
CA ILE C 235 -11.76 43.59 13.55
C ILE C 235 -12.12 42.82 14.82
N THR C 236 -12.32 43.55 15.92
CA THR C 236 -12.78 42.95 17.17
C THR C 236 -14.00 43.63 17.76
N ARG C 237 -14.42 44.79 17.26
CA ARG C 237 -15.54 45.50 17.86
C ARG C 237 -16.28 46.28 16.78
N PHE C 238 -17.61 46.36 16.91
CA PHE C 238 -18.44 46.97 15.87
C PHE C 238 -19.49 47.85 16.53
N GLN C 239 -20.10 48.70 15.71
CA GLN C 239 -21.18 49.58 16.17
C GLN C 239 -22.05 49.97 14.99
N THR C 240 -23.36 49.82 15.12
CA THR C 240 -24.29 50.14 14.05
C THR C 240 -24.68 51.62 14.08
N LEU C 241 -25.13 52.12 12.94
CA LEU C 241 -25.47 53.53 12.76
C LEU C 241 -26.97 53.69 12.59
N LEU C 242 -27.57 54.57 13.38
CA LEU C 242 -28.98 54.89 13.33
C LEU C 242 -29.17 56.28 12.73
N ALA C 243 -30.44 56.66 12.54
CA ALA C 243 -30.80 57.96 11.96
C ALA C 243 -31.81 58.66 12.85
N LEU C 244 -31.57 59.94 13.13
CA LEU C 244 -32.50 60.75 13.90
C LEU C 244 -33.60 61.32 13.01
N HIS C 245 -34.70 61.71 13.66
CA HIS C 245 -35.77 62.47 13.03
C HIS C 245 -35.89 63.80 13.74
N ARG C 246 -35.84 64.89 12.98
CA ARG C 246 -35.88 66.24 13.54
C ARG C 246 -37.18 66.94 13.12
N SER C 247 -37.75 67.69 14.05
CA SER C 247 -38.99 68.42 13.80
C SER C 247 -38.97 69.78 14.47
N GLY C 257 -35.91 69.25 19.22
CA GLY C 257 -34.89 68.23 19.48
C GLY C 257 -34.84 67.17 18.40
N TRP C 258 -34.70 65.91 18.81
CA TRP C 258 -34.62 64.80 17.87
C TRP C 258 -35.63 63.74 18.28
N THR C 259 -36.02 62.92 17.29
CA THR C 259 -36.95 61.83 17.49
C THR C 259 -36.36 60.56 16.88
N ALA C 260 -36.53 59.45 17.58
CA ALA C 260 -36.03 58.16 17.11
C ALA C 260 -37.18 57.43 16.42
N GLY C 261 -36.98 57.10 15.14
CA GLY C 261 -37.98 56.31 14.43
C GLY C 261 -38.03 54.88 14.91
N ALA C 262 -39.17 54.25 14.66
CA ALA C 262 -39.43 52.90 15.18
C ALA C 262 -38.61 51.88 14.41
N ALA C 263 -37.68 51.23 15.11
CA ALA C 263 -36.83 50.22 14.50
C ALA C 263 -36.36 49.26 15.59
N ALA C 264 -35.94 48.08 15.19
CA ALA C 264 -35.41 47.15 16.19
C ALA C 264 -34.37 46.26 15.52
N TYR C 265 -33.27 45.99 16.22
CA TYR C 265 -32.25 45.12 15.65
C TYR C 265 -31.74 44.13 16.69
N TYR C 266 -31.08 43.10 16.18
CA TYR C 266 -30.73 41.92 16.95
C TYR C 266 -29.31 41.51 16.58
N VAL C 267 -28.52 41.18 17.59
CA VAL C 267 -27.11 40.83 17.42
C VAL C 267 -26.90 39.42 17.94
N GLY C 268 -26.37 38.54 17.08
CA GLY C 268 -25.98 37.22 17.49
C GLY C 268 -24.57 36.93 17.02
N TYR C 269 -23.98 35.89 17.60
CA TYR C 269 -22.58 35.57 17.36
C TYR C 269 -22.45 34.18 16.76
N LEU C 270 -21.52 34.04 15.83
CA LEU C 270 -21.27 32.79 15.12
C LEU C 270 -20.23 31.94 15.82
N GLN C 271 -20.43 30.63 15.79
CA GLN C 271 -19.50 29.66 16.31
C GLN C 271 -19.25 28.59 15.25
N PRO C 272 -18.06 27.97 15.26
CA PRO C 272 -17.78 26.92 14.25
C PRO C 272 -18.54 25.64 14.55
N ARG C 273 -19.38 25.22 13.62
CA ARG C 273 -20.18 24.02 13.79
C ARG C 273 -20.58 23.49 12.42
N THR C 274 -21.20 22.31 12.43
CA THR C 274 -21.69 21.65 11.23
C THR C 274 -23.20 21.78 11.11
N PHE C 275 -23.66 22.16 9.93
CA PHE C 275 -25.06 22.02 9.57
C PHE C 275 -25.22 21.03 8.43
N LEU C 276 -26.35 20.32 8.47
CA LEU C 276 -26.81 19.48 7.36
C LEU C 276 -27.87 20.25 6.59
N LEU C 277 -27.54 20.64 5.36
CA LEU C 277 -28.37 21.54 4.57
C LEU C 277 -29.17 20.70 3.57
N LYS C 278 -30.43 21.05 3.36
CA LYS C 278 -31.27 20.38 2.38
C LYS C 278 -31.48 21.30 1.19
N TYR C 279 -31.26 20.77 -0.02
CA TYR C 279 -31.41 21.50 -1.26
C TYR C 279 -32.54 20.84 -2.05
N ASN C 280 -33.52 21.65 -2.45
CA ASN C 280 -34.73 21.15 -3.09
C ASN C 280 -34.50 20.98 -4.59
N GLU C 281 -35.58 20.79 -5.35
CA GLU C 281 -35.48 20.65 -6.80
C GLU C 281 -35.16 21.96 -7.49
N ASN C 282 -35.37 23.09 -6.84
CA ASN C 282 -35.05 24.39 -7.41
C ASN C 282 -33.72 24.95 -6.91
N GLY C 283 -32.99 24.19 -6.11
CA GLY C 283 -31.69 24.63 -5.62
C GLY C 283 -31.74 25.66 -4.52
N THR C 284 -32.87 25.77 -3.81
CA THR C 284 -33.04 26.72 -2.73
C THR C 284 -32.95 25.97 -1.41
N ILE C 285 -32.14 26.48 -0.48
CA ILE C 285 -32.05 25.88 0.84
C ILE C 285 -33.37 26.09 1.56
N THR C 286 -34.06 24.99 1.88
CA THR C 286 -35.34 25.08 2.56
C THR C 286 -35.29 24.65 4.01
N ASP C 287 -34.36 23.78 4.38
CA ASP C 287 -34.26 23.28 5.75
C ASP C 287 -32.80 22.98 6.09
N ALA C 288 -32.50 23.02 7.38
CA ALA C 288 -31.16 22.72 7.87
C ALA C 288 -31.26 22.06 9.23
N VAL C 289 -30.20 21.33 9.58
CA VAL C 289 -30.11 20.62 10.85
C VAL C 289 -28.83 21.06 11.55
N ASP C 290 -28.98 21.52 12.79
CA ASP C 290 -27.86 21.83 13.67
C ASP C 290 -27.46 20.54 14.38
N CYS C 291 -26.28 20.02 14.06
CA CYS C 291 -25.84 18.72 14.57
C CYS C 291 -25.50 18.75 16.06
N ALA C 292 -25.29 19.92 16.65
CA ALA C 292 -24.92 20.01 18.06
C ALA C 292 -26.01 20.65 18.92
N LEU C 293 -27.25 20.71 18.42
CA LEU C 293 -28.31 21.32 19.22
C LEU C 293 -28.89 20.34 20.22
N ASP C 294 -29.47 19.25 19.75
CA ASP C 294 -30.07 18.22 20.57
C ASP C 294 -29.73 16.87 19.97
N PRO C 295 -29.82 15.78 20.77
CA PRO C 295 -29.50 14.45 20.24
C PRO C 295 -30.35 13.98 19.06
N LEU C 296 -31.58 14.46 18.92
CA LEU C 296 -32.40 14.10 17.76
C LEU C 296 -31.81 14.65 16.47
N SER C 297 -31.42 15.92 16.48
CA SER C 297 -30.78 16.49 15.30
C SER C 297 -29.37 15.96 15.12
N GLU C 298 -28.72 15.51 16.20
CA GLU C 298 -27.47 14.79 16.06
C GLU C 298 -27.65 13.45 15.35
N THR C 299 -28.75 12.77 15.63
CA THR C 299 -29.10 11.54 14.90
C THR C 299 -29.41 11.84 13.44
N LYS C 300 -30.11 12.94 13.18
CA LYS C 300 -30.39 13.36 11.81
C LYS C 300 -29.12 13.68 11.05
N CYS C 301 -28.15 14.31 11.72
CA CYS C 301 -26.88 14.64 11.12
C CYS C 301 -26.02 13.39 10.90
N THR C 302 -26.11 12.41 11.81
CA THR C 302 -25.32 11.19 11.66
C THR C 302 -25.85 10.31 10.53
N LEU C 303 -27.16 10.12 10.47
CA LEU C 303 -27.74 9.30 9.40
C LEU C 303 -27.89 10.04 8.08
N LYS C 304 -27.58 11.35 8.04
CA LYS C 304 -27.69 12.20 6.86
C LYS C 304 -29.11 12.19 6.27
N SER C 305 -30.11 12.27 7.14
CA SER C 305 -31.49 12.26 6.71
C SER C 305 -32.31 13.11 7.66
N PHE C 306 -33.34 13.76 7.12
CA PHE C 306 -34.24 14.57 7.94
C PHE C 306 -35.32 13.75 8.62
N THR C 307 -35.51 12.49 8.24
CA THR C 307 -36.45 11.61 8.91
C THR C 307 -35.68 10.43 9.49
N VAL C 308 -35.96 10.13 10.75
CA VAL C 308 -35.28 9.06 11.48
C VAL C 308 -36.31 7.98 11.80
N GLU C 309 -36.01 6.74 11.42
CA GLU C 309 -36.88 5.63 11.71
C GLU C 309 -36.77 5.24 13.18
N LYS C 310 -37.71 4.39 13.62
CA LYS C 310 -37.74 3.94 15.00
C LYS C 310 -36.58 2.99 15.28
N GLY C 311 -35.87 3.24 16.38
CA GLY C 311 -34.79 2.39 16.78
C GLY C 311 -33.79 3.13 17.65
N ILE C 312 -32.66 2.47 17.87
CA ILE C 312 -31.54 3.02 18.63
C ILE C 312 -30.39 3.29 17.67
N TYR C 313 -29.74 4.45 17.81
CA TYR C 313 -28.67 4.83 16.90
C TYR C 313 -27.49 5.38 17.66
N GLN C 314 -26.32 4.78 17.46
CA GLN C 314 -25.06 5.29 18.00
C GLN C 314 -24.67 6.57 17.28
N THR C 315 -24.68 7.71 17.98
CA THR C 315 -24.43 8.97 17.27
C THR C 315 -23.02 9.50 17.49
N SER C 316 -22.58 9.61 18.73
CA SER C 316 -21.28 10.18 19.07
C SER C 316 -20.84 9.60 20.42
N ASN C 317 -19.64 9.97 20.84
CA ASN C 317 -19.17 9.56 22.16
C ASN C 317 -19.06 10.77 23.08
N PHE C 318 -19.67 10.67 24.26
CA PHE C 318 -19.57 11.69 25.28
C PHE C 318 -18.14 11.72 25.81
N ARG C 319 -17.57 12.92 25.90
CA ARG C 319 -16.23 13.13 26.46
C ARG C 319 -16.30 14.18 27.55
N VAL C 320 -15.82 13.85 28.75
CA VAL C 320 -15.72 14.83 29.83
C VAL C 320 -14.73 15.92 29.43
N GLN C 321 -15.13 17.16 29.62
CA GLN C 321 -14.34 18.31 29.18
C GLN C 321 -13.27 18.64 30.22
N PRO C 322 -12.06 19.00 29.78
CA PRO C 322 -10.97 19.32 30.73
C PRO C 322 -11.29 20.61 31.48
N THR C 323 -11.39 20.49 32.81
CA THR C 323 -11.78 21.64 33.62
C THR C 323 -10.63 22.63 33.82
N GLU C 324 -9.39 22.15 34.02
CA GLU C 324 -8.24 23.02 34.16
C GLU C 324 -7.10 22.55 33.26
N SER C 325 -6.05 23.37 33.22
CA SER C 325 -4.81 23.05 32.54
C SER C 325 -3.67 23.12 33.54
N ILE C 326 -2.83 22.09 33.56
CA ILE C 326 -1.76 21.93 34.54
C ILE C 326 -0.45 21.86 33.77
N VAL C 327 0.52 22.66 34.19
CA VAL C 327 1.88 22.62 33.65
C VAL C 327 2.82 22.28 34.79
N ARG C 328 3.63 21.24 34.62
CA ARG C 328 4.58 20.80 35.64
C ARG C 328 5.97 20.68 35.02
N PHE C 329 6.82 21.65 35.28
CA PHE C 329 8.20 21.70 34.86
C PHE C 329 9.09 21.71 36.08
N PRO C 330 10.38 21.36 35.94
CA PRO C 330 11.29 21.47 37.09
C PRO C 330 11.46 22.91 37.55
N ASN C 331 11.74 23.07 38.84
CA ASN C 331 11.76 24.36 39.52
C ASN C 331 13.07 25.12 39.35
N ILE C 332 13.91 24.73 38.39
CA ILE C 332 15.18 25.42 38.15
C ILE C 332 14.92 26.79 37.52
N THR C 333 15.69 27.77 37.98
CA THR C 333 15.45 29.18 37.65
C THR C 333 16.63 29.90 37.02
N ASN C 334 17.85 29.42 37.21
CA ASN C 334 19.02 30.01 36.57
C ASN C 334 18.99 29.95 35.04
N LEU C 335 19.07 31.13 34.43
CA LEU C 335 19.12 31.29 32.97
C LEU C 335 20.29 30.51 32.37
N CYS C 336 20.06 29.93 31.20
CA CYS C 336 21.07 29.00 30.69
C CYS C 336 22.15 29.75 29.90
N PRO C 337 23.43 29.47 30.14
CA PRO C 337 24.50 30.24 29.49
C PRO C 337 24.71 29.91 28.01
N PHE C 338 23.75 30.33 27.18
CA PHE C 338 23.94 30.32 25.73
C PHE C 338 24.76 31.51 25.26
N GLY C 339 24.86 32.54 26.10
CA GLY C 339 25.69 33.69 25.75
C GLY C 339 27.16 33.33 25.70
N GLU C 340 27.59 32.42 26.58
CA GLU C 340 28.97 31.94 26.55
C GLU C 340 29.26 31.20 25.25
N VAL C 341 28.29 30.42 24.76
CA VAL C 341 28.48 29.67 23.54
C VAL C 341 28.49 30.59 22.33
N PHE C 342 27.50 31.48 22.23
CA PHE C 342 27.28 32.23 21.00
C PHE C 342 28.08 33.53 20.89
N ASN C 343 28.67 34.01 21.98
CA ASN C 343 29.42 35.27 21.96
C ASN C 343 30.91 35.04 22.24
N ALA C 344 31.37 33.79 22.18
CA ALA C 344 32.77 33.49 22.48
C ALA C 344 33.70 34.11 21.45
N THR C 345 34.90 34.49 21.90
CA THR C 345 35.86 35.13 21.02
C THR C 345 36.44 34.16 20.00
N ARG C 346 36.82 32.96 20.42
CA ARG C 346 37.44 31.98 19.54
C ARG C 346 36.59 30.72 19.50
N PHE C 347 36.36 30.20 18.30
CA PHE C 347 35.77 28.88 18.12
C PHE C 347 36.82 27.89 17.67
N ALA C 348 36.43 26.62 17.70
CA ALA C 348 37.31 25.53 17.32
C ALA C 348 37.38 25.40 15.81
N SER C 349 38.33 24.59 15.35
CA SER C 349 38.35 24.15 13.96
C SER C 349 37.30 23.05 13.77
N VAL C 350 37.00 22.75 12.51
CA VAL C 350 35.93 21.79 12.24
C VAL C 350 36.41 20.35 12.46
N TYR C 351 37.71 20.07 12.27
CA TYR C 351 38.22 18.73 12.54
C TYR C 351 38.30 18.48 14.04
N ALA C 352 38.44 19.53 14.83
CA ALA C 352 38.57 19.47 16.27
C ALA C 352 37.43 20.24 16.90
N TRP C 353 36.19 19.95 16.46
CA TRP C 353 35.01 20.72 16.83
C TRP C 353 34.72 20.58 18.31
N ASN C 354 34.44 21.71 18.96
CA ASN C 354 34.21 21.67 20.40
C ASN C 354 32.78 21.25 20.70
N ARG C 355 32.63 20.43 21.74
CA ARG C 355 31.32 19.99 22.19
C ARG C 355 31.14 20.44 23.65
N LYS C 356 30.03 21.10 23.92
CA LYS C 356 29.71 21.58 25.27
C LYS C 356 28.39 20.95 25.72
N ARG C 357 28.39 20.43 26.94
CA ARG C 357 27.17 19.89 27.53
C ARG C 357 26.32 21.03 28.08
N ILE C 358 25.04 21.05 27.70
CA ILE C 358 24.06 21.97 28.24
C ILE C 358 23.11 21.16 29.11
N SER C 359 23.08 21.49 30.40
CA SER C 359 22.23 20.76 31.34
C SER C 359 21.91 21.64 32.52
N ASN C 360 20.82 21.29 33.21
CA ASN C 360 20.39 21.89 34.48
C ASN C 360 20.13 23.40 34.36
N CYS C 361 19.43 23.80 33.32
CA CYS C 361 19.19 25.22 33.11
C CYS C 361 17.91 25.42 32.32
N VAL C 362 17.46 26.67 32.28
CA VAL C 362 16.26 27.04 31.53
C VAL C 362 16.71 27.77 30.27
N ALA C 363 16.32 27.25 29.10
CA ALA C 363 16.80 27.75 27.83
C ALA C 363 15.70 28.60 27.17
N ASP C 364 16.04 29.84 26.83
CA ASP C 364 15.14 30.73 26.11
C ASP C 364 15.55 30.72 24.65
N TYR C 365 14.90 29.89 23.85
CA TYR C 365 15.18 29.86 22.41
C TYR C 365 14.45 30.95 21.63
N SER C 366 13.55 31.71 22.26
CA SER C 366 12.89 32.78 21.54
C SER C 366 13.80 33.97 21.28
N VAL C 367 14.88 34.13 22.05
CA VAL C 367 15.81 35.22 21.80
C VAL C 367 16.85 34.85 20.76
N LEU C 368 17.00 33.56 20.44
CA LEU C 368 17.89 33.09 19.40
C LEU C 368 17.21 33.03 18.04
N TYR C 369 15.99 32.48 18.00
CA TYR C 369 15.29 32.30 16.74
C TYR C 369 14.81 33.63 16.17
N ASN C 370 14.41 34.56 17.03
CA ASN C 370 13.97 35.87 16.58
C ASN C 370 15.14 36.81 16.33
N SER C 371 16.36 36.40 16.65
CA SER C 371 17.52 37.22 16.34
C SER C 371 17.81 37.21 14.85
N ALA C 372 18.11 38.39 14.31
CA ALA C 372 18.43 38.54 12.90
C ALA C 372 19.91 38.34 12.60
N SER C 373 20.70 37.96 13.60
CA SER C 373 22.13 37.79 13.41
C SER C 373 22.46 36.51 12.64
N PHE C 374 21.63 35.50 12.75
CA PHE C 374 21.93 34.18 12.22
C PHE C 374 21.40 34.08 10.79
N SER C 375 22.30 33.86 9.83
CA SER C 375 21.85 33.70 8.45
C SER C 375 21.26 32.32 8.19
N THR C 376 21.76 31.28 8.85
CA THR C 376 21.23 29.93 8.68
C THR C 376 20.66 29.45 10.01
N PHE C 377 19.41 28.99 9.99
CA PHE C 377 18.79 28.40 11.19
C PHE C 377 17.89 27.27 10.68
N LYS C 378 18.45 26.06 10.62
CA LYS C 378 17.73 24.90 10.08
C LYS C 378 17.54 23.87 11.18
N CYS C 379 16.29 23.64 11.57
CA CYS C 379 15.99 22.65 12.59
C CYS C 379 15.43 21.38 11.97
N TYR C 380 15.86 20.24 12.49
CA TYR C 380 15.51 18.92 11.99
C TYR C 380 14.88 18.12 13.11
N GLY C 381 13.69 17.58 12.84
CA GLY C 381 12.96 16.77 13.80
C GLY C 381 12.23 17.53 14.87
N VAL C 382 12.28 18.85 14.86
CA VAL C 382 11.59 19.69 15.84
C VAL C 382 11.33 21.04 15.20
N SER C 383 10.14 21.61 15.45
CA SER C 383 9.90 22.94 14.93
C SER C 383 10.61 23.99 15.77
N PRO C 384 11.10 25.07 15.14
CA PRO C 384 11.83 26.09 15.90
C PRO C 384 10.95 26.90 16.83
N THR C 385 9.65 27.03 16.53
CA THR C 385 8.77 27.75 17.42
C THR C 385 8.20 26.89 18.54
N LYS C 386 8.41 25.58 18.48
CA LYS C 386 7.94 24.66 19.51
C LYS C 386 9.02 24.37 20.53
N LEU C 387 10.16 25.07 20.44
CA LEU C 387 11.31 24.75 21.26
C LEU C 387 11.10 25.13 22.73
N ASN C 388 10.42 26.26 22.97
CA ASN C 388 10.18 26.68 24.34
C ASN C 388 9.12 25.84 25.04
N ASP C 389 8.30 25.10 24.29
CA ASP C 389 7.26 24.27 24.88
C ASP C 389 7.74 22.86 25.22
N LEU C 390 8.94 22.49 24.83
CA LEU C 390 9.50 21.18 25.13
C LEU C 390 10.58 21.26 26.20
N CYS C 391 10.77 20.15 26.89
CA CYS C 391 11.87 19.96 27.82
C CYS C 391 12.79 18.90 27.24
N PHE C 392 14.10 19.16 27.29
CA PHE C 392 15.07 18.31 26.60
C PHE C 392 16.02 17.65 27.58
N THR C 393 16.50 16.47 27.20
CA THR C 393 17.59 15.80 27.89
C THR C 393 18.76 15.58 26.92
N ASN C 394 19.97 15.64 27.48
CA ASN C 394 21.23 15.47 26.77
C ASN C 394 21.38 16.50 25.63
N VAL C 395 21.43 17.76 26.02
CA VAL C 395 21.60 18.86 25.07
C VAL C 395 23.09 19.09 24.86
N TYR C 396 23.50 19.09 23.60
CA TYR C 396 24.91 19.27 23.28
C TYR C 396 25.07 20.33 22.21
N ALA C 397 26.09 21.16 22.38
CA ALA C 397 26.36 22.27 21.47
C ALA C 397 27.73 22.08 20.85
N ASP C 398 27.75 21.84 19.54
CA ASP C 398 28.98 21.60 18.81
C ASP C 398 29.31 22.88 18.04
N SER C 399 30.48 23.44 18.29
CA SER C 399 30.84 24.73 17.72
C SER C 399 32.13 24.59 16.93
N PHE C 400 32.12 25.22 15.74
CA PHE C 400 33.28 25.25 14.86
C PHE C 400 33.12 26.40 13.87
N VAL C 401 34.12 26.57 13.01
CA VAL C 401 34.13 27.58 11.96
C VAL C 401 34.39 26.89 10.63
N ILE C 402 33.51 27.10 9.65
CA ILE C 402 33.71 26.53 8.31
C ILE C 402 33.66 27.64 7.27
N ARG C 403 33.82 27.22 6.02
CA ARG C 403 33.79 28.10 4.86
C ARG C 403 32.32 28.49 4.58
N GLY C 404 32.14 29.57 3.81
CA GLY C 404 30.80 30.11 3.61
C GLY C 404 29.88 29.20 2.79
N ASP C 405 30.40 28.59 1.74
CA ASP C 405 29.59 27.73 0.89
C ASP C 405 29.51 26.28 1.37
N GLU C 406 30.16 25.95 2.49
CA GLU C 406 30.13 24.62 3.06
C GLU C 406 29.06 24.46 4.15
N VAL C 407 28.24 25.49 4.37
CA VAL C 407 27.16 25.40 5.35
C VAL C 407 26.06 24.49 4.83
N ARG C 408 25.99 24.32 3.50
CA ARG C 408 25.12 23.35 2.88
C ARG C 408 25.42 21.93 3.38
N GLN C 409 26.68 21.64 3.71
CA GLN C 409 27.04 20.29 4.10
C GLN C 409 26.74 19.97 5.56
N ILE C 410 26.37 20.96 6.37
CA ILE C 410 26.00 20.70 7.77
C ILE C 410 24.51 20.40 7.78
N ALA C 411 24.18 19.17 7.43
CA ALA C 411 22.81 18.67 7.35
C ALA C 411 22.87 17.15 7.29
N PRO C 412 21.80 16.45 7.68
CA PRO C 412 21.80 15.00 7.54
C PRO C 412 21.80 14.56 6.07
N GLY C 413 22.62 13.56 5.77
CA GLY C 413 22.68 12.98 4.44
C GLY C 413 23.54 13.72 3.44
N GLN C 414 24.34 14.68 3.87
CA GLN C 414 25.16 15.46 2.96
C GLN C 414 26.51 14.79 2.73
N THR C 415 27.13 15.15 1.60
CA THR C 415 28.44 14.65 1.22
C THR C 415 29.36 15.81 0.89
N GLY C 416 30.64 15.60 1.10
CA GLY C 416 31.64 16.63 0.93
C GLY C 416 32.82 16.37 1.84
N LYS C 417 33.77 17.30 1.82
CA LYS C 417 34.95 17.16 2.67
C LYS C 417 34.61 17.36 4.14
N ILE C 418 33.68 18.27 4.43
CA ILE C 418 33.33 18.59 5.81
C ILE C 418 32.45 17.50 6.42
N ALA C 419 31.47 17.01 5.66
CA ALA C 419 30.57 15.99 6.19
C ALA C 419 31.29 14.66 6.35
N ASP C 420 32.03 14.24 5.33
CA ASP C 420 32.64 12.92 5.35
C ASP C 420 33.93 12.88 6.18
N TYR C 421 34.74 13.94 6.15
CA TYR C 421 36.04 13.88 6.81
C TYR C 421 36.14 14.69 8.09
N ASN C 422 35.23 15.62 8.35
CA ASN C 422 35.36 16.51 9.50
C ASN C 422 34.24 16.37 10.50
N TYR C 423 32.99 16.47 10.06
CA TYR C 423 31.86 16.48 10.99
C TYR C 423 30.66 15.80 10.33
N LYS C 424 30.33 14.60 10.78
CA LYS C 424 29.23 13.83 10.23
C LYS C 424 28.01 13.98 11.12
N LEU C 425 26.87 14.30 10.52
CA LEU C 425 25.59 14.26 11.20
C LEU C 425 24.86 12.97 10.86
N PRO C 426 24.15 12.38 11.83
CA PRO C 426 23.38 11.16 11.53
C PRO C 426 22.17 11.48 10.67
N ASP C 427 21.66 10.44 10.01
CA ASP C 427 20.47 10.60 9.19
C ASP C 427 19.23 10.85 10.05
N ASP C 428 19.23 10.35 11.29
CA ASP C 428 18.14 10.54 12.23
C ASP C 428 18.39 11.72 13.17
N PHE C 429 19.08 12.76 12.70
CA PHE C 429 19.48 13.85 13.57
C PHE C 429 18.27 14.71 13.96
N THR C 430 18.22 15.04 15.24
CA THR C 430 17.22 15.96 15.77
C THR C 430 17.94 17.08 16.50
N GLY C 431 17.67 18.31 16.10
CA GLY C 431 18.33 19.46 16.66
C GLY C 431 18.35 20.59 15.66
N CYS C 432 19.13 21.62 15.96
CA CYS C 432 19.13 22.80 15.11
C CYS C 432 20.54 23.19 14.72
N VAL C 433 20.72 23.54 13.44
CA VAL C 433 22.00 23.97 12.89
C VAL C 433 21.93 25.47 12.66
N ILE C 434 22.77 26.21 13.38
CA ILE C 434 22.74 27.67 13.42
C ILE C 434 24.07 28.17 12.89
N ALA C 435 24.03 29.04 11.88
CA ALA C 435 25.27 29.53 11.32
C ALA C 435 25.15 31.00 11.02
N TRP C 436 26.29 31.70 11.10
CA TRP C 436 26.30 33.12 10.79
C TRP C 436 27.69 33.55 10.32
N ASN C 437 27.71 34.61 9.51
CA ASN C 437 28.95 35.13 8.96
C ASN C 437 29.79 35.80 10.04
N SER C 438 31.07 35.46 10.07
CA SER C 438 32.03 36.00 11.03
C SER C 438 33.25 36.53 10.29
N ASN C 439 33.02 37.30 9.23
CA ASN C 439 34.13 37.83 8.45
C ASN C 439 34.87 38.93 9.19
N ASN C 440 34.16 39.71 10.01
CA ASN C 440 34.81 40.76 10.76
C ASN C 440 35.58 40.24 11.97
N LEU C 441 35.34 38.99 12.38
CA LEU C 441 35.99 38.39 13.53
C LEU C 441 37.10 37.42 13.16
N ASP C 442 36.92 36.61 12.11
CA ASP C 442 37.81 35.49 11.83
C ASP C 442 38.62 35.68 10.55
N SER C 443 38.72 36.90 10.03
CA SER C 443 39.53 37.17 8.85
C SER C 443 40.55 38.24 9.18
N LYS C 444 41.79 38.02 8.75
CA LYS C 444 42.86 39.01 8.84
C LYS C 444 43.31 39.39 7.44
N VAL C 445 43.96 40.56 7.36
CA VAL C 445 44.30 41.15 6.07
C VAL C 445 45.35 40.33 5.35
N GLY C 446 46.28 39.71 6.08
CA GLY C 446 47.23 38.79 5.46
C GLY C 446 46.69 37.40 5.26
N GLY C 447 45.62 37.04 5.97
CA GLY C 447 45.09 35.70 5.94
C GLY C 447 45.10 35.05 7.31
N ASN C 448 43.94 34.63 7.79
CA ASN C 448 43.84 33.98 9.10
C ASN C 448 43.95 32.48 8.90
N TYR C 449 44.98 31.88 9.50
CA TYR C 449 45.28 30.47 9.31
C TYR C 449 45.03 29.64 10.57
N ASN C 450 44.30 30.18 11.54
CA ASN C 450 44.06 29.45 12.78
C ASN C 450 42.94 28.42 12.66
N TYR C 451 42.20 28.42 11.57
CA TYR C 451 41.11 27.47 11.35
C TYR C 451 41.50 26.47 10.27
N LEU C 452 41.45 25.18 10.60
CA LEU C 452 41.91 24.13 9.72
C LEU C 452 40.81 23.10 9.51
N TYR C 453 40.86 22.42 8.37
CA TYR C 453 39.95 21.33 8.07
C TYR C 453 40.71 20.13 7.52
N ARG C 454 40.17 18.95 7.79
CA ARG C 454 40.79 17.70 7.36
C ARG C 454 40.44 17.47 5.89
N LEU C 455 41.41 17.68 5.00
CA LEU C 455 41.16 17.48 3.58
C LEU C 455 41.18 16.01 3.20
N PHE C 456 42.02 15.20 3.85
CA PHE C 456 42.25 13.83 3.45
C PHE C 456 41.98 12.87 4.62
N ARG C 457 41.29 11.78 4.32
CA ARG C 457 41.10 10.70 5.29
C ARG C 457 40.94 9.38 4.54
N LYS C 458 41.22 8.29 5.24
CA LYS C 458 41.15 6.96 4.65
C LYS C 458 39.71 6.48 4.51
N SER C 459 38.83 6.87 5.43
CA SER C 459 37.45 6.41 5.41
C SER C 459 36.56 7.48 6.00
N ASN C 460 35.26 7.36 5.72
CA ASN C 460 34.30 8.36 6.16
C ASN C 460 34.07 8.25 7.67
N LEU C 461 33.79 9.39 8.29
CA LEU C 461 33.54 9.41 9.73
C LEU C 461 32.18 8.82 10.06
N LYS C 462 32.07 8.27 11.27
CA LYS C 462 30.78 7.97 11.86
C LYS C 462 30.11 9.25 12.32
N PRO C 463 28.79 9.23 12.52
CA PRO C 463 28.11 10.41 13.08
C PRO C 463 28.62 10.76 14.48
N PHE C 464 28.83 12.06 14.70
CA PHE C 464 29.33 12.64 15.95
C PHE C 464 30.67 12.04 16.40
N GLU C 465 31.54 11.76 15.44
CA GLU C 465 32.88 11.26 15.73
C GLU C 465 33.91 12.35 15.44
N ARG C 466 34.87 12.51 16.35
CA ARG C 466 35.91 13.52 16.21
C ARG C 466 37.22 12.82 15.91
N ASP C 467 37.93 13.32 14.90
CA ASP C 467 39.24 12.80 14.51
C ASP C 467 40.25 13.94 14.58
N ILE C 468 41.17 13.86 15.55
CA ILE C 468 42.23 14.85 15.70
C ILE C 468 43.58 14.25 15.35
N SER C 469 43.62 13.05 14.79
CA SER C 469 44.87 12.40 14.44
C SER C 469 45.47 13.06 13.21
N THR C 470 46.79 13.29 13.26
CA THR C 470 47.51 14.01 12.20
C THR C 470 48.57 13.14 11.54
N GLU C 471 48.25 11.88 11.25
CA GLU C 471 49.20 11.06 10.50
C GLU C 471 49.25 11.49 9.03
N ILE C 472 50.39 11.21 8.40
CA ILE C 472 50.61 11.63 7.02
C ILE C 472 49.77 10.76 6.09
N TYR C 473 48.95 11.38 5.27
CA TYR C 473 48.03 10.64 4.41
C TYR C 473 48.77 10.11 3.19
N GLN C 474 48.42 8.89 2.78
CA GLN C 474 48.93 8.29 1.55
C GLN C 474 47.93 8.50 0.42
N ALA C 475 48.26 9.38 -0.50
CA ALA C 475 47.43 9.63 -1.67
C ALA C 475 47.96 8.92 -2.92
N GLY C 476 49.00 8.10 -2.77
CA GLY C 476 49.60 7.44 -3.91
C GLY C 476 49.84 5.96 -3.66
N SER C 477 50.79 5.38 -4.41
CA SER C 477 51.12 3.96 -4.27
C SER C 477 52.21 3.73 -3.24
N THR C 478 53.19 4.62 -3.16
CA THR C 478 54.31 4.46 -2.23
C THR C 478 53.86 4.82 -0.82
N PRO C 479 54.08 3.94 0.16
CA PRO C 479 53.67 4.26 1.54
C PRO C 479 54.50 5.39 2.13
N CYS C 480 53.85 6.18 2.98
CA CYS C 480 54.51 7.34 3.57
C CYS C 480 55.49 6.93 4.66
N ASN C 481 55.13 5.91 5.46
CA ASN C 481 55.84 5.53 6.69
C ASN C 481 55.98 6.72 7.64
N GLY C 482 54.90 7.51 7.75
CA GLY C 482 54.85 8.62 8.67
C GLY C 482 55.65 9.83 8.25
N VAL C 483 56.18 9.84 7.03
CA VAL C 483 57.04 10.90 6.53
C VAL C 483 56.42 11.41 5.23
N GLU C 484 56.37 12.75 5.07
CA GLU C 484 55.90 13.32 3.83
C GLU C 484 56.89 13.07 2.69
N GLY C 485 56.36 13.11 1.47
CA GLY C 485 57.11 12.83 0.27
C GLY C 485 56.23 13.04 -0.95
N PHE C 486 56.48 12.28 -2.02
CA PHE C 486 55.58 12.31 -3.16
C PHE C 486 54.26 11.64 -2.77
N ASN C 487 53.15 12.37 -3.01
CA ASN C 487 51.78 11.95 -2.67
C ASN C 487 51.63 11.61 -1.18
N CYS C 488 52.34 12.33 -0.32
CA CYS C 488 52.24 12.16 1.12
C CYS C 488 52.12 13.54 1.77
N TYR C 489 50.95 13.83 2.35
CA TYR C 489 50.59 15.17 2.76
C TYR C 489 50.18 15.19 4.22
N PHE C 490 50.34 16.35 4.84
CA PHE C 490 49.71 16.61 6.13
C PHE C 490 48.20 16.72 5.92
N PRO C 491 47.39 16.00 6.70
CA PRO C 491 45.96 15.89 6.38
C PRO C 491 45.15 17.14 6.69
N LEU C 492 45.67 18.06 7.50
CA LEU C 492 44.93 19.27 7.87
C LEU C 492 45.44 20.41 7.03
N GLN C 493 44.52 21.06 6.30
CA GLN C 493 44.84 22.28 5.57
C GLN C 493 44.05 23.44 6.14
N SER C 494 44.67 24.61 6.19
CA SER C 494 44.04 25.78 6.77
C SER C 494 43.29 26.58 5.72
N TYR C 495 42.15 27.15 6.12
CA TYR C 495 41.49 28.16 5.32
C TYR C 495 42.33 29.43 5.25
N GLY C 496 42.38 30.03 4.08
CA GLY C 496 42.95 31.36 3.97
C GLY C 496 41.86 32.40 4.10
N PHE C 497 41.66 32.95 5.29
CA PHE C 497 40.55 33.84 5.56
C PHE C 497 41.01 35.29 5.42
N GLN C 498 40.55 35.96 4.36
CA GLN C 498 40.83 37.35 4.09
C GLN C 498 39.51 38.12 4.00
N PRO C 499 39.51 39.42 4.32
CA PRO C 499 38.26 40.18 4.23
C PRO C 499 37.84 40.46 2.79
N THR C 500 38.77 40.44 1.85
CA THR C 500 38.46 40.75 0.45
C THR C 500 37.81 39.59 -0.29
N TYR C 501 37.80 38.40 0.29
CA TYR C 501 37.17 37.25 -0.33
C TYR C 501 35.65 37.39 -0.35
N GLY C 502 35.04 36.88 -1.42
CA GLY C 502 33.61 36.99 -1.59
C GLY C 502 32.85 36.10 -0.63
N VAL C 503 31.53 36.34 -0.57
CA VAL C 503 30.67 35.57 0.33
C VAL C 503 30.55 34.15 -0.21
N GLY C 504 30.95 33.18 0.61
CA GLY C 504 31.13 31.81 0.19
C GLY C 504 32.55 31.31 0.39
N TYR C 505 33.53 32.20 0.40
CA TYR C 505 34.89 31.90 0.83
C TYR C 505 35.21 32.54 2.17
N GLN C 506 34.21 33.09 2.85
CA GLN C 506 34.21 33.85 4.09
C GLN C 506 33.89 32.95 5.26
N PRO C 507 34.40 33.24 6.46
CA PRO C 507 34.19 32.32 7.59
C PRO C 507 32.78 32.42 8.14
N TYR C 508 32.21 31.26 8.44
CA TYR C 508 30.90 31.15 9.07
C TYR C 508 31.05 30.36 10.35
N ARG C 509 30.65 30.97 11.46
CA ARG C 509 30.62 30.29 12.75
C ARG C 509 29.36 29.46 12.85
N VAL C 510 29.53 28.15 13.04
CA VAL C 510 28.43 27.19 13.03
C VAL C 510 28.33 26.55 14.42
N VAL C 511 27.14 26.63 15.01
CA VAL C 511 26.81 26.00 16.28
C VAL C 511 25.67 25.03 16.01
N VAL C 512 25.86 23.76 16.34
CA VAL C 512 24.86 22.73 16.13
C VAL C 512 24.36 22.28 17.48
N LEU C 513 23.06 22.43 17.72
CA LEU C 513 22.43 22.00 18.94
C LEU C 513 21.82 20.63 18.70
N SER C 514 21.94 19.75 19.69
CA SER C 514 21.45 18.39 19.63
C SER C 514 20.68 18.07 20.89
N PHE C 515 19.49 17.50 20.72
CA PHE C 515 18.59 17.20 21.82
C PHE C 515 18.19 15.73 21.75
N GLU C 516 17.71 15.22 22.87
CA GLU C 516 16.95 13.97 22.90
C GLU C 516 15.55 14.25 23.42
N LEU C 517 14.56 13.77 22.68
CA LEU C 517 13.16 14.19 22.86
C LEU C 517 12.40 13.17 23.69
N LEU C 518 12.27 13.47 24.98
CA LEU C 518 11.25 12.90 25.87
C LEU C 518 11.36 11.38 26.02
N HIS C 519 12.54 10.94 26.44
CA HIS C 519 12.77 9.53 26.72
C HIS C 519 13.49 9.31 28.05
N ALA C 520 14.15 10.32 28.59
CA ALA C 520 14.78 10.27 29.90
C ALA C 520 14.24 11.41 30.75
N PRO C 521 14.52 11.46 32.06
CA PRO C 521 14.27 12.68 32.82
C PRO C 521 15.06 13.86 32.25
N ALA C 522 14.39 14.98 32.09
CA ALA C 522 14.93 16.12 31.36
C ALA C 522 15.44 17.19 32.32
N THR C 523 16.59 17.77 31.99
CA THR C 523 17.21 18.83 32.78
C THR C 523 17.15 20.21 32.14
N VAL C 524 16.87 20.29 30.84
CA VAL C 524 16.78 21.55 30.10
C VAL C 524 15.35 21.76 29.68
N CYS C 525 14.78 22.90 30.06
CA CYS C 525 13.38 23.21 29.78
C CYS C 525 13.28 24.64 29.26
N GLY C 526 12.23 24.90 28.49
CA GLY C 526 11.87 26.25 28.12
C GLY C 526 11.16 27.02 29.23
N PRO C 527 11.06 28.34 29.03
CA PRO C 527 10.74 29.27 30.13
C PRO C 527 9.28 29.29 30.58
N LYS C 528 8.47 28.31 30.22
CA LYS C 528 7.09 28.26 30.68
C LYS C 528 7.02 27.95 32.17
N LYS C 529 6.20 28.72 32.88
CA LYS C 529 6.08 28.59 34.33
C LYS C 529 5.14 27.45 34.71
N SER C 530 5.47 26.79 35.80
CA SER C 530 4.69 25.65 36.28
C SER C 530 3.51 26.11 37.14
N THR C 531 2.40 25.40 37.03
CA THR C 531 1.21 25.67 37.82
C THR C 531 1.11 24.67 38.97
N ASN C 532 0.05 24.78 39.74
CA ASN C 532 -0.19 23.85 40.83
C ASN C 532 -0.64 22.50 40.29
N LEU C 533 -0.40 21.46 41.09
CA LEU C 533 -0.75 20.09 40.72
C LEU C 533 -2.15 19.77 41.22
N VAL C 534 -3.07 19.48 40.29
CA VAL C 534 -4.46 19.19 40.60
C VAL C 534 -4.72 17.73 40.27
N LYS C 535 -5.14 16.96 41.26
CA LYS C 535 -5.41 15.54 41.12
C LYS C 535 -6.91 15.27 41.14
N ASN C 536 -7.27 14.06 40.70
CA ASN C 536 -8.62 13.51 40.72
C ASN C 536 -9.63 14.31 39.89
N LYS C 537 -9.16 15.08 38.91
CA LYS C 537 -10.04 15.84 38.03
C LYS C 537 -9.58 15.65 36.58
N CYS C 538 -10.54 15.75 35.67
CA CYS C 538 -10.25 15.69 34.24
C CYS C 538 -9.62 17.01 33.81
N VAL C 539 -8.30 17.01 33.63
CA VAL C 539 -7.58 18.23 33.28
C VAL C 539 -6.65 17.95 32.12
N ASN C 540 -6.27 19.02 31.43
CA ASN C 540 -5.14 18.95 30.52
C ASN C 540 -3.87 18.99 31.34
N PHE C 541 -2.86 18.24 30.92
CA PHE C 541 -1.59 18.20 31.63
C PHE C 541 -0.43 18.36 30.66
N ASN C 542 0.63 18.97 31.16
CA ASN C 542 1.86 19.20 30.41
C ASN C 542 3.01 18.87 31.36
N PHE C 543 3.52 17.65 31.26
CA PHE C 543 4.62 17.17 32.09
C PHE C 543 5.87 17.10 31.24
N ASN C 544 6.76 18.09 31.42
CA ASN C 544 8.07 18.17 30.75
C ASN C 544 7.95 18.16 29.24
N GLY C 545 6.96 18.88 28.71
CA GLY C 545 6.68 18.88 27.30
C GLY C 545 5.75 17.79 26.83
N LEU C 546 5.38 16.86 27.70
CA LEU C 546 4.44 15.79 27.39
C LEU C 546 3.03 16.30 27.64
N THR C 547 2.30 16.57 26.57
CA THR C 547 0.95 17.09 26.70
C THR C 547 -0.06 15.95 26.66
N GLY C 548 -1.22 16.20 27.25
CA GLY C 548 -2.30 15.22 27.21
C GLY C 548 -3.49 15.70 27.99
N THR C 549 -4.50 14.84 28.06
CA THR C 549 -5.73 15.11 28.81
C THR C 549 -6.10 13.87 29.60
N GLY C 550 -6.31 14.05 30.91
CA GLY C 550 -6.64 12.89 31.73
C GLY C 550 -6.89 13.29 33.17
N VAL C 551 -7.11 12.27 33.98
CA VAL C 551 -7.28 12.38 35.42
C VAL C 551 -6.03 11.85 36.10
N LEU C 552 -5.44 12.65 36.97
CA LEU C 552 -4.19 12.30 37.64
C LEU C 552 -4.52 11.74 39.02
N THR C 553 -4.07 10.51 39.28
CA THR C 553 -4.30 9.87 40.56
C THR C 553 -2.96 9.40 41.13
N GLU C 554 -2.93 9.23 42.45
CA GLU C 554 -1.73 8.71 43.11
C GLU C 554 -1.52 7.25 42.75
N SER C 555 -0.27 6.89 42.47
CA SER C 555 0.05 5.61 41.87
C SER C 555 0.80 4.72 42.86
N ASN C 556 0.57 3.41 42.73
CA ASN C 556 1.29 2.42 43.51
C ASN C 556 2.55 1.92 42.81
N LYS C 557 2.77 2.31 41.57
CA LYS C 557 3.97 1.89 40.85
C LYS C 557 5.19 2.61 41.40
N LYS C 558 6.30 1.87 41.47
CA LYS C 558 7.57 2.39 41.97
C LYS C 558 8.55 2.47 40.81
N PHE C 559 8.83 3.68 40.35
CA PHE C 559 9.71 3.87 39.21
C PHE C 559 11.16 3.74 39.63
N LEU C 560 11.97 3.17 38.75
CA LEU C 560 13.41 3.21 38.92
C LEU C 560 13.90 4.63 38.63
N PRO C 561 15.02 5.06 39.24
CA PRO C 561 15.44 6.47 39.12
C PRO C 561 15.81 6.93 37.72
N PHE C 562 16.07 6.02 36.79
CA PHE C 562 16.28 6.42 35.40
C PHE C 562 14.98 6.49 34.60
N GLN C 563 13.85 6.17 35.21
CA GLN C 563 12.56 6.16 34.52
C GLN C 563 11.76 7.40 34.86
N GLN C 564 11.15 8.01 33.85
CA GLN C 564 10.31 9.19 34.01
C GLN C 564 8.83 8.93 33.76
N PHE C 565 8.49 8.15 32.75
CA PHE C 565 7.11 7.90 32.39
C PHE C 565 6.89 6.41 32.19
N GLY C 566 5.62 6.03 32.10
CA GLY C 566 5.26 4.65 31.80
C GLY C 566 4.26 4.57 30.67
N ARG C 567 4.43 3.56 29.83
CA ARG C 567 3.57 3.34 28.67
C ARG C 567 2.75 2.08 28.83
N ASP C 568 1.55 2.10 28.24
CA ASP C 568 0.65 0.95 28.23
C ASP C 568 0.89 0.14 26.95
N ILE C 569 -0.08 -0.72 26.60
CA ILE C 569 -0.01 -1.53 25.39
C ILE C 569 0.04 -0.66 24.15
N ALA C 570 -0.78 0.39 24.10
CA ALA C 570 -0.87 1.25 22.92
C ALA C 570 0.16 2.37 22.92
N ASP C 571 1.17 2.29 23.80
CA ASP C 571 2.25 3.28 23.94
C ASP C 571 1.72 4.69 24.22
N THR C 572 0.67 4.77 25.02
CA THR C 572 0.23 6.03 25.61
C THR C 572 0.72 6.09 27.05
N THR C 573 1.04 7.30 27.48
CA THR C 573 1.61 7.49 28.82
C THR C 573 0.52 7.27 29.87
N ASP C 574 0.55 6.13 30.54
CA ASP C 574 -0.41 5.83 31.59
C ASP C 574 0.11 6.11 32.99
N ALA C 575 1.40 6.36 33.16
CA ALA C 575 1.96 6.75 34.45
C ALA C 575 3.08 7.74 34.21
N VAL C 576 3.18 8.74 35.09
CA VAL C 576 4.16 9.81 34.92
C VAL C 576 4.71 10.20 36.28
N ARG C 577 5.97 10.62 36.30
CA ARG C 577 6.60 11.15 37.51
C ARG C 577 6.54 12.67 37.46
N ASP C 578 6.05 13.28 38.53
CA ASP C 578 6.00 14.73 38.61
C ASP C 578 7.42 15.27 38.81
N PRO C 579 7.85 16.24 38.00
CA PRO C 579 9.26 16.66 38.02
C PRO C 579 9.63 17.52 39.21
N GLN C 580 8.67 18.00 39.99
CA GLN C 580 8.94 18.83 41.16
C GLN C 580 8.91 18.02 42.45
N THR C 581 7.81 17.33 42.71
CA THR C 581 7.74 16.37 43.80
C THR C 581 7.75 14.97 43.20
N LEU C 582 8.81 14.21 43.49
CA LEU C 582 9.07 12.95 42.80
C LEU C 582 8.08 11.89 43.30
N GLU C 583 6.88 11.95 42.73
CA GLU C 583 5.83 10.99 43.01
C GLU C 583 5.26 10.48 41.69
N ILE C 584 4.69 9.29 41.73
CA ILE C 584 4.18 8.64 40.53
C ILE C 584 2.68 8.86 40.48
N LEU C 585 2.16 9.15 39.29
CA LEU C 585 0.75 9.41 39.08
C LEU C 585 0.23 8.57 37.92
N ASP C 586 -0.85 7.85 38.16
CA ASP C 586 -1.58 7.23 37.06
C ASP C 586 -2.36 8.28 36.30
N ILE C 587 -2.47 8.08 35.00
CA ILE C 587 -3.19 8.99 34.11
C ILE C 587 -4.36 8.19 33.54
N THR C 588 -5.52 8.31 34.17
CA THR C 588 -6.62 7.62 33.53
C THR C 588 -7.23 8.54 32.47
N PRO C 589 -7.58 8.02 31.29
CA PRO C 589 -8.25 8.87 30.29
C PRO C 589 -9.58 9.36 30.80
N CYS C 590 -9.92 10.60 30.44
CA CYS C 590 -11.19 11.18 30.86
C CYS C 590 -12.36 10.39 30.27
N SER C 591 -13.42 10.25 31.07
CA SER C 591 -14.46 9.26 30.85
C SER C 591 -15.15 9.44 29.50
N PHE C 592 -15.19 8.37 28.73
CA PHE C 592 -15.80 8.39 27.40
C PHE C 592 -16.92 7.38 27.39
N GLY C 593 -18.10 7.82 26.99
CA GLY C 593 -19.21 6.88 26.89
C GLY C 593 -19.94 7.02 25.58
N GLY C 594 -20.22 5.93 24.87
CA GLY C 594 -21.03 6.03 23.67
C GLY C 594 -22.43 6.52 23.99
N VAL C 595 -22.91 7.44 23.17
CA VAL C 595 -24.25 8.01 23.31
C VAL C 595 -25.13 7.36 22.26
N SER C 596 -26.23 6.76 22.68
CA SER C 596 -27.19 6.17 21.78
C SER C 596 -28.50 6.93 21.92
N VAL C 597 -29.11 7.29 20.80
CA VAL C 597 -30.35 8.05 20.82
C VAL C 597 -31.50 7.10 20.52
N ILE C 598 -32.26 6.78 21.56
CA ILE C 598 -33.44 5.93 21.44
C ILE C 598 -34.59 6.81 20.99
N THR C 599 -35.20 6.49 19.86
CA THR C 599 -36.28 7.32 19.37
C THR C 599 -37.32 6.46 18.66
N PRO C 600 -38.58 6.88 18.65
CA PRO C 600 -39.53 6.37 17.65
C PRO C 600 -39.33 7.09 16.33
N GLY C 601 -40.19 6.83 15.36
CA GLY C 601 -40.12 7.56 14.10
C GLY C 601 -40.44 9.03 14.29
N THR C 602 -39.80 9.86 13.46
CA THR C 602 -40.09 11.29 13.49
C THR C 602 -41.48 11.60 12.96
N ASN C 603 -42.08 10.69 12.18
CA ASN C 603 -43.50 10.78 11.88
C ASN C 603 -44.35 10.59 13.13
N THR C 604 -43.88 9.77 14.07
CA THR C 604 -44.64 9.52 15.30
C THR C 604 -44.41 10.63 16.32
N SER C 605 -43.17 10.84 16.72
CA SER C 605 -42.87 11.81 17.78
C SER C 605 -41.43 12.28 17.63
N ASN C 606 -41.15 13.43 18.24
CA ASN C 606 -39.80 13.97 18.33
C ASN C 606 -39.14 13.71 19.68
N GLN C 607 -39.80 13.00 20.58
CA GLN C 607 -39.21 12.71 21.88
C GLN C 607 -38.12 11.65 21.75
N VAL C 608 -37.00 11.88 22.42
CA VAL C 608 -35.87 10.95 22.40
C VAL C 608 -35.45 10.65 23.83
N ALA C 609 -34.72 9.55 23.98
CA ALA C 609 -34.01 9.24 25.21
C ALA C 609 -32.55 8.98 24.84
N VAL C 610 -31.66 9.16 25.81
CA VAL C 610 -30.24 8.97 25.55
C VAL C 610 -29.68 7.89 26.48
N LEU C 611 -28.85 7.02 25.92
CA LEU C 611 -28.15 5.99 26.65
C LEU C 611 -26.66 6.31 26.64
N TYR C 612 -26.08 6.45 27.82
CA TYR C 612 -24.64 6.58 28.00
C TYR C 612 -24.11 5.20 28.35
N GLN C 613 -23.43 4.57 27.41
CA GLN C 613 -23.01 3.19 27.54
C GLN C 613 -21.81 3.07 28.48
N ASP C 614 -21.89 2.11 29.41
CA ASP C 614 -20.85 1.80 30.40
C ASP C 614 -20.50 3.02 31.27
N VAL C 615 -21.47 3.87 31.54
CA VAL C 615 -21.29 5.07 32.34
C VAL C 615 -22.30 5.05 33.45
N ASN C 616 -21.84 5.14 34.69
CA ASN C 616 -22.74 5.20 35.84
C ASN C 616 -23.45 6.55 35.86
N CYS C 617 -24.64 6.57 36.45
CA CYS C 617 -25.54 7.71 36.32
C CYS C 617 -25.10 8.93 37.13
N THR C 618 -24.18 8.76 38.07
CA THR C 618 -23.73 9.86 38.92
C THR C 618 -22.54 10.61 38.34
N GLU C 619 -22.02 10.21 37.18
CA GLU C 619 -20.95 10.93 36.49
C GLU C 619 -21.42 11.46 35.14
N VAL C 620 -22.67 11.90 35.05
CA VAL C 620 -23.18 12.47 33.82
C VAL C 620 -24.15 13.61 34.13
N ASN C 641 -35.99 11.57 34.97
CA ASN C 641 -36.08 10.29 34.27
C ASN C 641 -34.70 9.67 34.13
N VAL C 642 -34.11 9.29 35.26
CA VAL C 642 -32.77 8.71 35.33
C VAL C 642 -32.93 7.25 35.69
N PHE C 643 -32.32 6.36 34.91
CA PHE C 643 -32.41 4.93 35.20
C PHE C 643 -31.08 4.26 34.93
N GLN C 644 -30.59 3.50 35.90
CA GLN C 644 -29.32 2.82 35.77
C GLN C 644 -29.54 1.40 35.26
N THR C 645 -28.96 1.10 34.10
CA THR C 645 -28.99 -0.24 33.52
C THR C 645 -27.58 -0.81 33.51
N ARG C 646 -27.50 -2.11 33.24
CA ARG C 646 -26.20 -2.73 33.00
C ARG C 646 -25.59 -2.24 31.69
N ALA C 647 -26.43 -1.91 30.71
CA ALA C 647 -25.95 -1.34 29.46
C ALA C 647 -25.44 0.08 29.61
N GLY C 648 -25.93 0.81 30.61
CA GLY C 648 -25.46 2.16 30.86
C GLY C 648 -26.53 2.97 31.56
N CYS C 649 -26.32 4.28 31.58
CA CYS C 649 -27.28 5.21 32.16
C CYS C 649 -28.28 5.67 31.11
N LEU C 650 -29.55 5.65 31.44
CA LEU C 650 -30.62 6.00 30.51
C LEU C 650 -31.32 7.25 31.02
N ILE C 651 -31.34 8.28 30.20
CA ILE C 651 -31.90 9.58 30.56
C ILE C 651 -33.04 9.88 29.60
N GLY C 652 -34.19 10.24 30.16
CA GLY C 652 -35.35 10.62 29.37
C GLY C 652 -36.40 9.54 29.20
N ALA C 653 -36.13 8.33 29.66
CA ALA C 653 -37.10 7.24 29.58
C ALA C 653 -37.47 6.79 30.99
N GLU C 654 -38.77 6.72 31.26
CA GLU C 654 -39.24 6.32 32.58
C GLU C 654 -39.24 4.79 32.69
N HIS C 655 -38.78 4.29 33.82
CA HIS C 655 -38.73 2.86 34.06
C HIS C 655 -40.05 2.39 34.66
N VAL C 656 -40.62 1.34 34.10
CA VAL C 656 -41.87 0.77 34.58
C VAL C 656 -41.62 -0.65 35.06
N ASN C 657 -42.47 -1.10 35.97
CA ASN C 657 -42.38 -2.46 36.50
C ASN C 657 -43.10 -3.49 35.64
N ASN C 658 -43.83 -3.07 34.62
CA ASN C 658 -44.56 -4.00 33.78
C ASN C 658 -43.63 -4.52 32.67
N SER C 659 -43.93 -5.71 32.18
CA SER C 659 -43.13 -6.37 31.16
C SER C 659 -43.93 -6.47 29.86
N TYR C 660 -43.32 -6.00 28.77
CA TYR C 660 -43.93 -6.04 27.45
C TYR C 660 -42.95 -6.72 26.48
N GLU C 661 -43.38 -6.85 25.23
CA GLU C 661 -42.49 -7.33 24.19
C GLU C 661 -41.50 -6.24 23.82
N CYS C 662 -40.33 -6.65 23.34
CA CYS C 662 -39.26 -5.71 23.04
C CYS C 662 -39.57 -4.97 21.75
N ASP C 663 -39.65 -3.65 21.84
CA ASP C 663 -39.89 -2.79 20.69
C ASP C 663 -38.58 -2.17 20.20
N ILE C 664 -37.89 -1.44 21.06
CA ILE C 664 -36.58 -0.90 20.76
C ILE C 664 -35.60 -1.52 21.75
N PRO C 665 -34.62 -2.30 21.29
CA PRO C 665 -33.71 -2.98 22.22
C PRO C 665 -32.69 -2.02 22.80
N ILE C 666 -32.58 -2.02 24.13
CA ILE C 666 -31.54 -1.27 24.82
C ILE C 666 -30.37 -2.17 25.16
N GLY C 667 -30.66 -3.34 25.71
CA GLY C 667 -29.61 -4.26 26.07
C GLY C 667 -29.73 -4.70 27.50
N ALA C 668 -29.09 -5.83 27.83
CA ALA C 668 -29.08 -6.43 29.17
C ALA C 668 -30.50 -6.67 29.69
N GLY C 669 -31.37 -7.12 28.80
CA GLY C 669 -32.76 -7.36 29.15
C GLY C 669 -33.65 -6.14 29.15
N ILE C 670 -33.10 -4.96 28.86
CA ILE C 670 -33.86 -3.72 28.90
C ILE C 670 -34.28 -3.37 27.49
N CYS C 671 -35.54 -2.97 27.33
CA CYS C 671 -36.08 -2.52 26.06
C CYS C 671 -36.87 -1.25 26.29
N ALA C 672 -37.09 -0.50 25.21
CA ALA C 672 -37.81 0.77 25.27
C ALA C 672 -38.95 0.77 24.28
N SER C 673 -39.97 1.58 24.59
CA SER C 673 -41.13 1.68 23.73
C SER C 673 -41.73 3.07 23.90
N TYR C 674 -42.70 3.38 23.05
CA TYR C 674 -43.42 4.65 23.10
C TYR C 674 -44.89 4.39 23.38
N GLN C 675 -45.43 5.06 24.40
CA GLN C 675 -46.84 4.91 24.74
C GLN C 675 -47.39 6.20 25.35
N SER C 691 -45.08 9.20 25.99
CA SER C 691 -43.75 9.21 26.56
C SER C 691 -43.01 7.92 26.24
N ILE C 692 -41.70 7.92 26.44
CA ILE C 692 -40.86 6.75 26.19
C ILE C 692 -40.69 6.01 27.50
N ILE C 693 -41.05 4.72 27.49
CA ILE C 693 -40.93 3.87 28.67
C ILE C 693 -39.81 2.87 28.45
N ALA C 694 -39.22 2.43 29.57
CA ALA C 694 -38.19 1.42 29.57
C ALA C 694 -38.60 0.30 30.52
N TYR C 695 -38.33 -0.94 30.12
CA TYR C 695 -38.86 -2.09 30.84
C TYR C 695 -37.95 -3.29 30.64
N THR C 696 -38.15 -4.29 31.48
CA THR C 696 -37.56 -5.60 31.27
C THR C 696 -38.46 -6.40 30.33
N MET C 697 -37.88 -6.90 29.24
CA MET C 697 -38.67 -7.52 28.18
C MET C 697 -39.24 -8.87 28.60
N SER C 698 -40.51 -9.09 28.29
CA SER C 698 -41.20 -10.31 28.67
C SER C 698 -40.81 -11.40 27.70
N LEU C 699 -40.27 -12.52 28.22
CA LEU C 699 -39.94 -13.66 27.37
C LEU C 699 -41.20 -14.28 26.76
N GLY C 700 -42.26 -14.37 27.54
CA GLY C 700 -43.54 -14.81 27.02
C GLY C 700 -44.51 -15.04 28.17
N ALA C 701 -45.66 -15.61 27.83
CA ALA C 701 -46.65 -15.91 28.84
C ALA C 701 -46.33 -17.23 29.53
N GLU C 702 -46.58 -17.29 30.83
CA GLU C 702 -46.33 -18.51 31.59
C GLU C 702 -47.43 -19.52 31.31
N ASN C 703 -47.04 -20.79 31.15
CA ASN C 703 -47.98 -21.85 30.79
C ASN C 703 -47.54 -23.12 31.54
N SER C 704 -48.13 -23.34 32.71
CA SER C 704 -47.86 -24.55 33.47
C SER C 704 -48.65 -25.71 32.87
N VAL C 705 -47.96 -26.64 32.23
CA VAL C 705 -48.63 -27.79 31.64
C VAL C 705 -49.06 -28.75 32.74
N ALA C 706 -50.33 -29.13 32.73
CA ALA C 706 -50.91 -29.98 33.76
C ALA C 706 -50.44 -31.42 33.59
N TYR C 707 -49.20 -31.67 34.00
CA TYR C 707 -48.62 -33.00 33.88
C TYR C 707 -49.06 -33.89 35.03
N SER C 708 -49.42 -35.13 34.69
CA SER C 708 -49.55 -36.20 35.66
C SER C 708 -49.23 -37.50 34.95
N ASN C 709 -49.07 -38.56 35.73
CA ASN C 709 -48.52 -39.79 35.19
C ASN C 709 -49.54 -40.65 34.45
N ASN C 710 -50.82 -40.27 34.44
CA ASN C 710 -51.82 -41.09 33.78
C ASN C 710 -52.86 -40.28 33.02
N SER C 711 -52.57 -39.02 32.68
CA SER C 711 -53.49 -38.18 31.96
C SER C 711 -52.87 -37.74 30.64
N ILE C 712 -53.68 -37.70 29.59
CA ILE C 712 -53.23 -37.28 28.28
C ILE C 712 -54.21 -36.23 27.76
N ALA C 713 -53.72 -35.38 26.86
CA ALA C 713 -54.56 -34.40 26.17
C ALA C 713 -54.62 -34.75 24.70
N ILE C 714 -55.81 -34.99 24.19
CA ILE C 714 -56.04 -35.42 22.81
C ILE C 714 -56.79 -34.31 22.09
N PRO C 715 -56.33 -33.86 20.93
CA PRO C 715 -57.06 -32.82 20.20
C PRO C 715 -58.35 -33.35 19.61
N THR C 716 -59.39 -32.52 19.67
CA THR C 716 -60.68 -32.85 19.09
C THR C 716 -60.97 -32.05 17.82
N ASN C 717 -60.10 -31.13 17.44
CA ASN C 717 -60.34 -30.28 16.29
C ASN C 717 -59.00 -29.82 15.72
N PHE C 718 -59.06 -29.06 14.63
CA PHE C 718 -57.85 -28.64 13.94
C PHE C 718 -58.06 -27.33 13.22
N THR C 719 -56.97 -26.64 12.98
CA THR C 719 -56.93 -25.40 12.24
C THR C 719 -55.98 -25.57 11.06
N ILE C 720 -56.47 -25.26 9.86
CA ILE C 720 -55.64 -25.24 8.66
C ILE C 720 -55.01 -23.86 8.60
N SER C 721 -53.72 -23.78 8.95
CA SER C 721 -53.03 -22.52 9.11
C SER C 721 -52.05 -22.31 7.96
N VAL C 722 -52.14 -21.17 7.30
CA VAL C 722 -51.22 -20.81 6.23
C VAL C 722 -50.34 -19.69 6.73
N THR C 723 -49.02 -19.88 6.64
CA THR C 723 -48.06 -18.89 7.08
C THR C 723 -47.15 -18.50 5.92
N THR C 724 -46.55 -17.33 6.03
CA THR C 724 -45.64 -16.81 5.00
C THR C 724 -44.19 -16.97 5.43
N GLU C 725 -43.33 -17.28 4.48
CA GLU C 725 -41.89 -17.28 4.70
C GLU C 725 -41.21 -16.60 3.51
N ILE C 726 -40.55 -15.47 3.77
CA ILE C 726 -39.92 -14.67 2.73
C ILE C 726 -38.42 -14.95 2.76
N LEU C 727 -37.86 -15.35 1.62
CA LEU C 727 -36.44 -15.65 1.51
C LEU C 727 -35.85 -14.90 0.32
N PRO C 728 -34.82 -14.08 0.52
CA PRO C 728 -34.15 -13.46 -0.63
C PRO C 728 -33.37 -14.49 -1.43
N VAL C 729 -33.33 -14.27 -2.75
CA VAL C 729 -32.72 -15.20 -3.68
C VAL C 729 -31.50 -14.59 -4.38
N SER C 730 -31.66 -13.38 -4.92
CA SER C 730 -30.60 -12.74 -5.68
C SER C 730 -30.46 -11.29 -5.27
N MET C 731 -29.37 -10.68 -5.72
CA MET C 731 -29.14 -9.25 -5.55
C MET C 731 -29.18 -8.57 -6.91
N THR C 732 -29.05 -7.25 -6.90
CA THR C 732 -28.89 -6.49 -8.13
C THR C 732 -27.50 -6.73 -8.69
N LYS C 733 -27.43 -7.12 -9.97
CA LYS C 733 -26.15 -7.38 -10.63
C LYS C 733 -25.53 -6.04 -10.99
N THR C 734 -24.56 -5.61 -10.21
CA THR C 734 -23.88 -4.34 -10.42
C THR C 734 -22.49 -4.58 -10.98
N SER C 735 -22.10 -3.78 -11.97
CA SER C 735 -20.76 -3.82 -12.54
C SER C 735 -20.14 -2.44 -12.46
N VAL C 736 -18.87 -2.40 -12.06
CA VAL C 736 -18.13 -1.15 -11.91
C VAL C 736 -16.92 -1.22 -12.83
N ASP C 737 -16.84 -0.28 -13.77
CA ASP C 737 -15.63 -0.10 -14.56
C ASP C 737 -14.57 0.55 -13.69
N CYS C 738 -13.56 -0.22 -13.29
CA CYS C 738 -12.57 0.22 -12.30
C CYS C 738 -11.74 1.38 -12.84
N THR C 739 -11.31 1.29 -14.10
CA THR C 739 -10.56 2.38 -14.72
C THR C 739 -11.42 3.63 -14.86
N MET C 740 -12.68 3.48 -15.27
CA MET C 740 -13.54 4.64 -15.42
C MET C 740 -13.97 5.21 -14.07
N TYR C 741 -14.10 4.36 -13.05
CA TYR C 741 -14.42 4.87 -11.71
C TYR C 741 -13.27 5.67 -11.13
N ILE C 742 -12.06 5.11 -11.18
CA ILE C 742 -10.91 5.80 -10.58
C ILE C 742 -10.52 7.02 -11.40
N CYS C 743 -10.55 6.90 -12.73
CA CYS C 743 -9.88 7.85 -13.60
C CYS C 743 -10.78 8.62 -14.56
N GLY C 744 -11.98 8.12 -14.85
CA GLY C 744 -12.80 8.80 -15.85
C GLY C 744 -12.18 8.66 -17.23
N ASP C 745 -11.98 9.79 -17.90
CA ASP C 745 -11.40 9.82 -19.24
C ASP C 745 -9.96 10.33 -19.24
N SER C 746 -9.35 10.51 -18.07
CA SER C 746 -7.99 11.04 -17.98
C SER C 746 -6.99 9.95 -18.34
N THR C 747 -6.22 10.18 -19.41
CA THR C 747 -5.24 9.17 -19.84
C THR C 747 -4.01 9.15 -18.95
N GLU C 748 -3.67 10.27 -18.32
CA GLU C 748 -2.56 10.31 -17.37
C GLU C 748 -2.89 9.52 -16.12
N CYS C 749 -4.15 9.56 -15.69
CA CYS C 749 -4.61 8.76 -14.56
C CYS C 749 -4.50 7.27 -14.88
N SER C 750 -4.88 6.85 -16.09
CA SER C 750 -4.78 5.44 -16.43
C SER C 750 -3.33 5.00 -16.59
N ASN C 751 -2.47 5.89 -17.08
CA ASN C 751 -1.04 5.58 -17.17
C ASN C 751 -0.43 5.43 -15.78
N LEU C 752 -0.87 6.23 -14.81
CA LEU C 752 -0.41 6.04 -13.45
C LEU C 752 -1.06 4.83 -12.80
N LEU C 753 -2.28 4.47 -13.23
CA LEU C 753 -2.98 3.34 -12.65
C LEU C 753 -2.40 2.02 -13.13
N LEU C 754 -1.79 1.99 -14.31
CA LEU C 754 -1.12 0.79 -14.78
C LEU C 754 0.11 0.42 -13.97
N GLN C 755 0.64 1.35 -13.16
CA GLN C 755 1.76 1.03 -12.29
C GLN C 755 1.35 0.14 -11.13
N TYR C 756 0.07 0.12 -10.78
CA TYR C 756 -0.45 -0.67 -9.68
C TYR C 756 -0.81 -2.10 -10.09
N GLY C 757 -0.75 -2.42 -11.37
CA GLY C 757 -0.89 -3.80 -11.79
C GLY C 757 -2.32 -4.19 -12.13
N SER C 758 -2.73 -5.37 -11.70
CA SER C 758 -4.00 -5.97 -12.10
C SER C 758 -5.02 -5.90 -10.98
N PHE C 759 -5.06 -4.79 -10.24
CA PHE C 759 -6.11 -4.60 -9.25
C PHE C 759 -7.48 -4.46 -9.91
N CYS C 760 -7.55 -3.69 -10.99
CA CYS C 760 -8.83 -3.46 -11.67
C CYS C 760 -9.38 -4.74 -12.29
N THR C 761 -8.49 -5.58 -12.84
CA THR C 761 -8.91 -6.87 -13.37
C THR C 761 -9.44 -7.77 -12.27
N GLN C 762 -8.82 -7.73 -11.09
CA GLN C 762 -9.29 -8.50 -9.94
C GLN C 762 -10.68 -8.04 -9.50
N LEU C 763 -10.91 -6.73 -9.43
CA LEU C 763 -12.20 -6.21 -9.00
C LEU C 763 -13.29 -6.51 -10.03
N ASN C 764 -12.97 -6.39 -11.32
CA ASN C 764 -13.94 -6.74 -12.36
C ASN C 764 -14.24 -8.23 -12.36
N ARG C 765 -13.25 -9.07 -12.08
CA ARG C 765 -13.46 -10.50 -12.00
C ARG C 765 -14.35 -10.87 -10.82
N ALA C 766 -14.15 -10.22 -9.67
CA ALA C 766 -14.99 -10.48 -8.51
C ALA C 766 -16.43 -10.04 -8.74
N LEU C 767 -16.62 -8.87 -9.37
CA LEU C 767 -17.98 -8.41 -9.66
C LEU C 767 -18.67 -9.28 -10.70
N THR C 768 -17.92 -9.77 -11.69
CA THR C 768 -18.48 -10.69 -12.68
C THR C 768 -18.87 -12.02 -12.03
N GLY C 769 -18.05 -12.50 -11.09
CA GLY C 769 -18.40 -13.72 -10.36
C GLY C 769 -19.65 -13.57 -9.53
N ILE C 770 -19.81 -12.42 -8.87
CA ILE C 770 -21.04 -12.14 -8.12
C ILE C 770 -22.24 -12.07 -9.06
N ALA C 771 -22.06 -11.43 -10.22
CA ALA C 771 -23.15 -11.25 -11.17
C ALA C 771 -23.63 -12.58 -11.75
N VAL C 772 -22.70 -13.49 -12.06
CA VAL C 772 -23.14 -14.80 -12.53
C VAL C 772 -23.63 -15.69 -11.38
N GLU C 773 -23.19 -15.42 -10.15
CA GLU C 773 -23.66 -16.18 -9.00
C GLU C 773 -25.12 -15.88 -8.71
N GLN C 774 -25.56 -14.64 -8.94
CA GLN C 774 -26.97 -14.30 -8.74
C GLN C 774 -27.88 -15.05 -9.72
N ASP C 775 -27.47 -15.15 -10.98
CA ASP C 775 -28.23 -15.92 -11.96
C ASP C 775 -28.21 -17.41 -11.64
N LYS C 776 -27.08 -17.91 -11.13
CA LYS C 776 -27.02 -19.29 -10.66
C LYS C 776 -27.97 -19.54 -9.49
N ASN C 777 -28.08 -18.56 -8.58
CA ASN C 777 -28.99 -18.67 -7.44
C ASN C 777 -30.45 -18.73 -7.89
N THR C 778 -30.83 -17.85 -8.83
CA THR C 778 -32.20 -17.86 -9.34
C THR C 778 -32.50 -19.15 -10.11
N GLN C 779 -31.51 -19.64 -10.87
CA GLN C 779 -31.64 -20.89 -11.61
C GLN C 779 -31.82 -22.07 -10.65
N GLU C 780 -31.09 -22.07 -9.53
CA GLU C 780 -31.19 -23.15 -8.56
C GLU C 780 -32.51 -23.10 -7.81
N VAL C 781 -33.02 -21.91 -7.52
CA VAL C 781 -34.24 -21.82 -6.73
C VAL C 781 -35.46 -22.15 -7.59
N PHE C 782 -35.63 -21.48 -8.72
CA PHE C 782 -36.93 -21.54 -9.40
C PHE C 782 -37.01 -22.59 -10.49
N ALA C 783 -35.90 -22.97 -11.10
CA ALA C 783 -35.94 -23.91 -12.21
C ALA C 783 -35.64 -25.34 -11.71
N GLN C 784 -36.55 -25.83 -10.89
CA GLN C 784 -36.44 -27.18 -10.36
C GLN C 784 -37.26 -28.19 -11.15
N VAL C 785 -37.96 -27.75 -12.18
CA VAL C 785 -38.72 -28.62 -13.07
C VAL C 785 -38.36 -28.26 -14.51
N LYS C 786 -38.28 -29.28 -15.35
CA LYS C 786 -38.08 -29.08 -16.78
C LYS C 786 -39.37 -29.18 -17.58
N GLN C 787 -40.51 -29.41 -16.93
CA GLN C 787 -41.80 -29.46 -17.59
C GLN C 787 -42.68 -28.32 -17.08
N ILE C 788 -43.26 -27.57 -18.00
CA ILE C 788 -44.12 -26.44 -17.64
C ILE C 788 -45.54 -26.99 -17.53
N TYR C 789 -45.96 -27.25 -16.30
CA TYR C 789 -47.28 -27.79 -16.04
C TYR C 789 -48.34 -26.70 -16.06
N LYS C 790 -49.54 -27.07 -16.49
CA LYS C 790 -50.66 -26.14 -16.58
C LYS C 790 -51.85 -26.71 -15.84
N THR C 791 -52.59 -25.84 -15.16
CA THR C 791 -53.82 -26.25 -14.50
C THR C 791 -54.91 -26.53 -15.52
N PRO C 792 -55.89 -27.38 -15.18
CA PRO C 792 -57.04 -27.56 -16.06
C PRO C 792 -57.89 -26.31 -16.11
N PRO C 793 -58.62 -26.07 -17.21
CA PRO C 793 -59.49 -24.89 -17.30
C PRO C 793 -60.62 -24.89 -16.27
N ILE C 794 -61.11 -26.05 -15.87
CA ILE C 794 -62.15 -26.13 -14.85
C ILE C 794 -61.49 -26.33 -13.50
N LYS C 795 -61.75 -25.40 -12.58
CA LYS C 795 -61.09 -25.40 -11.27
C LYS C 795 -61.93 -26.13 -10.23
N ASP C 796 -62.21 -27.41 -10.52
CA ASP C 796 -62.97 -28.27 -9.62
C ASP C 796 -61.98 -29.08 -8.79
N PHE C 797 -61.64 -28.54 -7.62
CA PHE C 797 -60.68 -29.17 -6.72
C PHE C 797 -61.33 -29.62 -5.41
N GLY C 798 -62.62 -29.94 -5.45
CA GLY C 798 -63.34 -30.38 -4.27
C GLY C 798 -63.54 -29.31 -3.21
N GLY C 799 -63.83 -28.08 -3.62
CA GLY C 799 -64.06 -27.00 -2.70
C GLY C 799 -62.86 -26.16 -2.36
N PHE C 800 -61.67 -26.56 -2.81
CA PHE C 800 -60.46 -25.80 -2.53
C PHE C 800 -60.30 -24.69 -3.56
N ASN C 801 -60.00 -23.49 -3.08
CA ASN C 801 -59.89 -22.30 -3.90
C ASN C 801 -58.42 -21.91 -3.98
N PHE C 802 -57.88 -21.82 -5.20
CA PHE C 802 -56.50 -21.42 -5.42
C PHE C 802 -56.38 -20.16 -6.25
N SER C 803 -57.45 -19.36 -6.33
CA SER C 803 -57.44 -18.22 -7.25
C SER C 803 -56.51 -17.12 -6.79
N GLN C 804 -56.22 -17.05 -5.49
CA GLN C 804 -55.29 -16.05 -4.99
C GLN C 804 -53.83 -16.42 -5.24
N ILE C 805 -53.55 -17.69 -5.57
CA ILE C 805 -52.19 -18.12 -5.85
C ILE C 805 -52.01 -18.58 -7.30
N LEU C 806 -53.08 -18.91 -8.00
CA LEU C 806 -52.96 -19.21 -9.42
C LEU C 806 -52.83 -17.90 -10.20
N PRO C 807 -52.19 -17.93 -11.38
CA PRO C 807 -52.06 -16.71 -12.18
C PRO C 807 -53.39 -16.15 -12.65
N ASP C 808 -53.47 -14.83 -12.70
CA ASP C 808 -54.66 -14.14 -13.16
C ASP C 808 -54.58 -13.98 -14.68
N PRO C 809 -55.53 -14.54 -15.44
CA PRO C 809 -55.49 -14.36 -16.90
C PRO C 809 -55.75 -12.92 -17.34
N SER C 810 -56.44 -12.11 -16.53
CA SER C 810 -56.75 -10.74 -16.90
C SER C 810 -55.56 -9.81 -16.80
N LYS C 811 -54.52 -10.20 -16.07
CA LYS C 811 -53.35 -9.34 -15.90
C LYS C 811 -52.31 -9.64 -16.97
N PRO C 812 -51.71 -8.61 -17.58
CA PRO C 812 -50.71 -8.86 -18.63
C PRO C 812 -49.42 -9.47 -18.12
N SER C 813 -49.11 -9.34 -16.83
CA SER C 813 -47.90 -9.93 -16.29
C SER C 813 -48.07 -11.40 -15.96
N LYS C 814 -49.29 -11.93 -16.08
CA LYS C 814 -49.65 -13.33 -15.79
C LYS C 814 -49.30 -13.73 -14.36
N ARG C 815 -49.46 -12.80 -13.43
CA ARG C 815 -49.12 -13.04 -12.04
C ARG C 815 -50.37 -13.40 -11.23
N SER C 816 -50.13 -14.04 -10.09
CA SER C 816 -51.18 -14.24 -9.11
C SER C 816 -51.49 -12.92 -8.42
N PRO C 817 -52.68 -12.79 -7.83
CA PRO C 817 -52.96 -11.59 -7.02
C PRO C 817 -52.02 -11.41 -5.85
N ILE C 818 -51.61 -12.50 -5.20
CA ILE C 818 -50.62 -12.41 -4.13
C ILE C 818 -49.27 -11.97 -4.67
N GLU C 819 -48.84 -12.55 -5.80
CA GLU C 819 -47.56 -12.16 -6.41
C GLU C 819 -47.60 -10.72 -6.91
N ASP C 820 -48.74 -10.29 -7.46
CA ASP C 820 -48.87 -8.91 -7.89
C ASP C 820 -48.79 -7.95 -6.71
N LEU C 821 -49.37 -8.34 -5.58
CA LEU C 821 -49.25 -7.53 -4.37
C LEU C 821 -47.81 -7.48 -3.86
N LEU C 822 -47.09 -8.61 -3.97
CA LEU C 822 -45.70 -8.65 -3.55
C LEU C 822 -44.81 -7.76 -4.42
N PHE C 823 -45.02 -7.79 -5.73
CA PHE C 823 -44.30 -6.88 -6.63
C PHE C 823 -44.73 -5.43 -6.48
N ASN C 824 -45.95 -5.17 -6.01
CA ASN C 824 -46.29 -3.78 -5.70
C ASN C 824 -45.69 -3.30 -4.38
N LYS C 825 -45.47 -4.19 -3.42
CA LYS C 825 -45.02 -3.75 -2.10
C LYS C 825 -43.52 -3.53 -2.00
N VAL C 826 -42.73 -3.84 -3.02
CA VAL C 826 -41.29 -3.63 -2.99
C VAL C 826 -40.96 -2.43 -3.87
N THR C 827 -40.32 -1.43 -3.28
CA THR C 827 -39.93 -0.22 -4.01
C THR C 827 -38.41 -0.06 -4.01
N ASN C 856 -20.07 7.40 -14.80
CA ASN C 856 -19.20 7.20 -13.64
C ASN C 856 -18.75 5.76 -13.47
N GLY C 857 -18.93 4.96 -14.52
CA GLY C 857 -18.51 3.57 -14.53
C GLY C 857 -19.49 2.59 -13.92
N LEU C 858 -20.62 3.04 -13.41
CA LEU C 858 -21.57 2.17 -12.73
C LEU C 858 -22.61 1.70 -13.73
N THR C 859 -22.78 0.38 -13.85
CA THR C 859 -23.81 -0.21 -14.69
C THR C 859 -24.57 -1.27 -13.92
N VAL C 860 -25.82 -1.49 -14.32
CA VAL C 860 -26.66 -2.54 -13.75
C VAL C 860 -26.98 -3.53 -14.86
N LEU C 861 -26.53 -4.75 -14.68
CA LEU C 861 -26.79 -5.83 -15.62
C LEU C 861 -28.17 -6.43 -15.33
N PRO C 862 -29.01 -6.65 -16.35
CA PRO C 862 -30.31 -7.25 -16.10
C PRO C 862 -30.16 -8.71 -15.73
N PRO C 863 -31.09 -9.27 -14.96
CA PRO C 863 -31.05 -10.71 -14.68
C PRO C 863 -31.38 -11.53 -15.92
N LEU C 864 -30.86 -12.76 -15.92
CA LEU C 864 -31.12 -13.67 -17.03
C LEU C 864 -32.59 -14.07 -17.10
N LEU C 865 -33.19 -14.36 -15.96
CA LEU C 865 -34.61 -14.68 -15.88
C LEU C 865 -35.40 -13.43 -15.53
N THR C 866 -36.31 -13.06 -16.42
CA THR C 866 -37.21 -11.95 -16.13
C THR C 866 -38.28 -12.38 -15.13
N ASP C 867 -39.02 -11.39 -14.63
CA ASP C 867 -40.06 -11.66 -13.65
C ASP C 867 -41.21 -12.46 -14.24
N GLU C 868 -41.45 -12.31 -15.55
CA GLU C 868 -42.47 -13.11 -16.22
C GLU C 868 -42.09 -14.59 -16.26
N MET C 869 -40.81 -14.89 -16.49
CA MET C 869 -40.39 -16.29 -16.54
C MET C 869 -40.29 -16.91 -15.16
N ILE C 870 -39.93 -16.13 -14.15
CA ILE C 870 -39.96 -16.63 -12.77
C ILE C 870 -41.40 -16.88 -12.33
N ALA C 871 -42.32 -16.01 -12.74
CA ALA C 871 -43.75 -16.24 -12.48
C ALA C 871 -44.25 -17.48 -13.21
N GLN C 872 -43.74 -17.71 -14.43
CA GLN C 872 -44.09 -18.92 -15.17
C GLN C 872 -43.56 -20.17 -14.49
N TYR C 873 -42.34 -20.11 -13.94
CA TYR C 873 -41.79 -21.23 -13.19
C TYR C 873 -42.61 -21.52 -11.94
N THR C 874 -43.00 -20.49 -11.20
CA THR C 874 -43.82 -20.69 -10.02
C THR C 874 -45.21 -21.20 -10.39
N SER C 875 -45.75 -20.77 -11.52
CA SER C 875 -47.03 -21.27 -12.00
C SER C 875 -46.95 -22.74 -12.36
N ALA C 876 -45.84 -23.15 -12.97
CA ALA C 876 -45.63 -24.56 -13.29
C ALA C 876 -45.50 -25.40 -12.03
N LEU C 877 -44.79 -24.89 -11.02
CA LEU C 877 -44.67 -25.60 -9.75
C LEU C 877 -46.02 -25.70 -9.04
N LEU C 878 -46.82 -24.64 -9.07
CA LEU C 878 -48.16 -24.67 -8.47
C LEU C 878 -49.07 -25.64 -9.19
N ALA C 879 -49.04 -25.67 -10.53
CA ALA C 879 -49.85 -26.61 -11.28
C ALA C 879 -49.43 -28.04 -11.02
N GLY C 880 -48.12 -28.28 -10.90
CA GLY C 880 -47.65 -29.61 -10.57
C GLY C 880 -48.06 -30.06 -9.18
N THR C 881 -47.93 -29.18 -8.19
CA THR C 881 -48.28 -29.60 -6.83
C THR C 881 -49.78 -29.61 -6.58
N ILE C 882 -50.58 -28.98 -7.45
CA ILE C 882 -52.02 -29.07 -7.31
C ILE C 882 -52.55 -30.30 -8.03
N THR C 883 -52.14 -30.53 -9.27
CA THR C 883 -52.73 -31.58 -10.08
C THR C 883 -52.07 -32.93 -9.87
N SER C 884 -50.83 -32.99 -9.40
CA SER C 884 -50.09 -34.23 -9.36
C SER C 884 -49.47 -34.58 -8.02
N GLY C 885 -49.62 -33.72 -7.02
CA GLY C 885 -49.07 -34.01 -5.71
C GLY C 885 -47.57 -33.83 -5.66
N TRP C 886 -46.86 -34.76 -5.01
CA TRP C 886 -45.42 -34.77 -4.99
C TRP C 886 -44.82 -35.68 -6.05
N THR C 887 -45.65 -36.22 -6.95
CA THR C 887 -45.19 -37.20 -7.92
C THR C 887 -44.38 -36.54 -9.03
N PHE C 888 -44.67 -35.29 -9.36
CA PHE C 888 -43.93 -34.59 -10.40
C PHE C 888 -42.51 -34.23 -9.97
N GLY C 889 -42.27 -34.12 -8.68
CA GLY C 889 -40.92 -33.87 -8.19
C GLY C 889 -40.02 -35.08 -8.11
N ALA C 890 -40.57 -36.28 -8.31
CA ALA C 890 -39.79 -37.51 -8.27
C ALA C 890 -39.81 -38.28 -9.57
N GLY C 891 -40.50 -37.78 -10.60
CA GLY C 891 -40.57 -38.45 -11.87
C GLY C 891 -41.64 -37.85 -12.75
N PRO C 892 -42.36 -38.69 -13.49
CA PRO C 892 -43.49 -38.18 -14.28
C PRO C 892 -44.62 -37.72 -13.38
N ALA C 893 -45.36 -36.73 -13.86
CA ALA C 893 -46.49 -36.18 -13.13
C ALA C 893 -47.67 -37.14 -13.20
N LEU C 894 -48.04 -37.71 -12.06
CA LEU C 894 -49.16 -38.63 -11.97
C LEU C 894 -50.35 -37.88 -11.40
N GLN C 895 -51.42 -37.76 -12.18
CA GLN C 895 -52.58 -37.01 -11.72
C GLN C 895 -53.29 -37.74 -10.59
N ILE C 896 -53.90 -36.97 -9.70
CA ILE C 896 -54.59 -37.48 -8.52
C ILE C 896 -55.58 -36.39 -8.12
N PRO C 897 -56.80 -36.73 -7.71
CA PRO C 897 -57.72 -35.72 -7.18
C PRO C 897 -57.17 -35.06 -5.93
N PHE C 898 -57.40 -33.75 -5.81
CA PHE C 898 -56.84 -32.98 -4.71
C PHE C 898 -57.35 -33.34 -3.31
N PRO C 899 -58.60 -33.80 -3.08
CA PRO C 899 -58.90 -34.30 -1.74
C PRO C 899 -58.19 -35.61 -1.42
N MET C 900 -57.84 -36.39 -2.44
CA MET C 900 -57.10 -37.60 -2.16
C MET C 900 -55.64 -37.29 -1.93
N GLN C 901 -55.12 -36.27 -2.62
CA GLN C 901 -53.80 -35.73 -2.29
C GLN C 901 -53.78 -35.21 -0.86
N MET C 902 -54.85 -34.54 -0.43
CA MET C 902 -54.86 -33.95 0.90
C MET C 902 -55.09 -35.01 1.96
N ALA C 903 -55.58 -36.18 1.56
CA ALA C 903 -55.75 -37.27 2.50
C ALA C 903 -54.43 -38.00 2.63
N TYR C 904 -53.69 -38.08 1.51
CA TYR C 904 -52.36 -38.66 1.54
C TYR C 904 -51.45 -37.83 2.44
N ARG C 905 -51.57 -36.50 2.34
CA ARG C 905 -50.80 -35.62 3.21
C ARG C 905 -51.27 -35.70 4.66
N PHE C 906 -52.56 -35.98 4.87
CA PHE C 906 -53.05 -36.18 6.24
C PHE C 906 -52.41 -37.44 6.84
N ASN C 907 -52.39 -38.53 6.07
CA ASN C 907 -51.68 -39.74 6.48
C ASN C 907 -50.20 -39.50 6.72
N GLY C 908 -49.61 -38.56 5.97
CA GLY C 908 -48.21 -38.22 6.18
C GLY C 908 -47.90 -37.61 7.54
N ILE C 909 -48.85 -36.86 8.11
CA ILE C 909 -48.67 -36.31 9.45
C ILE C 909 -49.31 -37.21 10.51
N GLY C 910 -49.73 -38.41 10.14
CA GLY C 910 -50.24 -39.38 11.08
C GLY C 910 -51.71 -39.26 11.43
N VAL C 911 -52.52 -38.72 10.53
CA VAL C 911 -53.95 -38.55 10.74
C VAL C 911 -54.65 -39.36 9.67
N THR C 912 -55.60 -40.21 10.08
CA THR C 912 -56.29 -41.10 9.15
C THR C 912 -57.06 -40.32 8.09
N GLN C 913 -57.12 -40.89 6.88
CA GLN C 913 -57.75 -40.25 5.72
C GLN C 913 -59.23 -39.97 5.93
N ASN C 914 -59.91 -40.79 6.76
CA ASN C 914 -61.35 -40.65 6.97
C ASN C 914 -61.67 -39.28 7.54
N VAL C 915 -60.79 -38.76 8.41
CA VAL C 915 -61.00 -37.46 9.04
C VAL C 915 -61.04 -36.38 7.96
N LEU C 916 -60.13 -36.48 6.98
CA LEU C 916 -60.09 -35.54 5.86
C LEU C 916 -61.37 -35.64 5.03
N TYR C 917 -61.79 -36.88 4.70
CA TYR C 917 -62.97 -37.04 3.85
C TYR C 917 -64.26 -36.57 4.53
N GLU C 918 -64.42 -36.88 5.82
CA GLU C 918 -65.62 -36.46 6.54
C GLU C 918 -65.72 -34.94 6.67
N ASN C 919 -64.58 -34.27 6.87
CA ASN C 919 -64.54 -32.83 7.09
C ASN C 919 -64.00 -32.05 5.89
N GLN C 920 -64.20 -32.57 4.67
CA GLN C 920 -63.65 -31.99 3.44
C GLN C 920 -64.13 -30.55 3.21
N LYS C 921 -65.31 -30.21 3.74
CA LYS C 921 -65.88 -28.90 3.53
C LYS C 921 -65.31 -27.93 4.55
N LEU C 922 -65.29 -28.33 5.83
CA LEU C 922 -64.70 -27.50 6.87
C LEU C 922 -63.23 -27.23 6.58
N ILE C 923 -62.49 -28.27 6.15
CA ILE C 923 -61.08 -28.12 5.78
C ILE C 923 -60.91 -27.17 4.61
N ALA C 924 -61.74 -27.33 3.57
CA ALA C 924 -61.66 -26.45 2.41
C ALA C 924 -61.97 -25.00 2.76
N ASN C 925 -62.97 -24.79 3.62
CA ASN C 925 -63.33 -23.45 4.07
C ASN C 925 -62.23 -22.83 4.92
N GLN C 926 -61.60 -23.62 5.80
CA GLN C 926 -60.49 -23.12 6.60
C GLN C 926 -59.30 -22.75 5.72
N PHE C 927 -59.03 -23.55 4.69
CA PHE C 927 -57.93 -23.25 3.79
C PHE C 927 -58.19 -21.97 3.00
N ASN C 928 -59.42 -21.78 2.52
CA ASN C 928 -59.75 -20.57 1.78
C ASN C 928 -59.72 -19.33 2.68
N SER C 929 -60.19 -19.48 3.92
CA SER C 929 -60.15 -18.38 4.88
C SER C 929 -58.72 -18.00 5.23
N ALA C 930 -57.84 -19.00 5.38
CA ALA C 930 -56.45 -18.72 5.71
C ALA C 930 -55.72 -18.08 4.54
N ILE C 931 -56.04 -18.48 3.31
CA ILE C 931 -55.44 -17.85 2.12
C ILE C 931 -55.89 -16.40 2.01
N GLY C 932 -57.16 -16.13 2.28
CA GLY C 932 -57.62 -14.75 2.30
C GLY C 932 -57.00 -13.92 3.42
N LYS C 933 -56.79 -14.55 4.59
CA LYS C 933 -56.13 -13.83 5.67
C LYS C 933 -54.68 -13.54 5.35
N ILE C 934 -54.02 -14.42 4.58
CA ILE C 934 -52.65 -14.18 4.13
C ILE C 934 -52.60 -12.97 3.21
N GLN C 935 -53.55 -12.90 2.26
CA GLN C 935 -53.59 -11.74 1.36
C GLN C 935 -53.90 -10.45 2.11
N ASP C 936 -54.82 -10.51 3.08
CA ASP C 936 -55.16 -9.33 3.88
C ASP C 936 -53.98 -8.89 4.75
N SER C 937 -53.25 -9.85 5.34
CA SER C 937 -52.11 -9.50 6.19
C SER C 937 -50.96 -8.95 5.38
N LEU C 938 -50.75 -9.44 4.15
CA LEU C 938 -49.73 -8.85 3.30
C LEU C 938 -50.14 -7.46 2.83
N SER C 939 -51.43 -7.25 2.55
CA SER C 939 -51.90 -5.94 2.12
C SER C 939 -52.01 -4.94 3.26
N SER C 940 -51.99 -5.37 4.51
CA SER C 940 -52.17 -4.48 5.64
C SER C 940 -50.92 -4.25 6.46
N THR C 941 -49.81 -4.93 6.16
CA THR C 941 -48.58 -4.75 6.93
C THR C 941 -47.50 -4.16 6.04
N PRO C 942 -46.96 -2.99 6.39
CA PRO C 942 -45.89 -2.41 5.55
C PRO C 942 -44.56 -3.11 5.69
N SER C 943 -44.29 -3.72 6.85
CA SER C 943 -43.01 -4.37 7.12
C SER C 943 -43.06 -5.87 6.88
N ALA C 944 -43.96 -6.33 6.03
CA ALA C 944 -44.07 -7.75 5.73
C ALA C 944 -42.90 -8.22 4.87
N LEU C 945 -42.53 -7.44 3.87
CA LEU C 945 -41.44 -7.76 2.95
C LEU C 945 -40.14 -7.05 3.31
N GLY C 946 -39.85 -6.95 4.60
CA GLY C 946 -38.65 -6.24 5.04
C GLY C 946 -37.36 -6.94 4.71
N LYS C 947 -37.39 -8.27 4.54
CA LYS C 947 -36.17 -9.02 4.28
C LYS C 947 -35.61 -8.72 2.88
N LEU C 948 -36.49 -8.58 1.89
CA LEU C 948 -36.04 -8.18 0.56
C LEU C 948 -35.64 -6.71 0.56
N GLN C 949 -36.36 -5.89 1.32
CA GLN C 949 -36.12 -4.46 1.33
C GLN C 949 -34.79 -4.13 1.99
N ASP C 950 -34.37 -4.92 2.98
CA ASP C 950 -33.05 -4.73 3.57
C ASP C 950 -31.93 -5.01 2.57
N VAL C 951 -32.09 -6.05 1.74
CA VAL C 951 -31.10 -6.37 0.72
C VAL C 951 -31.02 -5.26 -0.32
N VAL C 952 -32.17 -4.77 -0.78
CA VAL C 952 -32.22 -3.68 -1.75
C VAL C 952 -31.61 -2.40 -1.18
N ASN C 953 -31.94 -2.09 0.08
CA ASN C 953 -31.42 -0.89 0.72
C ASN C 953 -29.91 -0.99 0.98
N GLN C 954 -29.41 -2.17 1.34
CA GLN C 954 -27.98 -2.33 1.55
C GLN C 954 -27.20 -2.19 0.24
N ASN C 955 -27.73 -2.74 -0.85
CA ASN C 955 -27.06 -2.60 -2.14
C ASN C 955 -27.07 -1.14 -2.61
N ALA C 956 -28.21 -0.47 -2.47
CA ALA C 956 -28.31 0.93 -2.87
C ALA C 956 -27.44 1.83 -2.00
N GLN C 957 -27.35 1.53 -0.70
CA GLN C 957 -26.53 2.31 0.21
C GLN C 957 -25.04 2.12 -0.08
N ALA C 958 -24.64 0.89 -0.43
CA ALA C 958 -23.25 0.63 -0.80
C ALA C 958 -22.88 1.37 -2.08
N LEU C 959 -23.77 1.34 -3.08
CA LEU C 959 -23.52 2.09 -4.32
C LEU C 959 -23.47 3.59 -4.06
N ASN C 960 -24.37 4.10 -3.21
CA ASN C 960 -24.41 5.53 -2.90
C ASN C 960 -23.14 5.96 -2.19
N THR C 961 -22.66 5.15 -1.24
CA THR C 961 -21.42 5.47 -0.53
C THR C 961 -20.22 5.39 -1.48
N LEU C 962 -20.27 4.46 -2.45
CA LEU C 962 -19.22 4.37 -3.46
C LEU C 962 -19.16 5.62 -4.32
N VAL C 963 -20.31 6.20 -4.66
CA VAL C 963 -20.28 7.44 -5.42
C VAL C 963 -19.91 8.64 -4.53
N LYS C 964 -20.29 8.61 -3.24
CA LYS C 964 -19.87 9.66 -2.32
C LYS C 964 -18.35 9.68 -2.09
N GLN C 965 -17.70 8.53 -2.23
CA GLN C 965 -16.24 8.49 -2.08
C GLN C 965 -15.50 9.20 -3.21
N LEU C 966 -16.15 9.48 -4.35
CA LEU C 966 -15.51 10.25 -5.41
C LEU C 966 -15.35 11.72 -5.05
N SER C 967 -16.15 12.23 -4.12
CA SER C 967 -16.10 13.63 -3.73
C SER C 967 -15.01 13.93 -2.72
N SER C 968 -14.27 12.93 -2.26
CA SER C 968 -13.20 13.15 -1.30
C SER C 968 -11.87 13.29 -2.03
N ASN C 969 -11.06 14.25 -1.58
CA ASN C 969 -9.77 14.50 -2.21
C ASN C 969 -8.66 13.61 -1.68
N PHE C 970 -8.88 12.95 -0.53
CA PHE C 970 -7.94 12.03 0.12
C PHE C 970 -6.59 12.69 0.39
N GLY C 971 -6.62 13.97 0.76
CA GLY C 971 -5.41 14.72 1.03
C GLY C 971 -4.84 15.48 -0.14
N ALA C 972 -5.39 15.32 -1.34
CA ALA C 972 -4.93 16.06 -2.50
C ALA C 972 -5.53 17.47 -2.50
N ILE C 973 -5.15 18.27 -3.49
CA ILE C 973 -5.63 19.65 -3.56
C ILE C 973 -7.09 19.72 -4.01
N SER C 974 -7.56 18.71 -4.73
CA SER C 974 -8.94 18.71 -5.22
C SER C 974 -9.35 17.27 -5.47
N SER C 975 -10.66 17.04 -5.43
CA SER C 975 -11.24 15.73 -5.75
C SER C 975 -11.53 15.55 -7.23
N VAL C 976 -11.32 16.57 -8.05
CA VAL C 976 -11.56 16.49 -9.48
C VAL C 976 -10.23 16.31 -10.20
N LEU C 977 -10.16 15.30 -11.07
CA LEU C 977 -8.95 15.06 -11.85
C LEU C 977 -8.72 16.16 -12.88
N ASN C 978 -9.80 16.67 -13.48
CA ASN C 978 -9.65 17.67 -14.53
C ASN C 978 -9.10 18.99 -14.01
N ASP C 979 -9.43 19.34 -12.76
CA ASP C 979 -8.85 20.51 -12.13
C ASP C 979 -7.35 20.37 -11.91
N ILE C 980 -6.91 19.17 -11.55
CA ILE C 980 -5.49 18.91 -11.35
C ILE C 980 -4.75 18.91 -12.69
N LEU C 981 -5.35 18.31 -13.72
CA LEU C 981 -4.73 18.32 -15.04
C LEU C 981 -4.69 19.72 -15.65
N SER C 982 -5.62 20.59 -15.29
CA SER C 982 -5.61 21.95 -15.83
C SER C 982 -4.77 22.91 -14.99
N ARG C 983 -4.54 22.60 -13.72
CA ARG C 983 -3.85 23.50 -12.82
C ARG C 983 -2.37 23.20 -12.62
N LEU C 984 -1.89 21.99 -12.89
CA LEU C 984 -0.53 21.64 -12.50
C LEU C 984 0.27 21.00 -13.62
N ASP C 985 1.58 21.17 -13.53
CA ASP C 985 2.54 20.43 -14.33
C ASP C 985 2.55 18.96 -13.91
N PRO C 986 2.94 18.06 -14.81
CA PRO C 986 2.95 16.60 -14.49
C PRO C 986 3.81 16.19 -13.29
N PRO C 987 4.96 16.81 -12.97
CA PRO C 987 5.69 16.35 -11.76
C PRO C 987 4.94 16.45 -10.44
N GLU C 988 4.08 17.46 -10.26
CA GLU C 988 3.25 17.52 -9.07
C GLU C 988 1.90 16.87 -9.30
N ALA C 989 1.44 16.86 -10.56
CA ALA C 989 0.18 16.22 -10.89
C ALA C 989 0.25 14.72 -10.66
N GLU C 990 1.42 14.10 -10.85
CA GLU C 990 1.53 12.67 -10.56
C GLU C 990 1.36 12.39 -9.08
N VAL C 991 1.85 13.27 -8.20
CA VAL C 991 1.61 13.12 -6.77
C VAL C 991 0.13 13.27 -6.43
N GLN C 992 -0.53 14.28 -7.02
CA GLN C 992 -1.96 14.50 -6.71
C GLN C 992 -2.85 13.37 -7.21
N ILE C 993 -2.64 12.91 -8.46
CA ILE C 993 -3.38 11.75 -8.94
C ILE C 993 -2.97 10.48 -8.19
N ASP C 994 -1.74 10.39 -7.69
CA ASP C 994 -1.37 9.21 -6.90
C ASP C 994 -2.18 9.15 -5.60
N ARG C 995 -2.36 10.30 -4.94
CA ARG C 995 -3.21 10.33 -3.76
C ARG C 995 -4.67 10.00 -4.09
N LEU C 996 -5.20 10.57 -5.17
CA LEU C 996 -6.59 10.28 -5.56
C LEU C 996 -6.77 8.82 -5.99
N ILE C 997 -5.77 8.26 -6.68
CA ILE C 997 -5.86 6.88 -7.13
C ILE C 997 -5.84 5.92 -5.95
N THR C 998 -4.95 6.14 -4.97
CA THR C 998 -4.91 5.21 -3.85
C THR C 998 -6.15 5.35 -2.96
N GLY C 999 -6.72 6.56 -2.84
CA GLY C 999 -7.97 6.70 -2.11
C GLY C 999 -9.14 6.03 -2.81
N ARG C 1000 -9.28 6.22 -4.12
CA ARG C 1000 -10.39 5.62 -4.84
C ARG C 1000 -10.23 4.12 -4.97
N LEU C 1001 -8.99 3.63 -5.07
CA LEU C 1001 -8.75 2.20 -5.13
C LEU C 1001 -9.06 1.53 -3.80
N GLN C 1002 -8.74 2.20 -2.68
CA GLN C 1002 -9.11 1.66 -1.38
C GLN C 1002 -10.63 1.64 -1.19
N SER C 1003 -11.32 2.69 -1.67
CA SER C 1003 -12.77 2.72 -1.61
C SER C 1003 -13.40 1.61 -2.45
N LEU C 1004 -12.87 1.39 -3.65
CA LEU C 1004 -13.42 0.35 -4.53
C LEU C 1004 -13.14 -1.04 -3.99
N GLN C 1005 -11.97 -1.25 -3.39
CA GLN C 1005 -11.65 -2.55 -2.78
C GLN C 1005 -12.54 -2.83 -1.58
N THR C 1006 -12.84 -1.80 -0.78
CA THR C 1006 -13.77 -1.94 0.33
C THR C 1006 -15.17 -2.31 -0.16
N TYR C 1007 -15.62 -1.64 -1.23
CA TYR C 1007 -16.94 -1.93 -1.80
C TYR C 1007 -17.02 -3.36 -2.35
N VAL C 1008 -15.97 -3.81 -3.03
CA VAL C 1008 -15.96 -5.15 -3.60
C VAL C 1008 -15.92 -6.22 -2.52
N THR C 1009 -15.17 -5.96 -1.43
CA THR C 1009 -15.13 -6.91 -0.31
C THR C 1009 -16.50 -7.02 0.38
N GLN C 1010 -17.18 -5.88 0.58
CA GLN C 1010 -18.52 -5.91 1.17
C GLN C 1010 -19.51 -6.61 0.25
N GLN C 1011 -19.38 -6.41 -1.07
CA GLN C 1011 -20.26 -7.08 -2.02
C GLN C 1011 -20.01 -8.58 -2.05
N LEU C 1012 -18.77 -9.01 -1.88
CA LEU C 1012 -18.47 -10.45 -1.83
C LEU C 1012 -19.06 -11.09 -0.59
N ILE C 1013 -18.96 -10.41 0.56
CA ILE C 1013 -19.55 -10.95 1.80
C ILE C 1013 -21.07 -11.01 1.70
N ARG C 1014 -21.69 -9.96 1.16
CA ARG C 1014 -23.15 -9.97 1.00
C ARG C 1014 -23.61 -10.99 -0.04
N ALA C 1015 -22.79 -11.23 -1.07
CA ALA C 1015 -23.12 -12.25 -2.06
C ALA C 1015 -23.03 -13.64 -1.46
N ALA C 1016 -22.08 -13.86 -0.55
CA ALA C 1016 -22.01 -15.13 0.17
C ALA C 1016 -23.23 -15.34 1.05
N GLU C 1017 -23.68 -14.28 1.73
CA GLU C 1017 -24.89 -14.36 2.55
C GLU C 1017 -26.13 -14.64 1.72
N ILE C 1018 -26.25 -13.99 0.56
CA ILE C 1018 -27.39 -14.19 -0.32
C ILE C 1018 -27.34 -15.57 -0.96
N ARG C 1019 -26.14 -16.10 -1.23
CA ARG C 1019 -26.00 -17.47 -1.74
C ARG C 1019 -26.45 -18.49 -0.69
N ALA C 1020 -26.10 -18.25 0.57
CA ALA C 1020 -26.59 -19.14 1.65
C ALA C 1020 -28.11 -19.08 1.76
N SER C 1021 -28.68 -17.88 1.66
CA SER C 1021 -30.14 -17.74 1.70
C SER C 1021 -30.80 -18.41 0.50
N ALA C 1022 -30.16 -18.35 -0.67
CA ALA C 1022 -30.74 -18.95 -1.87
C ALA C 1022 -30.62 -20.47 -1.82
N ASN C 1023 -29.54 -21.00 -1.24
CA ASN C 1023 -29.44 -22.44 -1.03
C ASN C 1023 -30.51 -22.93 -0.06
N LEU C 1024 -30.78 -22.14 0.98
CA LEU C 1024 -31.88 -22.45 1.88
C LEU C 1024 -33.23 -22.41 1.15
N ALA C 1025 -33.41 -21.42 0.27
CA ALA C 1025 -34.67 -21.30 -0.46
C ALA C 1025 -34.86 -22.44 -1.45
N ALA C 1026 -33.77 -22.90 -2.07
CA ALA C 1026 -33.85 -24.06 -2.95
C ALA C 1026 -34.16 -25.33 -2.16
N THR C 1027 -33.61 -25.45 -0.95
CA THR C 1027 -33.94 -26.58 -0.09
C THR C 1027 -35.42 -26.57 0.31
N LYS C 1028 -35.95 -25.37 0.62
CA LYS C 1028 -37.37 -25.26 0.94
C LYS C 1028 -38.25 -25.55 -0.27
N MET C 1029 -37.79 -25.16 -1.46
CA MET C 1029 -38.53 -25.47 -2.69
C MET C 1029 -38.55 -26.97 -2.94
N SER C 1030 -37.45 -27.65 -2.68
CA SER C 1030 -37.41 -29.10 -2.88
C SER C 1030 -38.23 -29.84 -1.83
N GLU C 1031 -38.11 -29.45 -0.56
CA GLU C 1031 -38.63 -30.29 0.52
C GLU C 1031 -40.01 -29.87 1.01
N CYS C 1032 -40.45 -28.64 0.77
CA CYS C 1032 -41.78 -28.21 1.21
C CYS C 1032 -42.77 -28.13 0.06
N VAL C 1033 -42.33 -27.74 -1.12
CA VAL C 1033 -43.23 -27.61 -2.27
C VAL C 1033 -43.31 -28.91 -3.05
N LEU C 1034 -42.16 -29.52 -3.34
CA LEU C 1034 -42.14 -30.75 -4.12
C LEU C 1034 -42.36 -32.00 -3.28
N GLY C 1035 -42.58 -31.85 -1.99
CA GLY C 1035 -42.84 -32.99 -1.12
C GLY C 1035 -43.34 -32.51 0.22
N GLN C 1036 -43.70 -33.49 1.06
CA GLN C 1036 -44.16 -33.22 2.41
C GLN C 1036 -43.04 -33.53 3.38
N SER C 1037 -42.70 -32.55 4.22
CA SER C 1037 -41.51 -32.64 5.06
C SER C 1037 -41.89 -33.01 6.49
N LYS C 1038 -41.15 -33.97 7.05
CA LYS C 1038 -41.26 -34.34 8.46
C LYS C 1038 -40.41 -33.46 9.36
N ARG C 1039 -39.63 -32.55 8.80
CA ARG C 1039 -38.75 -31.70 9.60
C ARG C 1039 -39.55 -30.64 10.32
N VAL C 1040 -39.37 -30.57 11.65
CA VAL C 1040 -40.17 -29.68 12.48
C VAL C 1040 -39.72 -28.24 12.27
N ASP C 1041 -40.69 -27.37 11.99
CA ASP C 1041 -40.55 -25.92 11.77
C ASP C 1041 -39.71 -25.57 10.55
N PHE C 1042 -39.41 -26.54 9.68
CA PHE C 1042 -38.74 -26.23 8.43
C PHE C 1042 -39.69 -25.63 7.40
N CYS C 1043 -40.94 -26.06 7.41
CA CYS C 1043 -41.93 -25.59 6.45
C CYS C 1043 -43.15 -25.05 7.18
N GLY C 1044 -42.90 -24.16 8.14
CA GLY C 1044 -43.97 -23.50 8.86
C GLY C 1044 -44.19 -24.07 10.24
N LYS C 1045 -44.98 -23.36 11.03
CA LYS C 1045 -45.30 -23.79 12.38
C LYS C 1045 -46.46 -24.76 12.35
N GLY C 1046 -46.28 -25.92 12.96
CA GLY C 1046 -47.28 -26.98 12.95
C GLY C 1046 -46.87 -28.13 12.07
N TYR C 1047 -47.77 -29.11 11.98
CA TYR C 1047 -47.55 -30.27 11.13
C TYR C 1047 -47.74 -29.88 9.67
N HIS C 1048 -46.66 -29.97 8.89
CA HIS C 1048 -46.64 -29.45 7.53
C HIS C 1048 -47.48 -30.33 6.60
N LEU C 1049 -48.43 -29.68 5.92
CA LEU C 1049 -49.24 -30.37 4.91
C LEU C 1049 -48.71 -30.15 3.51
N MET C 1050 -48.62 -28.89 3.08
CA MET C 1050 -48.06 -28.59 1.76
C MET C 1050 -47.55 -27.16 1.77
N SER C 1051 -47.00 -26.74 0.62
CA SER C 1051 -46.49 -25.39 0.48
C SER C 1051 -46.70 -24.91 -0.94
N PHE C 1052 -46.80 -23.60 -1.10
CA PHE C 1052 -47.02 -22.99 -2.39
C PHE C 1052 -45.95 -21.92 -2.62
N PRO C 1053 -45.26 -21.94 -3.74
CA PRO C 1053 -44.27 -20.90 -4.02
C PRO C 1053 -44.87 -19.69 -4.71
N GLN C 1054 -44.35 -18.53 -4.38
CA GLN C 1054 -44.75 -17.28 -5.00
C GLN C 1054 -43.50 -16.47 -5.31
N SER C 1055 -43.43 -15.92 -6.52
CA SER C 1055 -42.29 -15.08 -6.87
C SER C 1055 -42.39 -13.74 -6.16
N ALA C 1056 -41.23 -13.15 -5.88
CA ALA C 1056 -41.12 -11.88 -5.21
C ALA C 1056 -39.93 -11.15 -5.80
N PRO C 1057 -39.89 -9.80 -5.72
CA PRO C 1057 -38.72 -9.07 -6.23
C PRO C 1057 -37.43 -9.45 -5.54
N HIS C 1058 -36.57 -10.12 -6.31
CA HIS C 1058 -35.33 -10.75 -5.84
C HIS C 1058 -35.58 -11.72 -4.69
N GLY C 1059 -36.70 -12.44 -4.72
CA GLY C 1059 -36.97 -13.34 -3.62
C GLY C 1059 -38.10 -14.30 -3.90
N VAL C 1060 -38.37 -15.15 -2.90
CA VAL C 1060 -39.42 -16.14 -2.98
C VAL C 1060 -40.23 -16.07 -1.68
N VAL C 1061 -41.54 -16.26 -1.79
CA VAL C 1061 -42.44 -16.32 -0.65
C VAL C 1061 -43.10 -17.69 -0.65
N PHE C 1062 -42.90 -18.44 0.42
CA PHE C 1062 -43.53 -19.74 0.59
C PHE C 1062 -44.76 -19.59 1.46
N LEU C 1063 -45.91 -20.01 0.94
CA LEU C 1063 -47.14 -20.10 1.72
C LEU C 1063 -47.21 -21.53 2.24
N HIS C 1064 -46.88 -21.70 3.51
CA HIS C 1064 -46.88 -23.01 4.16
C HIS C 1064 -48.27 -23.30 4.71
N VAL C 1065 -48.91 -24.34 4.18
CA VAL C 1065 -50.18 -24.82 4.69
C VAL C 1065 -49.88 -25.95 5.66
N THR C 1066 -50.20 -25.73 6.93
CA THR C 1066 -49.91 -26.65 8.01
C THR C 1066 -51.18 -26.99 8.78
N TYR C 1067 -51.12 -28.09 9.51
CA TYR C 1067 -52.20 -28.59 10.34
C TYR C 1067 -51.85 -28.28 11.79
N VAL C 1068 -52.72 -27.56 12.48
CA VAL C 1068 -52.52 -27.20 13.88
C VAL C 1068 -53.58 -27.91 14.71
N PRO C 1069 -53.20 -28.68 15.72
CA PRO C 1069 -54.21 -29.24 16.63
C PRO C 1069 -54.90 -28.16 17.45
N ALA C 1070 -56.17 -28.41 17.78
CA ALA C 1070 -56.95 -27.43 18.52
C ALA C 1070 -58.05 -28.14 19.29
N GLN C 1071 -58.55 -27.44 20.33
CA GLN C 1071 -59.64 -27.89 21.21
C GLN C 1071 -59.33 -29.23 21.86
N GLU C 1072 -58.17 -29.29 22.53
CA GLU C 1072 -57.74 -30.52 23.17
C GLU C 1072 -58.59 -30.81 24.42
N LYS C 1073 -58.65 -32.08 24.77
CA LYS C 1073 -59.47 -32.53 25.89
C LYS C 1073 -58.69 -33.53 26.72
N ASN C 1074 -58.82 -33.44 28.04
CA ASN C 1074 -58.23 -34.39 28.96
C ASN C 1074 -58.87 -35.78 28.83
N PHE C 1075 -58.04 -36.81 28.97
CA PHE C 1075 -58.50 -38.18 29.07
C PHE C 1075 -57.57 -38.91 30.02
N THR C 1076 -58.08 -39.97 30.66
CA THR C 1076 -57.24 -40.81 31.50
C THR C 1076 -56.61 -41.91 30.63
N THR C 1077 -55.30 -42.03 30.68
CA THR C 1077 -54.62 -42.93 29.76
C THR C 1077 -53.89 -44.03 30.51
N ALA C 1078 -53.64 -45.12 29.80
CA ALA C 1078 -52.95 -46.28 30.31
C ALA C 1078 -51.99 -46.81 29.25
N PRO C 1079 -50.85 -47.38 29.66
CA PRO C 1079 -49.93 -47.92 28.65
C PRO C 1079 -50.41 -49.21 28.01
N ALA C 1080 -51.17 -50.04 28.73
CA ALA C 1080 -51.58 -51.33 28.20
C ALA C 1080 -52.89 -51.75 28.86
N ILE C 1081 -53.57 -52.71 28.23
CA ILE C 1081 -54.83 -53.24 28.72
C ILE C 1081 -54.60 -54.69 29.12
N CYS C 1082 -54.95 -55.03 30.35
CA CYS C 1082 -54.82 -56.41 30.82
C CYS C 1082 -56.12 -57.16 30.53
N HIS C 1083 -56.02 -58.23 29.76
CA HIS C 1083 -57.20 -59.02 29.43
C HIS C 1083 -56.77 -60.47 29.24
N ASP C 1084 -57.43 -61.37 29.98
CA ASP C 1084 -57.18 -62.81 29.95
C ASP C 1084 -55.73 -63.16 30.28
N GLY C 1085 -55.14 -62.39 31.20
CA GLY C 1085 -53.75 -62.58 31.55
C GLY C 1085 -52.76 -62.11 30.51
N LYS C 1086 -53.20 -61.34 29.52
CA LYS C 1086 -52.33 -60.87 28.45
C LYS C 1086 -52.33 -59.35 28.42
N ALA C 1087 -51.19 -58.79 28.03
CA ALA C 1087 -51.04 -57.35 27.90
C ALA C 1087 -51.28 -56.94 26.45
N HIS C 1088 -52.15 -55.96 26.25
CA HIS C 1088 -52.51 -55.47 24.93
C HIS C 1088 -52.02 -54.04 24.77
N PHE C 1089 -51.40 -53.76 23.63
CA PHE C 1089 -50.83 -52.47 23.30
C PHE C 1089 -51.46 -51.95 22.02
N PRO C 1090 -51.61 -50.63 21.88
CA PRO C 1090 -52.25 -50.10 20.67
C PRO C 1090 -51.35 -50.24 19.46
N ARG C 1091 -51.97 -50.62 18.32
CA ARG C 1091 -51.19 -50.84 17.11
C ARG C 1091 -50.71 -49.53 16.50
N GLU C 1092 -51.57 -48.52 16.46
CA GLU C 1092 -51.16 -47.20 15.99
C GLU C 1092 -51.62 -46.06 16.89
N GLY C 1093 -52.57 -46.29 17.79
CA GLY C 1093 -53.16 -45.22 18.56
C GLY C 1093 -52.73 -45.20 20.01
N VAL C 1094 -53.68 -44.95 20.89
CA VAL C 1094 -53.43 -44.74 22.31
C VAL C 1094 -54.72 -45.08 23.06
N PHE C 1095 -54.57 -45.67 24.24
CA PHE C 1095 -55.72 -45.97 25.09
C PHE C 1095 -56.11 -44.71 25.85
N VAL C 1096 -57.39 -44.36 25.76
CA VAL C 1096 -57.95 -43.21 26.44
C VAL C 1096 -59.20 -43.66 27.19
N SER C 1097 -59.55 -42.91 28.23
CA SER C 1097 -60.74 -43.18 28.99
C SER C 1097 -61.41 -41.86 29.31
N ASN C 1098 -62.72 -41.80 29.06
CA ASN C 1098 -63.53 -40.63 29.37
C ASN C 1098 -64.09 -40.67 30.78
N GLY C 1099 -63.72 -41.67 31.56
CA GLY C 1099 -64.16 -41.75 32.95
C GLY C 1099 -64.71 -43.11 33.32
N THR C 1100 -65.44 -43.75 32.39
CA THR C 1100 -66.03 -45.06 32.68
C THR C 1100 -65.64 -46.11 31.65
N HIS C 1101 -65.37 -45.71 30.42
CA HIS C 1101 -65.14 -46.64 29.33
C HIS C 1101 -63.79 -46.37 28.69
N TRP C 1102 -63.15 -47.43 28.19
CA TRP C 1102 -61.84 -47.35 27.59
C TRP C 1102 -61.96 -47.50 26.08
N PHE C 1103 -61.19 -46.68 25.35
CA PHE C 1103 -61.20 -46.68 23.91
C PHE C 1103 -59.77 -46.57 23.42
N VAL C 1104 -59.58 -46.78 22.13
CA VAL C 1104 -58.31 -46.54 21.47
C VAL C 1104 -58.54 -45.52 20.35
N THR C 1105 -57.65 -44.54 20.26
CA THR C 1105 -57.81 -43.46 19.29
C THR C 1105 -56.46 -43.14 18.67
N GLN C 1106 -56.52 -42.50 17.50
CA GLN C 1106 -55.30 -42.00 16.89
C GLN C 1106 -54.78 -40.81 17.70
N ARG C 1107 -53.46 -40.59 17.61
CA ARG C 1107 -52.80 -39.73 18.58
C ARG C 1107 -53.03 -38.25 18.33
N ASN C 1108 -53.28 -37.84 17.09
CA ASN C 1108 -53.39 -36.44 16.74
C ASN C 1108 -54.82 -35.96 16.56
N PHE C 1109 -55.81 -36.82 16.77
CA PHE C 1109 -57.20 -36.44 16.62
C PHE C 1109 -58.05 -37.38 17.45
N TYR C 1110 -59.04 -36.83 18.15
CA TYR C 1110 -59.88 -37.68 19.01
C TYR C 1110 -60.89 -38.41 18.15
N GLU C 1111 -60.74 -39.73 18.05
CA GLU C 1111 -61.68 -40.57 17.32
C GLU C 1111 -61.76 -41.89 18.07
N PRO C 1112 -62.62 -41.97 19.10
CA PRO C 1112 -62.62 -43.16 19.95
C PRO C 1112 -63.24 -44.36 19.26
N GLN C 1113 -62.57 -45.50 19.40
CA GLN C 1113 -63.02 -46.76 18.84
C GLN C 1113 -62.92 -47.85 19.90
N ILE C 1114 -63.71 -48.90 19.73
CA ILE C 1114 -63.74 -50.01 20.68
C ILE C 1114 -62.42 -50.76 20.62
N ILE C 1115 -61.84 -51.03 21.79
CA ILE C 1115 -60.57 -51.77 21.88
C ILE C 1115 -60.85 -53.21 21.48
N THR C 1116 -60.33 -53.60 20.32
CA THR C 1116 -60.51 -54.94 19.78
C THR C 1116 -59.15 -55.59 19.59
N THR C 1117 -59.16 -56.83 19.12
CA THR C 1117 -57.93 -57.50 18.75
C THR C 1117 -57.38 -57.03 17.41
N ASP C 1118 -58.19 -56.31 16.62
CA ASP C 1118 -57.76 -55.83 15.31
C ASP C 1118 -56.93 -54.55 15.40
N ASN C 1119 -57.09 -53.76 16.46
CA ASN C 1119 -56.30 -52.55 16.63
C ASN C 1119 -55.33 -52.63 17.81
N THR C 1120 -55.18 -53.79 18.41
CA THR C 1120 -54.22 -54.01 19.48
C THR C 1120 -53.36 -55.22 19.16
N PHE C 1121 -52.23 -55.32 19.84
CA PHE C 1121 -51.36 -56.48 19.72
C PHE C 1121 -50.95 -56.94 21.11
N VAL C 1122 -50.62 -58.22 21.22
CA VAL C 1122 -50.39 -58.88 22.50
C VAL C 1122 -48.90 -59.12 22.66
N SER C 1123 -48.35 -58.74 23.81
CA SER C 1123 -46.95 -59.01 24.12
C SER C 1123 -46.81 -59.17 25.62
N GLY C 1124 -46.63 -60.41 26.07
CA GLY C 1124 -46.37 -60.68 27.47
C GLY C 1124 -47.63 -60.67 28.32
N ASN C 1125 -47.43 -60.86 29.61
CA ASN C 1125 -48.51 -60.88 30.58
C ASN C 1125 -48.65 -59.51 31.23
N CYS C 1126 -49.50 -59.43 32.25
CA CYS C 1126 -49.81 -58.18 32.92
C CYS C 1126 -48.90 -57.88 34.10
N ASP C 1127 -47.96 -58.76 34.41
CA ASP C 1127 -47.14 -58.60 35.60
C ASP C 1127 -45.97 -57.63 35.41
N VAL C 1128 -45.65 -57.27 34.17
CA VAL C 1128 -44.42 -56.56 33.87
C VAL C 1128 -44.69 -55.07 33.64
N VAL C 1129 -45.73 -54.74 32.87
CA VAL C 1129 -45.97 -53.35 32.49
C VAL C 1129 -46.49 -52.56 33.68
N ILE C 1130 -45.84 -51.45 33.98
CA ILE C 1130 -46.22 -50.59 35.09
C ILE C 1130 -47.40 -49.73 34.65
N GLY C 1131 -48.49 -49.80 35.41
CA GLY C 1131 -49.67 -49.01 35.10
C GLY C 1131 -50.67 -49.67 34.18
N ILE C 1132 -50.59 -50.98 33.98
CA ILE C 1132 -51.56 -51.69 33.17
C ILE C 1132 -52.89 -51.76 33.92
N VAL C 1133 -53.99 -51.56 33.18
CA VAL C 1133 -55.32 -51.55 33.78
C VAL C 1133 -56.15 -52.67 33.18
N ASN C 1134 -57.19 -53.06 33.93
CA ASN C 1134 -58.07 -54.15 33.51
C ASN C 1134 -59.23 -53.59 32.69
N ASN C 1135 -59.38 -54.11 31.48
CA ASN C 1135 -60.51 -53.76 30.63
C ASN C 1135 -60.73 -54.91 29.66
N THR C 1136 -61.97 -55.05 29.20
CA THR C 1136 -62.27 -56.09 28.24
C THR C 1136 -61.72 -55.70 26.87
N VAL C 1137 -61.39 -56.72 26.08
CA VAL C 1137 -60.95 -56.55 24.70
C VAL C 1137 -61.90 -57.34 23.83
N TYR C 1138 -62.62 -56.64 22.95
CA TYR C 1138 -63.64 -57.29 22.14
C TYR C 1138 -62.99 -58.14 21.07
N ASP C 1139 -63.63 -59.26 20.75
CA ASP C 1139 -63.19 -60.12 19.67
C ASP C 1139 -64.25 -60.14 18.59
N PRO C 1140 -63.95 -59.68 17.37
CA PRO C 1140 -64.94 -59.76 16.28
C PRO C 1140 -65.31 -61.17 15.88
N LEU C 1141 -64.43 -62.15 16.14
CA LEU C 1141 -64.70 -63.53 15.77
C LEU C 1141 -65.63 -64.24 16.73
N GLN C 1142 -65.79 -63.72 17.95
CA GLN C 1142 -66.59 -64.39 18.99
C GLN C 1142 -68.07 -64.58 18.65
N PRO C 1143 -68.81 -63.57 18.14
CA PRO C 1143 -70.20 -63.87 17.71
C PRO C 1143 -70.28 -64.77 16.49
N GLU C 1144 -69.20 -64.92 15.71
CA GLU C 1144 -69.27 -65.79 14.54
C GLU C 1144 -69.32 -67.26 14.92
N LEU C 1145 -68.50 -67.70 15.87
CA LEU C 1145 -68.66 -69.07 16.34
C LEU C 1145 -69.69 -69.18 17.46
N ASP C 1146 -70.13 -68.07 18.04
CA ASP C 1146 -71.28 -68.13 18.94
C ASP C 1146 -72.56 -68.45 18.20
N SER C 1147 -72.68 -67.96 16.96
CA SER C 1147 -73.84 -68.26 16.13
C SER C 1147 -73.63 -69.57 15.38
N GLU D 1 81.85 33.26 -31.19
CA GLU D 1 81.17 34.39 -31.80
C GLU D 1 80.63 34.03 -33.18
N VAL D 2 79.36 34.35 -33.41
CA VAL D 2 78.72 34.04 -34.68
C VAL D 2 79.23 34.99 -35.75
N GLN D 3 79.89 34.45 -36.77
CA GLN D 3 80.59 35.24 -37.76
C GLN D 3 80.50 34.54 -39.11
N LEU D 4 80.08 35.27 -40.13
CA LEU D 4 79.93 34.74 -41.48
C LEU D 4 81.02 35.34 -42.36
N VAL D 5 81.80 34.48 -43.01
CA VAL D 5 82.89 34.90 -43.88
C VAL D 5 82.64 34.32 -45.26
N GLU D 6 82.62 35.19 -46.27
CA GLU D 6 82.46 34.78 -47.66
C GLU D 6 83.79 34.93 -48.39
N SER D 7 83.97 34.09 -49.42
CA SER D 7 85.16 34.16 -50.25
C SER D 7 84.82 33.64 -51.65
N GLY D 8 85.66 34.03 -52.61
CA GLY D 8 85.57 33.54 -53.97
C GLY D 8 85.25 34.60 -55.02
N GLY D 9 85.08 35.87 -54.64
CA GLY D 9 84.75 36.90 -55.61
C GLY D 9 85.95 37.31 -56.45
N GLY D 10 85.67 38.14 -57.44
CA GLY D 10 86.72 38.70 -58.28
C GLY D 10 86.21 38.89 -59.70
N LEU D 11 87.17 39.15 -60.59
CA LEU D 11 86.87 39.28 -62.02
C LEU D 11 86.41 37.94 -62.59
N VAL D 12 85.46 38.00 -63.51
CA VAL D 12 84.93 36.81 -64.17
C VAL D 12 84.41 37.21 -65.54
N GLN D 13 84.73 36.39 -66.55
CA GLN D 13 84.35 36.69 -67.92
C GLN D 13 82.84 36.53 -68.11
N PRO D 14 82.28 37.18 -69.14
CA PRO D 14 80.88 36.91 -69.50
C PRO D 14 80.70 35.47 -69.98
N GLY D 15 79.58 34.86 -69.58
CA GLY D 15 79.24 33.53 -70.02
C GLY D 15 79.96 32.40 -69.30
N GLY D 16 80.79 32.72 -68.30
CA GLY D 16 81.51 31.72 -67.54
C GLY D 16 80.76 31.27 -66.31
N SER D 17 81.48 30.52 -65.47
CA SER D 17 80.93 30.03 -64.21
C SER D 17 81.87 30.43 -63.07
N LEU D 18 81.28 30.75 -61.92
CA LEU D 18 82.02 31.19 -60.75
C LEU D 18 81.39 30.66 -59.49
N ARG D 19 82.20 30.02 -58.65
CA ARG D 19 81.73 29.37 -57.45
C ARG D 19 82.09 30.24 -56.24
N LEU D 20 81.11 30.47 -55.37
CA LEU D 20 81.28 31.31 -54.20
C LEU D 20 81.11 30.47 -52.93
N SER D 21 81.73 30.93 -51.84
CA SER D 21 81.68 30.19 -50.59
C SER D 21 81.12 31.07 -49.48
N CYS D 22 80.57 30.38 -48.47
CA CYS D 22 80.00 30.97 -47.27
C CYS D 22 80.45 30.11 -46.08
N ALA D 23 81.77 29.97 -45.94
CA ALA D 23 82.36 29.23 -44.83
C ALA D 23 81.95 29.84 -43.49
N ALA D 24 81.09 29.15 -42.75
CA ALA D 24 80.52 29.70 -41.54
C ALA D 24 81.23 29.18 -40.29
N SER D 25 81.28 30.02 -39.27
CA SER D 25 81.85 29.64 -37.98
C SER D 25 80.94 30.16 -36.87
N GLY D 26 80.91 29.42 -35.76
CA GLY D 26 80.09 29.78 -34.63
C GLY D 26 78.71 29.16 -34.59
N PHE D 27 78.26 28.57 -35.69
CA PHE D 27 76.98 27.88 -35.76
C PHE D 27 77.00 26.89 -36.91
N THR D 28 76.06 25.96 -36.88
CA THR D 28 75.92 24.94 -37.91
C THR D 28 74.59 25.11 -38.64
N PHE D 29 74.50 24.48 -39.81
CA PHE D 29 73.35 24.61 -40.69
C PHE D 29 72.30 23.53 -40.47
N ASP D 30 72.46 22.71 -39.43
CA ASP D 30 71.51 21.62 -39.20
C ASP D 30 70.17 22.12 -38.63
N ASP D 31 70.12 23.35 -38.11
CA ASP D 31 68.86 23.85 -37.56
C ASP D 31 68.57 25.30 -37.95
N TYR D 32 69.22 25.82 -38.99
CA TYR D 32 69.06 27.21 -39.38
C TYR D 32 68.87 27.31 -40.89
N ALA D 33 68.06 28.29 -41.29
CA ALA D 33 67.86 28.62 -42.70
C ALA D 33 68.84 29.70 -43.14
N MET D 34 69.44 29.51 -44.31
CA MET D 34 70.51 30.38 -44.79
C MET D 34 70.10 30.98 -46.13
N SER D 35 70.41 32.26 -46.33
CA SER D 35 69.98 32.96 -47.53
C SER D 35 71.17 33.62 -48.21
N TRP D 36 71.03 33.79 -49.53
CA TRP D 36 71.95 34.58 -50.33
C TRP D 36 71.21 35.79 -50.88
N VAL D 37 71.85 36.96 -50.77
CA VAL D 37 71.29 38.25 -51.15
C VAL D 37 72.36 39.00 -51.93
N ARG D 38 71.96 39.67 -53.02
CA ARG D 38 72.88 40.49 -53.81
C ARG D 38 72.61 41.97 -53.61
N GLN D 39 73.53 42.79 -54.12
CA GLN D 39 73.51 44.23 -53.90
C GLN D 39 74.10 44.89 -55.14
N ALA D 40 73.25 45.56 -55.93
CA ALA D 40 73.74 46.29 -57.08
C ALA D 40 74.35 47.62 -56.64
N PRO D 41 75.28 48.17 -57.43
CA PRO D 41 75.79 49.52 -57.15
C PRO D 41 74.75 50.62 -57.17
N GLY D 42 73.73 50.50 -58.02
CA GLY D 42 72.68 51.51 -58.08
C GLY D 42 71.32 51.09 -57.55
N LYS D 43 71.21 49.87 -57.03
CA LYS D 43 69.95 49.37 -56.51
C LYS D 43 70.16 48.75 -55.13
N GLY D 44 69.05 48.38 -54.50
CA GLY D 44 69.05 47.90 -53.14
C GLY D 44 69.42 46.43 -53.06
N LEU D 45 69.18 45.87 -51.87
CA LEU D 45 69.41 44.44 -51.67
C LEU D 45 68.33 43.62 -52.36
N GLU D 46 68.77 42.68 -53.20
CA GLU D 46 67.87 41.83 -53.96
C GLU D 46 68.11 40.39 -53.54
N TRP D 47 67.06 39.76 -53.03
CA TRP D 47 67.16 38.40 -52.49
C TRP D 47 67.37 37.38 -53.60
N ILE D 48 68.42 36.56 -53.47
CA ILE D 48 68.72 35.55 -54.48
C ILE D 48 68.10 34.21 -54.13
N GLY D 49 68.36 33.70 -52.93
CA GLY D 49 67.83 32.38 -52.65
C GLY D 49 67.94 32.00 -51.19
N ARG D 50 67.47 30.79 -50.90
CA ARG D 50 67.41 30.28 -49.54
C ARG D 50 67.60 28.77 -49.52
N MET D 51 68.46 28.32 -48.60
CA MET D 51 68.73 26.92 -48.30
C MET D 51 68.12 26.60 -46.95
N TYR D 52 67.26 25.57 -46.90
CA TYR D 52 66.67 25.14 -45.66
C TYR D 52 67.53 24.05 -45.00
N ASN D 53 67.15 23.69 -43.76
CA ASN D 53 67.92 22.71 -43.02
C ASN D 53 67.75 21.29 -43.54
N ASN D 54 66.60 20.98 -44.14
CA ASN D 54 66.35 19.65 -44.71
C ASN D 54 66.88 19.49 -46.12
N GLY D 55 67.55 20.50 -46.67
CA GLY D 55 68.05 20.44 -48.03
C GLY D 55 67.17 21.11 -49.05
N ARG D 56 66.11 21.79 -48.63
CA ARG D 56 65.15 22.39 -49.55
C ARG D 56 65.68 23.73 -50.05
N THR D 57 65.67 23.91 -51.36
CA THR D 57 66.16 25.13 -51.99
C THR D 57 65.01 25.92 -52.58
N SER D 58 65.01 27.23 -52.34
CA SER D 58 64.15 28.14 -53.10
C SER D 58 65.00 29.27 -53.65
N TYR D 59 64.56 29.83 -54.78
CA TYR D 59 65.33 30.84 -55.48
C TYR D 59 64.44 32.01 -55.88
N ASN D 60 65.08 33.07 -56.35
CA ASN D 60 64.39 34.18 -56.97
C ASN D 60 63.87 33.73 -58.34
N PRO D 61 62.57 33.84 -58.61
CA PRO D 61 62.02 33.30 -59.87
C PRO D 61 62.48 34.03 -61.13
N SER D 62 63.06 35.22 -61.01
CA SER D 62 63.73 35.88 -62.11
C SER D 62 65.22 35.53 -62.17
N LEU D 63 65.68 34.64 -61.29
CA LEU D 63 67.09 34.29 -61.22
C LEU D 63 67.30 32.77 -61.06
N LYS D 64 66.25 31.95 -61.27
CA LYS D 64 66.36 30.52 -61.04
C LYS D 64 67.27 29.83 -62.05
N SER D 65 67.36 30.38 -63.27
CA SER D 65 68.03 29.70 -64.38
C SER D 65 69.54 29.65 -64.23
N LEU D 66 70.14 30.37 -63.28
CA LEU D 66 71.59 30.54 -63.29
C LEU D 66 72.23 30.55 -61.90
N VAL D 67 71.50 30.19 -60.84
CA VAL D 67 72.08 30.06 -59.51
C VAL D 67 71.84 28.64 -59.01
N THR D 68 72.70 28.23 -58.07
CA THR D 68 72.59 26.94 -57.41
C THR D 68 73.19 27.06 -56.02
N ILE D 69 72.40 26.75 -54.99
CA ILE D 69 72.82 26.84 -53.60
C ILE D 69 72.94 25.42 -53.05
N SER D 70 74.12 25.07 -52.54
CA SER D 70 74.33 23.75 -51.97
C SER D 70 75.06 23.86 -50.63
N ARG D 71 75.04 22.78 -49.85
CA ARG D 71 75.74 22.80 -48.58
C ARG D 71 76.91 21.82 -48.58
N ASP D 72 77.78 21.99 -47.57
CA ASP D 72 78.77 20.98 -47.21
C ASP D 72 78.80 20.96 -45.68
N ASN D 73 77.94 20.13 -45.10
CA ASN D 73 77.79 20.08 -43.65
C ASN D 73 79.02 19.52 -42.95
N SER D 74 79.84 18.71 -43.63
CA SER D 74 81.09 18.25 -43.05
C SER D 74 82.08 19.39 -42.86
N LYS D 75 82.00 20.41 -43.70
CA LYS D 75 82.89 21.56 -43.64
C LYS D 75 82.14 22.82 -43.20
N ASN D 76 80.90 22.64 -42.70
CA ASN D 76 79.86 23.60 -42.32
C ASN D 76 79.84 24.87 -43.18
N THR D 77 79.92 24.69 -44.49
CA THR D 77 80.01 25.80 -45.43
C THR D 77 78.88 25.77 -46.46
N LEU D 78 78.51 26.95 -46.95
CA LEU D 78 77.50 27.05 -47.99
C LEU D 78 78.17 27.38 -49.32
N TYR D 79 77.62 26.85 -50.42
CA TYR D 79 78.19 27.02 -51.75
C TYR D 79 77.17 27.73 -52.62
N LEU D 80 77.68 28.53 -53.56
CA LEU D 80 76.85 29.18 -54.58
C LEU D 80 77.53 29.09 -55.94
N GLN D 81 77.11 28.12 -56.75
CA GLN D 81 77.68 27.90 -58.08
C GLN D 81 76.86 28.72 -59.07
N MET D 82 77.35 29.91 -59.43
CA MET D 82 76.67 30.76 -60.39
C MET D 82 77.24 30.57 -61.78
N ASN D 83 76.36 30.61 -62.79
CA ASN D 83 76.74 30.44 -64.18
C ASN D 83 76.17 31.57 -65.02
N SER D 84 76.84 31.83 -66.16
CA SER D 84 76.43 32.80 -67.18
C SER D 84 76.29 34.21 -66.61
N LEU D 85 77.38 34.68 -66.00
CA LEU D 85 77.40 36.00 -65.39
C LEU D 85 77.45 37.09 -66.46
N ARG D 86 76.43 37.92 -66.51
CA ARG D 86 76.35 39.03 -67.44
C ARG D 86 76.66 40.35 -66.73
N ALA D 87 76.43 41.46 -67.43
CA ALA D 87 76.81 42.79 -66.94
C ALA D 87 76.04 43.19 -65.68
N GLU D 88 74.75 42.85 -65.60
CA GLU D 88 73.96 43.18 -64.43
C GLU D 88 74.17 42.23 -63.26
N ASP D 89 74.96 41.17 -63.44
CA ASP D 89 75.32 40.27 -62.35
C ASP D 89 76.50 40.76 -61.51
N THR D 90 77.09 41.91 -61.86
CA THR D 90 78.06 42.58 -61.00
C THR D 90 77.39 43.01 -59.70
N ALA D 91 77.75 42.36 -58.60
CA ALA D 91 77.13 42.65 -57.32
C ALA D 91 78.06 42.30 -56.17
N THR D 92 77.73 42.82 -54.99
CA THR D 92 78.39 42.42 -53.75
C THR D 92 77.47 41.45 -53.03
N TYR D 93 77.90 40.20 -52.93
CA TYR D 93 77.06 39.05 -52.59
C TYR D 93 77.19 38.76 -51.11
N TYR D 94 76.13 39.01 -50.35
CA TYR D 94 76.07 38.73 -48.92
C TYR D 94 75.41 37.38 -48.66
N CYS D 95 75.94 36.69 -47.66
CA CYS D 95 75.40 35.42 -47.17
C CYS D 95 74.94 35.66 -45.74
N ALA D 96 73.68 35.36 -45.44
CA ALA D 96 73.10 35.75 -44.17
C ALA D 96 72.22 34.64 -43.61
N ARG D 97 72.07 34.62 -42.29
CA ARG D 97 71.22 33.63 -41.64
C ARG D 97 69.82 34.19 -41.49
N ASP D 98 68.81 33.36 -41.76
CA ASP D 98 67.43 33.78 -41.60
C ASP D 98 67.05 33.77 -40.13
N ASN D 99 66.18 34.69 -39.74
CA ASN D 99 65.68 34.77 -38.37
C ASN D 99 64.28 34.18 -38.35
N LEU D 100 64.19 32.89 -38.02
CA LEU D 100 62.92 32.23 -37.78
C LEU D 100 62.51 32.26 -36.32
N GLY D 101 63.34 32.79 -35.43
CA GLY D 101 63.01 32.83 -34.02
C GLY D 101 62.35 34.12 -33.59
N TYR D 102 62.78 34.65 -32.44
CA TYR D 102 62.16 35.84 -31.87
C TYR D 102 62.71 37.08 -32.55
N ARG D 103 61.81 37.95 -33.01
CA ARG D 103 62.18 39.22 -33.62
C ARG D 103 61.75 40.38 -32.71
N PRO D 104 62.70 41.18 -32.21
CA PRO D 104 62.33 42.24 -31.25
C PRO D 104 61.48 43.35 -31.84
N SER D 105 61.54 43.57 -33.16
CA SER D 105 60.71 44.56 -33.82
C SER D 105 60.54 44.13 -35.28
N GLU D 106 59.95 45.01 -36.08
CA GLU D 106 59.79 44.75 -37.51
C GLU D 106 61.13 44.92 -38.22
N ASN D 107 61.58 43.86 -38.90
CA ASN D 107 62.80 43.91 -39.70
C ASN D 107 62.42 43.88 -41.18
N LEU D 108 63.06 44.76 -41.96
CA LEU D 108 62.80 44.81 -43.40
C LEU D 108 63.34 43.58 -44.11
N TYR D 109 64.42 42.98 -43.58
CA TYR D 109 65.11 41.89 -44.26
C TYR D 109 65.03 40.57 -43.51
N GLY D 110 64.75 40.59 -42.21
CA GLY D 110 64.57 39.38 -41.42
C GLY D 110 65.84 38.57 -41.24
N MET D 111 66.97 39.23 -41.05
CA MET D 111 68.26 38.58 -40.87
C MET D 111 68.79 38.94 -39.49
N ASP D 112 69.19 37.92 -38.73
CA ASP D 112 69.74 38.17 -37.39
C ASP D 112 71.25 38.38 -37.40
N VAL D 113 71.97 37.76 -38.32
CA VAL D 113 73.40 37.98 -38.51
C VAL D 113 73.68 38.06 -40.01
N TRP D 114 74.57 38.97 -40.40
CA TRP D 114 74.94 39.17 -41.79
C TRP D 114 76.38 38.74 -42.02
N GLY D 115 76.75 38.65 -43.31
CA GLY D 115 78.12 38.46 -43.70
C GLY D 115 78.74 39.74 -44.25
N GLN D 116 80.07 39.72 -44.36
CA GLN D 116 80.77 40.85 -44.97
C GLN D 116 80.57 40.94 -46.47
N GLY D 117 80.25 39.83 -47.14
CA GLY D 117 79.93 39.85 -48.56
C GLY D 117 81.16 39.92 -49.45
N THR D 118 81.11 39.30 -50.62
CA THR D 118 82.24 39.31 -51.54
C THR D 118 81.82 39.94 -52.86
N THR D 119 82.71 40.71 -53.48
CA THR D 119 82.34 41.53 -54.62
C THR D 119 82.72 40.84 -55.92
N VAL D 120 81.78 40.78 -56.86
CA VAL D 120 81.96 40.14 -58.15
C VAL D 120 81.66 41.20 -59.22
N THR D 121 82.57 41.34 -60.18
CA THR D 121 82.41 42.28 -61.28
C THR D 121 82.58 41.58 -62.61
N VAL D 122 81.79 42.00 -63.59
CA VAL D 122 81.77 41.40 -64.92
C VAL D 122 82.04 42.50 -65.93
N SER D 123 83.13 42.37 -66.67
CA SER D 123 83.52 43.35 -67.68
C SER D 123 84.44 42.67 -68.69
N SER D 124 85.14 43.46 -69.50
CA SER D 124 85.99 42.91 -70.56
C SER D 124 87.22 42.21 -69.99
N SER D 125 87.90 42.85 -69.06
CA SER D 125 89.06 42.27 -68.41
C SER D 125 89.28 42.87 -67.03
N GLU E 1 38.39 46.47 16.13
CA GLU E 1 37.72 46.37 17.43
C GLU E 1 36.71 47.50 17.59
N VAL E 2 35.49 47.14 18.00
CA VAL E 2 34.43 48.13 18.19
C VAL E 2 34.70 48.92 19.45
N GLN E 3 34.91 50.23 19.30
CA GLN E 3 35.35 51.08 20.39
C GLN E 3 34.73 52.46 20.22
N LEU E 4 34.10 52.95 21.29
CA LEU E 4 33.45 54.26 21.28
C LEU E 4 34.25 55.22 22.15
N VAL E 5 34.64 56.35 21.57
CA VAL E 5 35.43 57.37 22.25
C VAL E 5 34.65 58.66 22.24
N GLU E 6 34.43 59.24 23.41
CA GLU E 6 33.76 60.53 23.54
C GLU E 6 34.77 61.61 23.91
N SER E 7 34.48 62.84 23.51
CA SER E 7 35.33 63.97 23.84
C SER E 7 34.48 65.24 23.88
N GLY E 8 35.02 66.24 24.58
CA GLY E 8 34.41 67.57 24.62
C GLY E 8 33.93 68.02 25.98
N GLY E 9 34.09 67.23 27.05
CA GLY E 9 33.63 67.63 28.35
C GLY E 9 34.52 68.67 28.99
N GLY E 10 34.07 69.18 30.12
CA GLY E 10 34.86 70.12 30.91
C GLY E 10 33.95 71.13 31.58
N LEU E 11 34.58 72.18 32.10
CA LEU E 11 33.85 73.29 32.70
C LEU E 11 33.05 74.03 31.65
N VAL E 12 31.84 74.47 32.03
CA VAL E 12 30.97 75.22 31.15
C VAL E 12 30.07 76.10 32.01
N GLN E 13 29.90 77.36 31.58
CA GLN E 13 29.14 78.32 32.35
C GLN E 13 27.65 77.98 32.33
N PRO E 14 26.88 78.46 33.30
CA PRO E 14 25.42 78.34 33.22
C PRO E 14 24.86 79.13 32.05
N GLY E 15 23.86 78.56 31.38
CA GLY E 15 23.18 79.25 30.29
C GLY E 15 23.92 79.24 28.97
N GLY E 16 25.07 78.58 28.88
CA GLY E 16 25.84 78.51 27.66
C GLY E 16 25.48 77.29 26.82
N SER E 17 26.30 77.06 25.81
CA SER E 17 26.15 75.92 24.91
C SER E 17 27.46 75.16 24.85
N LEU E 18 27.36 73.82 24.76
CA LEU E 18 28.52 72.94 24.74
C LEU E 18 28.27 71.77 23.82
N ARG E 19 29.20 71.54 22.90
CA ARG E 19 29.07 70.52 21.88
C ARG E 19 29.94 69.31 22.25
N LEU E 20 29.35 68.12 22.18
CA LEU E 20 30.01 66.88 22.55
C LEU E 20 30.16 65.99 21.32
N SER E 21 31.16 65.12 21.34
CA SER E 21 31.42 64.23 20.21
C SER E 21 31.41 62.77 20.63
N CYS E 22 31.12 61.92 19.65
CA CYS E 22 31.09 60.47 19.78
C CYS E 22 31.78 59.88 18.55
N ALA E 23 33.03 60.28 18.33
CA ALA E 23 33.83 59.77 17.23
C ALA E 23 33.98 58.25 17.33
N ALA E 24 33.33 57.52 16.45
CA ALA E 24 33.28 56.06 16.55
C ALA E 24 34.29 55.41 15.62
N SER E 25 34.81 54.27 16.05
CA SER E 25 35.71 53.46 15.24
C SER E 25 35.33 52.00 15.37
N GLY E 26 35.56 51.24 14.30
CA GLY E 26 35.24 49.83 14.27
C GLY E 26 33.88 49.50 13.69
N PHE E 27 33.01 50.49 13.53
CA PHE E 27 31.69 50.31 12.93
C PHE E 27 31.21 51.64 12.39
N THR E 28 30.21 51.57 11.51
CA THR E 28 29.61 52.75 10.91
C THR E 28 28.15 52.88 11.34
N PHE E 29 27.60 54.07 11.14
CA PHE E 29 26.25 54.39 11.58
C PHE E 29 25.20 54.16 10.50
N ASP E 30 25.58 53.56 9.37
CA ASP E 30 24.62 53.35 8.29
C ASP E 30 23.65 52.22 8.60
N ASP E 31 23.95 51.37 9.58
CA ASP E 31 23.06 50.26 9.90
C ASP E 31 22.87 50.05 11.41
N TYR E 32 23.20 51.04 12.24
CA TYR E 32 23.12 50.88 13.68
C TYR E 32 22.44 52.09 14.32
N ALA E 33 21.69 51.82 15.39
CA ALA E 33 21.08 52.86 16.20
C ALA E 33 22.00 53.25 17.35
N MET E 34 22.15 54.55 17.57
CA MET E 34 23.09 55.07 18.55
C MET E 34 22.36 55.91 19.59
N SER E 35 22.75 55.78 20.85
CA SER E 35 22.03 56.46 21.92
C SER E 35 23.01 57.25 22.78
N TRP E 36 22.48 58.31 23.39
CA TRP E 36 23.17 59.10 24.40
C TRP E 36 22.45 58.91 25.73
N VAL E 37 23.24 58.67 26.79
CA VAL E 37 22.76 58.39 28.14
C VAL E 37 23.60 59.22 29.10
N ARG E 38 22.97 59.82 30.10
CA ARG E 38 23.70 60.56 31.12
C ARG E 38 23.73 59.80 32.44
N GLN E 39 24.56 60.28 33.35
CA GLN E 39 24.81 59.61 34.63
C GLN E 39 25.08 60.68 35.68
N ALA E 40 24.15 60.86 36.59
CA ALA E 40 24.35 61.79 37.68
C ALA E 40 25.25 61.17 38.74
N PRO E 41 25.94 62.00 39.52
CA PRO E 41 26.70 61.47 40.66
C PRO E 41 25.87 60.77 41.71
N GLY E 42 24.63 61.20 41.93
CA GLY E 42 23.77 60.56 42.90
C GLY E 42 22.60 59.76 42.35
N LYS E 43 22.49 59.67 41.02
CA LYS E 43 21.41 58.95 40.39
C LYS E 43 21.95 57.99 39.33
N GLY E 44 21.05 57.19 38.77
CA GLY E 44 21.43 56.15 37.84
C GLY E 44 21.60 56.67 36.43
N LEU E 45 21.67 55.73 35.49
CA LEU E 45 21.76 56.08 34.07
C LEU E 45 20.42 56.59 33.57
N GLU E 46 20.43 57.78 32.99
CA GLU E 46 19.21 58.40 32.48
C GLU E 46 19.36 58.59 30.98
N TRP E 47 18.46 57.97 30.23
CA TRP E 47 18.54 57.98 28.77
C TRP E 47 18.21 59.36 28.21
N ILE E 48 19.11 59.89 27.38
CA ILE E 48 18.89 61.23 26.82
C ILE E 48 18.23 61.13 25.45
N GLY E 49 18.81 60.36 24.54
CA GLY E 49 18.21 60.33 23.22
C GLY E 49 18.79 59.23 22.34
N ARG E 50 18.27 59.18 21.12
CA ARG E 50 18.63 58.13 20.17
C ARG E 50 18.57 58.67 18.74
N MET E 51 19.62 58.34 17.98
CA MET E 51 19.76 58.62 16.55
C MET E 51 19.65 57.32 15.79
N TYR E 52 18.72 57.26 14.84
CA TYR E 52 18.56 56.10 13.99
C TYR E 52 19.41 56.24 12.73
N ASN E 53 19.47 55.15 11.94
CA ASN E 53 20.29 55.15 10.74
C ASN E 53 19.71 56.01 9.62
N ASN E 54 18.39 56.16 9.57
CA ASN E 54 17.75 56.98 8.55
C ASN E 54 17.70 58.46 8.91
N GLY E 55 18.26 58.85 10.05
CA GLY E 55 18.22 60.24 10.47
C GLY E 55 17.14 60.56 11.46
N ARG E 56 16.43 59.57 11.98
CA ARG E 56 15.31 59.81 12.88
C ARG E 56 15.84 60.01 14.29
N THR E 57 15.40 61.09 14.94
CA THR E 57 15.83 61.45 16.28
C THR E 57 14.69 61.28 17.26
N SER E 58 14.98 60.67 18.40
CA SER E 58 14.07 60.71 19.54
C SER E 58 14.84 61.17 20.78
N TYR E 59 14.13 61.81 21.70
CA TYR E 59 14.76 62.40 22.87
C TYR E 59 13.98 62.04 24.13
N ASN E 60 14.58 62.36 25.27
CA ASN E 60 13.91 62.30 26.55
C ASN E 60 12.88 63.42 26.63
N PRO E 61 11.59 63.13 26.87
CA PRO E 61 10.57 64.20 26.82
C PRO E 61 10.68 65.22 27.94
N SER E 62 11.44 64.95 28.99
CA SER E 62 11.80 65.94 30.00
C SER E 62 13.10 66.66 29.66
N LEU E 63 13.69 66.37 28.50
CA LEU E 63 14.97 66.95 28.12
C LEU E 63 14.99 67.40 26.65
N LYS E 64 13.83 67.46 25.99
CA LYS E 64 13.78 67.79 24.56
C LYS E 64 14.18 69.23 24.29
N SER E 65 13.94 70.13 25.23
CA SER E 65 14.08 71.56 25.00
C SER E 65 15.53 72.03 24.86
N LEU E 66 16.51 71.17 25.18
CA LEU E 66 17.88 71.64 25.31
C LEU E 66 18.93 70.65 24.80
N VAL E 67 18.55 69.60 24.09
CA VAL E 67 19.50 68.69 23.47
C VAL E 67 19.26 68.63 21.98
N THR E 68 20.31 68.27 21.25
CA THR E 68 20.25 68.08 19.80
C THR E 68 21.29 67.04 19.40
N ILE E 69 20.84 65.98 18.74
CA ILE E 69 21.70 64.87 18.32
C ILE E 69 21.80 64.93 16.80
N SER E 70 23.02 65.01 16.28
CA SER E 70 23.22 65.04 14.83
C SER E 70 24.35 64.10 14.45
N ARG E 71 24.44 63.77 13.17
CA ARG E 71 25.51 62.90 12.71
C ARG E 71 26.46 63.64 11.79
N ASP E 72 27.63 63.03 11.57
CA ASP E 72 28.54 63.40 10.48
C ASP E 72 29.03 62.07 9.92
N ASN E 73 28.30 61.54 8.94
CA ASN E 73 28.59 60.24 8.36
C ASN E 73 29.89 60.23 7.56
N SER E 74 30.34 61.39 7.07
CA SER E 74 31.63 61.46 6.41
C SER E 74 32.78 61.23 7.38
N LYS E 75 32.58 61.58 8.65
CA LYS E 75 33.58 61.43 9.68
C LYS E 75 33.19 60.35 10.68
N ASN E 76 32.15 59.55 10.35
CA ASN E 76 31.43 58.53 11.11
C ASN E 76 31.33 58.84 12.60
N THR E 77 30.95 60.08 12.91
CA THR E 77 30.89 60.55 14.29
C THR E 77 29.52 61.07 14.66
N LEU E 78 29.18 60.98 15.94
CA LEU E 78 27.92 61.51 16.43
C LEU E 78 28.17 62.79 17.22
N TYR E 79 27.22 63.73 17.12
CA TYR E 79 27.34 65.03 17.77
C TYR E 79 26.21 65.19 18.75
N LEU E 80 26.48 65.93 19.83
CA LEU E 80 25.46 66.31 20.82
C LEU E 80 25.63 67.77 21.21
N GLN E 81 24.83 68.65 20.59
CA GLN E 81 24.90 70.09 20.84
C GLN E 81 23.92 70.41 21.97
N MET E 82 24.41 70.50 23.21
CA MET E 82 23.56 70.83 24.35
C MET E 82 23.62 72.32 24.64
N ASN E 83 22.47 72.90 25.01
CA ASN E 83 22.37 74.32 25.32
C ASN E 83 21.70 74.50 26.67
N SER E 84 22.01 75.64 27.30
CA SER E 84 21.43 76.10 28.57
C SER E 84 21.66 75.10 29.69
N LEU E 85 22.94 74.78 29.89
CA LEU E 85 23.36 73.81 30.89
C LEU E 85 23.23 74.41 32.29
N ARG E 86 22.38 73.80 33.12
CA ARG E 86 22.20 74.24 34.49
C ARG E 86 22.91 73.29 35.45
N ALA E 87 22.65 73.46 36.76
CA ALA E 87 23.37 72.73 37.81
C ALA E 87 23.14 71.22 37.75
N GLU E 88 21.92 70.80 37.44
CA GLU E 88 21.61 69.38 37.36
C GLU E 88 22.05 68.74 36.05
N ASP E 89 22.57 69.52 35.11
CA ASP E 89 23.12 68.99 33.87
C ASP E 89 24.56 68.52 34.01
N THR E 90 25.16 68.67 35.19
CA THR E 90 26.45 68.05 35.51
C THR E 90 26.30 66.53 35.45
N ALA E 91 26.91 65.90 34.45
CA ALA E 91 26.78 64.46 34.29
C ALA E 91 27.98 63.90 33.54
N THR E 92 28.13 62.58 33.61
CA THR E 92 29.10 61.86 32.79
C THR E 92 28.34 61.20 31.64
N TYR E 93 28.60 61.67 30.42
CA TYR E 93 27.77 61.42 29.26
C TYR E 93 28.35 60.27 28.45
N TYR E 94 27.64 59.15 28.45
CA TYR E 94 28.02 57.96 27.70
C TYR E 94 27.31 57.90 26.36
N CYS E 95 28.03 57.43 25.34
CA CYS E 95 27.49 57.21 24.00
C CYS E 95 27.58 55.72 23.73
N ALA E 96 26.45 55.10 23.37
CA ALA E 96 26.41 53.64 23.28
C ALA E 96 25.59 53.18 22.08
N ARG E 97 25.89 51.98 21.59
CA ARG E 97 25.16 51.41 20.46
C ARG E 97 24.02 50.57 20.98
N ASP E 98 22.89 50.59 20.28
CA ASP E 98 21.73 49.78 20.64
C ASP E 98 21.84 48.41 19.99
N ASN E 99 21.72 47.36 20.81
CA ASN E 99 21.74 45.99 20.31
C ASN E 99 20.33 45.54 19.90
N LEU E 100 19.88 46.14 18.80
CA LEU E 100 18.57 45.79 18.23
C LEU E 100 18.55 44.36 17.70
N GLY E 101 19.63 43.94 17.04
CA GLY E 101 19.65 42.64 16.38
C GLY E 101 19.54 41.43 17.30
N TYR E 102 20.29 41.43 18.40
CA TYR E 102 20.35 40.25 19.24
C TYR E 102 20.34 40.69 20.69
N ARG E 103 19.85 39.81 21.57
CA ARG E 103 19.81 40.06 23.02
C ARG E 103 20.46 38.91 23.77
N PRO E 104 21.81 38.80 23.75
CA PRO E 104 22.48 37.64 24.37
C PRO E 104 22.19 37.49 25.86
N SER E 105 22.14 38.60 26.59
CA SER E 105 21.76 38.65 27.98
C SER E 105 20.51 39.50 28.12
N GLU E 106 19.80 39.35 29.22
CA GLU E 106 18.62 40.18 29.48
C GLU E 106 19.12 41.50 30.05
N ASN E 107 19.62 42.36 29.16
CA ASN E 107 20.18 43.64 29.56
C ASN E 107 19.07 44.62 29.93
N LEU E 108 19.21 45.26 31.10
CA LEU E 108 18.27 46.28 31.51
C LEU E 108 18.33 47.50 30.61
N TYR E 109 19.54 47.88 30.17
CA TYR E 109 19.74 49.08 29.38
C TYR E 109 19.71 48.81 27.88
N GLY E 110 19.73 47.55 27.47
CA GLY E 110 19.65 47.16 26.07
C GLY E 110 20.73 47.70 25.16
N MET E 111 21.98 47.69 25.61
CA MET E 111 23.11 48.14 24.81
C MET E 111 24.24 47.11 24.94
N ASP E 112 24.92 46.83 23.82
CA ASP E 112 25.97 45.82 23.83
C ASP E 112 27.38 46.37 23.91
N VAL E 113 27.63 47.56 23.40
CA VAL E 113 28.92 48.24 23.62
C VAL E 113 28.64 49.63 24.18
N TRP E 114 29.47 50.03 25.13
CA TRP E 114 29.37 51.33 25.79
C TRP E 114 30.56 52.19 25.42
N GLY E 115 30.46 53.48 25.75
CA GLY E 115 31.58 54.39 25.66
C GLY E 115 32.16 54.66 27.04
N GLN E 116 33.36 55.24 27.03
CA GLN E 116 33.98 55.65 28.29
C GLN E 116 33.30 56.86 28.92
N GLY E 117 32.62 57.69 28.12
CA GLY E 117 31.85 58.80 28.64
C GLY E 117 32.71 60.01 29.00
N THR E 118 32.19 61.22 28.82
CA THR E 118 32.93 62.42 29.14
C THR E 118 32.18 63.22 30.18
N THR E 119 32.92 63.84 31.11
CA THR E 119 32.30 64.44 32.28
C THR E 119 32.13 65.94 32.06
N VAL E 120 30.93 66.44 32.35
CA VAL E 120 30.58 67.85 32.19
C VAL E 120 30.08 68.37 33.54
N THR E 121 30.62 69.50 33.98
CA THR E 121 30.24 70.11 35.23
C THR E 121 29.86 71.58 35.01
N VAL E 122 28.84 72.03 35.73
CA VAL E 122 28.30 73.39 35.60
C VAL E 122 28.36 74.05 36.98
N SER E 123 29.12 75.14 37.08
CA SER E 123 29.25 75.86 38.34
C SER E 123 29.68 77.29 38.03
N SER E 124 30.16 78.01 39.05
CA SER E 124 30.51 79.42 38.90
C SER E 124 31.76 79.59 38.05
N SER E 125 32.80 78.81 38.34
CA SER E 125 34.04 78.85 37.57
C SER E 125 34.78 77.52 37.68
N GLU F 1 48.50 32.54 -17.76
CA GLU F 1 49.00 31.17 -17.84
C GLU F 1 49.86 30.82 -16.62
N VAL F 2 49.57 29.67 -16.02
CA VAL F 2 50.30 29.23 -14.84
C VAL F 2 51.68 28.75 -15.26
N GLN F 3 52.72 29.43 -14.77
CA GLN F 3 54.08 29.19 -15.23
C GLN F 3 55.03 29.39 -14.06
N LEU F 4 55.90 28.41 -13.84
CA LEU F 4 56.87 28.45 -12.74
C LEU F 4 58.26 28.66 -13.34
N VAL F 5 58.94 29.70 -12.87
CA VAL F 5 60.28 30.05 -13.35
C VAL F 5 61.23 30.03 -12.15
N GLU F 6 62.31 29.26 -12.28
CA GLU F 6 63.34 29.20 -11.25
C GLU F 6 64.58 29.93 -11.72
N SER F 7 65.33 30.46 -10.75
CA SER F 7 66.59 31.14 -11.04
C SER F 7 67.52 31.02 -9.84
N GLY F 8 68.81 31.19 -10.09
CA GLY F 8 69.82 31.23 -9.05
C GLY F 8 70.85 30.12 -9.12
N GLY F 9 70.77 29.21 -10.08
CA GLY F 9 71.72 28.12 -10.16
C GLY F 9 73.08 28.57 -10.67
N GLY F 10 74.03 27.64 -10.64
CA GLY F 10 75.34 27.89 -11.18
C GLY F 10 76.40 27.18 -10.37
N LEU F 11 77.65 27.56 -10.64
CA LEU F 11 78.79 27.05 -9.88
C LEU F 11 78.74 27.52 -8.44
N VAL F 12 79.14 26.63 -7.51
CA VAL F 12 79.16 26.94 -6.09
C VAL F 12 80.23 26.07 -5.45
N GLN F 13 81.02 26.69 -4.56
CA GLN F 13 82.13 26.01 -3.91
C GLN F 13 81.61 24.97 -2.91
N PRO F 14 82.44 23.96 -2.58
CA PRO F 14 82.08 23.05 -1.48
C PRO F 14 82.03 23.79 -0.15
N GLY F 15 81.05 23.44 0.68
CA GLY F 15 80.93 23.99 2.00
C GLY F 15 80.33 25.38 2.07
N GLY F 16 79.91 25.94 0.93
CA GLY F 16 79.32 27.26 0.89
C GLY F 16 77.80 27.22 1.01
N SER F 17 77.19 28.37 0.76
CA SER F 17 75.74 28.51 0.79
C SER F 17 75.28 29.13 -0.53
N LEU F 18 74.11 28.69 -0.99
CA LEU F 18 73.54 29.13 -2.25
C LEU F 18 72.02 29.23 -2.14
N ARG F 19 71.49 30.39 -2.52
CA ARG F 19 70.08 30.68 -2.38
C ARG F 19 69.41 30.58 -3.75
N LEU F 20 68.30 29.85 -3.82
CA LEU F 20 67.58 29.61 -5.05
C LEU F 20 66.20 30.26 -4.98
N SER F 21 65.65 30.59 -6.14
CA SER F 21 64.35 31.26 -6.20
C SER F 21 63.37 30.47 -7.04
N CYS F 22 62.08 30.69 -6.74
CA CYS F 22 60.94 30.11 -7.42
C CYS F 22 59.90 31.21 -7.62
N ALA F 23 60.32 32.29 -8.29
CA ALA F 23 59.44 33.39 -8.61
C ALA F 23 58.26 32.91 -9.45
N ALA F 24 57.07 32.88 -8.86
CA ALA F 24 55.91 32.29 -9.51
C ALA F 24 55.02 33.35 -10.13
N SER F 25 54.37 32.98 -11.23
CA SER F 25 53.42 33.85 -11.91
C SER F 25 52.19 33.03 -12.31
N GLY F 26 51.04 33.68 -12.31
CA GLY F 26 49.79 33.03 -12.67
C GLY F 26 49.00 32.47 -11.49
N PHE F 27 49.61 32.37 -10.32
CA PHE F 27 48.93 31.91 -9.12
C PHE F 27 49.68 32.44 -7.90
N THR F 28 49.00 32.40 -6.75
CA THR F 28 49.58 32.84 -5.49
C THR F 28 49.69 31.66 -4.53
N PHE F 29 50.49 31.85 -3.49
CA PHE F 29 50.78 30.79 -2.53
C PHE F 29 49.85 30.79 -1.33
N ASP F 30 48.82 31.64 -1.33
CA ASP F 30 47.92 31.72 -0.18
C ASP F 30 46.99 30.52 -0.08
N ASP F 31 46.82 29.74 -1.16
CA ASP F 31 45.93 28.61 -1.11
C ASP F 31 46.51 27.36 -1.79
N TYR F 32 47.82 27.29 -1.99
CA TYR F 32 48.44 26.18 -2.70
C TYR F 32 49.68 25.71 -1.95
N ALA F 33 49.92 24.39 -2.01
CA ALA F 33 51.11 23.79 -1.45
C ALA F 33 52.19 23.71 -2.53
N MET F 34 53.42 24.07 -2.17
CA MET F 34 54.52 24.16 -3.11
C MET F 34 55.65 23.25 -2.68
N SER F 35 56.29 22.58 -3.64
CA SER F 35 57.31 21.60 -3.33
C SER F 35 58.58 21.90 -4.10
N TRP F 36 59.70 21.47 -3.53
CA TRP F 36 61.01 21.47 -4.18
C TRP F 36 61.44 20.04 -4.36
N VAL F 37 61.94 19.72 -5.57
CA VAL F 37 62.34 18.38 -5.98
C VAL F 37 63.69 18.51 -6.70
N ARG F 38 64.61 17.60 -6.42
CA ARG F 38 65.90 17.56 -7.10
C ARG F 38 65.97 16.40 -8.09
N GLN F 39 67.02 16.42 -8.91
CA GLN F 39 67.19 15.47 -10.00
C GLN F 39 68.68 15.23 -10.18
N ALA F 40 69.14 14.04 -9.81
CA ALA F 40 70.53 13.71 -10.04
C ALA F 40 70.75 13.34 -11.51
N PRO F 41 71.97 13.52 -12.01
CA PRO F 41 72.29 13.04 -13.37
C PRO F 41 72.13 11.54 -13.56
N GLY F 42 72.39 10.74 -12.53
CA GLY F 42 72.24 9.30 -12.65
C GLY F 42 71.08 8.68 -11.89
N LYS F 43 70.28 9.51 -11.22
CA LYS F 43 69.14 9.02 -10.45
C LYS F 43 67.90 9.82 -10.79
N GLY F 44 66.78 9.38 -10.24
CA GLY F 44 65.49 9.95 -10.56
C GLY F 44 65.21 11.22 -9.77
N LEU F 45 63.94 11.64 -9.82
CA LEU F 45 63.51 12.80 -9.06
C LEU F 45 63.41 12.47 -7.58
N GLU F 46 64.10 13.26 -6.75
CA GLU F 46 64.14 13.06 -5.30
C GLU F 46 63.52 14.27 -4.64
N TRP F 47 62.46 14.04 -3.87
CA TRP F 47 61.70 15.11 -3.24
C TRP F 47 62.49 15.76 -2.10
N ILE F 48 62.62 17.08 -2.16
CA ILE F 48 63.38 17.81 -1.14
C ILE F 48 62.46 18.31 -0.04
N GLY F 49 61.43 19.05 -0.39
CA GLY F 49 60.61 19.60 0.68
C GLY F 49 59.31 20.20 0.19
N ARG F 50 58.54 20.72 1.14
CA ARG F 50 57.21 21.24 0.89
C ARG F 50 56.89 22.40 1.83
N MET F 51 56.35 23.47 1.24
CA MET F 51 55.85 24.66 1.91
C MET F 51 54.32 24.67 1.81
N TYR F 52 53.65 24.76 2.96
CA TYR F 52 52.21 24.85 2.97
C TYR F 52 51.77 26.32 2.93
N ASN F 53 50.45 26.52 2.76
CA ASN F 53 49.93 27.87 2.66
C ASN F 53 49.94 28.63 3.99
N ASN F 54 49.84 27.92 5.10
CA ASN F 54 49.87 28.54 6.42
C ASN F 54 51.28 28.78 6.94
N GLY F 55 52.30 28.47 6.16
CA GLY F 55 53.68 28.63 6.59
C GLY F 55 54.33 27.37 7.12
N ARG F 56 53.67 26.22 7.02
CA ARG F 56 54.19 24.99 7.59
C ARG F 56 55.19 24.38 6.61
N THR F 57 56.37 24.03 7.12
CA THR F 57 57.44 23.46 6.31
C THR F 57 57.65 21.99 6.68
N SER F 58 57.79 21.16 5.66
CA SER F 58 58.31 19.81 5.84
C SER F 58 59.45 19.58 4.85
N TYR F 59 60.38 18.71 5.23
CA TYR F 59 61.58 18.48 4.43
C TYR F 59 61.82 16.98 4.29
N ASN F 60 62.77 16.66 3.42
CA ASN F 60 63.28 15.30 3.34
C ASN F 60 64.11 15.00 4.58
N PRO F 61 63.78 13.95 5.35
CA PRO F 61 64.49 13.72 6.63
C PRO F 61 65.95 13.33 6.49
N SER F 62 66.41 12.96 5.30
CA SER F 62 67.82 12.78 5.01
C SER F 62 68.45 14.06 4.47
N LEU F 63 67.68 15.16 4.42
CA LEU F 63 68.16 16.42 3.86
C LEU F 63 67.73 17.61 4.72
N LYS F 64 67.24 17.39 5.94
CA LYS F 64 66.72 18.49 6.76
C LYS F 64 67.83 19.41 7.24
N SER F 65 69.05 18.90 7.41
CA SER F 65 70.13 19.64 8.05
C SER F 65 70.67 20.79 7.21
N LEU F 66 70.30 20.89 5.92
CA LEU F 66 70.99 21.80 5.03
C LEU F 66 70.07 22.47 4.01
N VAL F 67 68.75 22.37 4.15
CA VAL F 67 67.83 23.09 3.29
C VAL F 67 66.92 23.96 4.16
N THR F 68 66.38 25.00 3.54
CA THR F 68 65.43 25.90 4.19
C THR F 68 64.51 26.47 3.12
N ILE F 69 63.20 26.27 3.27
CA ILE F 69 62.21 26.74 2.30
C ILE F 69 61.43 27.86 2.96
N SER F 70 61.41 29.04 2.33
CA SER F 70 60.67 30.17 2.87
C SER F 70 59.89 30.85 1.76
N ARG F 71 58.91 31.68 2.15
CA ARG F 71 58.13 32.40 1.15
C ARG F 71 58.41 33.89 1.23
N ASP F 72 57.97 34.59 0.17
CA ASP F 72 57.83 36.04 0.19
C ASP F 72 56.52 36.31 -0.56
N ASN F 73 55.43 36.33 0.21
CA ASN F 73 54.09 36.48 -0.35
C ASN F 73 53.86 37.86 -0.96
N SER F 74 54.61 38.88 -0.53
CA SER F 74 54.51 40.19 -1.17
C SER F 74 55.06 40.16 -2.58
N LYS F 75 56.02 39.27 -2.84
CA LYS F 75 56.64 39.15 -4.15
C LYS F 75 56.25 37.83 -4.81
N ASN F 76 55.24 37.13 -4.24
CA ASN F 76 54.71 35.79 -4.53
C ASN F 76 55.78 34.80 -4.99
N THR F 77 56.90 34.75 -4.29
CA THR F 77 58.03 33.92 -4.67
C THR F 77 58.44 32.96 -3.56
N LEU F 78 59.00 31.83 -3.96
CA LEU F 78 59.51 30.86 -2.99
C LEU F 78 61.03 30.89 -2.96
N TYR F 79 61.60 30.66 -1.78
CA TYR F 79 63.03 30.73 -1.57
C TYR F 79 63.51 29.36 -1.10
N LEU F 80 64.75 29.02 -1.49
CA LEU F 80 65.42 27.81 -1.01
C LEU F 80 66.88 28.13 -0.66
N GLN F 81 67.14 28.34 0.63
CA GLN F 81 68.48 28.68 1.11
C GLN F 81 69.19 27.37 1.45
N MET F 82 70.00 26.86 0.54
CA MET F 82 70.76 25.64 0.76
C MET F 82 72.16 25.96 1.24
N ASN F 83 72.66 25.16 2.18
CA ASN F 83 73.99 25.35 2.73
C ASN F 83 74.78 24.04 2.68
N SER F 84 76.11 24.18 2.65
CA SER F 84 77.07 23.08 2.69
C SER F 84 76.88 22.11 1.52
N LEU F 85 76.92 22.67 0.31
CA LEU F 85 76.72 21.89 -0.90
C LEU F 85 77.94 21.02 -1.18
N ARG F 86 77.74 19.70 -1.17
CA ARG F 86 78.78 18.73 -1.45
C ARG F 86 78.60 18.16 -2.86
N ALA F 87 79.38 17.11 -3.17
CA ALA F 87 79.43 16.54 -4.52
C ALA F 87 78.08 15.95 -4.95
N GLU F 88 77.36 15.31 -4.05
CA GLU F 88 76.07 14.72 -4.39
C GLU F 88 74.93 15.74 -4.43
N ASP F 89 75.20 17.00 -4.05
CA ASP F 89 74.21 18.05 -4.15
C ASP F 89 74.15 18.69 -5.53
N THR F 90 74.98 18.25 -6.47
CA THR F 90 74.85 18.61 -7.88
C THR F 90 73.54 18.07 -8.43
N ALA F 91 72.59 18.97 -8.73
CA ALA F 91 71.29 18.53 -9.20
C ALA F 91 70.63 19.62 -10.03
N THR F 92 69.59 19.22 -10.77
CA THR F 92 68.72 20.16 -11.46
C THR F 92 67.44 20.29 -10.64
N TYR F 93 67.23 21.48 -10.07
CA TYR F 93 66.27 21.71 -9.00
C TYR F 93 64.97 22.26 -9.58
N TYR F 94 63.92 21.45 -9.53
CA TYR F 94 62.60 21.83 -10.00
C TYR F 94 61.74 22.31 -8.83
N CYS F 95 60.93 23.32 -9.10
CA CYS F 95 59.96 23.86 -8.16
C CYS F 95 58.58 23.62 -8.75
N ALA F 96 57.71 22.95 -8.00
CA ALA F 96 56.45 22.50 -8.56
C ALA F 96 55.31 22.69 -7.57
N ARG F 97 54.09 22.82 -8.08
CA ARG F 97 52.93 22.98 -7.22
C ARG F 97 52.32 21.62 -6.93
N ASP F 98 51.93 21.41 -5.67
CA ASP F 98 51.29 20.17 -5.28
C ASP F 98 49.84 20.16 -5.75
N ASN F 99 49.35 18.97 -6.10
CA ASN F 99 47.96 18.81 -6.51
C ASN F 99 47.19 18.18 -5.34
N LEU F 100 46.57 19.02 -4.52
CA LEU F 100 45.66 18.56 -3.49
C LEU F 100 44.22 18.51 -3.95
N GLY F 101 43.93 18.99 -5.16
CA GLY F 101 42.58 18.98 -5.67
C GLY F 101 42.24 17.76 -6.48
N TYR F 102 41.57 17.95 -7.61
CA TYR F 102 41.12 16.83 -8.43
C TYR F 102 42.29 16.35 -9.28
N ARG F 103 42.53 15.04 -9.25
CA ARG F 103 43.58 14.43 -10.06
C ARG F 103 42.97 13.56 -11.15
N PRO F 104 43.22 13.89 -12.42
CA PRO F 104 42.58 13.17 -13.53
C PRO F 104 43.03 11.72 -13.65
N SER F 105 44.21 11.38 -13.15
CA SER F 105 44.68 10.00 -13.17
C SER F 105 45.67 9.81 -12.02
N GLU F 106 46.32 8.65 -11.99
CA GLU F 106 47.35 8.37 -11.00
C GLU F 106 48.63 9.10 -11.38
N ASN F 107 49.13 9.95 -10.48
CA ASN F 107 50.39 10.63 -10.69
C ASN F 107 51.46 10.05 -9.78
N LEU F 108 52.64 9.79 -10.35
CA LEU F 108 53.76 9.27 -9.58
C LEU F 108 54.32 10.32 -8.62
N TYR F 109 54.20 11.59 -9.01
CA TYR F 109 54.80 12.72 -8.31
C TYR F 109 53.77 13.65 -7.70
N GLY F 110 52.54 13.63 -8.18
CA GLY F 110 51.46 14.43 -7.64
C GLY F 110 51.61 15.92 -7.87
N MET F 111 52.12 16.31 -9.04
CA MET F 111 52.33 17.71 -9.37
C MET F 111 51.46 18.06 -10.57
N ASP F 112 50.70 19.14 -10.47
CA ASP F 112 49.85 19.57 -11.56
C ASP F 112 50.56 20.51 -12.53
N VAL F 113 51.50 21.30 -12.05
CA VAL F 113 52.33 22.15 -12.89
C VAL F 113 53.77 22.06 -12.39
N TRP F 114 54.72 22.03 -13.32
CA TRP F 114 56.14 21.94 -13.01
C TRP F 114 56.86 23.23 -13.38
N GLY F 115 58.10 23.34 -12.91
CA GLY F 115 59.00 24.39 -13.33
C GLY F 115 60.05 23.85 -14.30
N GLN F 116 60.74 24.79 -14.97
CA GLN F 116 61.83 24.42 -15.85
C GLN F 116 63.06 23.95 -15.09
N GLY F 117 63.23 24.35 -13.83
CA GLY F 117 64.32 23.87 -13.00
C GLY F 117 65.65 24.54 -13.30
N THR F 118 66.49 24.75 -12.28
CA THR F 118 67.78 25.38 -12.47
C THR F 118 68.89 24.42 -12.04
N THR F 119 70.00 24.43 -12.76
CA THR F 119 71.02 23.41 -12.57
C THR F 119 72.14 23.94 -11.68
N VAL F 120 72.52 23.16 -10.67
CA VAL F 120 73.56 23.51 -9.71
C VAL F 120 74.60 22.41 -9.75
N THR F 121 75.87 22.81 -9.87
CA THR F 121 76.99 21.88 -9.90
C THR F 121 78.02 22.29 -8.86
N VAL F 122 78.64 21.28 -8.23
CA VAL F 122 79.61 21.48 -7.16
C VAL F 122 80.90 20.78 -7.56
N SER F 123 81.97 21.57 -7.70
CA SER F 123 83.28 21.03 -8.07
C SER F 123 84.34 22.02 -7.60
N SER F 124 85.57 21.86 -8.13
CA SER F 124 86.69 22.69 -7.68
C SER F 124 86.54 24.13 -8.16
N SER F 125 86.22 24.32 -9.43
CA SER F 125 86.01 25.64 -10.00
C SER F 125 85.09 25.57 -11.22
#